data_3V3K
#
_entry.id   3V3K
#
_cell.length_a   100.703
_cell.length_b   209.906
_cell.length_c   317.231
_cell.angle_alpha   90.00
_cell.angle_beta   90.00
_cell.angle_gamma   90.00
#
_symmetry.space_group_name_H-M   'P 21 21 21'
#
loop_
_entity.id
_entity.type
_entity.pdbx_description
1 polymer Caspase-9
2 polymer 'Putative uncharacterized protein ECs1815'
#
loop_
_entity_poly.entity_id
_entity_poly.type
_entity_poly.pdbx_seq_one_letter_code
_entity_poly.pdbx_strand_id
1 'polypeptide(L)'
;ALESLRGNADLAYILSMEPCGHCLIINNVNFCRESGLRTRTGSNIDCEKLRRRFSSLHFMVEVKGDLTAKKMVLALLELA
RQDHGALDCCVVVILSHGCQASHLQFPGAVYGTDGCPVSVEKIVNIFNGTSCPSLGGKPKLFFIQACGGEQKDHGFEVAS
TSPEDESPGSNPEPDATPFQEGLRTFDQLDAISSLPTPSDIFVSYSTFPGFVSWRDPKSGSWYVETLDDIFEQWAHSEDL
QSLLLRVANAVSVKGIYKQMPGCFNFLRKKLFFKTS
;
A,C,E,G,I,K,M,O
2 'polypeptide(L)'
;TPESVSELNHNHFLSPELQDKLDVMVSIYSCARNNNELEEIFQELSAFVSGLMDKRNSVFEVRNENTDEVVGALRAGMTI
EDRDSYIRDLFFLHSLKVKIEESRQGKEDSKCKVYNLLCPHHSSELYGDLRAMKCLVEGCSDDFNPFDIIRVPDLTYNKG
SLQCG
;
B,D,F,H,J,L,N,P
#
# COMPACT_ATOMS: atom_id res chain seq x y z
N ALA A 1 -40.52 19.26 -37.32
CA ALA A 1 -39.19 19.88 -37.05
C ALA A 1 -38.43 19.08 -35.99
N LEU A 2 -39.04 18.95 -34.81
CA LEU A 2 -38.43 18.24 -33.68
C LEU A 2 -38.61 16.72 -33.82
N GLU A 3 -39.86 16.28 -33.95
CA GLU A 3 -40.21 14.86 -34.04
C GLU A 3 -40.01 14.27 -35.45
N SER A 4 -40.09 15.12 -36.49
CA SER A 4 -39.95 14.68 -37.89
C SER A 4 -38.53 14.22 -38.24
N LEU A 5 -37.52 14.95 -37.75
CA LEU A 5 -36.10 14.63 -38.01
C LEU A 5 -35.57 13.37 -37.33
N ARG A 6 -36.31 12.85 -36.33
CA ARG A 6 -35.96 11.57 -35.68
C ARG A 6 -36.09 10.41 -36.65
N GLY A 7 -37.32 10.18 -37.13
CA GLY A 7 -37.60 9.09 -38.08
C GLY A 7 -37.21 9.48 -39.49
N ASN A 8 -35.90 9.41 -39.78
CA ASN A 8 -35.35 9.75 -41.09
C ASN A 8 -34.17 8.82 -41.42
N ALA A 9 -34.22 8.21 -42.60
CA ALA A 9 -33.18 7.26 -43.04
C ALA A 9 -31.83 7.93 -43.33
N ASP A 10 -31.89 9.13 -43.91
CA ASP A 10 -30.68 9.87 -44.29
C ASP A 10 -29.93 10.45 -43.08
N LEU A 11 -30.66 11.13 -42.21
CA LEU A 11 -30.07 12.00 -41.17
C LEU A 11 -29.93 11.41 -39.77
N ALA A 12 -30.58 10.27 -39.50
CA ALA A 12 -30.56 9.67 -38.16
C ALA A 12 -30.47 8.14 -38.20
N TYR A 13 -29.90 7.55 -37.16
CA TYR A 13 -29.81 6.09 -37.02
C TYR A 13 -31.15 5.52 -36.58
N ILE A 14 -31.51 4.36 -37.14
CA ILE A 14 -32.75 3.66 -36.80
C ILE A 14 -32.51 2.77 -35.59
N LEU A 15 -33.21 3.06 -34.49
CA LEU A 15 -33.19 2.23 -33.29
C LEU A 15 -34.61 1.74 -33.00
N SER A 16 -35.03 0.74 -33.79
CA SER A 16 -36.40 0.22 -33.76
C SER A 16 -36.56 -0.96 -32.79
N MET A 17 -35.59 -1.87 -32.79
CA MET A 17 -35.69 -3.14 -32.06
C MET A 17 -35.48 -2.94 -30.55
N GLU A 18 -36.16 -3.76 -29.76
CA GLU A 18 -35.97 -3.82 -28.30
C GLU A 18 -35.36 -5.17 -27.94
N PRO A 19 -34.17 -5.18 -27.31
CA PRO A 19 -33.32 -4.06 -26.91
C PRO A 19 -32.55 -3.44 -28.10
N CYS A 20 -31.90 -2.30 -27.86
CA CYS A 20 -31.02 -1.69 -28.86
C CYS A 20 -29.79 -2.56 -29.09
N GLY A 21 -29.09 -2.86 -28.01
CA GLY A 21 -27.92 -3.74 -28.05
C GLY A 21 -27.28 -3.96 -26.70
N HIS A 22 -26.11 -4.59 -26.69
CA HIS A 22 -25.37 -4.84 -25.45
C HIS A 22 -24.72 -3.56 -24.94
N CYS A 23 -24.41 -3.53 -23.64
CA CYS A 23 -23.73 -2.40 -23.02
C CYS A 23 -22.77 -2.87 -21.93
N LEU A 24 -21.51 -3.08 -22.31
CA LEU A 24 -20.46 -3.49 -21.38
C LEU A 24 -20.02 -2.29 -20.55
N ILE A 25 -19.88 -2.49 -19.24
CA ILE A 25 -19.36 -1.46 -18.33
C ILE A 25 -18.21 -2.03 -17.50
N ILE A 26 -16.98 -1.71 -17.90
CA ILE A 26 -15.80 -2.07 -17.12
C ILE A 26 -15.61 -1.00 -16.05
N ASN A 27 -15.54 -1.42 -14.78
CA ASN A 27 -15.45 -0.51 -13.64
C ASN A 27 -14.30 -0.89 -12.72
N ASN A 28 -13.10 -0.40 -13.04
CA ASN A 28 -11.90 -0.66 -12.25
C ASN A 28 -11.81 0.32 -11.07
N VAL A 29 -12.09 -0.19 -9.87
CA VAL A 29 -12.09 0.60 -8.65
C VAL A 29 -10.87 0.30 -7.80
N ASN A 30 -10.70 -0.98 -7.46
CA ASN A 30 -9.61 -1.44 -6.58
C ASN A 30 -8.41 -1.98 -7.36
N PHE A 31 -7.30 -1.26 -7.28
CA PHE A 31 -6.05 -1.60 -7.97
C PHE A 31 -5.05 -2.20 -7.01
N CYS A 32 -4.06 -2.90 -7.55
CA CYS A 32 -3.06 -3.62 -6.76
C CYS A 32 -2.07 -2.67 -6.07
N ARG A 33 -1.39 -3.20 -5.06
CA ARG A 33 -0.37 -2.46 -4.30
C ARG A 33 0.87 -2.14 -5.16
N GLU A 34 1.27 -3.11 -5.98
CA GLU A 34 2.48 -2.98 -6.83
C GLU A 34 2.44 -1.78 -7.79
N SER A 35 1.27 -1.57 -8.41
CA SER A 35 1.08 -0.45 -9.35
C SER A 35 1.10 0.91 -8.67
N GLY A 36 0.62 0.98 -7.43
CA GLY A 36 0.55 2.22 -6.68
C GLY A 36 -0.60 3.13 -7.03
N LEU A 37 -1.55 2.64 -7.83
CA LEU A 37 -2.71 3.42 -8.26
C LEU A 37 -3.71 3.50 -7.10
N ARG A 38 -4.18 4.70 -6.77
CA ARG A 38 -5.11 4.89 -5.66
C ARG A 38 -6.50 4.35 -5.98
N THR A 39 -7.21 3.90 -4.96
CA THR A 39 -8.53 3.29 -5.10
C THR A 39 -9.54 4.34 -5.55
N ARG A 40 -10.18 4.09 -6.69
CA ARG A 40 -11.13 5.03 -7.27
C ARG A 40 -12.49 4.94 -6.57
N THR A 41 -12.55 5.53 -5.39
CA THR A 41 -13.77 5.53 -4.57
C THR A 41 -14.80 6.48 -5.18
N GLY A 42 -16.08 6.09 -5.09
CA GLY A 42 -17.16 6.84 -5.72
C GLY A 42 -17.44 6.48 -7.17
N SER A 43 -16.66 5.55 -7.74
CA SER A 43 -16.88 5.05 -9.10
C SER A 43 -18.01 4.02 -9.15
N ASN A 44 -18.23 3.32 -8.03
CA ASN A 44 -19.40 2.43 -7.87
C ASN A 44 -20.73 3.19 -7.94
N ILE A 45 -20.72 4.44 -7.50
CA ILE A 45 -21.87 5.35 -7.65
C ILE A 45 -22.06 5.72 -9.13
N ASP A 46 -20.96 6.03 -9.81
CA ASP A 46 -20.99 6.30 -11.27
C ASP A 46 -21.38 5.08 -12.10
N CYS A 47 -20.91 3.91 -11.67
CA CYS A 47 -21.23 2.65 -12.33
C CYS A 47 -22.73 2.36 -12.30
N GLU A 48 -23.31 2.41 -11.11
CA GLU A 48 -24.74 2.14 -10.92
C GLU A 48 -25.65 3.22 -11.53
N LYS A 49 -25.16 4.46 -11.61
CA LYS A 49 -25.88 5.53 -12.33
C LYS A 49 -26.02 5.19 -13.81
N LEU A 50 -24.90 4.83 -14.44
CA LEU A 50 -24.88 4.43 -15.85
C LEU A 50 -25.58 3.09 -16.11
N ARG A 51 -25.49 2.16 -15.16
CA ARG A 51 -26.15 0.85 -15.29
C ARG A 51 -27.67 0.97 -15.38
N ARG A 52 -28.25 1.79 -14.50
CA ARG A 52 -29.67 2.13 -14.57
C ARG A 52 -30.01 2.95 -15.82
N ARG A 53 -29.10 3.86 -16.19
CA ARG A 53 -29.33 4.79 -17.30
C ARG A 53 -29.46 4.08 -18.65
N PHE A 54 -28.49 3.23 -18.97
CA PHE A 54 -28.51 2.48 -20.24
C PHE A 54 -29.60 1.40 -20.26
N SER A 55 -29.94 0.86 -19.09
CA SER A 55 -31.11 -0.03 -18.95
C SER A 55 -32.42 0.70 -19.26
N SER A 56 -32.51 1.97 -18.84
CA SER A 56 -33.64 2.85 -19.20
C SER A 56 -33.70 3.17 -20.69
N LEU A 57 -32.53 3.17 -21.35
CA LEU A 57 -32.44 3.36 -22.81
C LEU A 57 -32.54 2.06 -23.65
N HIS A 58 -33.00 0.97 -23.02
CA HIS A 58 -33.20 -0.33 -23.69
C HIS A 58 -31.87 -0.94 -24.18
N PHE A 59 -30.94 -1.15 -23.24
CA PHE A 59 -29.68 -1.86 -23.51
C PHE A 59 -29.53 -3.04 -22.56
N MET A 60 -28.97 -4.14 -23.07
CA MET A 60 -28.64 -5.30 -22.24
C MET A 60 -27.35 -4.99 -21.47
N VAL A 61 -27.50 -4.29 -20.34
CA VAL A 61 -26.36 -3.77 -19.58
C VAL A 61 -25.69 -4.89 -18.78
N GLU A 62 -24.36 -4.90 -18.81
CA GLU A 62 -23.56 -5.90 -18.09
C GLU A 62 -22.31 -5.26 -17.47
N VAL A 63 -22.28 -5.18 -16.14
CA VAL A 63 -21.17 -4.58 -15.39
C VAL A 63 -20.13 -5.65 -15.03
N LYS A 64 -18.86 -5.37 -15.33
CA LYS A 64 -17.74 -6.24 -14.96
C LYS A 64 -16.72 -5.45 -14.16
N GLY A 65 -16.57 -5.80 -12.88
CA GLY A 65 -15.75 -5.02 -11.95
C GLY A 65 -14.33 -5.53 -11.77
N ASP A 66 -13.40 -4.61 -11.51
CA ASP A 66 -12.00 -4.91 -11.20
C ASP A 66 -11.37 -5.94 -12.16
N LEU A 67 -11.38 -5.60 -13.45
CA LEU A 67 -10.79 -6.45 -14.49
C LEU A 67 -9.31 -6.12 -14.66
N THR A 68 -8.48 -7.15 -14.74
CA THR A 68 -7.07 -6.99 -15.14
C THR A 68 -6.98 -6.65 -16.63
N ALA A 69 -5.82 -6.16 -17.05
CA ALA A 69 -5.59 -5.72 -18.44
C ALA A 69 -5.93 -6.78 -19.49
N LYS A 70 -5.61 -8.04 -19.19
CA LYS A 70 -5.90 -9.16 -20.09
C LYS A 70 -7.39 -9.54 -20.10
N LYS A 71 -8.04 -9.47 -18.94
CA LYS A 71 -9.49 -9.71 -18.83
C LYS A 71 -10.32 -8.62 -19.52
N MET A 72 -9.83 -7.38 -19.49
CA MET A 72 -10.45 -6.27 -20.23
C MET A 72 -10.52 -6.55 -21.73
N VAL A 73 -9.42 -7.07 -22.27
CA VAL A 73 -9.35 -7.45 -23.68
C VAL A 73 -10.27 -8.64 -24.00
N LEU A 74 -10.26 -9.66 -23.13
CA LEU A 74 -11.16 -10.82 -23.28
C LEU A 74 -12.64 -10.44 -23.14
N ALA A 75 -12.94 -9.49 -22.26
CA ALA A 75 -14.30 -8.98 -22.08
C ALA A 75 -14.80 -8.21 -23.31
N LEU A 76 -13.91 -7.39 -23.88
CA LEU A 76 -14.23 -6.61 -25.08
C LEU A 76 -14.31 -7.48 -26.33
N LEU A 77 -13.42 -8.47 -26.43
CA LEU A 77 -13.43 -9.41 -27.57
C LEU A 77 -14.69 -10.26 -27.61
N GLU A 78 -15.13 -10.75 -26.44
CA GLU A 78 -16.35 -11.56 -26.34
C GLU A 78 -17.61 -10.79 -26.71
N LEU A 79 -17.64 -9.49 -26.40
CA LEU A 79 -18.75 -8.60 -26.81
C LEU A 79 -18.79 -8.45 -28.33
N ALA A 80 -17.63 -8.22 -28.94
CA ALA A 80 -17.50 -8.11 -30.40
C ALA A 80 -17.81 -9.43 -31.13
N ARG A 81 -17.63 -10.55 -30.45
CA ARG A 81 -17.93 -11.87 -31.00
C ARG A 81 -19.43 -12.20 -31.07
N GLN A 82 -20.25 -11.43 -30.34
CA GLN A 82 -21.71 -11.66 -30.30
C GLN A 82 -22.39 -11.40 -31.63
N ASP A 83 -23.58 -11.98 -31.80
CA ASP A 83 -24.40 -11.79 -33.00
C ASP A 83 -25.26 -10.53 -32.83
N HIS A 84 -24.77 -9.40 -33.36
CA HIS A 84 -25.49 -8.12 -33.36
C HIS A 84 -26.39 -7.92 -34.60
N GLY A 85 -26.95 -9.00 -35.14
CA GLY A 85 -27.81 -8.92 -36.31
C GLY A 85 -29.15 -8.28 -35.99
N ALA A 86 -29.79 -8.79 -34.94
CA ALA A 86 -31.04 -8.22 -34.42
C ALA A 86 -30.82 -6.87 -33.72
N LEU A 87 -29.60 -6.62 -33.23
CA LEU A 87 -29.27 -5.40 -32.49
C LEU A 87 -28.96 -4.23 -33.42
N ASP A 88 -29.31 -3.02 -32.95
CA ASP A 88 -29.13 -1.78 -33.72
C ASP A 88 -27.90 -0.95 -33.31
N CYS A 89 -27.45 -1.09 -32.06
CA CYS A 89 -26.39 -0.25 -31.49
C CYS A 89 -25.45 -1.03 -30.57
N CYS A 90 -24.41 -0.36 -30.07
CA CYS A 90 -23.48 -0.95 -29.09
C CYS A 90 -22.72 0.13 -28.30
N VAL A 91 -22.67 -0.05 -26.98
CA VAL A 91 -22.05 0.92 -26.06
C VAL A 91 -20.99 0.22 -25.20
N VAL A 92 -19.90 0.93 -24.90
CA VAL A 92 -18.82 0.43 -24.04
C VAL A 92 -18.31 1.53 -23.11
N VAL A 93 -18.78 1.52 -21.86
CA VAL A 93 -18.33 2.48 -20.84
C VAL A 93 -17.12 1.89 -20.10
N ILE A 94 -16.10 2.72 -19.84
CA ILE A 94 -14.92 2.32 -19.10
C ILE A 94 -14.60 3.34 -18.02
N LEU A 95 -14.61 2.88 -16.76
CA LEU A 95 -14.32 3.72 -15.60
C LEU A 95 -13.04 3.20 -14.95
N SER A 96 -11.96 3.98 -15.06
CA SER A 96 -10.63 3.57 -14.55
C SER A 96 -9.67 4.75 -14.52
N HIS A 97 -8.44 4.49 -14.07
CA HIS A 97 -7.34 5.43 -14.26
C HIS A 97 -6.88 5.38 -15.70
N GLY A 98 -6.15 6.41 -16.11
CA GLY A 98 -5.61 6.51 -17.48
C GLY A 98 -4.28 7.23 -17.52
N CYS A 99 -3.72 7.31 -18.73
CA CYS A 99 -2.45 8.00 -18.95
C CYS A 99 -2.27 8.40 -20.42
N GLN A 100 -1.27 9.25 -20.66
CA GLN A 100 -0.91 9.68 -22.00
C GLN A 100 -0.09 8.58 -22.68
N ALA A 101 -0.17 8.50 -24.00
CA ALA A 101 0.48 7.42 -24.76
C ALA A 101 0.90 7.84 -26.17
N SER A 102 1.93 7.17 -26.68
CA SER A 102 2.38 7.33 -28.06
C SER A 102 1.34 6.71 -29.01
N HIS A 103 0.30 7.48 -29.31
CA HIS A 103 -0.82 6.99 -30.11
C HIS A 103 -0.60 7.18 -31.62
N LEU A 104 -1.35 6.39 -32.41
CA LEU A 104 -1.35 6.47 -33.87
C LEU A 104 -2.70 6.99 -34.40
N GLN A 105 -3.80 6.47 -33.88
CA GLN A 105 -5.16 6.85 -34.29
C GLN A 105 -5.88 7.68 -33.21
N PHE A 106 -6.13 7.06 -32.05
CA PHE A 106 -6.87 7.68 -30.95
C PHE A 106 -5.95 7.89 -29.75
N PRO A 107 -6.05 9.06 -29.08
CA PRO A 107 -5.24 9.27 -27.89
C PRO A 107 -5.73 8.51 -26.66
N GLY A 108 -4.88 8.46 -25.65
CA GLY A 108 -5.25 7.94 -24.32
C GLY A 108 -5.15 6.44 -24.15
N ALA A 109 -5.09 6.03 -22.88
CA ALA A 109 -5.12 4.61 -22.48
C ALA A 109 -5.88 4.47 -21.17
N VAL A 110 -6.30 3.25 -20.85
CA VAL A 110 -7.02 2.95 -19.60
C VAL A 110 -6.39 1.76 -18.88
N TYR A 111 -6.10 1.93 -17.59
CA TYR A 111 -5.40 0.91 -16.80
C TYR A 111 -6.32 -0.24 -16.38
N GLY A 112 -5.73 -1.42 -16.22
CA GLY A 112 -6.40 -2.56 -15.58
C GLY A 112 -6.05 -2.62 -14.10
N THR A 113 -6.65 -3.58 -13.40
CA THR A 113 -6.38 -3.82 -11.97
C THR A 113 -4.92 -4.16 -11.70
N ASP A 114 -4.31 -4.95 -12.58
CA ASP A 114 -2.87 -5.28 -12.51
C ASP A 114 -1.95 -4.04 -12.64
N GLY A 115 -2.44 -3.01 -13.32
CA GLY A 115 -1.76 -1.72 -13.41
C GLY A 115 -0.91 -1.52 -14.66
N CYS A 116 -1.26 -2.23 -15.74
CA CYS A 116 -0.66 -1.99 -17.06
C CYS A 116 -1.78 -1.61 -18.04
N PRO A 117 -1.48 -0.71 -18.99
CA PRO A 117 -2.54 -0.04 -19.74
C PRO A 117 -3.12 -0.85 -20.89
N VAL A 118 -4.32 -0.45 -21.31
CA VAL A 118 -4.94 -0.88 -22.57
C VAL A 118 -5.30 0.40 -23.32
N SER A 119 -4.71 0.59 -24.50
CA SER A 119 -4.90 1.82 -25.27
C SER A 119 -6.31 1.90 -25.84
N VAL A 120 -6.85 3.13 -25.87
CA VAL A 120 -8.18 3.40 -26.44
C VAL A 120 -8.21 3.04 -27.93
N GLU A 121 -7.10 3.31 -28.60
CA GLU A 121 -6.84 2.84 -29.97
C GLU A 121 -7.19 1.37 -30.15
N LYS A 122 -6.64 0.53 -29.26
CA LYS A 122 -6.87 -0.92 -29.31
C LYS A 122 -8.31 -1.31 -28.99
N ILE A 123 -8.94 -0.61 -28.05
CA ILE A 123 -10.31 -0.89 -27.63
C ILE A 123 -11.32 -0.61 -28.75
N VAL A 124 -11.13 0.48 -29.47
CA VAL A 124 -12.00 0.86 -30.59
C VAL A 124 -11.85 -0.09 -31.79
N ASN A 125 -10.61 -0.44 -32.13
CA ASN A 125 -10.32 -1.33 -33.27
C ASN A 125 -10.82 -2.77 -33.14
N ILE A 126 -11.19 -3.20 -31.93
CA ILE A 126 -11.87 -4.48 -31.72
C ILE A 126 -13.24 -4.54 -32.41
N PHE A 127 -13.94 -3.39 -32.47
CA PHE A 127 -15.31 -3.33 -32.98
C PHE A 127 -15.43 -2.83 -34.44
N ASN A 128 -14.32 -2.76 -35.18
CA ASN A 128 -14.35 -2.35 -36.59
C ASN A 128 -14.98 -3.43 -37.50
N GLY A 129 -15.35 -3.02 -38.71
CA GLY A 129 -16.05 -3.89 -39.67
C GLY A 129 -15.37 -5.21 -40.04
N THR A 130 -14.04 -5.24 -40.00
CA THR A 130 -13.27 -6.46 -40.25
C THR A 130 -13.43 -7.46 -39.10
N SER A 131 -13.13 -7.00 -37.89
CA SER A 131 -13.16 -7.85 -36.70
C SER A 131 -14.57 -8.22 -36.26
N CYS A 132 -15.45 -7.21 -36.17
CA CYS A 132 -16.85 -7.39 -35.79
C CYS A 132 -17.76 -7.00 -36.97
N PRO A 133 -18.04 -7.96 -37.88
CA PRO A 133 -18.87 -7.66 -39.05
C PRO A 133 -20.36 -7.48 -38.76
N SER A 134 -20.82 -7.96 -37.60
CA SER A 134 -22.24 -7.86 -37.22
C SER A 134 -22.71 -6.43 -36.93
N LEU A 135 -21.78 -5.56 -36.54
CA LEU A 135 -22.08 -4.13 -36.30
C LEU A 135 -21.79 -3.24 -37.52
N GLY A 136 -21.98 -3.80 -38.72
CA GLY A 136 -21.73 -3.08 -39.97
C GLY A 136 -22.80 -2.03 -40.24
N GLY A 137 -22.40 -0.77 -40.25
CA GLY A 137 -23.33 0.34 -40.40
C GLY A 137 -24.19 0.60 -39.17
N LYS A 138 -23.60 0.35 -37.99
CA LYS A 138 -24.29 0.49 -36.71
C LYS A 138 -23.44 1.32 -35.74
N PRO A 139 -24.05 2.26 -34.99
CA PRO A 139 -23.26 3.11 -34.10
C PRO A 139 -22.58 2.32 -32.97
N LYS A 140 -21.29 2.57 -32.79
CA LYS A 140 -20.46 1.93 -31.78
C LYS A 140 -19.92 3.00 -30.84
N LEU A 141 -20.59 3.19 -29.71
CA LEU A 141 -20.26 4.27 -28.76
C LEU A 141 -19.24 3.80 -27.71
N PHE A 142 -18.39 4.73 -27.29
CA PHE A 142 -17.39 4.49 -26.23
C PHE A 142 -17.34 5.69 -25.30
N PHE A 143 -17.54 5.44 -24.00
CA PHE A 143 -17.50 6.50 -22.98
C PHE A 143 -16.36 6.22 -22.01
N ILE A 144 -15.25 6.93 -22.19
CA ILE A 144 -14.00 6.66 -21.47
C ILE A 144 -13.79 7.68 -20.34
N GLN A 145 -14.22 7.30 -19.13
CA GLN A 145 -13.93 8.06 -17.91
C GLN A 145 -12.54 7.65 -17.40
N ALA A 146 -11.54 8.46 -17.74
CA ALA A 146 -10.17 8.24 -17.28
C ALA A 146 -9.31 9.48 -17.54
N CYS A 147 -8.18 9.55 -16.86
CA CYS A 147 -7.26 10.68 -17.02
C CYS A 147 -6.57 10.64 -18.38
N GLY A 148 -6.41 11.81 -18.99
CA GLY A 148 -5.72 11.96 -20.27
C GLY A 148 -4.21 12.00 -20.10
N GLY A 149 -3.77 12.73 -19.08
CA GLY A 149 -2.36 12.82 -18.71
C GLY A 149 -2.17 13.37 -17.30
N GLU A 150 -0.92 13.57 -16.93
CA GLU A 150 -0.57 14.04 -15.58
C GLU A 150 -0.84 15.53 -15.32
N GLN A 151 -1.00 16.32 -16.38
CA GLN A 151 -1.07 17.78 -16.26
C GLN A 151 -2.38 18.26 -15.65
N LYS A 152 -2.28 19.12 -14.65
CA LYS A 152 -3.44 19.74 -14.00
C LYS A 152 -3.65 21.11 -14.61
N ASP A 153 -4.90 21.42 -14.97
CA ASP A 153 -5.23 22.65 -15.69
C ASP A 153 -5.82 23.68 -14.73
N HIS A 154 -5.25 24.88 -14.73
CA HIS A 154 -5.82 26.02 -13.99
C HIS A 154 -6.79 26.84 -14.85
N GLY A 155 -6.51 26.92 -16.16
CA GLY A 155 -7.39 27.59 -17.10
C GLY A 155 -7.08 29.07 -17.23
N PHE A 156 -8.09 29.84 -17.67
CA PHE A 156 -7.97 31.30 -17.81
C PHE A 156 -9.23 32.02 -17.35
N GLU A 157 -9.11 33.33 -17.17
CA GLU A 157 -10.20 34.17 -16.66
C GLU A 157 -11.19 34.53 -17.77
N VAL A 158 -12.48 34.40 -17.47
CA VAL A 158 -13.57 34.80 -18.37
C VAL A 158 -14.63 35.59 -17.61
N ALA A 159 -15.15 36.64 -18.25
CA ALA A 159 -16.23 37.45 -17.67
C ALA A 159 -17.55 36.68 -17.71
N SER A 160 -18.33 36.77 -16.63
CA SER A 160 -19.57 36.00 -16.48
C SER A 160 -20.69 36.53 -17.38
N ILE A 192 -23.73 -3.75 -54.51
CA ILE A 192 -22.56 -3.06 -53.97
C ILE A 192 -22.98 -1.77 -53.25
N SER A 193 -22.67 -1.70 -51.95
CA SER A 193 -22.91 -0.51 -51.13
C SER A 193 -21.63 -0.12 -50.39
N SER A 194 -21.17 1.10 -50.64
CA SER A 194 -19.90 1.60 -50.10
C SER A 194 -20.07 2.03 -48.63
N LEU A 195 -19.34 1.37 -47.74
CA LEU A 195 -19.25 1.80 -46.33
C LEU A 195 -17.88 1.39 -45.77
N PRO A 196 -17.08 2.37 -45.27
CA PRO A 196 -15.70 2.08 -44.89
C PRO A 196 -15.57 1.36 -43.54
N THR A 197 -14.43 0.70 -43.33
CA THR A 197 -14.24 -0.18 -42.15
C THR A 197 -14.27 0.51 -40.78
N PRO A 198 -13.72 1.74 -40.65
CA PRO A 198 -13.78 2.44 -39.36
C PRO A 198 -14.94 3.44 -39.28
N SER A 199 -16.10 3.05 -39.80
CA SER A 199 -17.28 3.91 -39.82
C SER A 199 -18.05 3.81 -38.52
N ASP A 200 -18.78 4.87 -38.18
CA ASP A 200 -19.71 4.90 -37.05
C ASP A 200 -19.05 4.65 -35.69
N ILE A 201 -17.82 5.14 -35.53
CA ILE A 201 -17.10 5.12 -34.26
C ILE A 201 -17.41 6.41 -33.52
N PHE A 202 -17.56 6.34 -32.20
CA PHE A 202 -17.79 7.53 -31.37
C PHE A 202 -17.17 7.36 -29.99
N VAL A 203 -16.01 8.00 -29.78
CA VAL A 203 -15.26 7.88 -28.53
C VAL A 203 -15.37 9.18 -27.73
N SER A 204 -16.24 9.18 -26.72
CA SER A 204 -16.40 10.35 -25.84
C SER A 204 -15.36 10.33 -24.71
N TYR A 205 -14.48 11.33 -24.71
CA TYR A 205 -13.44 11.48 -23.70
C TYR A 205 -13.95 12.34 -22.55
N SER A 206 -13.59 11.95 -21.31
CA SER A 206 -13.98 12.68 -20.10
C SER A 206 -13.18 13.96 -19.91
N THR A 207 -11.91 13.92 -20.32
CA THR A 207 -11.01 15.06 -20.23
C THR A 207 -10.21 15.20 -21.53
N PHE A 208 -9.75 16.42 -21.81
CA PHE A 208 -8.94 16.69 -23.00
C PHE A 208 -7.62 15.90 -22.89
N PRO A 209 -7.15 15.29 -24.01
CA PRO A 209 -5.89 14.53 -24.01
C PRO A 209 -4.69 15.25 -23.39
N GLY A 210 -4.05 14.60 -22.42
CA GLY A 210 -2.93 15.18 -21.67
C GLY A 210 -3.30 15.91 -20.39
N PHE A 211 -4.58 15.87 -20.00
CA PHE A 211 -5.05 16.50 -18.75
C PHE A 211 -5.80 15.52 -17.85
N VAL A 212 -5.93 15.88 -16.57
CA VAL A 212 -6.45 14.97 -15.55
C VAL A 212 -7.98 15.00 -15.50
N SER A 213 -8.58 13.84 -15.20
CA SER A 213 -10.02 13.71 -14.96
C SER A 213 -10.27 13.76 -13.46
N TRP A 214 -11.20 14.62 -13.03
CA TRP A 214 -11.46 14.87 -11.60
C TRP A 214 -12.64 14.05 -11.07
N ARG A 215 -12.58 13.74 -9.77
CA ARG A 215 -13.54 12.85 -9.11
C ARG A 215 -13.63 13.13 -7.62
N ASP A 216 -14.86 13.28 -7.12
CA ASP A 216 -15.13 13.40 -5.69
C ASP A 216 -15.37 11.98 -5.15
N PRO A 217 -14.66 11.59 -4.06
CA PRO A 217 -14.88 10.27 -3.45
C PRO A 217 -16.32 9.93 -3.04
N LYS A 218 -17.09 10.92 -2.61
CA LYS A 218 -18.49 10.72 -2.22
C LYS A 218 -19.47 10.91 -3.39
N SER A 219 -19.34 12.02 -4.11
CA SER A 219 -20.25 12.34 -5.22
C SER A 219 -20.00 11.43 -6.43
N GLY A 220 -18.74 11.34 -6.84
CA GLY A 220 -18.31 10.59 -8.03
C GLY A 220 -17.63 11.50 -9.04
N SER A 221 -17.36 10.95 -10.21
CA SER A 221 -16.72 11.68 -11.31
C SER A 221 -17.58 12.85 -11.80
N TRP A 222 -16.93 13.97 -12.09
CA TRP A 222 -17.59 15.15 -12.69
C TRP A 222 -18.25 14.81 -14.03
N TYR A 223 -17.54 14.02 -14.84
CA TYR A 223 -18.00 13.60 -16.15
C TYR A 223 -19.29 12.78 -16.06
N VAL A 224 -19.26 11.73 -15.25
CA VAL A 224 -20.39 10.80 -15.15
C VAL A 224 -21.59 11.41 -14.40
N GLU A 225 -21.32 12.18 -13.34
CA GLU A 225 -22.36 12.91 -12.61
C GLU A 225 -23.12 13.86 -13.54
N THR A 226 -22.37 14.62 -14.35
CA THR A 226 -22.94 15.53 -15.34
C THR A 226 -23.58 14.80 -16.53
N LEU A 227 -23.02 13.64 -16.91
CA LEU A 227 -23.56 12.84 -18.01
C LEU A 227 -24.96 12.30 -17.67
N ASP A 228 -25.08 11.67 -16.50
CA ASP A 228 -26.35 11.09 -16.05
C ASP A 228 -27.44 12.14 -15.85
N ASP A 229 -27.07 13.29 -15.28
CA ASP A 229 -28.00 14.41 -15.05
C ASP A 229 -28.56 14.95 -16.35
N ILE A 230 -27.68 15.13 -17.35
CA ILE A 230 -28.08 15.66 -18.66
C ILE A 230 -28.85 14.60 -19.48
N PHE A 231 -28.42 13.34 -19.39
CA PHE A 231 -29.15 12.21 -20.00
C PHE A 231 -30.57 12.02 -19.42
N GLU A 232 -30.78 12.42 -18.17
CA GLU A 232 -32.13 12.42 -17.57
C GLU A 232 -32.99 13.48 -18.25
N GLN A 233 -32.49 14.71 -18.24
CA GLN A 233 -33.27 15.87 -18.68
C GLN A 233 -33.50 15.96 -20.19
N TRP A 234 -32.50 15.60 -20.99
CA TRP A 234 -32.50 15.89 -22.44
C TRP A 234 -32.29 14.68 -23.37
N ALA A 235 -32.48 13.46 -22.86
CA ALA A 235 -32.38 12.26 -23.70
C ALA A 235 -33.56 12.12 -24.67
N HIS A 236 -34.76 12.45 -24.18
CA HIS A 236 -35.99 12.30 -24.98
C HIS A 236 -36.06 13.23 -26.21
N SER A 237 -35.54 14.45 -26.08
CA SER A 237 -35.64 15.46 -27.14
C SER A 237 -34.39 15.55 -28.04
N GLU A 238 -33.21 15.49 -27.44
CA GLU A 238 -31.94 15.77 -28.15
C GLU A 238 -31.11 14.51 -28.45
N ASP A 239 -30.25 14.62 -29.46
CA ASP A 239 -29.38 13.53 -29.92
C ASP A 239 -28.11 13.42 -29.06
N LEU A 240 -27.30 12.38 -29.32
CA LEU A 240 -26.09 12.08 -28.54
C LEU A 240 -25.05 13.21 -28.55
N GLN A 241 -24.81 13.80 -29.73
CA GLN A 241 -23.87 14.91 -29.86
C GLN A 241 -24.33 16.15 -29.09
N SER A 242 -25.63 16.46 -29.17
CA SER A 242 -26.22 17.58 -28.43
C SER A 242 -26.16 17.38 -26.91
N LEU A 243 -26.29 16.14 -26.46
CA LEU A 243 -26.20 15.80 -25.03
C LEU A 243 -24.80 16.05 -24.48
N LEU A 244 -23.77 15.60 -25.19
CA LEU A 244 -22.39 15.78 -24.75
C LEU A 244 -21.87 17.22 -24.88
N LEU A 245 -22.57 18.06 -25.64
CA LEU A 245 -22.29 19.50 -25.64
C LEU A 245 -22.67 20.13 -24.30
N ARG A 246 -23.82 19.72 -23.75
CA ARG A 246 -24.26 20.14 -22.41
C ARG A 246 -23.34 19.61 -21.31
N VAL A 247 -22.86 18.37 -21.47
CA VAL A 247 -21.89 17.78 -20.55
C VAL A 247 -20.56 18.53 -20.60
N ALA A 248 -20.11 18.86 -21.82
CA ALA A 248 -18.89 19.65 -22.02
C ALA A 248 -18.99 21.06 -21.42
N ASN A 249 -20.17 21.66 -21.52
CA ASN A 249 -20.41 23.00 -20.96
C ASN A 249 -20.50 22.97 -19.43
N ALA A 250 -21.25 22.00 -18.90
CA ALA A 250 -21.49 21.89 -17.46
C ALA A 250 -20.23 21.50 -16.68
N VAL A 251 -19.40 20.63 -17.26
CA VAL A 251 -18.13 20.22 -16.66
C VAL A 251 -17.06 21.32 -16.76
N SER A 252 -17.09 22.12 -17.83
CA SER A 252 -16.10 23.19 -18.05
C SER A 252 -16.15 24.34 -17.03
N VAL A 253 -17.34 24.58 -16.45
CA VAL A 253 -17.48 25.62 -15.42
C VAL A 253 -16.98 25.20 -14.02
N LYS A 254 -16.84 23.89 -13.79
CA LYS A 254 -16.60 23.36 -12.44
C LYS A 254 -15.20 23.61 -11.88
N GLY A 255 -15.15 23.97 -10.59
CA GLY A 255 -13.95 23.85 -9.77
C GLY A 255 -12.84 24.88 -9.98
N ILE A 256 -11.82 24.78 -9.13
CA ILE A 256 -10.61 25.60 -9.23
C ILE A 256 -9.73 25.03 -10.34
N TYR A 257 -9.50 23.72 -10.28
CA TYR A 257 -8.88 22.97 -11.38
C TYR A 257 -9.94 22.65 -12.43
N LYS A 258 -9.56 22.72 -13.71
CA LYS A 258 -10.51 22.65 -14.83
C LYS A 258 -10.44 21.33 -15.59
N GLN A 259 -11.51 21.04 -16.31
CA GLN A 259 -11.67 19.80 -17.08
C GLN A 259 -12.54 20.08 -18.30
N MET A 260 -12.09 19.63 -19.48
CA MET A 260 -12.81 19.85 -20.74
C MET A 260 -13.13 18.51 -21.43
N PRO A 261 -14.35 17.98 -21.23
CA PRO A 261 -14.75 16.78 -21.96
C PRO A 261 -15.04 17.06 -23.43
N GLY A 262 -14.94 16.01 -24.25
CA GLY A 262 -15.27 16.09 -25.67
C GLY A 262 -15.50 14.71 -26.26
N CYS A 263 -15.31 14.60 -27.57
CA CYS A 263 -15.53 13.34 -28.27
C CYS A 263 -14.89 13.31 -29.65
N PHE A 264 -14.47 12.13 -30.08
CA PHE A 264 -13.91 11.90 -31.40
C PHE A 264 -15.02 11.29 -32.26
N ASN A 265 -15.78 12.16 -32.91
CA ASN A 265 -16.94 11.74 -33.71
C ASN A 265 -16.55 11.26 -35.11
N PHE A 266 -16.90 10.02 -35.44
CA PHE A 266 -16.80 9.48 -36.81
C PHE A 266 -18.15 8.92 -37.30
N LEU A 267 -19.25 9.50 -36.80
CA LEU A 267 -20.59 9.04 -37.16
C LEU A 267 -21.04 9.67 -38.47
N ARG A 268 -21.95 8.97 -39.16
CA ARG A 268 -22.55 9.46 -40.40
C ARG A 268 -23.89 10.16 -40.14
N LYS A 269 -24.62 9.70 -39.12
CA LYS A 269 -25.97 10.19 -38.81
C LYS A 269 -26.10 10.60 -37.33
N LYS A 270 -27.21 11.25 -36.99
CA LYS A 270 -27.49 11.64 -35.60
C LYS A 270 -28.02 10.43 -34.82
N LEU A 271 -27.54 10.24 -33.59
CA LEU A 271 -27.95 9.11 -32.76
C LEU A 271 -28.89 9.57 -31.66
N PHE A 272 -30.20 9.41 -31.90
CA PHE A 272 -31.23 9.66 -30.89
C PHE A 272 -31.48 8.38 -30.11
N PHE A 273 -31.25 8.42 -28.79
CA PHE A 273 -31.50 7.26 -27.92
C PHE A 273 -33.00 7.00 -27.80
N LYS A 274 -33.38 5.73 -27.75
CA LYS A 274 -34.78 5.34 -27.60
C LYS A 274 -35.16 5.30 -26.12
N THR A 275 -36.34 5.84 -25.81
CA THR A 275 -36.95 5.73 -24.47
C THR A 275 -38.46 5.45 -24.63
N SER A 276 -38.98 4.55 -23.79
CA SER A 276 -40.38 4.10 -23.89
C SER A 276 -41.39 5.15 -23.41
N THR B 1 5.65 20.44 11.09
CA THR B 1 7.14 20.49 11.12
C THR B 1 7.78 19.12 11.44
N PRO B 2 7.18 18.33 12.37
CA PRO B 2 7.68 16.96 12.58
C PRO B 2 7.33 16.00 11.43
N GLU B 3 6.13 16.14 10.87
CA GLU B 3 5.66 15.28 9.76
C GLU B 3 6.43 15.47 8.44
N SER B 4 6.83 16.70 8.14
CA SER B 4 7.37 17.06 6.83
C SER B 4 8.29 18.29 6.90
N VAL B 5 9.04 18.52 5.82
CA VAL B 5 10.00 19.62 5.73
C VAL B 5 9.70 20.52 4.54
N SER B 6 9.94 21.83 4.71
CA SER B 6 9.72 22.83 3.66
C SER B 6 10.92 22.98 2.74
N GLU B 7 12.12 23.01 3.31
CA GLU B 7 13.39 23.14 2.56
C GLU B 7 14.45 22.17 3.09
N LEU B 8 15.28 21.66 2.19
CA LEU B 8 16.19 20.54 2.50
C LEU B 8 17.39 20.93 3.38
N ASN B 9 17.69 20.08 4.37
CA ASN B 9 18.79 20.29 5.33
C ASN B 9 20.03 19.50 4.93
N HIS B 10 21.07 19.54 5.77
CA HIS B 10 22.27 18.71 5.58
C HIS B 10 22.04 17.20 5.81
N ASN B 11 21.04 16.85 6.63
CA ASN B 11 20.63 15.45 6.85
C ASN B 11 19.99 14.78 5.62
N HIS B 12 19.46 15.58 4.71
CA HIS B 12 18.68 15.09 3.56
C HIS B 12 19.52 14.71 2.35
N PHE B 13 20.79 15.10 2.33
CA PHE B 13 21.71 14.72 1.24
C PHE B 13 22.09 13.25 1.36
N LEU B 14 22.60 12.69 0.26
CA LEU B 14 22.88 11.27 0.16
C LEU B 14 24.05 10.85 1.06
N SER B 15 23.92 9.66 1.65
CA SER B 15 25.02 9.02 2.40
C SER B 15 26.06 8.46 1.42
N PRO B 16 27.27 8.11 1.92
CA PRO B 16 28.27 7.46 1.07
C PRO B 16 27.84 6.12 0.44
N GLU B 17 26.97 5.37 1.13
CA GLU B 17 26.43 4.11 0.60
C GLU B 17 25.46 4.34 -0.56
N LEU B 18 24.53 5.28 -0.37
CA LEU B 18 23.56 5.65 -1.41
C LEU B 18 24.23 6.35 -2.60
N GLN B 19 25.25 7.15 -2.32
CA GLN B 19 26.03 7.83 -3.38
C GLN B 19 26.81 6.82 -4.24
N ASP B 20 27.39 5.80 -3.59
CA ASP B 20 28.10 4.73 -4.30
C ASP B 20 27.14 3.86 -5.11
N LYS B 21 25.97 3.56 -4.55
CA LYS B 21 24.92 2.81 -5.26
C LYS B 21 24.37 3.59 -6.45
N LEU B 22 24.32 4.92 -6.33
CA LEU B 22 23.85 5.79 -7.42
C LEU B 22 24.84 5.82 -8.59
N ASP B 23 26.12 6.00 -8.26
CA ASP B 23 27.19 6.10 -9.28
C ASP B 23 27.39 4.80 -10.08
N VAL B 24 27.23 3.65 -9.42
CA VAL B 24 27.33 2.35 -10.08
C VAL B 24 26.17 2.14 -11.07
N MET B 25 24.95 2.47 -10.66
CA MET B 25 23.77 2.35 -11.54
C MET B 25 23.84 3.29 -12.76
N VAL B 26 24.27 4.53 -12.54
CA VAL B 26 24.41 5.52 -13.62
C VAL B 26 25.45 5.08 -14.66
N SER B 27 26.58 4.54 -14.19
CA SER B 27 27.64 4.04 -15.07
C SER B 27 27.22 2.79 -15.85
N ILE B 28 26.53 1.87 -15.18
CA ILE B 28 26.01 0.64 -15.81
C ILE B 28 24.89 0.93 -16.82
N TYR B 29 24.05 1.92 -16.52
CA TYR B 29 22.91 2.26 -17.38
C TYR B 29 23.31 2.83 -18.74
N SER B 30 24.24 3.79 -18.72
CA SER B 30 24.67 4.50 -19.93
C SER B 30 25.50 3.63 -20.88
N CYS B 31 26.44 2.87 -20.32
CA CYS B 31 27.31 1.98 -21.11
C CYS B 31 26.62 0.71 -21.65
N ALA B 32 25.53 0.28 -20.99
CA ALA B 32 24.73 -0.86 -21.47
C ALA B 32 23.95 -0.49 -22.73
N ARG B 33 23.66 -1.51 -23.54
CA ARG B 33 23.02 -1.34 -24.86
C ARG B 33 21.68 -2.07 -24.93
N ASN B 34 21.71 -3.39 -24.77
CA ASN B 34 20.51 -4.23 -24.89
C ASN B 34 19.65 -4.20 -23.64
N ASN B 35 18.38 -4.58 -23.79
CA ASN B 35 17.45 -4.70 -22.66
C ASN B 35 17.80 -5.85 -21.71
N ASN B 36 18.46 -6.88 -22.22
CA ASN B 36 18.93 -8.03 -21.42
C ASN B 36 20.00 -7.64 -20.38
N GLU B 37 20.82 -6.65 -20.71
CA GLU B 37 21.87 -6.16 -19.81
C GLU B 37 21.34 -5.36 -18.60
N LEU B 38 20.21 -4.66 -18.79
CA LEU B 38 19.60 -3.84 -17.73
C LEU B 38 18.77 -4.62 -16.68
N GLU B 39 18.62 -5.93 -16.85
CA GLU B 39 17.84 -6.76 -15.91
C GLU B 39 18.39 -6.80 -14.48
N GLU B 40 19.69 -6.61 -14.32
CA GLU B 40 20.31 -6.45 -13.00
C GLU B 40 19.93 -5.11 -12.36
N ILE B 41 19.91 -4.06 -13.18
CA ILE B 41 19.56 -2.70 -12.74
C ILE B 41 18.06 -2.57 -12.47
N PHE B 42 17.23 -3.19 -13.30
CA PHE B 42 15.77 -3.18 -13.14
C PHE B 42 15.34 -3.82 -11.81
N GLN B 43 15.94 -4.95 -11.49
CA GLN B 43 15.62 -5.66 -10.24
C GLN B 43 16.11 -4.92 -8.98
N GLU B 44 17.12 -4.06 -9.11
CA GLU B 44 17.56 -3.21 -7.99
C GLU B 44 16.50 -2.16 -7.65
N LEU B 45 16.11 -1.37 -8.66
CA LEU B 45 15.14 -0.27 -8.47
C LEU B 45 13.75 -0.75 -8.04
N SER B 46 13.25 -1.81 -8.69
CA SER B 46 11.94 -2.37 -8.35
C SER B 46 11.92 -2.98 -6.94
N ALA B 47 13.06 -3.51 -6.49
CA ALA B 47 13.25 -3.92 -5.09
C ALA B 47 13.38 -2.72 -4.17
N PHE B 48 14.11 -1.69 -4.63
CA PHE B 48 14.30 -0.44 -3.88
C PHE B 48 12.98 0.33 -3.70
N VAL B 49 12.23 0.47 -4.78
CA VAL B 49 10.96 1.20 -4.78
C VAL B 49 9.88 0.51 -3.91
N SER B 50 9.82 -0.81 -3.99
CA SER B 50 8.90 -1.60 -3.14
C SER B 50 9.31 -1.54 -1.67
N GLY B 51 10.62 -1.46 -1.41
CA GLY B 51 11.13 -1.21 -0.06
C GLY B 51 10.90 0.22 0.41
N LEU B 52 10.97 1.18 -0.52
CA LEU B 52 10.71 2.60 -0.24
C LEU B 52 9.23 2.84 0.10
N MET B 53 8.33 2.15 -0.61
CA MET B 53 6.89 2.24 -0.34
C MET B 53 6.52 1.66 1.04
N ASP B 54 7.18 0.57 1.44
CA ASP B 54 7.01 -0.02 2.79
C ASP B 54 7.53 0.92 3.89
N LYS B 55 8.66 1.59 3.60
CA LYS B 55 9.25 2.57 4.51
C LYS B 55 8.33 3.77 4.76
N ARG B 56 7.56 4.18 3.75
CA ARG B 56 6.57 5.24 3.90
C ARG B 56 5.40 4.80 4.79
N ASN B 57 4.85 3.62 4.51
CA ASN B 57 3.69 3.11 5.26
C ASN B 57 3.99 2.77 6.72
N SER B 58 5.25 2.47 7.03
CA SER B 58 5.69 2.25 8.42
C SER B 58 5.96 3.56 9.16
N VAL B 59 6.60 4.52 8.49
CA VAL B 59 6.93 5.81 9.09
C VAL B 59 5.72 6.73 9.21
N PHE B 60 5.03 6.97 8.08
CA PHE B 60 4.00 8.02 8.00
C PHE B 60 2.57 7.49 8.16
N GLU B 61 1.66 8.44 8.43
CA GLU B 61 0.23 8.17 8.61
C GLU B 61 -0.59 9.32 8.03
N VAL B 62 -1.67 8.98 7.33
CA VAL B 62 -2.61 9.98 6.80
C VAL B 62 -3.94 9.86 7.56
N ARG B 63 -4.25 10.90 8.34
CA ARG B 63 -5.50 10.97 9.11
C ARG B 63 -6.56 11.74 8.31
N ASN B 64 -7.81 11.29 8.41
CA ASN B 64 -8.97 11.96 7.79
C ASN B 64 -8.89 12.05 6.26
N GLU B 65 -8.92 10.89 5.61
CA GLU B 65 -8.85 10.79 4.15
C GLU B 65 -10.16 11.22 3.48
N ASN B 66 -10.06 11.58 2.20
CA ASN B 66 -11.22 11.97 1.37
C ASN B 66 -12.03 13.16 1.90
N THR B 67 -11.34 14.12 2.52
CA THR B 67 -11.96 15.34 3.07
C THR B 67 -11.09 16.57 2.81
N ASP B 68 -11.60 17.75 3.16
CA ASP B 68 -10.80 18.99 3.16
C ASP B 68 -9.82 19.01 4.33
N GLU B 69 -10.19 18.39 5.45
CA GLU B 69 -9.38 18.42 6.68
C GLU B 69 -8.44 17.21 6.76
N VAL B 70 -7.59 17.08 5.74
CA VAL B 70 -6.59 16.01 5.67
C VAL B 70 -5.29 16.54 6.26
N VAL B 71 -4.68 15.73 7.14
CA VAL B 71 -3.40 16.09 7.76
C VAL B 71 -2.46 14.89 7.75
N GLY B 72 -1.19 15.14 7.44
CA GLY B 72 -0.13 14.14 7.56
C GLY B 72 0.42 14.10 8.98
N ALA B 73 1.00 12.95 9.35
CA ALA B 73 1.58 12.78 10.69
C ALA B 73 2.48 11.55 10.76
N LEU B 74 3.44 11.57 11.68
CA LEU B 74 4.32 10.43 11.93
C LEU B 74 3.60 9.38 12.77
N ARG B 75 3.93 8.11 12.54
CA ARG B 75 3.32 6.99 13.28
C ARG B 75 3.82 6.98 14.74
N ALA B 76 3.06 6.32 15.61
CA ALA B 76 3.40 6.20 17.03
C ALA B 76 4.77 5.55 17.24
N GLY B 77 5.65 6.25 17.96
CA GLY B 77 7.00 5.76 18.23
C GLY B 77 7.92 5.84 17.02
N MET B 78 7.91 7.00 16.36
CA MET B 78 8.71 7.22 15.15
C MET B 78 9.31 8.64 15.18
N THR B 79 10.64 8.71 15.16
CA THR B 79 11.39 9.97 15.35
C THR B 79 11.56 10.76 14.05
N ILE B 80 12.15 11.94 14.16
CA ILE B 80 12.50 12.79 13.00
C ILE B 80 13.59 12.13 12.13
N GLU B 81 14.44 11.30 12.73
CA GLU B 81 15.44 10.52 11.98
C GLU B 81 14.82 9.56 10.96
N ASP B 82 13.69 8.95 11.34
CA ASP B 82 12.95 8.03 10.45
C ASP B 82 12.36 8.73 9.22
N ARG B 83 11.98 10.00 9.38
CA ARG B 83 11.53 10.83 8.27
C ARG B 83 12.68 11.16 7.32
N ASP B 84 13.78 11.66 7.88
CA ASP B 84 14.94 12.09 7.08
C ASP B 84 15.65 10.93 6.36
N SER B 85 15.57 9.72 6.90
CA SER B 85 16.09 8.52 6.22
C SER B 85 15.25 8.12 5.00
N TYR B 86 13.95 8.39 5.05
CA TYR B 86 13.05 8.21 3.90
C TYR B 86 13.33 9.25 2.81
N ILE B 87 13.51 10.50 3.22
CA ILE B 87 13.77 11.61 2.28
C ILE B 87 15.13 11.45 1.59
N ARG B 88 16.09 10.85 2.28
CA ARG B 88 17.35 10.41 1.67
C ARG B 88 17.11 9.40 0.55
N ASP B 89 16.31 8.37 0.84
CA ASP B 89 15.91 7.37 -0.17
C ASP B 89 15.07 8.01 -1.29
N LEU B 90 14.29 9.04 -0.96
CA LEU B 90 13.54 9.81 -1.96
C LEU B 90 14.45 10.68 -2.82
N PHE B 91 15.48 11.26 -2.20
CA PHE B 91 16.49 12.04 -2.92
C PHE B 91 17.24 11.18 -3.94
N PHE B 92 17.57 9.95 -3.53
CA PHE B 92 18.24 8.97 -4.40
C PHE B 92 17.46 8.77 -5.70
N LEU B 93 16.15 8.58 -5.59
CA LEU B 93 15.30 8.37 -6.77
C LEU B 93 15.28 9.58 -7.68
N HIS B 94 15.20 10.79 -7.11
CA HIS B 94 15.20 12.03 -7.89
C HIS B 94 16.53 12.24 -8.61
N SER B 95 17.63 12.18 -7.87
CA SER B 95 18.96 12.39 -8.44
C SER B 95 19.38 11.31 -9.45
N LEU B 96 18.87 10.09 -9.28
CA LEU B 96 19.05 9.02 -10.26
C LEU B 96 18.25 9.30 -11.54
N LYS B 97 17.02 9.79 -11.37
CA LYS B 97 16.16 10.17 -12.49
C LYS B 97 16.76 11.31 -13.32
N VAL B 98 17.41 12.27 -12.65
CA VAL B 98 18.07 13.39 -13.32
C VAL B 98 19.17 12.92 -14.26
N LYS B 99 20.03 12.02 -13.77
CA LYS B 99 21.15 11.50 -14.55
C LYS B 99 20.74 10.52 -15.67
N ILE B 100 19.62 9.82 -15.48
CA ILE B 100 19.03 9.01 -16.56
C ILE B 100 18.46 9.88 -17.68
N GLU B 101 17.84 11.01 -17.31
CA GLU B 101 17.37 12.01 -18.29
C GLU B 101 18.51 12.67 -19.07
N GLU B 102 19.68 12.81 -18.42
CA GLU B 102 20.90 13.26 -19.10
C GLU B 102 21.44 12.22 -20.08
N SER B 103 21.42 10.95 -19.69
CA SER B 103 21.83 9.84 -20.56
C SER B 103 20.88 9.59 -21.73
N ARG B 104 19.63 10.03 -21.60
CA ARG B 104 18.63 9.97 -22.67
C ARG B 104 18.36 11.36 -23.25
N GLN B 105 19.40 11.96 -23.83
CA GLN B 105 19.30 13.25 -24.52
C GLN B 105 19.03 13.05 -26.02
N GLY B 106 19.68 12.05 -26.62
CA GLY B 106 19.49 11.71 -28.03
C GLY B 106 18.12 11.10 -28.29
N LYS B 107 18.01 9.78 -28.13
CA LYS B 107 16.73 9.08 -28.28
C LYS B 107 15.89 9.26 -27.00
N GLU B 108 14.99 10.25 -27.04
CA GLU B 108 14.15 10.61 -25.87
C GLU B 108 12.78 9.92 -25.89
N ASP B 109 12.73 8.68 -26.39
CA ASP B 109 11.47 7.91 -26.51
C ASP B 109 11.73 6.41 -26.72
N SER B 110 12.70 5.86 -25.98
CA SER B 110 13.14 4.48 -26.14
C SER B 110 12.17 3.44 -25.56
N LYS B 111 11.32 3.86 -24.62
CA LYS B 111 10.42 2.97 -23.87
C LYS B 111 11.24 2.03 -22.96
N CYS B 112 12.00 2.65 -22.07
CA CYS B 112 12.88 1.93 -21.13
C CYS B 112 12.10 1.50 -19.89
N LYS B 113 12.31 0.25 -19.47
CA LYS B 113 11.64 -0.32 -18.29
C LYS B 113 12.14 0.26 -16.97
N VAL B 114 13.42 0.59 -16.90
CA VAL B 114 14.05 1.19 -15.71
C VAL B 114 13.58 2.63 -15.47
N TYR B 115 13.42 3.40 -16.54
CA TYR B 115 12.94 4.78 -16.45
C TYR B 115 11.47 4.86 -16.02
N ASN B 116 10.66 3.89 -16.46
CA ASN B 116 9.23 3.84 -16.11
C ASN B 116 8.95 3.58 -14.63
N LEU B 117 9.92 3.03 -13.91
CA LEU B 117 9.86 2.93 -12.44
C LEU B 117 9.95 4.32 -11.78
N LEU B 118 10.80 5.18 -12.33
CA LEU B 118 10.96 6.56 -11.85
C LEU B 118 9.89 7.54 -12.37
N CYS B 119 9.00 7.06 -13.24
CA CYS B 119 7.84 7.83 -13.70
C CYS B 119 6.54 7.13 -13.30
N PRO B 120 6.17 7.20 -12.01
CA PRO B 120 4.94 6.56 -11.55
C PRO B 120 3.69 7.34 -11.94
N HIS B 121 2.52 6.74 -11.71
CA HIS B 121 1.24 7.33 -12.11
C HIS B 121 0.89 8.56 -11.27
N HIS B 122 0.22 9.52 -11.90
CA HIS B 122 -0.08 10.83 -11.27
C HIS B 122 -1.08 10.79 -10.09
N SER B 123 -1.74 9.66 -9.88
CA SER B 123 -2.56 9.44 -8.67
C SER B 123 -1.77 8.87 -7.49
N SER B 124 -0.59 8.29 -7.77
CA SER B 124 0.15 7.51 -6.78
C SER B 124 0.81 8.35 -5.69
N GLU B 125 1.21 7.67 -4.62
CA GLU B 125 1.90 8.29 -3.49
C GLU B 125 3.28 8.81 -3.90
N LEU B 126 4.05 7.98 -4.60
CA LEU B 126 5.43 8.30 -5.00
C LEU B 126 5.51 9.49 -5.97
N TYR B 127 4.51 9.64 -6.84
CA TYR B 127 4.44 10.78 -7.75
C TYR B 127 4.33 12.09 -6.97
N GLY B 128 3.47 12.10 -5.95
CA GLY B 128 3.32 13.25 -5.06
C GLY B 128 4.60 13.68 -4.38
N ASP B 129 5.41 12.69 -3.97
CA ASP B 129 6.68 12.95 -3.29
C ASP B 129 7.78 13.39 -4.26
N LEU B 130 7.89 12.70 -5.39
CA LEU B 130 8.89 13.06 -6.43
C LEU B 130 8.63 14.43 -7.05
N ARG B 131 7.35 14.76 -7.26
CA ARG B 131 6.95 16.11 -7.72
C ARG B 131 7.27 17.17 -6.66
N ALA B 132 7.09 16.80 -5.39
CA ALA B 132 7.44 17.67 -4.26
C ALA B 132 8.95 17.86 -4.13
N MET B 133 9.70 16.76 -4.25
CA MET B 133 11.18 16.82 -4.25
C MET B 133 11.75 17.66 -5.39
N LYS B 134 11.17 17.54 -6.58
CA LYS B 134 11.60 18.30 -7.76
C LYS B 134 11.46 19.81 -7.57
N CYS B 135 10.42 20.24 -6.84
CA CYS B 135 10.20 21.66 -6.55
C CYS B 135 11.27 22.25 -5.63
N LEU B 136 11.67 21.50 -4.61
CA LEU B 136 12.66 21.97 -3.63
C LEU B 136 14.10 21.94 -4.18
N VAL B 137 14.42 20.91 -4.97
CA VAL B 137 15.77 20.77 -5.54
C VAL B 137 15.98 21.75 -6.69
N GLU B 138 15.08 21.70 -7.68
CA GLU B 138 15.21 22.50 -8.90
C GLU B 138 14.57 23.90 -8.83
N GLY B 139 14.18 24.34 -7.63
CA GLY B 139 13.71 25.72 -7.41
C GLY B 139 12.29 25.96 -7.89
N CYS B 140 11.33 25.83 -6.98
CA CYS B 140 9.92 26.20 -7.19
C CYS B 140 9.13 25.28 -8.15
N SER B 141 9.58 25.22 -9.41
CA SER B 141 8.97 24.42 -10.51
C SER B 141 7.97 25.22 -11.36
N ASP B 142 7.16 26.07 -10.70
CA ASP B 142 6.25 27.02 -11.36
C ASP B 142 5.13 26.33 -12.18
N ASP B 143 4.56 25.26 -11.62
CA ASP B 143 3.44 24.55 -12.25
C ASP B 143 2.14 25.37 -12.12
N PHE B 144 1.87 25.81 -10.88
CA PHE B 144 0.78 26.77 -10.59
C PHE B 144 1.25 27.91 -9.68
N ASN B 145 1.98 27.58 -8.61
CA ASN B 145 2.71 28.55 -7.78
C ASN B 145 1.82 29.56 -7.02
N PRO B 146 1.26 29.16 -5.86
CA PRO B 146 0.55 30.07 -4.96
C PRO B 146 1.40 30.43 -3.73
N PHE B 147 0.80 31.07 -2.73
CA PHE B 147 1.47 31.38 -1.46
C PHE B 147 1.73 30.16 -0.56
N ASP B 148 1.08 29.02 -0.83
CA ASP B 148 1.20 27.80 -0.01
C ASP B 148 2.58 27.14 -0.11
N ILE B 149 3.00 26.53 1.00
CA ILE B 149 4.32 25.90 1.13
C ILE B 149 4.27 24.45 0.67
N ILE B 150 5.37 23.97 0.09
CA ILE B 150 5.48 22.59 -0.43
C ILE B 150 6.08 21.66 0.63
N ARG B 151 5.51 20.46 0.76
CA ARG B 151 5.94 19.46 1.75
C ARG B 151 6.84 18.44 1.05
N VAL B 152 8.03 18.18 1.60
CA VAL B 152 9.03 17.32 0.92
C VAL B 152 8.69 15.82 0.91
N PRO B 153 7.82 15.35 1.84
CA PRO B 153 7.07 14.13 1.63
C PRO B 153 5.57 14.46 1.62
N ASP B 154 5.01 14.64 0.42
CA ASP B 154 3.63 15.12 0.28
C ASP B 154 2.63 14.00 0.65
N LEU B 155 2.30 13.94 1.95
CA LEU B 155 1.42 12.91 2.50
C LEU B 155 -0.05 13.11 2.13
N THR B 156 -0.45 14.37 1.95
CA THR B 156 -1.84 14.73 1.61
C THR B 156 -2.13 14.78 0.09
N TYR B 157 -1.19 14.35 -0.74
CA TYR B 157 -1.35 14.39 -2.20
C TYR B 157 -2.40 13.38 -2.68
N ASN B 158 -3.39 13.87 -3.42
CA ASN B 158 -4.46 13.05 -4.00
C ASN B 158 -5.25 12.24 -2.96
N LYS B 159 -5.51 12.85 -1.80
CA LYS B 159 -6.22 12.20 -0.70
C LYS B 159 -7.15 13.20 -0.01
N GLY B 160 -8.09 13.76 -0.75
CA GLY B 160 -9.04 14.72 -0.19
C GLY B 160 -9.83 15.52 -1.22
N SER B 161 -11.17 15.49 -1.08
CA SER B 161 -12.11 16.29 -1.87
C SER B 161 -12.07 15.99 -3.38
N LEU B 162 -11.03 16.45 -4.07
CA LEU B 162 -10.85 16.20 -5.51
C LEU B 162 -9.67 15.27 -5.71
N GLN B 163 -9.86 14.23 -6.52
CA GLN B 163 -8.83 13.24 -6.82
C GLN B 163 -8.82 12.85 -8.30
N CYS B 164 -7.70 12.27 -8.72
CA CYS B 164 -7.51 11.83 -10.10
C CYS B 164 -8.25 10.51 -10.32
N GLY B 165 -8.78 10.33 -11.54
CA GLY B 165 -9.49 9.11 -11.93
C GLY B 165 -10.93 9.38 -12.29
N ASN C 8 -29.53 31.61 -28.75
CA ASN C 8 -30.79 31.09 -28.13
C ASN C 8 -30.51 30.30 -26.83
N ALA C 9 -30.67 30.97 -25.69
CA ALA C 9 -30.48 30.40 -24.35
C ALA C 9 -29.02 29.99 -24.02
N ASP C 10 -28.06 30.52 -24.78
CA ASP C 10 -26.64 30.13 -24.72
C ASP C 10 -26.37 28.63 -24.95
N LEU C 11 -27.19 28.00 -25.79
CA LEU C 11 -26.94 26.65 -26.29
C LEU C 11 -26.07 26.68 -27.55
N ALA C 12 -25.95 27.87 -28.15
CA ALA C 12 -25.08 28.10 -29.30
C ALA C 12 -24.16 29.29 -29.07
N TYR C 13 -23.05 29.34 -29.79
CA TYR C 13 -22.11 30.47 -29.73
C TYR C 13 -22.74 31.71 -30.38
N ILE C 14 -22.53 32.87 -29.76
CA ILE C 14 -23.11 34.12 -30.25
C ILE C 14 -22.23 34.74 -31.34
N LEU C 15 -22.57 34.45 -32.60
CA LEU C 15 -21.91 35.04 -33.75
C LEU C 15 -22.74 36.23 -34.26
N SER C 16 -22.50 37.39 -33.65
CA SER C 16 -23.26 38.62 -33.92
C SER C 16 -22.49 39.59 -34.83
N MET C 17 -21.24 39.88 -34.46
CA MET C 17 -20.49 40.98 -35.07
C MET C 17 -20.00 40.71 -36.49
N GLU C 18 -19.93 41.79 -37.28
CA GLU C 18 -19.47 41.78 -38.67
C GLU C 18 -18.17 42.59 -38.74
N PRO C 19 -17.05 41.98 -39.19
CA PRO C 19 -16.86 40.58 -39.60
C PRO C 19 -16.86 39.63 -38.41
N CYS C 20 -17.03 38.34 -38.71
CA CYS C 20 -17.08 37.29 -37.68
C CYS C 20 -15.69 37.00 -37.12
N GLY C 21 -14.73 36.81 -38.02
CA GLY C 21 -13.33 36.59 -37.62
C GLY C 21 -12.38 36.44 -38.79
N HIS C 22 -11.13 36.10 -38.48
CA HIS C 22 -10.14 35.79 -39.52
C HIS C 22 -10.35 34.38 -40.07
N CYS C 23 -9.69 34.08 -41.18
CA CYS C 23 -9.77 32.75 -41.80
C CYS C 23 -8.55 32.47 -42.69
N LEU C 24 -7.52 31.88 -42.09
CA LEU C 24 -6.29 31.54 -42.83
C LEU C 24 -6.51 30.23 -43.58
N ILE C 25 -6.09 30.19 -44.85
CA ILE C 25 -6.20 29.00 -45.69
C ILE C 25 -4.84 28.67 -46.31
N ILE C 26 -4.10 27.77 -45.66
CA ILE C 26 -2.80 27.33 -46.18
C ILE C 26 -3.05 26.27 -47.27
N ASN C 27 -2.69 26.61 -48.51
CA ASN C 27 -2.90 25.75 -49.67
C ASN C 27 -1.57 25.33 -50.30
N ASN C 28 -1.02 24.23 -49.79
CA ASN C 28 0.23 23.66 -50.31
C ASN C 28 -0.07 22.72 -51.49
N VAL C 29 0.27 23.16 -52.69
CA VAL C 29 0.02 22.41 -53.92
C VAL C 29 1.32 21.93 -54.56
N ASN C 30 2.24 22.86 -54.82
CA ASN C 30 3.52 22.56 -55.47
C ASN C 30 4.62 22.31 -54.45
N PHE C 31 5.02 21.04 -54.30
CA PHE C 31 6.05 20.62 -53.36
C PHE C 31 7.39 20.48 -54.09
N CYS C 32 8.49 20.51 -53.33
CA CYS C 32 9.84 20.51 -53.90
C CYS C 32 10.25 19.16 -54.49
N ARG C 33 11.38 19.16 -55.20
CA ARG C 33 11.86 17.97 -55.92
C ARG C 33 12.34 16.87 -54.98
N GLU C 34 13.24 17.21 -54.06
CA GLU C 34 13.87 16.25 -53.15
C GLU C 34 12.88 15.54 -52.20
N SER C 35 11.81 16.24 -51.82
CA SER C 35 10.75 15.66 -50.97
C SER C 35 10.02 14.51 -51.66
N GLY C 36 9.85 14.63 -52.97
CA GLY C 36 9.20 13.59 -53.78
C GLY C 36 7.68 13.56 -53.69
N LEU C 37 7.09 14.56 -53.03
CA LEU C 37 5.64 14.64 -52.85
C LEU C 37 5.01 15.11 -54.16
N ARG C 38 3.95 14.41 -54.58
CA ARG C 38 3.29 14.72 -55.85
C ARG C 38 2.53 16.04 -55.78
N THR C 39 2.61 16.83 -56.87
CA THR C 39 1.87 18.08 -57.02
C THR C 39 0.36 17.83 -56.92
N ARG C 40 -0.27 18.41 -55.90
CA ARG C 40 -1.68 18.17 -55.60
C ARG C 40 -2.58 19.00 -56.53
N THR C 41 -2.72 18.53 -57.78
CA THR C 41 -3.56 19.21 -58.77
C THR C 41 -5.03 19.06 -58.40
N GLY C 42 -5.79 20.14 -58.58
CA GLY C 42 -7.19 20.20 -58.14
C GLY C 42 -7.39 20.74 -56.74
N SER C 43 -6.31 21.01 -56.01
CA SER C 43 -6.40 21.67 -54.70
C SER C 43 -6.75 23.16 -54.86
N ASN C 44 -6.38 23.74 -56.00
CA ASN C 44 -6.78 25.12 -56.34
C ASN C 44 -8.29 25.29 -56.48
N ILE C 45 -8.97 24.22 -56.90
CA ILE C 45 -10.45 24.19 -56.95
C ILE C 45 -11.03 24.26 -55.54
N ASP C 46 -10.42 23.53 -54.61
CA ASP C 46 -10.83 23.52 -53.19
C ASP C 46 -10.56 24.87 -52.52
N CYS C 47 -9.40 25.43 -52.79
CA CYS C 47 -8.99 26.72 -52.22
C CYS C 47 -9.95 27.84 -52.62
N GLU C 48 -10.21 27.96 -53.92
CA GLU C 48 -11.11 29.00 -54.44
C GLU C 48 -12.59 28.75 -54.07
N LYS C 49 -12.95 27.51 -53.77
CA LYS C 49 -14.29 27.19 -53.23
C LYS C 49 -14.44 27.71 -51.81
N LEU C 50 -13.49 27.34 -50.95
CA LEU C 50 -13.50 27.73 -49.53
C LEU C 50 -13.26 29.23 -49.32
N ARG C 51 -12.45 29.85 -50.18
CA ARG C 51 -12.22 31.30 -50.14
C ARG C 51 -13.52 32.06 -50.28
N ARG C 52 -14.29 31.72 -51.31
CA ARG C 52 -15.62 32.29 -51.54
C ARG C 52 -16.65 31.85 -50.48
N ARG C 53 -16.51 30.62 -49.97
CA ARG C 53 -17.47 30.06 -49.01
C ARG C 53 -17.37 30.70 -47.63
N PHE C 54 -16.16 30.84 -47.10
CA PHE C 54 -15.96 31.46 -45.79
C PHE C 54 -16.16 32.97 -45.82
N SER C 55 -15.83 33.60 -46.96
CA SER C 55 -16.15 35.02 -47.17
C SER C 55 -17.67 35.26 -47.24
N SER C 56 -18.40 34.28 -47.77
CA SER C 56 -19.88 34.29 -47.72
C SER C 56 -20.42 34.14 -46.29
N LEU C 57 -19.67 33.43 -45.43
CA LEU C 57 -19.98 33.32 -44.00
C LEU C 57 -19.34 34.45 -43.14
N HIS C 58 -18.99 35.57 -43.78
CA HIS C 58 -18.54 36.80 -43.10
C HIS C 58 -17.23 36.64 -42.33
N PHE C 59 -16.25 35.99 -42.95
CA PHE C 59 -14.90 35.85 -42.40
C PHE C 59 -13.90 36.66 -43.23
N MET C 60 -12.92 37.26 -42.55
CA MET C 60 -11.82 37.96 -43.20
C MET C 60 -10.81 36.92 -43.74
N VAL C 61 -11.09 36.42 -44.94
CA VAL C 61 -10.32 35.31 -45.52
C VAL C 61 -9.01 35.78 -46.15
N GLU C 62 -7.96 34.99 -45.96
CA GLU C 62 -6.64 35.24 -46.59
C GLU C 62 -5.96 33.90 -46.92
N VAL C 63 -5.88 33.61 -48.22
CA VAL C 63 -5.17 32.44 -48.72
C VAL C 63 -3.66 32.68 -48.71
N LYS C 64 -2.90 31.65 -48.30
CA LYS C 64 -1.45 31.64 -48.41
C LYS C 64 -1.01 30.35 -49.10
N GLY C 65 -0.36 30.48 -50.25
CA GLY C 65 -0.02 29.33 -51.09
C GLY C 65 1.42 28.88 -50.97
N ASP C 66 1.64 27.57 -51.09
CA ASP C 66 2.98 26.96 -51.12
C ASP C 66 3.89 27.43 -49.98
N LEU C 67 3.38 27.34 -48.76
CA LEU C 67 4.14 27.71 -47.55
C LEU C 67 5.07 26.58 -47.14
N THR C 68 6.31 26.93 -46.79
CA THR C 68 7.28 25.99 -46.21
C THR C 68 6.90 25.65 -44.76
N ALA C 69 7.56 24.62 -44.22
CA ALA C 69 7.31 24.13 -42.86
C ALA C 69 7.36 25.24 -41.80
N LYS C 70 8.38 26.09 -41.89
CA LYS C 70 8.54 27.23 -40.99
C LYS C 70 7.46 28.30 -41.20
N LYS C 71 7.23 28.65 -42.46
CA LYS C 71 6.24 29.69 -42.82
C LYS C 71 4.79 29.29 -42.53
N MET C 72 4.50 27.99 -42.47
CA MET C 72 3.20 27.50 -42.00
C MET C 72 2.96 27.85 -40.53
N VAL C 73 3.98 27.64 -39.70
CA VAL C 73 3.93 27.96 -38.27
C VAL C 73 3.92 29.48 -38.05
N LEU C 74 4.76 30.22 -38.77
CA LEU C 74 4.82 31.68 -38.67
C LEU C 74 3.53 32.38 -39.11
N ALA C 75 2.87 31.82 -40.13
CA ALA C 75 1.56 32.32 -40.57
C ALA C 75 0.47 32.08 -39.53
N LEU C 76 0.52 30.92 -38.87
CA LEU C 76 -0.41 30.58 -37.77
C LEU C 76 -0.12 31.41 -36.51
N LEU C 77 1.16 31.62 -36.20
CA LEU C 77 1.57 32.50 -35.11
C LEU C 77 1.22 33.97 -35.38
N GLU C 78 1.30 34.38 -36.65
CA GLU C 78 0.85 35.71 -37.08
C GLU C 78 -0.65 35.89 -36.86
N LEU C 79 -1.43 34.84 -37.18
CA LEU C 79 -2.88 34.84 -36.90
C LEU C 79 -3.15 34.86 -35.40
N ALA C 80 -2.37 34.10 -34.64
CA ALA C 80 -2.47 34.04 -33.18
C ALA C 80 -2.08 35.35 -32.47
N ARG C 81 -1.13 36.09 -33.06
CA ARG C 81 -0.69 37.38 -32.50
C ARG C 81 -1.77 38.48 -32.59
N GLN C 82 -2.65 38.38 -33.59
CA GLN C 82 -3.69 39.41 -33.81
C GLN C 82 -4.70 39.49 -32.66
N ASP C 83 -5.35 40.66 -32.54
CA ASP C 83 -6.37 40.91 -31.51
C ASP C 83 -7.73 40.42 -32.01
N HIS C 84 -8.20 39.29 -31.45
CA HIS C 84 -9.54 38.76 -31.70
C HIS C 84 -10.54 39.25 -30.63
N GLY C 85 -10.52 40.55 -30.34
CA GLY C 85 -11.39 41.13 -29.32
C GLY C 85 -12.79 41.35 -29.89
N ALA C 86 -12.84 42.10 -31.00
CA ALA C 86 -14.09 42.34 -31.73
C ALA C 86 -14.61 41.08 -32.42
N LEU C 87 -13.70 40.18 -32.81
CA LEU C 87 -14.06 38.97 -33.54
C LEU C 87 -14.67 37.92 -32.62
N ASP C 88 -15.63 37.16 -33.16
CA ASP C 88 -16.36 36.13 -32.40
C ASP C 88 -15.88 34.71 -32.65
N CYS C 89 -15.10 34.49 -33.72
CA CYS C 89 -14.70 33.15 -34.15
C CYS C 89 -13.34 33.15 -34.85
N CYS C 90 -12.86 31.95 -35.18
CA CYS C 90 -11.63 31.78 -35.98
C CYS C 90 -11.61 30.44 -36.71
N VAL C 91 -11.11 30.45 -37.95
CA VAL C 91 -11.07 29.27 -38.81
C VAL C 91 -9.70 29.13 -39.47
N VAL C 92 -9.16 27.90 -39.47
CA VAL C 92 -7.88 27.61 -40.13
C VAL C 92 -8.04 26.36 -40.99
N VAL C 93 -7.97 26.53 -42.31
CA VAL C 93 -8.05 25.42 -43.26
C VAL C 93 -6.66 25.10 -43.81
N ILE C 94 -6.31 23.82 -43.87
CA ILE C 94 -5.00 23.38 -44.37
C ILE C 94 -5.17 22.30 -45.45
N LEU C 95 -4.88 22.68 -46.70
CA LEU C 95 -4.91 21.76 -47.84
C LEU C 95 -3.46 21.35 -48.17
N SER C 96 -3.11 20.10 -47.88
CA SER C 96 -1.77 19.58 -48.16
C SER C 96 -1.73 18.07 -48.11
N HIS C 97 -0.55 17.50 -48.37
CA HIS C 97 -0.29 16.09 -48.07
C HIS C 97 -0.20 15.91 -46.57
N GLY C 98 -0.44 14.68 -46.12
CA GLY C 98 -0.32 14.31 -44.71
C GLY C 98 0.36 12.98 -44.53
N CYS C 99 0.60 12.63 -43.27
CA CYS C 99 1.22 11.35 -42.93
C CYS C 99 0.91 10.96 -41.50
N GLN C 100 0.96 9.65 -41.23
CA GLN C 100 0.77 9.12 -39.89
C GLN C 100 2.04 9.36 -39.09
N ALA C 101 1.88 9.83 -37.86
CA ALA C 101 3.01 10.10 -36.98
C ALA C 101 2.67 9.79 -35.52
N SER C 102 3.71 9.49 -34.74
CA SER C 102 3.56 9.18 -33.32
C SER C 102 3.28 10.47 -32.56
N HIS C 103 2.09 10.55 -31.94
CA HIS C 103 1.65 11.76 -31.25
C HIS C 103 1.06 11.47 -29.87
N LEU C 104 0.90 12.53 -29.08
CA LEU C 104 0.40 12.44 -27.70
C LEU C 104 -1.06 12.91 -27.58
N GLN C 105 -1.35 14.10 -28.12
CA GLN C 105 -2.68 14.72 -28.02
C GLN C 105 -3.58 14.41 -29.21
N PHE C 106 -3.22 14.91 -30.39
CA PHE C 106 -4.03 14.74 -31.60
C PHE C 106 -3.28 13.92 -32.65
N PRO C 107 -4.03 13.14 -33.46
CA PRO C 107 -3.40 12.43 -34.57
C PRO C 107 -3.13 13.34 -35.78
N GLY C 108 -2.32 12.84 -36.71
CA GLY C 108 -2.10 13.51 -38.00
C GLY C 108 -1.04 14.60 -37.99
N ALA C 109 -0.46 14.82 -39.16
CA ALA C 109 0.55 15.88 -39.37
C ALA C 109 0.57 16.28 -40.84
N VAL C 110 0.49 17.59 -41.11
CA VAL C 110 0.44 18.11 -42.49
C VAL C 110 1.83 18.53 -42.98
N TYR C 111 2.06 18.41 -44.28
CA TYR C 111 3.37 18.72 -44.88
C TYR C 111 3.46 20.16 -45.40
N GLY C 112 4.62 20.78 -45.19
CA GLY C 112 4.99 22.01 -45.88
C GLY C 112 5.61 21.67 -47.22
N THR C 113 5.86 22.70 -48.03
CA THR C 113 6.44 22.51 -49.37
C THR C 113 7.86 21.94 -49.34
N ASP C 114 8.63 22.30 -48.31
CA ASP C 114 10.01 21.83 -48.16
C ASP C 114 10.15 20.33 -47.91
N GLY C 115 9.17 19.73 -47.21
CA GLY C 115 9.16 18.30 -46.92
C GLY C 115 9.05 17.94 -45.45
N CYS C 116 9.41 18.87 -44.56
CA CYS C 116 9.28 18.65 -43.11
C CYS C 116 7.83 18.85 -42.66
N PRO C 117 7.26 17.88 -41.92
CA PRO C 117 5.86 17.97 -41.53
C PRO C 117 5.63 18.86 -40.31
N VAL C 118 4.40 19.37 -40.18
CA VAL C 118 3.94 20.11 -39.00
C VAL C 118 2.76 19.34 -38.42
N SER C 119 2.85 19.00 -37.13
CA SER C 119 1.81 18.18 -36.48
C SER C 119 0.54 18.99 -36.21
N VAL C 120 -0.61 18.33 -36.33
CA VAL C 120 -1.92 18.96 -36.01
C VAL C 120 -1.99 19.31 -34.52
N GLU C 121 -1.38 18.45 -33.70
CA GLU C 121 -1.09 18.70 -32.29
C GLU C 121 -0.47 20.08 -32.03
N LYS C 122 0.56 20.43 -32.80
CA LYS C 122 1.26 21.72 -32.67
C LYS C 122 0.40 22.89 -33.15
N ILE C 123 -0.28 22.71 -34.28
CA ILE C 123 -1.09 23.77 -34.91
C ILE C 123 -2.23 24.25 -34.00
N VAL C 124 -2.93 23.31 -33.37
CA VAL C 124 -4.06 23.62 -32.49
C VAL C 124 -3.64 24.33 -31.20
N ASN C 125 -2.55 23.87 -30.59
CA ASN C 125 -2.04 24.46 -29.33
C ASN C 125 -1.42 25.86 -29.45
N ILE C 126 -1.23 26.36 -30.68
CA ILE C 126 -0.93 27.78 -30.91
C ILE C 126 -2.11 28.68 -30.52
N PHE C 127 -3.33 28.17 -30.67
CA PHE C 127 -4.56 28.95 -30.45
C PHE C 127 -5.32 28.67 -29.13
N ASN C 128 -4.75 27.85 -28.23
CA ASN C 128 -5.41 27.56 -26.94
C ASN C 128 -5.48 28.79 -26.02
N GLY C 129 -6.25 28.68 -24.95
CA GLY C 129 -6.50 29.79 -24.03
C GLY C 129 -5.28 30.50 -23.45
N THR C 130 -4.22 29.75 -23.19
CA THR C 130 -2.97 30.31 -22.66
C THR C 130 -2.19 31.08 -23.72
N SER C 131 -2.15 30.55 -24.94
CA SER C 131 -1.34 31.12 -26.04
C SER C 131 -2.01 32.30 -26.74
N CYS C 132 -3.27 32.11 -27.15
CA CYS C 132 -4.07 33.14 -27.79
C CYS C 132 -5.26 33.47 -26.89
N PRO C 133 -5.03 34.31 -25.84
CA PRO C 133 -6.11 34.61 -24.89
C PRO C 133 -7.26 35.45 -25.46
N SER C 134 -7.00 36.18 -26.55
CA SER C 134 -8.02 36.95 -27.26
C SER C 134 -9.16 36.08 -27.81
N LEU C 135 -8.84 34.83 -28.17
CA LEU C 135 -9.85 33.83 -28.56
C LEU C 135 -10.35 32.97 -27.37
N GLY C 136 -10.29 33.53 -26.16
CA GLY C 136 -10.77 32.85 -24.97
C GLY C 136 -12.29 32.74 -24.98
N GLY C 137 -12.79 31.52 -24.85
CA GLY C 137 -14.24 31.27 -24.87
C GLY C 137 -14.90 31.44 -26.22
N LYS C 138 -14.10 31.33 -27.30
CA LYS C 138 -14.58 31.50 -28.66
C LYS C 138 -14.21 30.27 -29.50
N PRO C 139 -15.08 29.86 -30.46
CA PRO C 139 -14.81 28.66 -31.23
C PRO C 139 -13.61 28.81 -32.18
N LYS C 140 -12.77 27.78 -32.21
CA LYS C 140 -11.56 27.75 -33.03
C LYS C 140 -11.60 26.51 -33.93
N LEU C 141 -12.10 26.70 -35.15
CA LEU C 141 -12.32 25.60 -36.09
C LEU C 141 -11.05 25.31 -36.90
N PHE C 142 -10.82 24.03 -37.19
CA PHE C 142 -9.67 23.60 -37.97
C PHE C 142 -10.13 22.57 -39.01
N PHE C 143 -9.96 22.89 -40.29
CA PHE C 143 -10.35 22.01 -41.39
C PHE C 143 -9.10 21.46 -42.08
N ILE C 144 -8.77 20.20 -41.79
CA ILE C 144 -7.52 19.58 -42.24
C ILE C 144 -7.76 18.61 -43.41
N GLN C 145 -7.53 19.11 -44.63
CA GLN C 145 -7.55 18.26 -45.83
C GLN C 145 -6.16 17.67 -46.03
N ALA C 146 -5.97 16.44 -45.55
CA ALA C 146 -4.70 15.71 -45.68
C ALA C 146 -4.87 14.24 -45.32
N CYS C 147 -3.99 13.41 -45.86
CA CYS C 147 -4.04 11.97 -45.63
C CYS C 147 -3.64 11.63 -44.19
N GLY C 148 -4.31 10.64 -43.62
CA GLY C 148 -4.04 10.17 -42.26
C GLY C 148 -2.81 9.27 -42.23
N GLY C 149 -2.76 8.33 -43.18
CA GLY C 149 -1.62 7.43 -43.35
C GLY C 149 -1.49 6.94 -44.79
N GLU C 150 -0.98 5.72 -44.95
CA GLU C 150 -0.74 5.12 -46.28
C GLU C 150 -1.79 4.07 -46.68
N GLN C 151 -2.64 3.66 -45.75
CA GLN C 151 -3.55 2.53 -45.98
C GLN C 151 -4.73 2.93 -46.86
N LYS C 152 -5.13 2.02 -47.75
CA LYS C 152 -6.24 2.23 -48.67
C LYS C 152 -7.36 1.26 -48.32
N ASP C 153 -8.54 1.81 -48.00
CA ASP C 153 -9.62 1.06 -47.37
C ASP C 153 -10.65 0.55 -48.39
N HIS C 154 -10.79 -0.77 -48.49
CA HIS C 154 -11.81 -1.39 -49.35
C HIS C 154 -13.18 -1.49 -48.67
N GLY C 155 -13.23 -1.45 -47.34
CA GLY C 155 -14.49 -1.40 -46.61
C GLY C 155 -15.24 -2.72 -46.60
N PHE C 156 -16.54 -2.66 -46.32
CA PHE C 156 -17.42 -3.83 -46.28
C PHE C 156 -18.79 -3.55 -46.90
N GLU C 157 -19.55 -4.63 -47.15
CA GLU C 157 -20.83 -4.56 -47.85
C GLU C 157 -21.99 -4.19 -46.92
N VAL C 158 -22.97 -3.46 -47.46
CA VAL C 158 -24.16 -3.01 -46.71
C VAL C 158 -25.43 -3.34 -47.51
N ALA C 159 -26.52 -3.61 -46.79
CA ALA C 159 -27.81 -3.94 -47.40
C ALA C 159 -28.49 -2.70 -47.98
N SER C 160 -28.62 -2.65 -49.31
CA SER C 160 -29.36 -1.58 -50.00
C SER C 160 -29.80 -2.01 -51.40
N SER C 193 -14.80 32.93 -12.07
CA SER C 193 -15.25 32.40 -13.35
C SER C 193 -14.08 31.94 -14.24
N SER C 194 -13.77 30.65 -14.16
CA SER C 194 -12.69 30.03 -14.93
C SER C 194 -13.23 29.32 -16.17
N LEU C 195 -12.31 28.92 -17.05
CA LEU C 195 -12.65 28.14 -18.25
C LEU C 195 -11.40 27.32 -18.66
N PRO C 196 -11.58 26.06 -19.10
CA PRO C 196 -10.40 25.21 -19.35
C PRO C 196 -9.54 25.69 -20.52
N THR C 197 -8.22 25.47 -20.41
CA THR C 197 -7.25 25.98 -21.39
C THR C 197 -7.51 25.54 -22.85
N PRO C 198 -7.73 24.23 -23.08
CA PRO C 198 -7.96 23.76 -24.44
C PRO C 198 -9.46 23.71 -24.82
N SER C 199 -10.22 24.71 -24.40
CA SER C 199 -11.67 24.75 -24.63
C SER C 199 -11.99 25.35 -26.00
N ASP C 200 -13.15 24.95 -26.53
CA ASP C 200 -13.70 25.47 -27.79
C ASP C 200 -12.82 25.15 -29.01
N ILE C 201 -12.16 23.99 -28.98
CA ILE C 201 -11.34 23.51 -30.08
C ILE C 201 -12.18 22.59 -30.93
N PHE C 202 -11.98 22.63 -32.25
CA PHE C 202 -12.72 21.78 -33.19
C PHE C 202 -11.86 21.46 -34.41
N VAL C 203 -11.42 20.20 -34.51
CA VAL C 203 -10.60 19.74 -35.63
C VAL C 203 -11.41 18.81 -36.51
N SER C 204 -11.72 19.25 -37.73
CA SER C 204 -12.43 18.42 -38.72
C SER C 204 -11.43 17.71 -39.63
N TYR C 205 -11.29 16.40 -39.44
CA TYR C 205 -10.41 15.57 -40.26
C TYR C 205 -11.11 15.18 -41.57
N SER C 206 -10.33 15.12 -42.64
CA SER C 206 -10.82 14.74 -43.96
C SER C 206 -10.99 13.23 -44.07
N THR C 207 -10.00 12.50 -43.55
CA THR C 207 -10.01 11.03 -43.56
C THR C 207 -9.73 10.49 -42.16
N PHE C 208 -10.07 9.21 -41.96
CA PHE C 208 -9.83 8.54 -40.68
C PHE C 208 -8.32 8.37 -40.46
N PRO C 209 -7.83 8.55 -39.21
CA PRO C 209 -6.41 8.41 -38.93
C PRO C 209 -5.78 7.10 -39.41
N GLY C 210 -4.69 7.21 -40.16
CA GLY C 210 -4.02 6.06 -40.77
C GLY C 210 -4.55 5.63 -42.14
N PHE C 211 -5.43 6.43 -42.74
CA PHE C 211 -5.99 6.14 -44.07
C PHE C 211 -5.82 7.32 -45.02
N VAL C 212 -5.86 7.03 -46.32
CA VAL C 212 -5.57 8.01 -47.37
C VAL C 212 -6.76 8.96 -47.59
N SER C 213 -6.46 10.22 -47.88
CA SER C 213 -7.45 11.20 -48.33
C SER C 213 -7.40 11.25 -49.86
N TRP C 214 -8.57 11.11 -50.50
CA TRP C 214 -8.66 11.02 -51.98
C TRP C 214 -8.92 12.38 -52.64
N ARG C 215 -8.56 12.45 -53.93
CA ARG C 215 -8.60 13.70 -54.69
C ARG C 215 -8.74 13.43 -56.19
N ASP C 216 -9.78 14.00 -56.79
CA ASP C 216 -9.94 14.03 -58.25
C ASP C 216 -9.31 15.33 -58.75
N PRO C 217 -8.40 15.24 -59.74
CA PRO C 217 -7.74 16.45 -60.23
C PRO C 217 -8.61 17.40 -61.07
N LYS C 218 -9.78 16.92 -61.54
CA LYS C 218 -10.72 17.72 -62.33
C LYS C 218 -11.89 18.30 -61.52
N SER C 219 -12.22 17.71 -60.37
CA SER C 219 -13.28 18.22 -59.47
C SER C 219 -12.83 18.48 -58.03
N GLY C 220 -11.53 18.34 -57.75
CA GLY C 220 -10.97 18.59 -56.42
C GLY C 220 -11.09 17.41 -55.45
N SER C 221 -10.80 17.69 -54.18
CA SER C 221 -10.89 16.69 -53.11
C SER C 221 -12.31 16.21 -52.87
N TRP C 222 -12.45 14.96 -52.45
CA TRP C 222 -13.75 14.41 -52.03
C TRP C 222 -14.33 15.12 -50.81
N TYR C 223 -13.44 15.47 -49.88
CA TYR C 223 -13.83 16.13 -48.63
C TYR C 223 -14.34 17.56 -48.88
N VAL C 224 -13.51 18.37 -49.52
CA VAL C 224 -13.79 19.81 -49.69
C VAL C 224 -14.97 20.06 -50.63
N GLU C 225 -15.06 19.28 -51.70
CA GLU C 225 -16.20 19.31 -52.63
C GLU C 225 -17.52 19.06 -51.89
N THR C 226 -17.54 18.01 -51.08
CA THR C 226 -18.70 17.66 -50.26
C THR C 226 -18.95 18.68 -49.14
N LEU C 227 -17.88 19.29 -48.62
CA LEU C 227 -18.00 20.33 -47.58
C LEU C 227 -18.64 21.60 -48.15
N ASP C 228 -18.17 22.04 -49.31
CA ASP C 228 -18.69 23.25 -49.96
C ASP C 228 -20.15 23.11 -50.43
N ASP C 229 -20.54 21.92 -50.88
CA ASP C 229 -21.92 21.66 -51.33
C ASP C 229 -22.91 21.68 -50.18
N ILE C 230 -22.54 21.07 -49.05
CA ILE C 230 -23.40 21.01 -47.86
C ILE C 230 -23.50 22.37 -47.17
N PHE C 231 -22.40 23.11 -47.13
CA PHE C 231 -22.39 24.49 -46.60
C PHE C 231 -23.19 25.47 -47.47
N GLU C 232 -23.25 25.22 -48.78
CA GLU C 232 -24.12 25.98 -49.67
C GLU C 232 -25.59 25.70 -49.35
N GLN C 233 -25.95 24.42 -49.28
CA GLN C 233 -27.34 24.00 -49.14
C GLN C 233 -27.90 24.16 -47.73
N TRP C 234 -27.12 23.79 -46.71
CA TRP C 234 -27.63 23.58 -45.33
C TRP C 234 -27.07 24.51 -44.23
N ALA C 235 -26.07 25.33 -44.53
CA ALA C 235 -25.39 26.13 -43.50
C ALA C 235 -26.26 27.19 -42.81
N HIS C 236 -27.25 27.71 -43.52
CA HIS C 236 -28.17 28.72 -42.96
C HIS C 236 -29.09 28.17 -41.85
N SER C 237 -29.46 26.90 -41.95
CA SER C 237 -30.42 26.27 -41.02
C SER C 237 -29.76 25.37 -39.96
N GLU C 238 -28.69 24.67 -40.33
CA GLU C 238 -28.08 23.64 -39.46
C GLU C 238 -26.71 24.06 -38.90
N ASP C 239 -26.36 23.49 -37.74
CA ASP C 239 -25.11 23.80 -37.02
C ASP C 239 -23.89 23.06 -37.58
N LEU C 240 -22.70 23.44 -37.11
CA LEU C 240 -21.42 22.93 -37.63
C LEU C 240 -21.33 21.41 -37.68
N GLN C 241 -21.50 20.76 -36.53
CA GLN C 241 -21.40 19.29 -36.43
C GLN C 241 -22.54 18.54 -37.14
N SER C 242 -23.69 19.20 -37.34
CA SER C 242 -24.77 18.65 -38.16
C SER C 242 -24.40 18.67 -39.64
N LEU C 243 -23.74 19.74 -40.08
CA LEU C 243 -23.23 19.85 -41.46
C LEU C 243 -22.13 18.81 -41.75
N LEU C 244 -21.20 18.67 -40.82
CA LEU C 244 -20.10 17.71 -40.95
C LEU C 244 -20.51 16.25 -40.76
N LEU C 245 -21.71 16.03 -40.20
CA LEU C 245 -22.33 14.69 -40.22
C LEU C 245 -22.80 14.33 -41.64
N ARG C 246 -23.41 15.29 -42.33
CA ARG C 246 -23.81 15.11 -43.73
C ARG C 246 -22.62 14.89 -44.66
N VAL C 247 -21.51 15.59 -44.38
CA VAL C 247 -20.26 15.41 -45.13
C VAL C 247 -19.70 14.00 -44.92
N ALA C 248 -19.66 13.57 -43.65
CA ALA C 248 -19.21 12.22 -43.30
C ALA C 248 -20.06 11.14 -43.95
N ASN C 249 -21.38 11.35 -43.99
CA ASN C 249 -22.30 10.42 -44.64
C ASN C 249 -22.12 10.42 -46.15
N ALA C 250 -21.97 11.60 -46.74
CA ALA C 250 -21.81 11.74 -48.19
C ALA C 250 -20.47 11.22 -48.70
N VAL C 251 -19.39 11.53 -47.99
CA VAL C 251 -18.03 11.13 -48.39
C VAL C 251 -17.79 9.62 -48.22
N SER C 252 -18.50 8.98 -47.29
CA SER C 252 -18.38 7.53 -47.06
C SER C 252 -18.83 6.70 -48.26
N VAL C 253 -19.94 7.11 -48.89
CA VAL C 253 -20.52 6.37 -50.02
C VAL C 253 -19.77 6.50 -51.37
N LYS C 254 -18.77 7.38 -51.44
CA LYS C 254 -18.05 7.63 -52.71
C LYS C 254 -17.08 6.52 -53.09
N GLY C 255 -17.08 6.16 -54.37
CA GLY C 255 -16.00 5.40 -55.01
C GLY C 255 -15.78 3.96 -54.58
N ILE C 256 -14.81 3.31 -55.23
CA ILE C 256 -14.39 1.95 -54.89
C ILE C 256 -13.58 2.01 -53.60
N TYR C 257 -12.51 2.82 -53.60
CA TYR C 257 -11.76 3.15 -52.39
C TYR C 257 -12.60 4.10 -51.53
N LYS C 258 -12.45 4.01 -50.21
CA LYS C 258 -13.36 4.68 -49.26
C LYS C 258 -12.61 5.44 -48.16
N GLN C 259 -13.18 6.56 -47.73
CA GLN C 259 -12.66 7.36 -46.61
C GLN C 259 -13.80 7.80 -45.68
N MET C 260 -13.49 7.95 -44.39
CA MET C 260 -14.46 8.29 -43.36
C MET C 260 -14.02 9.57 -42.66
N PRO C 261 -14.59 10.73 -43.05
CA PRO C 261 -14.27 11.98 -42.34
C PRO C 261 -14.85 12.00 -40.94
N GLY C 262 -14.18 12.72 -40.04
CA GLY C 262 -14.66 12.88 -38.66
C GLY C 262 -14.12 14.10 -37.95
N CYS C 263 -14.63 14.33 -36.74
CA CYS C 263 -14.33 15.52 -35.97
C CYS C 263 -13.83 15.19 -34.58
N PHE C 264 -12.85 15.96 -34.11
CA PHE C 264 -12.42 15.92 -32.72
C PHE C 264 -13.06 17.16 -32.06
N ASN C 265 -14.21 16.94 -31.42
CA ASN C 265 -15.05 18.02 -30.92
C ASN C 265 -14.75 18.33 -29.45
N PHE C 266 -14.32 19.56 -29.18
CA PHE C 266 -14.19 20.11 -27.82
C PHE C 266 -14.90 21.46 -27.71
N LEU C 267 -16.14 21.50 -28.18
CA LEU C 267 -16.97 22.71 -28.11
C LEU C 267 -17.99 22.56 -26.99
N ARG C 268 -18.25 23.67 -26.30
CA ARG C 268 -19.23 23.73 -25.21
C ARG C 268 -20.66 24.00 -25.74
N LYS C 269 -20.75 24.53 -26.96
CA LYS C 269 -22.02 24.93 -27.56
C LYS C 269 -22.07 24.50 -29.03
N LYS C 270 -23.22 24.75 -29.68
CA LYS C 270 -23.36 24.57 -31.13
C LYS C 270 -22.88 25.83 -31.86
N LEU C 271 -22.44 25.67 -33.11
CA LEU C 271 -21.91 26.78 -33.91
C LEU C 271 -22.74 27.01 -35.16
N PHE C 272 -23.61 28.02 -35.12
CA PHE C 272 -24.44 28.41 -36.27
C PHE C 272 -23.77 29.57 -37.00
N PHE C 273 -23.43 29.36 -38.27
CA PHE C 273 -22.78 30.40 -39.08
C PHE C 273 -23.76 31.49 -39.48
N LYS C 274 -23.25 32.72 -39.55
CA LYS C 274 -24.00 33.88 -40.03
C LYS C 274 -23.87 33.90 -41.56
N THR C 275 -24.97 33.63 -42.25
CA THR C 275 -24.97 33.39 -43.71
C THR C 275 -25.33 34.64 -44.53
N SER C 276 -25.17 34.51 -45.85
CA SER C 276 -25.50 35.55 -46.85
C SER C 276 -24.59 36.78 -46.73
N PRO D 2 8.04 -2.46 -73.97
CA PRO D 2 9.24 -1.61 -73.93
C PRO D 2 9.27 -0.62 -72.76
N GLU D 3 8.13 0.01 -72.46
CA GLU D 3 8.02 0.99 -71.36
C GLU D 3 8.31 0.42 -69.97
N SER D 4 7.89 -0.82 -69.73
CA SER D 4 7.90 -1.43 -68.40
C SER D 4 8.05 -2.95 -68.48
N VAL D 5 8.33 -3.55 -67.32
CA VAL D 5 8.57 -4.99 -67.21
C VAL D 5 7.59 -5.63 -66.22
N SER D 6 7.13 -6.83 -66.55
CA SER D 6 6.17 -7.57 -65.74
C SER D 6 6.86 -8.56 -64.79
N GLU D 7 7.94 -9.20 -65.25
CA GLU D 7 8.77 -10.09 -64.42
C GLU D 7 10.25 -9.91 -64.73
N LEU D 8 11.09 -10.03 -63.70
CA LEU D 8 12.49 -9.61 -63.74
C LEU D 8 13.40 -10.53 -64.56
N ASN D 9 14.12 -9.93 -65.53
CA ASN D 9 15.09 -10.65 -66.38
C ASN D 9 16.42 -10.86 -65.66
N HIS D 10 17.37 -11.50 -66.35
CA HIS D 10 18.75 -11.64 -65.86
C HIS D 10 19.49 -10.29 -65.74
N ASN D 11 19.12 -9.33 -66.58
CA ASN D 11 19.69 -7.97 -66.54
C ASN D 11 19.29 -7.16 -65.30
N HIS D 12 18.16 -7.52 -64.69
CA HIS D 12 17.60 -6.79 -63.54
C HIS D 12 18.29 -7.08 -62.20
N PHE D 13 19.07 -8.16 -62.12
CA PHE D 13 19.79 -8.51 -60.89
C PHE D 13 20.94 -7.54 -60.62
N LEU D 14 21.44 -7.57 -59.39
CA LEU D 14 22.50 -6.66 -58.94
C LEU D 14 23.84 -7.03 -59.57
N SER D 15 24.54 -6.03 -60.09
CA SER D 15 25.92 -6.19 -60.60
C SER D 15 26.90 -6.37 -59.42
N PRO D 16 28.13 -6.87 -59.70
CA PRO D 16 29.15 -6.96 -58.64
C PRO D 16 29.54 -5.61 -57.99
N GLU D 17 29.41 -4.52 -58.74
CA GLU D 17 29.62 -3.16 -58.21
C GLU D 17 28.53 -2.79 -57.22
N LEU D 18 27.26 -2.96 -57.64
CA LEU D 18 26.10 -2.69 -56.78
C LEU D 18 25.98 -3.67 -55.60
N GLN D 19 26.39 -4.92 -55.81
CA GLN D 19 26.40 -5.95 -54.76
C GLN D 19 27.41 -5.61 -53.65
N ASP D 20 28.60 -5.16 -54.07
CA ASP D 20 29.66 -4.74 -53.13
C ASP D 20 29.26 -3.51 -52.31
N LYS D 21 28.57 -2.56 -52.96
CA LYS D 21 28.04 -1.36 -52.28
C LYS D 21 26.91 -1.69 -51.29
N LEU D 22 26.17 -2.77 -51.57
CA LEU D 22 25.09 -3.24 -50.68
C LEU D 22 25.64 -3.88 -49.41
N ASP D 23 26.63 -4.75 -49.56
CA ASP D 23 27.22 -5.49 -48.44
C ASP D 23 28.00 -4.61 -47.45
N VAL D 24 28.52 -3.48 -47.93
CA VAL D 24 29.18 -2.49 -47.06
C VAL D 24 28.18 -1.76 -46.16
N MET D 25 27.08 -1.30 -46.75
CA MET D 25 26.02 -0.59 -46.00
C MET D 25 25.24 -1.49 -45.03
N VAL D 26 25.05 -2.76 -45.39
CA VAL D 26 24.39 -3.73 -44.51
C VAL D 26 25.22 -4.06 -43.27
N SER D 27 26.53 -4.18 -43.44
CA SER D 27 27.46 -4.43 -42.33
C SER D 27 27.64 -3.21 -41.42
N ILE D 28 27.80 -2.03 -42.02
CA ILE D 28 27.97 -0.78 -41.28
C ILE D 28 26.74 -0.38 -40.46
N TYR D 29 25.55 -0.66 -40.98
CA TYR D 29 24.28 -0.38 -40.28
C TYR D 29 24.09 -1.26 -39.05
N SER D 30 24.32 -2.56 -39.19
CA SER D 30 24.13 -3.53 -38.10
C SER D 30 25.17 -3.38 -36.99
N CYS D 31 26.43 -3.16 -37.37
CA CYS D 31 27.53 -3.00 -36.41
C CYS D 31 27.51 -1.68 -35.64
N ALA D 32 27.03 -0.61 -36.28
CA ALA D 32 26.96 0.72 -35.64
C ALA D 32 25.89 0.78 -34.55
N ARG D 33 26.04 1.75 -33.65
CA ARG D 33 25.16 1.92 -32.48
C ARG D 33 24.53 3.31 -32.45
N ASN D 34 25.37 4.35 -32.38
CA ASN D 34 24.91 5.74 -32.29
C ASN D 34 24.52 6.33 -33.65
N ASN D 35 23.79 7.44 -33.60
CA ASN D 35 23.35 8.17 -34.80
C ASN D 35 24.48 8.88 -35.54
N ASN D 36 25.48 9.36 -34.79
CA ASN D 36 26.66 10.03 -35.37
C ASN D 36 27.51 9.11 -36.25
N GLU D 37 27.54 7.82 -35.93
CA GLU D 37 28.23 6.81 -36.74
C GLU D 37 27.58 6.58 -38.10
N LEU D 38 26.23 6.60 -38.13
CA LEU D 38 25.45 6.37 -39.35
C LEU D 38 25.34 7.56 -40.33
N GLU D 39 25.87 8.72 -39.95
CA GLU D 39 25.81 9.94 -40.79
C GLU D 39 26.51 9.80 -42.15
N GLU D 40 27.58 9.00 -42.21
CA GLU D 40 28.26 8.67 -43.47
C GLU D 40 27.40 7.81 -44.40
N ILE D 41 26.65 6.88 -43.80
CA ILE D 41 25.73 5.99 -44.55
C ILE D 41 24.50 6.77 -45.06
N PHE D 42 24.02 7.73 -44.26
CA PHE D 42 22.89 8.59 -44.62
C PHE D 42 23.14 9.42 -45.89
N GLN D 43 24.35 9.97 -46.00
CA GLN D 43 24.74 10.78 -47.16
C GLN D 43 24.84 10.00 -48.47
N GLU D 44 25.11 8.69 -48.38
CA GLU D 44 25.15 7.80 -49.55
C GLU D 44 23.75 7.57 -50.13
N LEU D 45 22.78 7.27 -49.27
CA LEU D 45 21.39 7.03 -49.69
C LEU D 45 20.71 8.27 -50.26
N SER D 46 20.83 9.39 -49.56
CA SER D 46 20.24 10.67 -50.00
C SER D 46 20.80 11.14 -51.35
N ALA D 47 22.09 10.91 -51.57
CA ALA D 47 22.74 11.17 -52.86
C ALA D 47 22.29 10.18 -53.95
N PHE D 48 22.19 8.90 -53.57
CA PHE D 48 21.77 7.83 -54.48
C PHE D 48 20.29 7.95 -54.88
N VAL D 49 19.43 8.23 -53.89
CA VAL D 49 17.98 8.38 -54.12
C VAL D 49 17.66 9.63 -54.94
N SER D 50 18.37 10.74 -54.68
CA SER D 50 18.23 11.97 -55.48
C SER D 50 18.73 11.77 -56.91
N GLY D 51 19.80 10.98 -57.07
CA GLY D 51 20.29 10.58 -58.40
C GLY D 51 19.37 9.60 -59.10
N LEU D 52 18.83 8.64 -58.35
CA LEU D 52 17.84 7.66 -58.85
C LEU D 52 16.55 8.36 -59.33
N MET D 53 16.12 9.39 -58.60
CA MET D 53 14.95 10.19 -58.98
C MET D 53 15.20 11.00 -60.25
N ASP D 54 16.41 11.56 -60.38
CA ASP D 54 16.85 12.22 -61.62
C ASP D 54 16.95 11.24 -62.80
N LYS D 55 17.40 10.02 -62.51
CA LYS D 55 17.51 8.95 -63.52
C LYS D 55 16.15 8.56 -64.12
N ARG D 56 15.11 8.60 -63.29
CA ARG D 56 13.73 8.30 -63.75
C ARG D 56 13.21 9.36 -64.73
N ASN D 57 13.38 10.62 -64.38
CA ASN D 57 12.88 11.73 -65.20
C ASN D 57 13.60 11.86 -66.55
N SER D 58 14.86 11.44 -66.60
CA SER D 58 15.62 11.40 -67.86
C SER D 58 15.18 10.24 -68.75
N VAL D 59 15.06 9.05 -68.17
CA VAL D 59 14.69 7.84 -68.92
C VAL D 59 13.22 7.85 -69.33
N PHE D 60 12.32 7.99 -68.35
CA PHE D 60 10.88 7.79 -68.55
C PHE D 60 10.09 9.09 -68.75
N GLU D 61 8.96 8.96 -69.47
CA GLU D 61 7.97 10.03 -69.66
C GLU D 61 6.62 9.59 -69.08
N VAL D 62 5.74 10.56 -68.84
CA VAL D 62 4.36 10.30 -68.41
C VAL D 62 3.39 11.15 -69.24
N ARG D 63 2.82 10.54 -70.29
CA ARG D 63 1.89 11.24 -71.20
C ARG D 63 0.47 11.26 -70.63
N ASN D 64 -0.22 12.39 -70.84
CA ASN D 64 -1.63 12.57 -70.45
C ASN D 64 -1.90 12.39 -68.95
N GLU D 65 -1.23 13.20 -68.12
CA GLU D 65 -1.43 13.16 -66.66
C GLU D 65 -2.80 13.68 -66.26
N ASN D 66 -3.24 13.27 -65.07
CA ASN D 66 -4.52 13.73 -64.47
C ASN D 66 -5.77 13.36 -65.28
N THR D 67 -5.72 12.23 -65.98
CA THR D 67 -6.84 11.70 -66.79
C THR D 67 -6.88 10.17 -66.72
N ASP D 68 -8.01 9.60 -67.10
CA ASP D 68 -8.17 8.13 -67.15
C ASP D 68 -7.14 7.44 -68.07
N GLU D 69 -6.81 8.09 -69.19
CA GLU D 69 -5.91 7.52 -70.21
C GLU D 69 -4.45 7.97 -70.02
N VAL D 70 -3.91 7.80 -68.79
CA VAL D 70 -2.50 8.08 -68.52
C VAL D 70 -1.64 6.95 -69.07
N VAL D 71 -0.66 7.31 -69.89
CA VAL D 71 0.21 6.33 -70.56
C VAL D 71 1.68 6.61 -70.24
N GLY D 72 2.33 5.67 -69.56
CA GLY D 72 3.77 5.73 -69.35
C GLY D 72 4.50 5.31 -70.61
N ALA D 73 5.71 5.83 -70.79
CA ALA D 73 6.52 5.53 -71.99
C ALA D 73 7.97 5.97 -71.83
N LEU D 74 8.85 5.40 -72.66
CA LEU D 74 10.26 5.82 -72.72
C LEU D 74 10.37 7.15 -73.45
N ARG D 75 11.38 7.94 -73.05
CA ARG D 75 11.66 9.24 -73.69
C ARG D 75 12.33 9.00 -75.04
N ALA D 76 12.23 10.00 -75.93
CA ALA D 76 12.78 9.91 -77.29
C ALA D 76 14.30 9.78 -77.26
N GLY D 77 14.81 8.73 -77.91
CA GLY D 77 16.23 8.41 -77.89
C GLY D 77 16.64 7.79 -76.57
N MET D 78 15.97 6.69 -76.21
CA MET D 78 16.24 5.97 -74.96
C MET D 78 15.96 4.47 -75.14
N THR D 79 16.98 3.65 -74.90
CA THR D 79 16.92 2.20 -75.19
C THR D 79 16.37 1.38 -74.01
N ILE D 80 16.19 0.08 -74.24
CA ILE D 80 15.79 -0.88 -73.18
C ILE D 80 16.88 -1.05 -72.11
N GLU D 81 18.14 -0.81 -72.49
CA GLU D 81 19.27 -0.84 -71.54
C GLU D 81 19.18 0.29 -70.49
N ASP D 82 18.63 1.44 -70.88
CA ASP D 82 18.38 2.55 -69.96
C ASP D 82 17.28 2.23 -68.94
N ARG D 83 16.27 1.47 -69.37
CA ARG D 83 15.19 0.99 -68.50
C ARG D 83 15.72 0.01 -67.45
N ASP D 84 16.48 -1.00 -67.91
CA ASP D 84 17.02 -2.04 -67.03
C ASP D 84 18.07 -1.51 -66.03
N SER D 85 18.77 -0.44 -66.40
CA SER D 85 19.73 0.22 -65.49
C SER D 85 19.04 0.90 -64.30
N TYR D 86 17.86 1.48 -64.54
CA TYR D 86 17.03 2.06 -63.46
C TYR D 86 16.47 0.98 -62.52
N ILE D 87 16.02 -0.14 -63.10
CA ILE D 87 15.40 -1.22 -62.31
C ILE D 87 16.45 -1.97 -61.48
N ARG D 88 17.70 -2.00 -61.95
CA ARG D 88 18.84 -2.45 -61.14
C ARG D 88 19.00 -1.60 -59.88
N ASP D 89 19.00 -0.28 -60.08
CA ASP D 89 19.06 0.69 -58.98
C ASP D 89 17.82 0.64 -58.07
N LEU D 90 16.67 0.31 -58.67
CA LEU D 90 15.44 0.09 -57.92
C LEU D 90 15.48 -1.21 -57.10
N PHE D 91 16.11 -2.25 -57.67
CA PHE D 91 16.33 -3.52 -56.96
C PHE D 91 17.27 -3.34 -55.75
N PHE D 92 18.26 -2.46 -55.89
CA PHE D 92 19.20 -2.13 -54.81
C PHE D 92 18.47 -1.65 -53.56
N LEU D 93 17.60 -0.66 -53.74
CA LEU D 93 16.81 -0.09 -52.63
C LEU D 93 15.90 -1.11 -51.96
N HIS D 94 15.30 -2.01 -52.75
CA HIS D 94 14.41 -3.05 -52.23
C HIS D 94 15.17 -4.06 -51.37
N SER D 95 16.26 -4.58 -51.93
CA SER D 95 17.12 -5.56 -51.22
C SER D 95 17.81 -4.96 -49.98
N LEU D 96 18.15 -3.67 -50.05
CA LEU D 96 18.71 -2.95 -48.91
C LEU D 96 17.67 -2.76 -47.80
N LYS D 97 16.43 -2.42 -48.20
CA LYS D 97 15.33 -2.24 -47.25
C LYS D 97 14.93 -3.53 -46.52
N VAL D 98 15.02 -4.67 -47.22
CA VAL D 98 14.70 -5.98 -46.63
C VAL D 98 15.70 -6.37 -45.54
N LYS D 99 17.00 -6.11 -45.80
CA LYS D 99 18.07 -6.40 -44.85
C LYS D 99 18.01 -5.54 -43.58
N ILE D 100 17.61 -4.27 -43.73
CA ILE D 100 17.40 -3.37 -42.58
C ILE D 100 16.20 -3.81 -41.72
N GLU D 101 15.13 -4.28 -42.37
CA GLU D 101 13.96 -4.84 -41.68
C GLU D 101 14.27 -6.14 -40.92
N GLU D 102 15.22 -6.93 -41.43
CA GLU D 102 15.70 -8.14 -40.73
C GLU D 102 16.46 -7.80 -39.45
N SER D 103 17.23 -6.70 -39.47
CA SER D 103 17.98 -6.24 -38.29
C SER D 103 17.06 -5.78 -37.16
N ARG D 104 16.11 -4.90 -37.50
CA ARG D 104 15.14 -4.39 -36.53
C ARG D 104 14.07 -5.44 -36.20
N GLN D 105 14.16 -6.01 -35.00
CA GLN D 105 13.18 -7.00 -34.50
C GLN D 105 12.92 -6.85 -33.00
N GLY D 106 13.99 -6.90 -32.21
CA GLY D 106 13.92 -6.72 -30.75
C GLY D 106 13.42 -5.37 -30.28
N LYS D 107 13.60 -4.33 -31.11
CA LYS D 107 13.03 -3.00 -30.89
C LYS D 107 12.26 -2.54 -32.13
N GLU D 108 10.93 -2.52 -32.05
CA GLU D 108 10.07 -2.06 -33.15
C GLU D 108 10.12 -0.53 -33.32
N ASP D 109 10.12 0.20 -32.20
CA ASP D 109 10.31 1.65 -32.20
C ASP D 109 11.80 2.01 -32.25
N SER D 110 12.12 3.07 -32.99
CA SER D 110 13.51 3.51 -33.20
C SER D 110 13.61 4.93 -33.77
N LYS D 111 12.87 5.19 -34.85
CA LYS D 111 12.87 6.49 -35.56
C LYS D 111 14.23 6.73 -36.24
N CYS D 112 14.63 5.75 -37.04
CA CYS D 112 15.91 5.79 -37.77
C CYS D 112 15.79 6.69 -39.00
N LYS D 113 16.78 7.54 -39.21
CA LYS D 113 16.81 8.46 -40.37
C LYS D 113 17.05 7.73 -41.70
N VAL D 114 17.90 6.69 -41.66
CA VAL D 114 18.27 5.92 -42.85
C VAL D 114 17.09 5.11 -43.42
N TYR D 115 16.33 4.48 -42.52
CA TYR D 115 15.13 3.70 -42.91
C TYR D 115 14.03 4.57 -43.51
N ASN D 116 13.89 5.81 -43.02
CA ASN D 116 12.89 6.75 -43.53
C ASN D 116 13.15 7.26 -44.95
N LEU D 117 14.40 7.17 -45.42
CA LEU D 117 14.71 7.40 -46.84
C LEU D 117 14.15 6.28 -47.71
N LEU D 118 14.27 5.04 -47.23
CA LEU D 118 13.69 3.86 -47.89
C LEU D 118 12.17 3.72 -47.69
N CYS D 119 11.59 4.55 -46.82
CA CYS D 119 10.14 4.65 -46.65
C CYS D 119 9.64 6.00 -47.18
N PRO D 120 9.45 6.12 -48.51
CA PRO D 120 8.97 7.38 -49.07
C PRO D 120 7.47 7.59 -48.84
N HIS D 121 6.99 8.79 -49.17
CA HIS D 121 5.58 9.15 -48.96
C HIS D 121 4.66 8.40 -49.94
N HIS D 122 3.46 8.07 -49.48
CA HIS D 122 2.54 7.20 -50.24
C HIS D 122 2.03 7.79 -51.57
N SER D 123 2.11 9.10 -51.74
CA SER D 123 1.78 9.77 -53.01
C SER D 123 2.95 9.72 -54.02
N SER D 124 4.15 9.50 -53.53
CA SER D 124 5.38 9.71 -54.32
C SER D 124 5.58 8.70 -55.44
N GLU D 125 6.49 9.05 -56.36
CA GLU D 125 6.85 8.21 -57.50
C GLU D 125 7.57 6.94 -57.06
N LEU D 126 8.53 7.10 -56.15
CA LEU D 126 9.33 5.98 -55.63
C LEU D 126 8.50 4.94 -54.88
N TYR D 127 7.44 5.38 -54.20
CA TYR D 127 6.55 4.48 -53.45
C TYR D 127 5.80 3.52 -54.38
N GLY D 128 5.37 4.02 -55.54
CA GLY D 128 4.72 3.21 -56.56
C GLY D 128 5.62 2.13 -57.14
N ASP D 129 6.89 2.46 -57.30
CA ASP D 129 7.90 1.52 -57.81
C ASP D 129 8.31 0.48 -56.76
N LEU D 130 8.58 0.94 -55.53
CA LEU D 130 8.99 0.05 -54.43
C LEU D 130 7.90 -0.95 -54.01
N ARG D 131 6.65 -0.49 -54.00
CA ARG D 131 5.49 -1.36 -53.76
C ARG D 131 5.29 -2.36 -54.90
N ALA D 132 5.52 -1.92 -56.14
CA ALA D 132 5.45 -2.78 -57.32
C ALA D 132 6.60 -3.80 -57.37
N MET D 133 7.81 -3.35 -57.00
CA MET D 133 8.97 -4.25 -56.87
C MET D 133 8.76 -5.35 -55.82
N LYS D 134 8.13 -4.99 -54.71
CA LYS D 134 7.78 -5.95 -53.66
C LYS D 134 6.84 -7.05 -54.16
N CYS D 135 5.87 -6.66 -55.00
CA CYS D 135 4.90 -7.62 -55.57
C CYS D 135 5.56 -8.66 -56.48
N LEU D 136 6.52 -8.24 -57.31
CA LEU D 136 7.21 -9.15 -58.23
C LEU D 136 8.20 -10.07 -57.52
N VAL D 137 8.94 -9.53 -56.54
CA VAL D 137 9.93 -10.30 -55.79
C VAL D 137 9.24 -11.27 -54.82
N GLU D 138 8.46 -10.74 -53.89
CA GLU D 138 7.77 -11.57 -52.87
C GLU D 138 6.49 -12.25 -53.36
N GLY D 139 6.06 -11.97 -54.59
CA GLY D 139 4.96 -12.69 -55.23
C GLY D 139 3.58 -12.18 -54.84
N CYS D 140 3.06 -11.22 -55.62
CA CYS D 140 1.72 -10.63 -55.46
C CYS D 140 1.50 -9.86 -54.15
N SER D 141 1.50 -10.58 -53.03
CA SER D 141 1.18 -10.07 -51.67
C SER D 141 -0.31 -10.21 -51.29
N ASP D 142 -1.19 -10.24 -52.29
CA ASP D 142 -2.64 -10.45 -52.12
C ASP D 142 -3.32 -9.34 -51.30
N ASP D 143 -3.04 -8.09 -51.67
CA ASP D 143 -3.72 -6.92 -51.12
C ASP D 143 -4.99 -6.65 -51.93
N PHE D 144 -4.84 -6.59 -53.26
CA PHE D 144 -5.95 -6.38 -54.19
C PHE D 144 -6.38 -7.69 -54.85
N ASN D 145 -7.70 -7.89 -54.93
CA ASN D 145 -8.30 -9.08 -55.57
C ASN D 145 -8.33 -9.13 -57.11
N PRO D 146 -8.49 -7.96 -57.79
CA PRO D 146 -8.45 -7.94 -59.27
C PRO D 146 -7.20 -8.51 -59.92
N PHE D 147 -7.32 -8.90 -61.19
CA PHE D 147 -6.24 -9.55 -61.96
C PHE D 147 -5.58 -8.57 -62.94
N ASP D 148 -5.05 -7.48 -62.39
CA ASP D 148 -4.36 -6.44 -63.17
C ASP D 148 -2.91 -6.84 -63.46
N ILE D 149 -2.26 -6.07 -64.34
CA ILE D 149 -0.84 -6.23 -64.62
C ILE D 149 -0.03 -5.42 -63.61
N ILE D 150 1.08 -5.97 -63.15
CA ILE D 150 2.01 -5.28 -62.23
C ILE D 150 3.24 -4.82 -63.01
N ARG D 151 3.45 -3.50 -63.08
CA ARG D 151 4.57 -2.89 -63.81
C ARG D 151 5.70 -2.56 -62.84
N VAL D 152 6.91 -3.01 -63.15
CA VAL D 152 8.05 -2.88 -62.21
C VAL D 152 8.63 -1.46 -62.10
N PRO D 153 8.42 -0.59 -63.11
CA PRO D 153 8.54 0.85 -62.92
C PRO D 153 7.17 1.50 -63.16
N ASP D 154 6.36 1.57 -62.11
CA ASP D 154 4.97 1.99 -62.22
C ASP D 154 4.88 3.50 -62.51
N LEU D 155 4.73 3.83 -63.79
CA LEU D 155 4.70 5.23 -64.25
C LEU D 155 3.34 5.88 -64.03
N THR D 156 2.26 5.10 -64.12
CA THR D 156 0.89 5.62 -63.99
C THR D 156 0.39 5.76 -62.54
N TYR D 157 1.21 5.39 -61.55
CA TYR D 157 0.80 5.42 -60.14
C TYR D 157 0.49 6.83 -59.64
N ASN D 158 -0.68 6.99 -59.00
CA ASN D 158 -1.12 8.25 -58.39
C ASN D 158 -1.26 9.40 -59.39
N LYS D 159 -1.56 9.07 -60.65
CA LYS D 159 -1.65 10.05 -61.74
C LYS D 159 -2.88 9.76 -62.59
N GLY D 160 -3.95 10.52 -62.37
CA GLY D 160 -5.20 10.38 -63.12
C GLY D 160 -6.33 9.75 -62.34
N SER D 161 -7.55 10.22 -62.61
CA SER D 161 -8.80 9.72 -61.99
C SER D 161 -8.88 9.99 -60.48
N LEU D 162 -8.10 9.27 -59.68
CA LEU D 162 -8.01 9.46 -58.23
C LEU D 162 -6.55 9.53 -57.81
N GLN D 163 -6.24 10.44 -56.89
CA GLN D 163 -4.89 10.59 -56.35
C GLN D 163 -4.92 10.77 -54.83
N CYS D 164 -3.86 10.35 -54.17
CA CYS D 164 -3.70 10.52 -52.72
C CYS D 164 -3.29 11.96 -52.42
N GLY D 165 -4.01 12.60 -51.50
CA GLY D 165 -3.73 13.99 -51.08
C GLY D 165 -4.97 14.86 -51.16
N GLU E 3 -53.61 34.84 7.67
CA GLU E 3 -54.63 34.00 6.97
C GLU E 3 -53.95 32.96 6.07
N SER E 4 -53.00 33.42 5.25
CA SER E 4 -52.19 32.53 4.39
C SER E 4 -51.20 31.70 5.21
N LEU E 5 -50.63 32.30 6.26
CA LEU E 5 -49.77 31.59 7.20
C LEU E 5 -50.56 30.61 8.08
N ARG E 6 -51.78 31.00 8.46
CA ARG E 6 -52.68 30.16 9.26
C ARG E 6 -53.16 28.95 8.48
N GLY E 7 -53.76 29.20 7.31
CA GLY E 7 -54.28 28.15 6.43
C GLY E 7 -53.17 27.47 5.64
N ASN E 8 -52.40 26.62 6.31
CA ASN E 8 -51.27 25.91 5.70
C ASN E 8 -50.86 24.70 6.55
N ALA E 9 -50.79 23.53 5.91
CA ALA E 9 -50.41 22.28 6.59
C ALA E 9 -48.93 22.23 7.01
N ASP E 10 -48.07 22.96 6.29
CA ASP E 10 -46.64 22.99 6.56
C ASP E 10 -46.29 23.92 7.73
N LEU E 11 -46.78 25.16 7.68
CA LEU E 11 -46.43 26.19 8.66
C LEU E 11 -47.24 26.19 9.96
N ALA E 12 -48.45 25.62 9.92
CA ALA E 12 -49.34 25.58 11.10
C ALA E 12 -49.95 24.19 11.32
N TYR E 13 -50.21 23.86 12.59
CA TYR E 13 -50.87 22.61 12.95
C TYR E 13 -52.36 22.70 12.61
N ILE E 14 -52.92 21.59 12.13
CA ILE E 14 -54.33 21.51 11.76
C ILE E 14 -55.17 21.18 13.00
N LEU E 15 -56.02 22.13 13.40
CA LEU E 15 -57.00 21.93 14.47
C LEU E 15 -58.41 22.08 13.88
N SER E 16 -58.84 21.02 13.18
CA SER E 16 -60.13 21.00 12.48
C SER E 16 -61.25 20.42 13.35
N MET E 17 -60.96 19.33 14.06
CA MET E 17 -61.98 18.57 14.78
C MET E 17 -62.36 19.28 16.09
N GLU E 18 -63.64 19.18 16.47
CA GLU E 18 -64.14 19.68 17.74
C GLU E 18 -64.61 18.50 18.60
N PRO E 19 -64.04 18.34 19.81
CA PRO E 19 -63.03 19.15 20.49
C PRO E 19 -61.62 18.90 19.94
N CYS E 20 -60.69 19.81 20.24
CA CYS E 20 -59.28 19.65 19.89
C CYS E 20 -58.69 18.42 20.58
N GLY E 21 -58.84 18.38 21.91
CA GLY E 21 -58.39 17.23 22.69
C GLY E 21 -58.58 17.41 24.19
N HIS E 22 -57.98 16.51 24.96
CA HIS E 22 -58.08 16.56 26.42
C HIS E 22 -57.16 17.63 27.01
N CYS E 23 -57.53 18.12 28.19
CA CYS E 23 -56.75 19.11 28.93
C CYS E 23 -56.77 18.80 30.42
N LEU E 24 -55.78 18.04 30.88
CA LEU E 24 -55.63 17.69 32.29
C LEU E 24 -55.05 18.89 33.06
N ILE E 25 -55.65 19.21 34.19
CA ILE E 25 -55.18 20.29 35.06
C ILE E 25 -55.00 19.77 36.49
N ILE E 26 -53.76 19.49 36.86
CA ILE E 26 -53.41 19.08 38.22
C ILE E 26 -53.21 20.35 39.05
N ASN E 27 -53.93 20.47 40.17
CA ASN E 27 -53.90 21.65 41.02
C ASN E 27 -53.68 21.27 42.49
N ASN E 28 -52.40 21.14 42.85
CA ASN E 28 -52.01 20.79 44.22
C ASN E 28 -51.96 22.04 45.11
N VAL E 29 -53.02 22.23 45.90
CA VAL E 29 -53.17 23.40 46.78
C VAL E 29 -52.74 23.04 48.20
N ASN E 30 -53.38 22.03 48.77
CA ASN E 30 -53.15 21.60 50.16
C ASN E 30 -52.10 20.49 50.25
N PHE E 31 -50.98 20.79 50.89
CA PHE E 31 -49.87 19.83 51.08
C PHE E 31 -49.82 19.34 52.52
N CYS E 32 -49.20 18.19 52.73
CA CYS E 32 -49.18 17.55 54.05
C CYS E 32 -48.25 18.27 55.05
N ARG E 33 -48.37 17.90 56.32
CA ARG E 33 -47.65 18.55 57.42
C ARG E 33 -46.16 18.21 57.44
N GLU E 34 -45.85 16.93 57.22
CA GLU E 34 -44.47 16.41 57.26
C GLU E 34 -43.55 17.04 56.20
N SER E 35 -44.11 17.33 55.02
CA SER E 35 -43.38 18.01 53.95
C SER E 35 -43.04 19.46 54.29
N GLY E 36 -43.94 20.13 54.99
CA GLY E 36 -43.76 21.53 55.40
C GLY E 36 -43.98 22.55 54.30
N LEU E 37 -44.56 22.13 53.18
CA LEU E 37 -44.85 23.02 52.06
C LEU E 37 -46.09 23.84 52.41
N ARG E 38 -46.02 25.16 52.26
CA ARG E 38 -47.16 26.05 52.57
C ARG E 38 -48.30 25.85 51.58
N THR E 39 -49.52 26.08 52.06
CA THR E 39 -50.72 25.90 51.25
C THR E 39 -50.76 26.96 50.16
N ARG E 40 -50.98 26.52 48.92
CA ARG E 40 -50.98 27.41 47.76
C ARG E 40 -52.36 28.03 47.57
N THR E 41 -52.67 29.01 48.41
CA THR E 41 -53.91 29.78 48.33
C THR E 41 -53.88 30.70 47.12
N GLY E 42 -55.01 30.83 46.44
CA GLY E 42 -55.12 31.57 45.19
C GLY E 42 -54.90 30.73 43.93
N SER E 43 -54.43 29.49 44.11
CA SER E 43 -54.25 28.56 42.99
C SER E 43 -55.60 28.02 42.50
N ASN E 44 -56.59 27.96 43.38
CA ASN E 44 -57.96 27.61 43.00
C ASN E 44 -58.60 28.62 42.05
N ILE E 45 -58.21 29.90 42.18
CA ILE E 45 -58.63 30.95 41.23
C ILE E 45 -57.92 30.77 39.88
N ASP E 46 -56.64 30.42 39.91
CA ASP E 46 -55.87 30.10 38.70
C ASP E 46 -56.40 28.87 37.98
N CYS E 47 -56.81 27.86 38.75
CA CYS E 47 -57.35 26.61 38.19
C CYS E 47 -58.63 26.87 37.40
N GLU E 48 -59.58 27.55 38.02
CA GLU E 48 -60.88 27.86 37.39
C GLU E 48 -60.77 28.88 36.24
N LYS E 49 -59.76 29.75 36.28
CA LYS E 49 -59.44 30.63 35.14
C LYS E 49 -59.04 29.80 33.92
N LEU E 50 -58.09 28.88 34.14
CA LEU E 50 -57.59 28.00 33.08
C LEU E 50 -58.62 26.94 32.64
N ARG E 51 -59.46 26.48 33.57
CA ARG E 51 -60.51 25.52 33.25
C ARG E 51 -61.50 26.10 32.25
N ARG E 52 -61.99 27.31 32.54
CA ARG E 52 -62.88 28.04 31.62
C ARG E 52 -62.17 28.46 30.33
N ARG E 53 -60.87 28.76 30.42
CA ARG E 53 -60.09 29.23 29.27
C ARG E 53 -59.91 28.14 28.22
N PHE E 54 -59.42 26.97 28.63
CA PHE E 54 -59.23 25.84 27.72
C PHE E 54 -60.55 25.24 27.23
N SER E 55 -61.61 25.35 28.03
CA SER E 55 -62.96 25.01 27.57
C SER E 55 -63.41 25.90 26.42
N SER E 56 -63.09 27.20 26.52
CA SER E 56 -63.36 28.17 25.44
C SER E 56 -62.56 27.88 24.16
N LEU E 57 -61.38 27.27 24.29
CA LEU E 57 -60.56 26.84 23.15
C LEU E 57 -60.88 25.42 22.63
N HIS E 58 -62.06 24.88 23.00
CA HIS E 58 -62.53 23.57 22.56
C HIS E 58 -61.62 22.42 23.01
N PHE E 59 -61.46 22.27 24.33
CA PHE E 59 -60.76 21.14 24.93
C PHE E 59 -61.67 20.44 25.95
N MET E 60 -61.56 19.11 26.04
CA MET E 60 -62.24 18.33 27.08
C MET E 60 -61.48 18.48 28.38
N VAL E 61 -61.74 19.57 29.09
CA VAL E 61 -60.98 19.93 30.30
C VAL E 61 -61.42 19.11 31.50
N GLU E 62 -60.43 18.59 32.24
CA GLU E 62 -60.66 17.81 33.45
C GLU E 62 -59.68 18.28 34.53
N VAL E 63 -60.22 18.66 35.69
CA VAL E 63 -59.42 19.10 36.85
C VAL E 63 -59.25 17.95 37.84
N LYS E 64 -58.05 17.84 38.41
CA LYS E 64 -57.76 16.85 39.45
C LYS E 64 -56.90 17.48 40.55
N GLY E 65 -57.57 17.96 41.60
CA GLY E 65 -56.91 18.68 42.70
C GLY E 65 -56.25 17.75 43.71
N ASP E 66 -55.23 18.29 44.40
CA ASP E 66 -54.52 17.60 45.49
C ASP E 66 -54.22 16.12 45.20
N LEU E 67 -53.33 15.89 44.25
CA LEU E 67 -52.86 14.54 43.91
C LEU E 67 -51.51 14.27 44.57
N THR E 68 -51.39 13.08 45.15
CA THR E 68 -50.10 12.57 45.63
C THR E 68 -49.20 12.23 44.43
N ALA E 69 -47.89 12.20 44.66
CA ALA E 69 -46.88 11.99 43.60
C ALA E 69 -47.15 10.79 42.70
N LYS E 70 -47.60 9.69 43.29
CA LYS E 70 -47.99 8.48 42.55
C LYS E 70 -49.27 8.72 41.73
N LYS E 71 -50.25 9.40 42.33
CA LYS E 71 -51.51 9.73 41.66
C LYS E 71 -51.36 10.74 40.51
N MET E 72 -50.33 11.59 40.58
CA MET E 72 -49.97 12.49 39.47
C MET E 72 -49.51 11.69 38.25
N VAL E 73 -48.67 10.69 38.48
CA VAL E 73 -48.15 9.83 37.41
C VAL E 73 -49.25 8.94 36.84
N LEU E 74 -50.11 8.42 37.71
CA LEU E 74 -51.29 7.64 37.28
C LEU E 74 -52.25 8.45 36.41
N ALA E 75 -52.48 9.71 36.80
CA ALA E 75 -53.36 10.61 36.05
C ALA E 75 -52.79 10.97 34.68
N LEU E 76 -51.49 11.24 34.63
CA LEU E 76 -50.80 11.53 33.36
C LEU E 76 -50.70 10.30 32.46
N LEU E 77 -50.48 9.13 33.06
CA LEU E 77 -50.45 7.86 32.31
C LEU E 77 -51.82 7.54 31.71
N GLU E 78 -52.89 7.75 32.49
CA GLU E 78 -54.26 7.52 32.01
C GLU E 78 -54.67 8.48 30.89
N LEU E 79 -54.16 9.72 30.93
CA LEU E 79 -54.37 10.70 29.86
C LEU E 79 -53.65 10.30 28.58
N ALA E 80 -52.40 9.84 28.71
CA ALA E 80 -51.61 9.35 27.57
C ALA E 80 -52.20 8.08 26.94
N ARG E 81 -52.90 7.28 27.75
CA ARG E 81 -53.49 6.02 27.30
C ARG E 81 -54.77 6.21 26.46
N GLN E 82 -55.37 7.41 26.49
CA GLN E 82 -56.59 7.71 25.71
C GLN E 82 -56.36 7.62 24.20
N ASP E 83 -57.45 7.41 23.47
CA ASP E 83 -57.42 7.38 22.00
C ASP E 83 -57.49 8.82 21.46
N HIS E 84 -56.33 9.36 21.11
CA HIS E 84 -56.21 10.67 20.46
C HIS E 84 -56.23 10.55 18.92
N GLY E 85 -57.13 9.73 18.39
CA GLY E 85 -57.27 9.52 16.94
C GLY E 85 -58.06 10.65 16.31
N ALA E 86 -59.25 10.90 16.87
CA ALA E 86 -60.08 12.05 16.48
C ALA E 86 -59.52 13.39 16.98
N LEU E 87 -58.69 13.35 18.03
CA LEU E 87 -58.15 14.56 18.65
C LEU E 87 -56.91 15.10 17.93
N ASP E 88 -56.77 16.43 17.92
CA ASP E 88 -55.69 17.14 17.22
C ASP E 88 -54.60 17.70 18.15
N CYS E 89 -54.89 17.85 19.44
CA CYS E 89 -53.94 18.43 20.40
C CYS E 89 -54.08 17.84 21.82
N CYS E 90 -53.19 18.26 22.72
CA CYS E 90 -53.22 17.82 24.11
C CYS E 90 -52.46 18.77 25.04
N VAL E 91 -53.17 19.36 25.99
CA VAL E 91 -52.59 20.29 26.97
C VAL E 91 -52.49 19.59 28.33
N VAL E 92 -51.47 19.95 29.11
CA VAL E 92 -51.29 19.43 30.48
C VAL E 92 -50.78 20.56 31.39
N VAL E 93 -51.68 21.17 32.14
CA VAL E 93 -51.31 22.24 33.09
C VAL E 93 -51.06 21.63 34.48
N ILE E 94 -49.98 22.07 35.13
CA ILE E 94 -49.65 21.64 36.49
C ILE E 94 -49.39 22.86 37.36
N LEU E 95 -50.26 23.08 38.34
CA LEU E 95 -50.12 24.14 39.33
C LEU E 95 -49.71 23.51 40.66
N SER E 96 -48.47 23.73 41.07
CA SER E 96 -47.93 23.17 42.31
C SER E 96 -46.61 23.84 42.70
N HIS E 97 -46.05 23.42 43.84
CA HIS E 97 -44.68 23.80 44.22
C HIS E 97 -43.68 23.08 43.33
N GLY E 98 -42.44 23.57 43.35
CA GLY E 98 -41.33 22.97 42.60
C GLY E 98 -39.99 23.14 43.29
N CYS E 99 -38.98 22.43 42.79
CA CYS E 99 -37.60 22.51 43.30
C CYS E 99 -36.59 22.26 42.19
N GLN E 100 -35.37 22.77 42.36
CA GLN E 100 -34.31 22.65 41.36
C GLN E 100 -33.75 21.23 41.31
N ALA E 101 -33.99 20.54 40.19
CA ALA E 101 -33.66 19.13 40.05
C ALA E 101 -32.36 18.94 39.27
N SER E 102 -31.58 17.94 39.68
CA SER E 102 -30.43 17.48 38.90
C SER E 102 -30.94 16.70 37.69
N HIS E 103 -31.08 17.39 36.55
CA HIS E 103 -31.76 16.86 35.37
C HIS E 103 -30.82 16.30 34.30
N LEU E 104 -31.42 15.70 33.27
CA LEU E 104 -30.72 15.24 32.07
C LEU E 104 -31.29 15.85 30.78
N GLN E 105 -32.62 15.88 30.64
CA GLN E 105 -33.29 16.44 29.46
C GLN E 105 -33.92 17.81 29.70
N PHE E 106 -34.86 17.86 30.64
CA PHE E 106 -35.59 19.09 30.97
C PHE E 106 -35.37 19.48 32.44
N PRO E 107 -35.16 20.77 32.72
CA PRO E 107 -34.95 21.21 34.10
C PRO E 107 -36.25 21.32 34.91
N GLY E 108 -36.12 21.24 36.24
CA GLY E 108 -37.23 21.48 37.16
C GLY E 108 -38.02 20.25 37.55
N ALA E 109 -38.76 20.37 38.65
CA ALA E 109 -39.67 19.33 39.14
C ALA E 109 -40.97 19.95 39.67
N VAL E 110 -41.96 19.09 39.95
CA VAL E 110 -43.22 19.53 40.55
C VAL E 110 -43.66 18.58 41.66
N TYR E 111 -43.92 19.12 42.85
CA TYR E 111 -44.27 18.33 44.03
C TYR E 111 -45.70 17.81 44.00
N GLY E 112 -45.91 16.68 44.67
CA GLY E 112 -47.25 16.14 44.94
C GLY E 112 -47.70 16.55 46.33
N THR E 113 -48.91 16.12 46.70
CA THR E 113 -49.48 16.40 48.03
C THR E 113 -48.66 15.79 49.17
N ASP E 114 -48.15 14.58 48.95
CA ASP E 114 -47.27 13.89 49.91
C ASP E 114 -45.91 14.56 50.12
N GLY E 115 -45.49 15.35 49.14
CA GLY E 115 -44.29 16.19 49.26
C GLY E 115 -43.01 15.53 48.75
N CYS E 116 -43.13 14.78 47.66
CA CYS E 116 -41.96 14.25 46.93
C CYS E 116 -42.16 14.50 45.43
N PRO E 117 -41.05 14.81 44.71
CA PRO E 117 -41.17 15.44 43.41
C PRO E 117 -41.44 14.47 42.25
N VAL E 118 -42.12 14.98 41.22
CA VAL E 118 -42.25 14.34 39.91
C VAL E 118 -41.59 15.27 38.91
N SER E 119 -40.50 14.82 38.30
CA SER E 119 -39.69 15.67 37.42
C SER E 119 -40.41 16.03 36.12
N VAL E 120 -40.15 17.23 35.61
CA VAL E 120 -40.72 17.68 34.33
C VAL E 120 -40.26 16.79 33.19
N GLU E 121 -38.99 16.42 33.24
CA GLU E 121 -38.38 15.38 32.41
C GLU E 121 -39.24 14.12 32.27
N LYS E 122 -39.68 13.58 33.40
CA LYS E 122 -40.49 12.34 33.44
C LYS E 122 -41.93 12.56 32.94
N ILE E 123 -42.50 13.73 33.22
CA ILE E 123 -43.88 14.04 32.83
C ILE E 123 -44.06 14.13 31.31
N VAL E 124 -43.09 14.76 30.64
CA VAL E 124 -43.13 14.92 29.17
C VAL E 124 -42.90 13.59 28.43
N ASN E 125 -41.97 12.78 28.92
CA ASN E 125 -41.65 11.48 28.29
C ASN E 125 -42.76 10.41 28.33
N ILE E 126 -43.81 10.64 29.13
CA ILE E 126 -45.02 9.82 29.07
C ILE E 126 -45.76 9.99 27.74
N PHE E 127 -45.71 11.20 27.17
CA PHE E 127 -46.46 11.55 25.96
C PHE E 127 -45.65 11.47 24.65
N ASN E 128 -44.46 10.88 24.67
CA ASN E 128 -43.64 10.75 23.45
C ASN E 128 -44.22 9.72 22.45
N GLY E 129 -43.65 9.68 21.25
CA GLY E 129 -44.11 8.79 20.17
C GLY E 129 -44.10 7.30 20.48
N THR E 130 -43.16 6.87 21.33
CA THR E 130 -43.06 5.48 21.77
C THR E 130 -44.21 5.12 22.72
N SER E 131 -44.31 5.85 23.83
CA SER E 131 -45.28 5.56 24.89
C SER E 131 -46.73 5.92 24.52
N CYS E 132 -46.91 7.03 23.80
CA CYS E 132 -48.23 7.49 23.34
C CYS E 132 -48.24 7.65 21.81
N PRO E 133 -48.58 6.57 21.07
CA PRO E 133 -48.54 6.63 19.60
C PRO E 133 -49.69 7.41 18.96
N SER E 134 -50.79 7.60 19.69
CA SER E 134 -51.96 8.32 19.18
C SER E 134 -51.74 9.82 18.96
N LEU E 135 -50.81 10.41 19.72
CA LEU E 135 -50.40 11.83 19.55
C LEU E 135 -49.18 11.97 18.62
N GLY E 136 -49.17 11.19 17.54
CA GLY E 136 -48.07 11.19 16.59
C GLY E 136 -48.19 12.34 15.62
N GLY E 137 -47.22 13.25 15.64
CA GLY E 137 -47.25 14.44 14.80
C GLY E 137 -48.26 15.49 15.28
N LYS E 138 -48.58 15.46 16.57
CA LYS E 138 -49.57 16.36 17.17
C LYS E 138 -48.92 17.15 18.32
N PRO E 139 -49.26 18.45 18.47
CA PRO E 139 -48.64 19.28 19.51
C PRO E 139 -49.05 18.86 20.93
N LYS E 140 -48.05 18.71 21.80
CA LYS E 140 -48.25 18.28 23.19
C LYS E 140 -47.77 19.40 24.11
N LEU E 141 -48.71 20.17 24.65
CA LEU E 141 -48.41 21.37 25.43
C LEU E 141 -48.33 21.06 26.93
N PHE E 142 -47.41 21.73 27.63
CA PHE E 142 -47.24 21.58 29.08
C PHE E 142 -47.05 22.94 29.73
N PHE E 143 -47.98 23.31 30.61
CA PHE E 143 -47.92 24.59 31.33
C PHE E 143 -47.61 24.36 32.81
N ILE E 144 -46.35 24.53 33.18
CA ILE E 144 -45.86 24.19 34.52
C ILE E 144 -45.72 25.44 35.40
N GLN E 145 -46.78 25.78 36.12
CA GLN E 145 -46.75 26.84 37.14
C GLN E 145 -46.11 26.27 38.40
N ALA E 146 -44.81 26.48 38.55
CA ALA E 146 -44.07 26.03 39.73
C ALA E 146 -42.70 26.68 39.82
N CYS E 147 -42.15 26.69 41.03
CA CYS E 147 -40.84 27.31 41.28
C CYS E 147 -39.72 26.51 40.61
N GLY E 148 -38.78 27.23 40.00
CA GLY E 148 -37.61 26.63 39.38
C GLY E 148 -36.59 26.24 40.42
N GLY E 149 -36.38 27.12 41.40
CA GLY E 149 -35.47 26.86 42.52
C GLY E 149 -35.75 27.80 43.70
N GLU E 150 -34.79 27.88 44.62
CA GLU E 150 -34.94 28.68 45.85
C GLU E 150 -34.53 30.16 45.70
N GLN E 151 -33.85 30.49 44.61
CA GLN E 151 -33.22 31.80 44.45
C GLN E 151 -34.23 32.89 44.10
N LYS E 152 -34.06 34.06 44.71
CA LYS E 152 -34.96 35.20 44.53
C LYS E 152 -34.22 36.32 43.82
N ASP E 153 -34.76 36.75 42.68
CA ASP E 153 -34.06 37.65 41.74
C ASP E 153 -34.46 39.10 41.95
N HIS E 154 -33.47 39.98 42.12
CA HIS E 154 -33.68 41.43 42.18
C HIS E 154 -33.60 42.08 40.79
N GLY E 155 -32.77 41.52 39.91
CA GLY E 155 -32.65 42.00 38.53
C GLY E 155 -31.69 43.15 38.38
N PHE E 156 -31.91 43.97 37.35
CA PHE E 156 -31.08 45.16 37.08
C PHE E 156 -31.91 46.36 36.61
N GLU E 157 -31.35 47.56 36.80
CA GLU E 157 -32.05 48.82 36.50
C GLU E 157 -31.96 49.15 35.00
N VAL E 158 -33.11 49.46 34.39
CA VAL E 158 -33.19 49.83 32.98
C VAL E 158 -34.03 51.10 32.82
N ALA E 159 -33.72 51.89 31.80
CA ALA E 159 -34.47 53.11 31.49
C ALA E 159 -35.83 52.78 30.86
N SER E 160 -36.74 53.76 30.90
CA SER E 160 -38.10 53.59 30.36
C SER E 160 -38.73 54.94 29.98
N ILE E 192 -42.69 6.41 3.36
CA ILE E 192 -42.27 6.23 4.76
C ILE E 192 -41.98 7.59 5.42
N SER E 193 -42.96 8.09 6.18
CA SER E 193 -42.88 9.42 6.80
C SER E 193 -41.96 9.42 8.04
N SER E 194 -40.85 10.13 7.91
CA SER E 194 -39.88 10.32 9.01
C SER E 194 -40.44 11.33 10.03
N LEU E 195 -40.54 10.91 11.29
CA LEU E 195 -40.90 11.82 12.39
C LEU E 195 -40.32 11.29 13.72
N PRO E 196 -39.40 12.06 14.35
CA PRO E 196 -38.68 11.56 15.53
C PRO E 196 -39.52 11.49 16.80
N THR E 197 -39.12 10.63 17.74
CA THR E 197 -39.94 10.31 18.94
C THR E 197 -40.26 11.48 19.88
N PRO E 198 -39.30 12.40 20.13
CA PRO E 198 -39.59 13.50 21.04
C PRO E 198 -40.10 14.77 20.32
N SER E 199 -40.82 14.59 19.22
CA SER E 199 -41.28 15.71 18.39
C SER E 199 -42.52 16.37 18.98
N ASP E 200 -42.72 17.63 18.61
CA ASP E 200 -43.93 18.40 18.94
C ASP E 200 -44.17 18.60 20.46
N ILE E 201 -43.09 18.57 21.24
CA ILE E 201 -43.15 18.83 22.68
C ILE E 201 -43.09 20.34 22.89
N PHE E 202 -43.84 20.84 23.85
CA PHE E 202 -43.83 22.26 24.21
C PHE E 202 -44.05 22.45 25.71
N VAL E 203 -43.00 22.81 26.42
CA VAL E 203 -43.04 23.01 27.87
C VAL E 203 -42.88 24.49 28.17
N SER E 204 -43.95 25.12 28.65
CA SER E 204 -43.92 26.53 29.06
C SER E 204 -43.67 26.66 30.57
N TYR E 205 -42.46 27.10 30.92
CA TYR E 205 -42.09 27.34 32.33
C TYR E 205 -42.59 28.71 32.78
N SER E 206 -43.14 28.77 33.99
CA SER E 206 -43.60 30.03 34.58
C SER E 206 -42.46 30.94 35.03
N THR E 207 -41.35 30.33 35.44
CA THR E 207 -40.17 31.05 35.90
C THR E 207 -38.90 30.47 35.26
N PHE E 208 -37.80 31.22 35.35
CA PHE E 208 -36.49 30.75 34.87
C PHE E 208 -36.00 29.62 35.78
N PRO E 209 -35.34 28.59 35.22
CA PRO E 209 -34.79 27.49 36.02
C PRO E 209 -33.82 27.96 37.12
N GLY E 210 -34.06 27.49 38.35
CA GLY E 210 -33.32 27.91 39.53
C GLY E 210 -33.89 29.08 40.32
N PHE E 211 -34.90 29.76 39.76
CA PHE E 211 -35.53 30.93 40.40
C PHE E 211 -36.98 30.67 40.82
N VAL E 212 -37.49 31.53 41.70
CA VAL E 212 -38.79 31.34 42.34
C VAL E 212 -39.94 31.85 41.49
N SER E 213 -41.06 31.14 41.54
CA SER E 213 -42.32 31.57 40.94
C SER E 213 -43.19 32.25 42.01
N TRP E 214 -43.61 33.48 41.75
CA TRP E 214 -44.35 34.31 42.71
C TRP E 214 -45.87 34.19 42.57
N ARG E 215 -46.58 34.46 43.67
CA ARG E 215 -48.03 34.29 43.75
C ARG E 215 -48.65 35.22 44.80
N ASP E 216 -49.80 35.79 44.46
CA ASP E 216 -50.62 36.59 45.39
C ASP E 216 -51.69 35.66 45.97
N PRO E 217 -51.78 35.54 47.32
CA PRO E 217 -52.78 34.65 47.95
C PRO E 217 -54.25 34.91 47.60
N LYS E 218 -54.59 36.17 47.31
CA LYS E 218 -55.97 36.55 46.97
C LYS E 218 -56.23 36.42 45.46
N SER E 219 -55.31 36.95 44.65
CA SER E 219 -55.48 37.01 43.19
C SER E 219 -55.14 35.69 42.49
N GLY E 220 -53.93 35.19 42.75
CA GLY E 220 -53.36 34.03 42.09
C GLY E 220 -51.96 34.32 41.56
N SER E 221 -51.37 33.35 40.87
CA SER E 221 -50.02 33.47 40.30
C SER E 221 -49.91 34.59 39.28
N TRP E 222 -48.74 35.23 39.23
CA TRP E 222 -48.41 36.24 38.21
C TRP E 222 -48.49 35.63 36.81
N TYR E 223 -47.88 34.46 36.66
CA TYR E 223 -47.86 33.71 35.40
C TYR E 223 -49.26 33.44 34.86
N VAL E 224 -50.07 32.76 35.69
CA VAL E 224 -51.41 32.31 35.28
C VAL E 224 -52.39 33.48 35.04
N GLU E 225 -52.29 34.53 35.87
CA GLU E 225 -53.05 35.77 35.68
C GLU E 225 -52.68 36.42 34.36
N THR E 226 -51.38 36.59 34.13
CA THR E 226 -50.86 37.17 32.89
C THR E 226 -51.15 36.31 31.65
N LEU E 227 -51.18 34.99 31.82
CA LEU E 227 -51.48 34.07 30.72
C LEU E 227 -52.93 34.20 30.26
N ASP E 228 -53.86 34.14 31.22
CA ASP E 228 -55.31 34.21 30.93
C ASP E 228 -55.72 35.52 30.27
N ASP E 229 -55.15 36.63 30.74
CA ASP E 229 -55.46 37.96 30.21
C ASP E 229 -54.96 38.14 28.76
N ILE E 230 -53.76 37.62 28.48
CA ILE E 230 -53.18 37.67 27.13
C ILE E 230 -53.89 36.70 26.18
N PHE E 231 -54.28 35.53 26.68
CA PHE E 231 -55.10 34.57 25.92
C PHE E 231 -56.50 35.11 25.60
N GLU E 232 -57.06 35.92 26.51
CA GLU E 232 -58.34 36.60 26.25
C GLU E 232 -58.21 37.57 25.08
N GLN E 233 -57.18 38.42 25.13
CA GLN E 233 -57.00 39.48 24.14
C GLN E 233 -56.47 39.00 22.79
N TRP E 234 -55.50 38.07 22.79
CA TRP E 234 -54.69 37.76 21.59
C TRP E 234 -54.74 36.32 21.06
N ALA E 235 -55.58 35.46 21.64
CA ALA E 235 -55.68 34.05 21.18
C ALA E 235 -56.30 33.90 19.80
N HIS E 236 -57.25 34.79 19.46
CA HIS E 236 -57.94 34.74 18.18
C HIS E 236 -57.06 35.04 16.96
N SER E 237 -56.07 35.93 17.14
CA SER E 237 -55.22 36.44 16.06
C SER E 237 -53.82 35.81 16.02
N GLU E 238 -53.20 35.64 17.19
CA GLU E 238 -51.80 35.19 17.29
C GLU E 238 -51.64 33.72 17.69
N ASP E 239 -50.43 33.18 17.48
CA ASP E 239 -50.11 31.78 17.80
C ASP E 239 -49.54 31.62 19.22
N LEU E 240 -49.36 30.37 19.63
CA LEU E 240 -48.94 30.02 21.01
C LEU E 240 -47.61 30.65 21.43
N GLN E 241 -46.61 30.62 20.55
CA GLN E 241 -45.30 31.22 20.82
C GLN E 241 -45.39 32.76 20.93
N SER E 242 -46.20 33.37 20.08
CA SER E 242 -46.46 34.82 20.13
C SER E 242 -47.21 35.23 21.39
N LEU E 243 -48.13 34.38 21.86
CA LEU E 243 -48.86 34.62 23.11
C LEU E 243 -47.92 34.62 24.32
N LEU E 244 -47.08 33.60 24.43
CA LEU E 244 -46.14 33.49 25.54
C LEU E 244 -45.00 34.50 25.51
N LEU E 245 -44.75 35.12 24.35
CA LEU E 245 -43.85 36.28 24.26
C LEU E 245 -44.43 37.47 25.05
N ARG E 246 -45.73 37.71 24.89
CA ARG E 246 -46.44 38.75 25.66
C ARG E 246 -46.49 38.43 27.15
N VAL E 247 -46.71 37.15 27.49
CA VAL E 247 -46.71 36.69 28.88
C VAL E 247 -45.33 36.89 29.52
N ALA E 248 -44.27 36.57 28.77
CA ALA E 248 -42.89 36.77 29.22
C ALA E 248 -42.57 38.24 29.44
N ASN E 249 -43.02 39.10 28.52
CA ASN E 249 -42.81 40.55 28.63
C ASN E 249 -43.63 41.17 29.77
N ALA E 250 -44.88 40.73 29.91
CA ALA E 250 -45.79 41.26 30.93
C ALA E 250 -45.36 40.88 32.35
N VAL E 251 -44.95 39.63 32.54
CA VAL E 251 -44.49 39.15 33.85
C VAL E 251 -43.13 39.73 34.24
N SER E 252 -42.28 40.00 33.26
CA SER E 252 -40.93 40.54 33.50
C SER E 252 -40.92 41.93 34.15
N VAL E 253 -41.94 42.74 33.88
CA VAL E 253 -42.03 44.10 34.45
C VAL E 253 -42.46 44.13 35.93
N LYS E 254 -43.13 43.08 36.39
CA LYS E 254 -43.81 43.10 37.69
C LYS E 254 -42.88 43.09 38.91
N GLY E 255 -43.25 43.87 39.92
CA GLY E 255 -42.73 43.76 41.28
C GLY E 255 -41.30 44.18 41.54
N ILE E 256 -40.93 44.15 42.82
CA ILE E 256 -39.54 44.37 43.25
C ILE E 256 -38.74 43.11 42.90
N TYR E 257 -39.22 41.97 43.36
CA TYR E 257 -38.63 40.67 43.00
C TYR E 257 -39.08 40.26 41.59
N LYS E 258 -38.13 39.75 40.81
CA LYS E 258 -38.32 39.54 39.37
C LYS E 258 -38.59 38.08 39.01
N GLN E 259 -39.33 37.89 37.92
CA GLN E 259 -39.70 36.57 37.42
C GLN E 259 -39.66 36.60 35.90
N MET E 260 -38.97 35.64 35.28
CA MET E 260 -38.83 35.56 33.82
C MET E 260 -39.39 34.23 33.28
N PRO E 261 -40.64 34.24 32.79
CA PRO E 261 -41.19 33.04 32.16
C PRO E 261 -40.58 32.77 30.79
N GLY E 262 -40.66 31.52 30.35
CA GLY E 262 -40.21 31.13 29.01
C GLY E 262 -40.82 29.81 28.58
N CYS E 263 -40.16 29.14 27.64
CA CYS E 263 -40.67 27.89 27.09
C CYS E 263 -39.60 27.11 26.32
N PHE E 264 -39.60 25.79 26.51
CA PHE E 264 -38.71 24.89 25.79
C PHE E 264 -39.46 24.39 24.55
N ASN E 265 -39.20 25.02 23.41
CA ASN E 265 -39.93 24.77 22.18
C ASN E 265 -39.29 23.65 21.36
N PHE E 266 -40.01 22.53 21.22
CA PHE E 266 -39.66 21.45 20.28
C PHE E 266 -40.81 21.21 19.30
N LEU E 267 -41.41 22.30 18.80
CA LEU E 267 -42.49 22.23 17.81
C LEU E 267 -41.92 22.42 16.41
N ARG E 268 -42.64 21.88 15.43
CA ARG E 268 -42.31 22.01 14.01
C ARG E 268 -43.07 23.16 13.35
N LYS E 269 -44.33 23.34 13.74
CA LYS E 269 -45.24 24.30 13.13
C LYS E 269 -45.70 25.32 14.17
N LYS E 270 -46.46 26.33 13.71
CA LYS E 270 -47.15 27.27 14.61
C LYS E 270 -48.45 26.64 15.11
N LEU E 271 -48.91 27.07 16.29
CA LEU E 271 -50.14 26.56 16.90
C LEU E 271 -51.13 27.69 17.16
N PHE E 272 -52.15 27.78 16.30
CA PHE E 272 -53.26 28.72 16.47
C PHE E 272 -54.44 28.00 17.11
N PHE E 273 -54.86 28.47 18.29
CA PHE E 273 -56.00 27.88 19.00
C PHE E 273 -57.32 28.23 18.32
N LYS E 274 -58.23 27.25 18.26
CA LYS E 274 -59.55 27.45 17.68
C LYS E 274 -60.47 28.09 18.73
N THR E 275 -60.80 29.36 18.53
CA THR E 275 -61.55 30.17 19.51
C THR E 275 -63.06 30.20 19.28
N SER E 276 -63.80 30.63 20.31
CA SER E 276 -65.25 30.80 20.24
C SER E 276 -65.77 31.72 21.35
N THR F 1 -39.58 42.36 70.03
CA THR F 1 -38.43 42.00 70.93
C THR F 1 -38.69 40.72 71.75
N PRO F 2 -39.92 40.54 72.27
CA PRO F 2 -40.25 39.25 72.91
C PRO F 2 -40.42 38.11 71.90
N GLU F 3 -40.99 38.40 70.74
CA GLU F 3 -41.21 37.41 69.67
C GLU F 3 -39.93 36.86 69.04
N SER F 4 -38.94 37.72 68.83
CA SER F 4 -37.75 37.41 68.04
C SER F 4 -36.52 38.20 68.48
N VAL F 5 -35.35 37.78 68.00
CA VAL F 5 -34.07 38.41 68.36
C VAL F 5 -33.31 38.86 67.11
N SER F 6 -32.57 39.96 67.24
CA SER F 6 -31.76 40.52 66.15
C SER F 6 -30.30 40.05 66.20
N GLU F 7 -29.73 39.96 67.40
CA GLU F 7 -28.37 39.47 67.62
C GLU F 7 -28.37 38.34 68.65
N LEU F 8 -27.55 37.31 68.40
CA LEU F 8 -27.54 36.09 69.22
C LEU F 8 -26.87 36.32 70.59
N ASN F 9 -27.49 35.76 71.64
CA ASN F 9 -27.02 35.91 73.03
C ASN F 9 -26.30 34.65 73.53
N HIS F 10 -25.84 34.69 74.77
CA HIS F 10 -25.25 33.52 75.45
C HIS F 10 -26.21 32.34 75.63
N ASN F 11 -27.50 32.65 75.78
CA ASN F 11 -28.55 31.62 75.86
C ASN F 11 -28.75 30.83 74.57
N HIS F 12 -28.36 31.43 73.44
CA HIS F 12 -28.57 30.84 72.10
C HIS F 12 -27.51 29.83 71.67
N PHE F 13 -26.41 29.71 72.44
CA PHE F 13 -25.39 28.68 72.18
C PHE F 13 -25.91 27.30 72.61
N LEU F 14 -25.26 26.25 72.10
CA LEU F 14 -25.68 24.89 72.36
C LEU F 14 -25.42 24.49 73.83
N SER F 15 -26.37 23.75 74.40
CA SER F 15 -26.20 23.13 75.72
C SER F 15 -25.27 21.91 75.60
N PRO F 16 -24.68 21.46 76.72
CA PRO F 16 -23.83 20.25 76.67
C PRO F 16 -24.53 18.97 76.19
N GLU F 17 -25.85 18.89 76.39
CA GLU F 17 -26.66 17.77 75.87
C GLU F 17 -26.78 17.81 74.35
N LEU F 18 -26.98 19.02 73.81
CA LEU F 18 -27.04 19.24 72.35
C LEU F 18 -25.65 19.14 71.69
N GLN F 19 -24.63 19.64 72.38
CA GLN F 19 -23.24 19.54 71.90
C GLN F 19 -22.77 18.10 71.82
N ASP F 20 -23.12 17.30 72.83
CA ASP F 20 -22.80 15.86 72.85
C ASP F 20 -23.54 15.09 71.76
N LYS F 21 -24.79 15.45 71.50
CA LYS F 21 -25.59 14.85 70.42
C LYS F 21 -25.07 15.20 69.02
N LEU F 22 -24.55 16.42 68.86
CA LEU F 22 -23.98 16.88 67.58
C LEU F 22 -22.69 16.14 67.25
N ASP F 23 -21.77 16.09 68.22
CA ASP F 23 -20.47 15.45 68.05
C ASP F 23 -20.56 13.95 67.74
N VAL F 24 -21.59 13.29 68.27
CA VAL F 24 -21.88 11.89 67.94
C VAL F 24 -22.33 11.74 66.48
N MET F 25 -23.25 12.61 66.05
CA MET F 25 -23.76 12.56 64.67
C MET F 25 -22.72 12.91 63.61
N VAL F 26 -21.84 13.86 63.91
CA VAL F 26 -20.79 14.29 62.96
C VAL F 26 -19.75 13.19 62.71
N SER F 27 -19.34 12.50 63.78
CA SER F 27 -18.39 11.38 63.68
C SER F 27 -19.00 10.16 62.99
N ILE F 28 -20.26 9.85 63.31
CA ILE F 28 -20.99 8.74 62.68
C ILE F 28 -21.24 8.98 61.18
N TYR F 29 -21.52 10.24 60.82
CA TYR F 29 -21.77 10.60 59.42
C TYR F 29 -20.52 10.49 58.54
N SER F 30 -19.39 10.98 59.04
CA SER F 30 -18.12 10.99 58.29
C SER F 30 -17.49 9.61 58.13
N CYS F 31 -17.51 8.82 59.21
CA CYS F 31 -16.94 7.46 59.20
C CYS F 31 -17.78 6.43 58.43
N ALA F 32 -19.10 6.65 58.35
CA ALA F 32 -20.00 5.74 57.63
C ALA F 32 -19.77 5.78 56.12
N ARG F 33 -20.14 4.67 55.45
CA ARG F 33 -19.84 4.45 54.04
C ARG F 33 -21.11 4.23 53.22
N ASN F 34 -21.87 3.19 53.56
CA ASN F 34 -23.09 2.82 52.83
C ASN F 34 -24.32 3.53 53.37
N ASN F 35 -25.39 3.54 52.58
CA ASN F 35 -26.68 4.13 52.97
C ASN F 35 -27.40 3.38 54.09
N ASN F 36 -27.13 2.07 54.21
CA ASN F 36 -27.67 1.24 55.28
C ASN F 36 -27.17 1.63 56.68
N GLU F 37 -25.92 2.11 56.75
CA GLU F 37 -25.31 2.54 58.02
C GLU F 37 -25.91 3.84 58.58
N LEU F 38 -26.36 4.74 57.69
CA LEU F 38 -26.90 6.05 58.09
C LEU F 38 -28.35 6.05 58.57
N GLU F 39 -29.04 4.90 58.52
CA GLU F 39 -30.46 4.80 58.90
C GLU F 39 -30.76 5.14 60.37
N GLU F 40 -29.77 4.99 61.24
CA GLU F 40 -29.87 5.44 62.64
C GLU F 40 -29.84 6.96 62.74
N ILE F 41 -28.96 7.60 61.94
CA ILE F 41 -28.81 9.05 61.92
C ILE F 41 -30.02 9.73 61.26
N PHE F 42 -30.52 9.14 60.18
CA PHE F 42 -31.69 9.67 59.45
C PHE F 42 -32.95 9.71 60.33
N GLN F 43 -33.20 8.64 61.07
CA GLN F 43 -34.37 8.56 61.96
C GLN F 43 -34.27 9.49 63.18
N GLU F 44 -33.05 9.86 63.58
CA GLU F 44 -32.85 10.86 64.63
C GLU F 44 -33.24 12.26 64.15
N LEU F 45 -32.68 12.67 62.99
CA LEU F 45 -32.94 14.01 62.44
C LEU F 45 -34.40 14.22 62.05
N SER F 46 -35.01 13.23 61.39
CA SER F 46 -36.43 13.33 61.00
C SER F 46 -37.38 13.33 62.22
N ALA F 47 -36.98 12.66 63.30
CA ALA F 47 -37.67 12.76 64.59
C ALA F 47 -37.43 14.13 65.24
N PHE F 48 -36.19 14.62 65.15
CA PHE F 48 -35.82 15.92 65.70
C PHE F 48 -36.50 17.08 64.97
N VAL F 49 -36.45 17.05 63.63
CA VAL F 49 -37.05 18.10 62.80
C VAL F 49 -38.58 18.14 62.93
N SER F 50 -39.21 16.97 63.02
CA SER F 50 -40.66 16.88 63.25
C SER F 50 -41.03 17.38 64.65
N GLY F 51 -40.18 17.08 65.64
CA GLY F 51 -40.30 17.62 66.99
C GLY F 51 -40.04 19.12 67.04
N LEU F 52 -39.11 19.60 66.22
CA LEU F 52 -38.81 21.03 66.08
C LEU F 52 -39.98 21.79 65.43
N MET F 53 -40.68 21.14 64.49
CA MET F 53 -41.90 21.69 63.88
C MET F 53 -43.05 21.80 64.89
N ASP F 54 -43.20 20.78 65.74
CA ASP F 54 -44.18 20.79 66.83
C ASP F 54 -43.86 21.86 67.89
N LYS F 55 -42.56 22.05 68.15
CA LYS F 55 -42.09 23.04 69.13
C LYS F 55 -42.37 24.48 68.69
N ARG F 56 -42.23 24.75 67.39
CA ARG F 56 -42.55 26.07 66.84
C ARG F 56 -44.04 26.38 66.99
N ASN F 57 -44.89 25.44 66.55
CA ASN F 57 -46.34 25.65 66.55
C ASN F 57 -46.98 25.78 67.93
N SER F 58 -46.28 25.30 68.97
CA SER F 58 -46.70 25.49 70.37
C SER F 58 -46.20 26.82 70.94
N VAL F 59 -44.97 27.20 70.61
CA VAL F 59 -44.37 28.45 71.11
C VAL F 59 -44.90 29.67 70.36
N PHE F 60 -44.70 29.69 69.04
CA PHE F 60 -44.95 30.88 68.22
C PHE F 60 -46.34 30.91 67.56
N GLU F 61 -46.78 32.12 67.22
CA GLU F 61 -48.03 32.36 66.49
C GLU F 61 -47.80 33.43 65.43
N VAL F 62 -48.58 33.37 64.36
CA VAL F 62 -48.54 34.39 63.30
C VAL F 62 -49.93 35.04 63.20
N ARG F 63 -50.00 36.33 63.50
CA ARG F 63 -51.24 37.11 63.42
C ARG F 63 -51.32 37.81 62.07
N ASN F 64 -52.53 37.87 61.50
CA ASN F 64 -52.81 38.57 60.25
C ASN F 64 -51.99 38.02 59.05
N GLU F 65 -52.15 36.72 58.79
CA GLU F 65 -51.47 36.08 57.64
C GLU F 65 -52.03 36.61 56.31
N ASN F 66 -51.24 36.43 55.25
CA ASN F 66 -51.63 36.77 53.88
C ASN F 66 -51.98 38.26 53.67
N THR F 67 -51.27 39.13 54.38
CA THR F 67 -51.42 40.59 54.29
C THR F 67 -50.07 41.30 54.35
N ASP F 68 -50.07 42.62 54.16
CA ASP F 68 -48.88 43.44 54.36
C ASP F 68 -48.56 43.60 55.85
N GLU F 69 -49.60 43.67 56.70
CA GLU F 69 -49.46 43.89 58.14
C GLU F 69 -49.36 42.56 58.90
N VAL F 70 -48.34 41.75 58.56
CA VAL F 70 -48.10 40.46 59.22
C VAL F 70 -47.07 40.62 60.32
N VAL F 71 -47.45 40.30 61.55
CA VAL F 71 -46.57 40.40 62.71
C VAL F 71 -46.59 39.08 63.49
N GLY F 72 -45.40 38.63 63.89
CA GLY F 72 -45.28 37.44 64.73
C GLY F 72 -45.53 37.75 66.19
N ALA F 73 -45.76 36.70 66.98
CA ALA F 73 -45.99 36.85 68.42
C ALA F 73 -45.91 35.50 69.13
N LEU F 74 -45.54 35.52 70.41
CA LEU F 74 -45.52 34.32 71.24
C LEU F 74 -46.95 33.94 71.64
N ARG F 75 -47.19 32.64 71.82
CA ARG F 75 -48.50 32.13 72.21
C ARG F 75 -48.81 32.47 73.67
N ALA F 76 -50.10 32.49 74.02
CA ALA F 76 -50.55 32.79 75.37
C ALA F 76 -49.92 31.88 76.44
N GLY F 77 -49.24 32.49 77.40
CA GLY F 77 -48.58 31.76 78.48
C GLY F 77 -47.32 31.06 78.01
N MET F 78 -46.42 31.82 77.38
CA MET F 78 -45.16 31.29 76.85
C MET F 78 -44.04 32.32 77.03
N THR F 79 -43.01 31.93 77.79
CA THR F 79 -41.94 32.86 78.20
C THR F 79 -40.86 33.04 77.14
N ILE F 80 -39.93 33.96 77.40
CA ILE F 80 -38.74 34.17 76.56
C ILE F 80 -37.78 32.97 76.63
N GLU F 81 -37.82 32.23 77.74
CA GLU F 81 -37.04 30.98 77.88
C GLU F 81 -37.45 29.91 76.86
N ASP F 82 -38.74 29.87 76.52
CA ASP F 82 -39.27 28.92 75.51
C ASP F 82 -38.78 29.26 74.10
N ARG F 83 -38.69 30.56 73.79
CA ARG F 83 -38.16 31.05 72.51
C ARG F 83 -36.70 30.64 72.32
N ASP F 84 -35.89 30.88 73.34
CA ASP F 84 -34.45 30.59 73.27
C ASP F 84 -34.13 29.09 73.19
N SER F 85 -34.98 28.25 73.77
CA SER F 85 -34.83 26.79 73.66
C SER F 85 -35.10 26.28 72.23
N TYR F 86 -36.01 26.94 71.52
CA TYR F 86 -36.24 26.66 70.09
C TYR F 86 -35.04 27.09 69.24
N ILE F 87 -34.51 28.28 69.53
CA ILE F 87 -33.36 28.83 68.78
C ILE F 87 -32.08 28.00 69.02
N ARG F 88 -31.95 27.44 70.22
CA ARG F 88 -30.93 26.43 70.52
C ARG F 88 -31.05 25.20 69.61
N ASP F 89 -32.27 24.67 69.52
CA ASP F 89 -32.58 23.54 68.62
C ASP F 89 -32.41 23.92 67.14
N LEU F 90 -32.66 25.19 66.82
CA LEU F 90 -32.42 25.74 65.48
C LEU F 90 -30.93 25.88 65.19
N PHE F 91 -30.15 26.28 66.21
CA PHE F 91 -28.69 26.37 66.09
C PHE F 91 -28.05 25.00 65.84
N PHE F 92 -28.57 23.98 66.53
CA PHE F 92 -28.13 22.59 66.34
C PHE F 92 -28.21 22.16 64.87
N LEU F 93 -29.33 22.44 64.23
CA LEU F 93 -29.52 22.13 62.80
C LEU F 93 -28.53 22.87 61.91
N HIS F 94 -28.26 24.14 62.23
CA HIS F 94 -27.33 24.96 61.44
C HIS F 94 -25.89 24.46 61.55
N SER F 95 -25.41 24.29 62.77
CA SER F 95 -24.04 23.82 63.02
C SER F 95 -23.79 22.39 62.52
N LEU F 96 -24.82 21.54 62.58
CA LEU F 96 -24.74 20.19 62.02
C LEU F 96 -24.67 20.22 60.50
N LYS F 97 -25.46 21.11 59.88
CA LYS F 97 -25.45 21.31 58.42
C LYS F 97 -24.10 21.84 57.92
N VAL F 98 -23.43 22.67 58.70
CA VAL F 98 -22.11 23.21 58.35
C VAL F 98 -21.04 22.11 58.36
N LYS F 99 -21.06 21.28 59.40
CA LYS F 99 -20.09 20.17 59.53
C LYS F 99 -20.32 19.06 58.50
N ILE F 100 -21.56 18.83 58.09
CA ILE F 100 -21.88 17.90 56.99
C ILE F 100 -21.38 18.44 55.64
N GLU F 101 -21.51 19.74 55.42
CA GLU F 101 -20.98 20.39 54.22
C GLU F 101 -19.45 20.30 54.12
N GLU F 102 -18.76 20.36 55.26
CA GLU F 102 -17.32 20.13 55.33
C GLU F 102 -16.94 18.68 54.99
N SER F 103 -17.79 17.73 55.41
CA SER F 103 -17.56 16.31 55.11
C SER F 103 -17.78 15.92 53.64
N ARG F 104 -18.51 16.75 52.88
CA ARG F 104 -18.78 16.51 51.46
C ARG F 104 -18.03 17.51 50.56
N GLN F 105 -16.70 17.55 50.72
CA GLN F 105 -15.81 18.30 49.83
C GLN F 105 -15.11 17.40 48.79
N GLY F 106 -15.02 16.09 49.08
CA GLY F 106 -14.53 15.11 48.11
C GLY F 106 -15.46 14.95 46.92
N LYS F 107 -16.77 14.94 47.17
CA LYS F 107 -17.79 14.99 46.13
C LYS F 107 -19.00 15.80 46.63
N GLU F 108 -19.21 16.98 46.05
CA GLU F 108 -20.35 17.84 46.40
C GLU F 108 -21.68 17.23 45.97
N ASP F 109 -21.71 16.64 44.77
CA ASP F 109 -22.85 15.83 44.32
C ASP F 109 -22.83 14.46 45.02
N SER F 110 -24.00 13.99 45.44
CA SER F 110 -24.12 12.76 46.24
C SER F 110 -25.56 12.24 46.42
N LYS F 111 -26.49 13.16 46.71
CA LYS F 111 -27.90 12.85 46.94
C LYS F 111 -28.08 12.06 48.24
N CYS F 112 -27.59 12.65 49.34
CA CYS F 112 -27.70 12.07 50.68
C CYS F 112 -29.09 12.32 51.26
N LYS F 113 -29.69 11.29 51.85
CA LYS F 113 -31.03 11.40 52.47
C LYS F 113 -31.01 12.23 53.77
N VAL F 114 -29.92 12.11 54.53
CA VAL F 114 -29.75 12.84 55.80
C VAL F 114 -29.57 14.34 55.57
N TYR F 115 -28.76 14.71 54.57
CA TYR F 115 -28.52 16.12 54.23
C TYR F 115 -29.78 16.82 53.73
N ASN F 116 -30.62 16.10 52.97
CA ASN F 116 -31.88 16.65 52.43
C ASN F 116 -32.90 17.08 53.49
N LEU F 117 -32.80 16.53 54.70
CA LEU F 117 -33.60 17.00 55.84
C LEU F 117 -33.20 18.42 56.25
N LEU F 118 -31.90 18.72 56.19
CA LEU F 118 -31.37 20.05 56.50
C LEU F 118 -31.41 21.04 55.33
N CYS F 119 -31.99 20.63 54.20
CA CYS F 119 -32.25 21.51 53.05
C CYS F 119 -33.75 21.48 52.72
N PRO F 120 -34.58 22.13 53.56
CA PRO F 120 -36.03 22.12 53.33
C PRO F 120 -36.47 23.02 52.18
N HIS F 121 -37.73 22.87 51.78
CA HIS F 121 -38.28 23.60 50.63
C HIS F 121 -38.36 25.10 50.92
N HIS F 122 -38.13 25.91 49.89
CA HIS F 122 -38.01 27.36 50.05
C HIS F 122 -39.29 28.10 50.47
N SER F 123 -40.44 27.44 50.39
CA SER F 123 -41.69 27.99 50.92
C SER F 123 -41.89 27.71 52.43
N SER F 124 -41.15 26.74 52.97
CA SER F 124 -41.41 26.24 54.32
C SER F 124 -41.02 27.18 55.45
N GLU F 125 -41.52 26.87 56.64
CA GLU F 125 -41.20 27.62 57.86
C GLU F 125 -39.72 27.47 58.22
N LEU F 126 -39.24 26.23 58.24
CA LEU F 126 -37.86 25.89 58.63
C LEU F 126 -36.78 26.50 57.73
N TYR F 127 -37.10 26.68 56.44
CA TYR F 127 -36.20 27.35 55.50
C TYR F 127 -35.96 28.80 55.88
N GLY F 128 -37.05 29.50 56.19
CA GLY F 128 -37.01 30.90 56.61
C GLY F 128 -36.18 31.12 57.87
N ASP F 129 -36.30 30.20 58.82
CA ASP F 129 -35.56 30.26 60.08
C ASP F 129 -34.09 29.90 59.90
N LEU F 130 -33.80 28.87 59.11
CA LEU F 130 -32.41 28.46 58.83
C LEU F 130 -31.64 29.49 58.00
N ARG F 131 -32.32 30.09 57.02
CA ARG F 131 -31.74 31.20 56.23
C ARG F 131 -31.45 32.42 57.10
N ALA F 132 -32.34 32.70 58.06
CA ALA F 132 -32.15 33.78 59.03
C ALA F 132 -31.02 33.46 60.02
N MET F 133 -30.98 32.22 60.51
CA MET F 133 -29.87 31.74 61.37
C MET F 133 -28.50 31.86 60.70
N LYS F 134 -28.44 31.54 59.41
CA LYS F 134 -27.22 31.67 58.62
C LYS F 134 -26.72 33.12 58.57
N CYS F 135 -27.64 34.08 58.46
CA CYS F 135 -27.29 35.51 58.39
C CYS F 135 -26.69 36.06 59.68
N LEU F 136 -27.24 35.65 60.83
CA LEU F 136 -26.77 36.14 62.13
C LEU F 136 -25.47 35.47 62.58
N VAL F 137 -25.31 34.18 62.28
CA VAL F 137 -24.09 33.44 62.65
C VAL F 137 -22.92 33.79 61.72
N GLU F 138 -23.14 33.60 60.42
CA GLU F 138 -22.09 33.81 59.40
C GLU F 138 -21.95 35.26 58.92
N GLY F 139 -22.73 36.18 59.49
CA GLY F 139 -22.58 37.62 59.22
C GLY F 139 -23.23 38.06 57.92
N CYS F 140 -24.35 38.78 58.03
CA CYS F 140 -25.07 39.40 56.90
C CYS F 140 -25.61 38.42 55.84
N SER F 141 -24.71 37.73 55.14
CA SER F 141 -24.99 36.74 54.06
C SER F 141 -25.00 37.39 52.67
N ASP F 142 -25.61 38.57 52.57
CA ASP F 142 -25.53 39.45 51.38
C ASP F 142 -26.16 38.87 50.10
N ASP F 143 -27.44 38.48 50.21
CA ASP F 143 -28.28 38.20 49.04
C ASP F 143 -28.81 39.52 48.51
N PHE F 144 -29.35 40.34 49.41
CA PHE F 144 -29.66 41.75 49.16
C PHE F 144 -29.13 42.61 50.31
N ASN F 145 -29.62 42.34 51.53
CA ASN F 145 -29.11 42.93 52.78
C ASN F 145 -29.24 44.48 52.85
N PRO F 146 -30.48 45.00 53.03
CA PRO F 146 -30.69 46.44 53.22
C PRO F 146 -30.57 46.84 54.71
N PHE F 147 -31.14 47.98 55.09
CA PHE F 147 -31.26 48.37 56.50
C PHE F 147 -32.19 47.47 57.35
N ASP F 148 -33.00 46.63 56.70
CA ASP F 148 -33.92 45.68 57.38
C ASP F 148 -33.22 44.80 58.42
N ILE F 149 -33.83 44.72 59.61
CA ILE F 149 -33.32 43.86 60.70
C ILE F 149 -33.82 42.43 60.45
N ILE F 150 -32.92 41.45 60.66
CA ILE F 150 -33.24 40.04 60.44
C ILE F 150 -33.69 39.38 61.74
N ARG F 151 -34.74 38.58 61.67
CA ARG F 151 -35.39 37.96 62.82
C ARG F 151 -34.89 36.52 62.96
N VAL F 152 -34.40 36.16 64.15
CA VAL F 152 -33.72 34.86 64.34
C VAL F 152 -34.67 33.64 64.33
N PRO F 153 -35.98 33.85 64.60
CA PRO F 153 -37.02 32.95 64.12
C PRO F 153 -37.96 33.74 63.19
N ASP F 154 -37.73 33.65 61.88
CA ASP F 154 -38.46 34.46 60.91
C ASP F 154 -39.91 33.96 60.80
N LEU F 155 -40.78 34.50 61.64
CA LEU F 155 -42.19 34.10 61.72
C LEU F 155 -43.00 34.58 60.52
N THR F 156 -42.65 35.75 59.98
CA THR F 156 -43.37 36.37 58.87
C THR F 156 -42.96 35.88 57.46
N TYR F 157 -41.99 34.96 57.39
CA TYR F 157 -41.45 34.50 56.09
C TYR F 157 -42.50 33.75 55.25
N ASN F 158 -42.69 34.22 54.01
CA ASN F 158 -43.61 33.61 53.04
C ASN F 158 -45.09 33.59 53.48
N LYS F 159 -45.47 34.57 54.31
CA LYS F 159 -46.82 34.66 54.87
C LYS F 159 -47.32 36.10 54.76
N GLY F 160 -47.59 36.54 53.54
CA GLY F 160 -48.09 37.91 53.30
C GLY F 160 -47.81 38.46 51.92
N SER F 161 -48.84 38.99 51.26
CA SER F 161 -48.72 39.74 50.00
C SER F 161 -48.24 38.91 48.80
N LEU F 162 -46.96 38.53 48.81
CA LEU F 162 -46.34 37.70 47.77
C LEU F 162 -45.81 36.42 48.42
N GLN F 163 -46.04 35.29 47.76
CA GLN F 163 -45.60 33.98 48.28
C GLN F 163 -45.01 33.09 47.18
N CYS F 164 -44.03 32.28 47.56
CA CYS F 164 -43.35 31.36 46.66
C CYS F 164 -44.29 30.19 46.34
N GLY F 165 -44.51 29.93 45.05
CA GLY F 165 -45.34 28.80 44.61
C GLY F 165 -46.27 29.16 43.47
N ASN G 8 -40.79 46.68 15.75
CA ASN G 8 -41.71 47.86 15.74
C ASN G 8 -42.87 47.70 16.75
N ALA G 9 -43.25 48.82 17.37
CA ALA G 9 -44.36 48.89 18.33
C ALA G 9 -44.18 48.03 19.59
N ASP G 10 -42.92 47.86 20.04
CA ASP G 10 -42.57 47.12 21.27
C ASP G 10 -42.78 45.58 21.23
N LEU G 11 -43.46 45.06 20.20
CA LEU G 11 -43.65 43.63 20.04
C LEU G 11 -42.37 42.93 19.56
N ALA G 12 -41.48 43.69 18.90
CA ALA G 12 -40.20 43.19 18.41
C ALA G 12 -39.03 44.00 18.98
N TYR G 13 -37.83 43.39 18.98
CA TYR G 13 -36.61 44.08 19.39
C TYR G 13 -36.18 45.07 18.33
N ILE G 14 -35.67 46.22 18.76
CA ILE G 14 -35.23 47.29 17.86
C ILE G 14 -33.78 47.04 17.43
N LEU G 15 -33.61 46.54 16.20
CA LEU G 15 -32.29 46.36 15.58
C LEU G 15 -32.09 47.42 14.51
N SER G 16 -31.62 48.60 14.94
CA SER G 16 -31.50 49.78 14.09
C SER G 16 -30.05 50.04 13.64
N MET G 17 -29.12 50.05 14.59
CA MET G 17 -27.75 50.50 14.35
C MET G 17 -26.88 49.48 13.60
N GLU G 18 -26.10 49.97 12.62
CA GLU G 18 -25.04 49.19 11.96
C GLU G 18 -23.69 49.51 12.61
N PRO G 19 -22.90 48.49 12.99
CA PRO G 19 -23.18 47.06 12.96
C PRO G 19 -24.18 46.66 14.04
N CYS G 20 -24.87 45.54 13.81
CA CYS G 20 -25.91 45.06 14.73
C CYS G 20 -25.32 44.59 16.06
N GLY G 21 -24.27 43.77 15.98
CA GLY G 21 -23.58 43.28 17.16
C GLY G 21 -22.45 42.29 16.85
N HIS G 22 -21.73 41.90 17.90
CA HIS G 22 -20.66 40.89 17.75
C HIS G 22 -21.22 39.50 17.50
N CYS G 23 -20.37 38.62 16.97
CA CYS G 23 -20.75 37.22 16.71
C CYS G 23 -19.54 36.27 16.77
N LEU G 24 -19.28 35.72 17.95
CA LEU G 24 -18.22 34.74 18.15
C LEU G 24 -18.67 33.38 17.61
N ILE G 25 -17.78 32.69 16.89
CA ILE G 25 -18.06 31.35 16.34
C ILE G 25 -16.92 30.40 16.69
N ILE G 26 -17.14 29.54 17.70
CA ILE G 26 -16.17 28.53 18.10
C ILE G 26 -16.38 27.27 17.26
N ASN G 27 -15.43 26.96 16.39
CA ASN G 27 -15.51 25.79 15.50
C ASN G 27 -14.43 24.77 15.86
N ASN G 28 -14.77 23.85 16.76
CA ASN G 28 -13.88 22.74 17.12
C ASN G 28 -14.03 21.60 16.11
N VAL G 29 -12.99 21.38 15.32
CA VAL G 29 -12.96 20.33 14.28
C VAL G 29 -11.92 19.25 14.63
N ASN G 30 -10.68 19.68 14.86
CA ASN G 30 -9.57 18.77 15.15
C ASN G 30 -9.32 18.60 16.66
N PHE G 31 -9.74 17.45 17.19
CA PHE G 31 -9.60 17.12 18.62
C PHE G 31 -8.37 16.25 18.84
N CYS G 32 -7.89 16.21 20.09
CA CYS G 32 -6.68 15.47 20.45
C CYS G 32 -6.89 13.95 20.46
N ARG G 33 -5.77 13.22 20.53
CA ARG G 33 -5.79 11.76 20.47
C ARG G 33 -6.25 11.11 21.78
N GLU G 34 -5.83 11.69 22.91
CA GLU G 34 -6.16 11.16 24.25
C GLU G 34 -7.66 11.20 24.59
N SER G 35 -8.36 12.23 24.09
CA SER G 35 -9.81 12.35 24.28
C SER G 35 -10.60 11.32 23.47
N GLY G 36 -10.05 10.92 22.32
CA GLY G 36 -10.68 9.94 21.45
C GLY G 36 -11.86 10.47 20.63
N LEU G 37 -12.04 11.78 20.60
CA LEU G 37 -13.14 12.40 19.85
C LEU G 37 -12.79 12.41 18.37
N ARG G 38 -13.69 11.91 17.53
CA ARG G 38 -13.46 11.86 16.08
C ARG G 38 -13.42 13.26 15.48
N THR G 39 -12.52 13.47 14.52
CA THR G 39 -12.40 14.75 13.82
C THR G 39 -13.68 15.08 13.06
N ARG G 40 -14.27 16.24 13.37
CA ARG G 40 -15.57 16.62 12.82
C ARG G 40 -15.43 17.18 11.41
N THR G 41 -15.33 16.26 10.44
CA THR G 41 -15.16 16.63 9.04
C THR G 41 -16.45 17.24 8.48
N GLY G 42 -16.29 18.22 7.58
CA GLY G 42 -17.42 18.99 7.03
C GLY G 42 -17.97 20.07 7.95
N SER G 43 -17.29 20.36 9.06
CA SER G 43 -17.68 21.44 9.97
C SER G 43 -17.18 22.80 9.47
N ASN G 44 -16.08 22.80 8.71
CA ASN G 44 -15.58 24.02 8.05
C ASN G 44 -16.50 24.50 6.92
N ILE G 45 -17.34 23.61 6.39
CA ILE G 45 -18.43 23.98 5.49
C ILE G 45 -19.46 24.81 6.28
N ASP G 46 -19.86 24.30 7.44
CA ASP G 46 -20.84 24.96 8.32
C ASP G 46 -20.35 26.30 8.84
N CYS G 47 -19.08 26.36 9.23
CA CYS G 47 -18.46 27.58 9.75
C CYS G 47 -18.53 28.72 8.74
N GLU G 48 -18.05 28.46 7.52
CA GLU G 48 -18.03 29.48 6.45
C GLU G 48 -19.41 29.84 5.91
N LYS G 49 -20.39 28.96 6.06
CA LYS G 49 -21.79 29.28 5.75
C LYS G 49 -22.32 30.34 6.71
N LEU G 50 -22.18 30.08 8.01
CA LEU G 50 -22.64 30.99 9.07
C LEU G 50 -21.83 32.30 9.10
N ARG G 51 -20.54 32.21 8.77
CA ARG G 51 -19.66 33.40 8.73
C ARG G 51 -20.16 34.43 7.72
N ARG G 52 -20.49 33.96 6.52
CA ARG G 52 -21.12 34.81 5.49
C ARG G 52 -22.54 35.22 5.92
N ARG G 53 -23.29 34.29 6.50
CA ARG G 53 -24.70 34.50 6.83
C ARG G 53 -24.95 35.55 7.91
N PHE G 54 -24.15 35.52 8.98
CA PHE G 54 -24.26 36.53 10.04
C PHE G 54 -23.64 37.88 9.63
N SER G 55 -22.58 37.84 8.83
CA SER G 55 -22.02 39.06 8.23
C SER G 55 -22.99 39.69 7.20
N SER G 56 -23.76 38.84 6.51
CA SER G 56 -24.89 39.29 5.68
C SER G 56 -25.98 39.99 6.51
N LEU G 57 -26.20 39.50 7.73
CA LEU G 57 -27.14 40.12 8.70
C LEU G 57 -26.52 41.24 9.57
N HIS G 58 -25.37 41.79 9.13
CA HIS G 58 -24.73 42.98 9.72
C HIS G 58 -24.17 42.74 11.14
N PHE G 59 -23.57 41.56 11.36
CA PHE G 59 -22.87 41.25 12.61
C PHE G 59 -21.36 41.27 12.38
N MET G 60 -20.62 41.78 13.38
CA MET G 60 -19.16 41.75 13.36
C MET G 60 -18.69 40.33 13.70
N VAL G 61 -18.61 39.49 12.66
CA VAL G 61 -18.36 38.06 12.83
C VAL G 61 -16.88 37.77 13.09
N GLU G 62 -16.60 36.81 13.98
CA GLU G 62 -15.25 36.36 14.29
C GLU G 62 -15.22 34.86 14.59
N VAL G 63 -14.48 34.10 13.77
CA VAL G 63 -14.30 32.66 13.95
C VAL G 63 -13.03 32.38 14.77
N LYS G 64 -13.14 31.44 15.71
CA LYS G 64 -11.98 30.93 16.47
C LYS G 64 -11.98 29.41 16.43
N GLY G 65 -11.09 28.83 15.63
CA GLY G 65 -11.06 27.38 15.38
C GLY G 65 -10.25 26.60 16.40
N ASP G 66 -10.75 25.42 16.78
CA ASP G 66 -10.03 24.46 17.63
C ASP G 66 -9.55 25.07 18.95
N LEU G 67 -10.48 25.61 19.71
CA LEU G 67 -10.20 26.17 21.04
C LEU G 67 -10.22 25.08 22.10
N THR G 68 -9.28 25.14 23.03
CA THR G 68 -9.29 24.29 24.23
C THR G 68 -10.38 24.75 25.22
N ALA G 69 -10.64 23.92 26.23
CA ALA G 69 -11.70 24.16 27.22
C ALA G 69 -11.60 25.53 27.89
N LYS G 70 -10.40 25.89 28.33
CA LYS G 70 -10.14 27.19 28.97
C LYS G 70 -10.24 28.34 27.97
N LYS G 71 -9.67 28.14 26.78
CA LYS G 71 -9.72 29.15 25.70
C LYS G 71 -11.15 29.43 25.21
N MET G 72 -12.02 28.42 25.26
CA MET G 72 -13.46 28.62 24.98
C MET G 72 -14.12 29.53 26.02
N VAL G 73 -13.79 29.31 27.30
CA VAL G 73 -14.30 30.14 28.40
C VAL G 73 -13.72 31.56 28.30
N LEU G 74 -12.44 31.66 27.99
CA LEU G 74 -11.75 32.95 27.80
C LEU G 74 -12.30 33.74 26.61
N ALA G 75 -12.56 33.06 25.50
CA ALA G 75 -13.11 33.68 24.29
C ALA G 75 -14.53 34.23 24.51
N LEU G 76 -15.33 33.51 25.29
CA LEU G 76 -16.69 33.96 25.65
C LEU G 76 -16.65 35.10 26.67
N LEU G 77 -15.76 35.01 27.65
CA LEU G 77 -15.52 36.11 28.59
C LEU G 77 -14.98 37.36 27.89
N GLU G 78 -14.13 37.16 26.87
CA GLU G 78 -13.64 38.25 26.01
C GLU G 78 -14.77 38.93 25.22
N LEU G 79 -15.76 38.15 24.79
CA LEU G 79 -16.94 38.68 24.11
C LEU G 79 -17.84 39.46 25.09
N ALA G 80 -18.02 38.94 26.30
CA ALA G 80 -18.80 39.60 27.35
C ALA G 80 -18.13 40.89 27.86
N ARG G 81 -16.80 40.91 27.86
CA ARG G 81 -16.02 42.06 28.34
C ARG G 81 -16.13 43.29 27.42
N GLN G 82 -16.44 43.08 26.14
CA GLN G 82 -16.60 44.19 25.18
C GLN G 82 -17.79 45.09 25.52
N ASP G 83 -17.70 46.34 25.07
CA ASP G 83 -18.77 47.33 25.27
C ASP G 83 -19.85 47.14 24.19
N HIS G 84 -21.00 46.61 24.60
CA HIS G 84 -22.19 46.47 23.73
C HIS G 84 -23.17 47.63 23.91
N GLY G 85 -22.65 48.85 24.02
CA GLY G 85 -23.48 50.04 24.20
C GLY G 85 -24.17 50.43 22.89
N ALA G 86 -23.35 50.61 21.85
CA ALA G 86 -23.85 50.88 20.50
C ALA G 86 -24.61 49.69 19.88
N LEU G 87 -24.23 48.47 20.28
CA LEU G 87 -24.79 47.25 19.71
C LEU G 87 -26.19 46.94 20.26
N ASP G 88 -27.03 46.36 19.40
CA ASP G 88 -28.41 45.99 19.74
C ASP G 88 -28.60 44.50 20.04
N CYS G 89 -27.68 43.66 19.56
CA CYS G 89 -27.78 42.19 19.70
C CYS G 89 -26.42 41.56 19.98
N CYS G 90 -26.42 40.25 20.22
CA CYS G 90 -25.19 39.46 20.35
C CYS G 90 -25.46 37.98 20.10
N VAL G 91 -24.62 37.36 19.26
CA VAL G 91 -24.78 35.95 18.87
C VAL G 91 -23.54 35.16 19.28
N VAL G 92 -23.75 33.87 19.61
CA VAL G 92 -22.66 32.93 19.84
C VAL G 92 -23.04 31.62 19.14
N VAL G 93 -22.17 31.14 18.26
CA VAL G 93 -22.34 29.84 17.61
C VAL G 93 -21.23 28.90 18.11
N ILE G 94 -21.59 27.65 18.41
CA ILE G 94 -20.62 26.64 18.85
C ILE G 94 -20.80 25.35 18.04
N LEU G 95 -19.81 25.05 17.20
CA LEU G 95 -19.76 23.81 16.42
C LEU G 95 -18.73 22.88 17.07
N SER G 96 -19.19 21.84 17.74
CA SER G 96 -18.31 20.88 18.42
C SER G 96 -19.04 19.57 18.74
N HIS G 97 -18.31 18.64 19.37
CA HIS G 97 -18.93 17.45 19.98
C HIS G 97 -19.62 17.85 21.27
N GLY G 98 -20.64 17.09 21.63
CA GLY G 98 -21.39 17.31 22.87
C GLY G 98 -21.56 16.04 23.68
N CYS G 99 -22.21 16.18 24.84
CA CYS G 99 -22.50 15.03 25.71
C CYS G 99 -23.62 15.33 26.69
N GLN G 100 -24.36 14.28 27.06
CA GLN G 100 -25.37 14.36 28.11
C GLN G 100 -24.66 14.40 29.46
N ALA G 101 -25.21 15.17 30.40
CA ALA G 101 -24.63 15.27 31.74
C ALA G 101 -25.65 15.74 32.77
N SER G 102 -25.26 15.63 34.04
CA SER G 102 -26.05 16.13 35.16
C SER G 102 -25.97 17.64 35.17
N HIS G 103 -27.11 18.31 34.99
CA HIS G 103 -27.20 19.77 34.97
C HIS G 103 -28.41 20.25 35.78
N LEU G 104 -28.50 21.57 35.99
CA LEU G 104 -29.56 22.17 36.80
C LEU G 104 -30.47 23.11 35.99
N GLN G 105 -29.87 24.13 35.37
CA GLN G 105 -30.62 25.14 34.62
C GLN G 105 -30.86 24.72 33.16
N PHE G 106 -29.78 24.59 32.38
CA PHE G 106 -29.84 24.22 30.97
C PHE G 106 -29.28 22.83 30.74
N PRO G 107 -29.86 22.06 29.80
CA PRO G 107 -29.26 20.78 29.42
C PRO G 107 -28.07 20.97 28.48
N GLY G 108 -27.27 19.90 28.33
CA GLY G 108 -26.20 19.83 27.34
C GLY G 108 -24.88 20.47 27.73
N ALA G 109 -23.81 19.96 27.12
CA ALA G 109 -22.46 20.53 27.24
C ALA G 109 -21.72 20.40 25.90
N VAL G 110 -20.68 21.20 25.70
CA VAL G 110 -19.89 21.18 24.46
C VAL G 110 -18.40 21.01 24.76
N TYR G 111 -17.75 20.14 23.99
CA TYR G 111 -16.34 19.78 24.24
C TYR G 111 -15.37 20.78 23.63
N GLY G 112 -14.27 21.03 24.34
CA GLY G 112 -13.09 21.69 23.78
C GLY G 112 -12.20 20.68 23.09
N THR G 113 -11.14 21.17 22.46
CA THR G 113 -10.19 20.30 21.76
C THR G 113 -9.42 19.35 22.70
N ASP G 114 -9.15 19.82 23.92
CA ASP G 114 -8.43 19.04 24.94
C ASP G 114 -9.22 17.83 25.49
N GLY G 115 -10.55 17.90 25.43
CA GLY G 115 -11.42 16.82 25.92
C GLY G 115 -12.25 17.15 27.16
N CYS G 116 -11.91 18.25 27.85
CA CYS G 116 -12.67 18.74 29.00
C CYS G 116 -13.92 19.48 28.53
N PRO G 117 -15.11 19.06 29.00
CA PRO G 117 -16.34 19.70 28.52
C PRO G 117 -16.63 21.04 29.19
N VAL G 118 -17.40 21.88 28.50
CA VAL G 118 -17.90 23.16 29.03
C VAL G 118 -19.42 23.16 28.88
N SER G 119 -20.13 23.31 29.99
CA SER G 119 -21.59 23.21 30.00
C SER G 119 -22.26 24.42 29.34
N VAL G 120 -23.37 24.18 28.66
CA VAL G 120 -24.19 25.23 28.05
C VAL G 120 -24.71 26.17 29.13
N GLU G 121 -25.10 25.59 30.26
CA GLU G 121 -25.46 26.29 31.49
C GLU G 121 -24.44 27.38 31.87
N LYS G 122 -23.15 27.01 31.83
CA LYS G 122 -22.06 27.94 32.16
C LYS G 122 -21.88 29.02 31.10
N ILE G 123 -22.00 28.66 29.82
CA ILE G 123 -21.79 29.58 28.70
C ILE G 123 -22.83 30.71 28.68
N VAL G 124 -24.09 30.37 28.90
CA VAL G 124 -25.18 31.35 28.89
C VAL G 124 -25.11 32.33 30.05
N ASN G 125 -24.82 31.82 31.25
CA ASN G 125 -24.75 32.66 32.45
C ASN G 125 -23.58 33.67 32.49
N ILE G 126 -22.61 33.52 31.58
CA ILE G 126 -21.58 34.56 31.36
C ILE G 126 -22.19 35.87 30.85
N PHE G 127 -23.17 35.76 29.95
CA PHE G 127 -23.75 36.93 29.28
C PHE G 127 -25.00 37.52 29.96
N ASN G 128 -25.37 37.03 31.15
CA ASN G 128 -26.57 37.51 31.86
C ASN G 128 -26.46 38.96 32.33
N GLY G 129 -27.58 39.51 32.80
CA GLY G 129 -27.69 40.92 33.21
C GLY G 129 -26.71 41.41 34.26
N THR G 130 -26.36 40.53 35.20
CA THR G 130 -25.41 40.87 36.28
C THR G 130 -23.97 40.89 35.74
N SER G 131 -23.58 39.83 35.05
CA SER G 131 -22.19 39.66 34.58
C SER G 131 -21.83 40.54 33.38
N CYS G 132 -22.74 40.60 32.40
CA CYS G 132 -22.58 41.45 31.21
C CYS G 132 -23.70 42.50 31.17
N PRO G 133 -23.51 43.62 31.87
CA PRO G 133 -24.57 44.64 31.95
C PRO G 133 -24.78 45.48 30.68
N SER G 134 -23.80 45.46 29.75
CA SER G 134 -23.92 46.18 28.48
C SER G 134 -25.00 45.60 27.56
N LEU G 135 -25.19 44.27 27.63
CA LEU G 135 -26.26 43.57 26.88
C LEU G 135 -27.59 43.49 27.65
N GLY G 136 -27.76 44.30 28.70
CA GLY G 136 -28.99 44.31 29.48
C GLY G 136 -30.17 44.76 28.65
N GLY G 137 -31.23 43.97 28.66
CA GLY G 137 -32.41 44.24 27.85
C GLY G 137 -32.24 44.00 26.35
N LYS G 138 -31.22 43.22 25.97
CA LYS G 138 -30.89 42.96 24.57
C LYS G 138 -30.85 41.45 24.32
N PRO G 139 -31.30 41.00 23.13
CA PRO G 139 -31.33 39.56 22.85
C PRO G 139 -29.92 38.94 22.77
N LYS G 140 -29.76 37.78 23.40
CA LYS G 140 -28.48 37.07 23.48
C LYS G 140 -28.64 35.67 22.91
N LEU G 141 -28.40 35.52 21.62
CA LEU G 141 -28.66 34.26 20.91
C LEU G 141 -27.49 33.28 21.07
N PHE G 142 -27.84 31.98 21.12
CA PHE G 142 -26.87 30.89 21.19
C PHE G 142 -27.29 29.77 20.23
N PHE G 143 -26.39 29.41 19.31
CA PHE G 143 -26.62 28.32 18.35
C PHE G 143 -25.64 27.19 18.64
N ILE G 144 -26.15 26.08 19.19
CA ILE G 144 -25.33 24.97 19.65
C ILE G 144 -25.45 23.76 18.71
N GLN G 145 -24.48 23.62 17.81
CA GLN G 145 -24.34 22.42 16.98
C GLN G 145 -23.50 21.41 17.77
N ALA G 146 -24.19 20.54 18.49
CA ALA G 146 -23.54 19.49 19.28
C ALA G 146 -24.54 18.42 19.69
N CYS G 147 -24.03 17.22 19.95
CA CYS G 147 -24.88 16.08 20.33
C CYS G 147 -25.44 16.27 21.73
N GLY G 148 -26.68 15.84 21.92
CA GLY G 148 -27.34 15.88 23.23
C GLY G 148 -26.86 14.72 24.09
N GLY G 149 -26.84 13.53 23.50
CA GLY G 149 -26.35 12.32 24.16
C GLY G 149 -25.97 11.23 23.16
N GLU G 150 -25.88 10.00 23.65
CA GLU G 150 -25.45 8.85 22.83
C GLU G 150 -26.58 8.14 22.08
N GLN G 151 -27.83 8.48 22.37
CA GLN G 151 -28.98 7.75 21.85
C GLN G 151 -29.29 8.12 20.40
N LYS G 152 -29.51 7.11 19.56
CA LYS G 152 -29.88 7.30 18.16
C LYS G 152 -31.36 6.94 17.99
N ASP G 153 -32.11 7.81 17.33
CA ASP G 153 -33.58 7.72 17.28
C ASP G 153 -34.07 7.18 15.94
N HIS G 154 -34.78 6.05 15.99
CA HIS G 154 -35.49 5.50 14.82
C HIS G 154 -36.84 6.17 14.60
N GLY G 155 -37.44 6.69 15.67
CA GLY G 155 -38.69 7.44 15.58
C GLY G 155 -39.91 6.56 15.35
N PHE G 156 -40.88 7.09 14.61
CA PHE G 156 -42.12 6.38 14.29
C PHE G 156 -42.72 6.86 12.97
N GLU G 157 -43.73 6.14 12.49
CA GLU G 157 -44.35 6.41 11.18
C GLU G 157 -45.62 7.26 11.32
N VAL G 158 -45.80 8.19 10.38
CA VAL G 158 -47.03 9.00 10.27
C VAL G 158 -47.40 9.18 8.80
N SER G 193 -38.21 50.82 37.02
CA SER G 193 -38.19 49.95 35.84
C SER G 193 -37.10 48.86 35.95
N SER G 194 -37.46 47.75 36.59
CA SER G 194 -36.56 46.60 36.74
C SER G 194 -36.84 45.55 35.67
N LEU G 195 -35.79 44.81 35.30
CA LEU G 195 -35.89 43.68 34.37
C LEU G 195 -35.16 42.47 35.00
N PRO G 196 -35.67 41.24 34.81
CA PRO G 196 -35.03 40.07 35.46
C PRO G 196 -33.61 39.80 34.94
N THR G 197 -32.78 39.19 35.80
CA THR G 197 -31.37 38.95 35.50
C THR G 197 -31.14 38.05 34.27
N PRO G 198 -31.79 36.88 34.20
CA PRO G 198 -31.59 35.99 33.05
C PRO G 198 -32.61 36.25 31.93
N SER G 199 -32.81 37.52 31.57
CA SER G 199 -33.79 37.91 30.56
C SER G 199 -33.15 37.98 29.19
N ASP G 200 -33.95 37.75 28.15
CA ASP G 200 -33.54 37.87 26.74
C ASP G 200 -32.46 36.85 26.34
N ILE G 201 -32.60 35.62 26.84
CA ILE G 201 -31.71 34.49 26.51
C ILE G 201 -32.42 33.62 25.48
N PHE G 202 -31.64 33.03 24.57
CA PHE G 202 -32.18 32.16 23.53
C PHE G 202 -31.13 31.14 23.07
N VAL G 203 -31.32 29.87 23.48
CA VAL G 203 -30.42 28.78 23.10
C VAL G 203 -31.15 27.87 22.11
N SER G 204 -30.63 27.80 20.88
CA SER G 204 -31.12 26.88 19.86
C SER G 204 -30.29 25.60 19.88
N TYR G 205 -30.92 24.49 20.28
CA TYR G 205 -30.28 23.18 20.28
C TYR G 205 -30.47 22.51 18.92
N SER G 206 -29.38 21.97 18.37
CA SER G 206 -29.41 21.28 17.07
C SER G 206 -30.16 19.95 17.13
N THR G 207 -30.02 19.24 18.25
CA THR G 207 -30.73 17.98 18.48
C THR G 207 -31.36 17.97 19.89
N PHE G 208 -32.32 17.08 20.08
CA PHE G 208 -33.05 16.95 21.36
C PHE G 208 -32.08 16.48 22.47
N PRO G 209 -32.29 16.95 23.73
CA PRO G 209 -31.46 16.50 24.85
C PRO G 209 -31.42 14.99 25.08
N GLY G 210 -30.21 14.43 25.09
CA GLY G 210 -29.99 12.99 25.16
C GLY G 210 -30.06 12.24 23.83
N PHE G 211 -30.00 12.97 22.72
CA PHE G 211 -29.99 12.37 21.37
C PHE G 211 -28.84 12.91 20.52
N VAL G 212 -28.42 12.12 19.53
CA VAL G 212 -27.25 12.42 18.72
C VAL G 212 -27.58 13.43 17.61
N SER G 213 -26.63 14.32 17.33
CA SER G 213 -26.72 15.24 16.18
C SER G 213 -25.94 14.64 15.01
N TRP G 214 -26.56 14.64 13.83
CA TRP G 214 -25.96 14.02 12.64
C TRP G 214 -25.20 15.03 11.78
N ARG G 215 -24.19 14.53 11.08
CA ARG G 215 -23.29 15.36 10.28
C ARG G 215 -22.77 14.56 9.08
N ASP G 216 -23.12 15.02 7.88
CA ASP G 216 -22.54 14.51 6.64
C ASP G 216 -21.20 15.23 6.43
N PRO G 217 -20.13 14.48 6.10
CA PRO G 217 -18.81 15.11 5.97
C PRO G 217 -18.61 16.02 4.75
N LYS G 218 -19.53 15.98 3.78
CA LYS G 218 -19.46 16.84 2.58
C LYS G 218 -20.66 17.79 2.38
N SER G 219 -21.84 17.41 2.85
CA SER G 219 -22.99 18.35 2.92
C SER G 219 -23.12 19.06 4.28
N GLY G 220 -22.16 18.84 5.19
CA GLY G 220 -22.14 19.48 6.50
C GLY G 220 -23.17 18.91 7.48
N SER G 221 -23.38 19.64 8.57
CA SER G 221 -24.38 19.29 9.59
C SER G 221 -25.80 19.48 9.05
N TRP G 222 -26.69 18.54 9.38
CA TRP G 222 -28.12 18.62 9.03
C TRP G 222 -28.78 19.90 9.56
N TYR G 223 -28.42 20.27 10.79
CA TYR G 223 -28.91 21.48 11.43
C TYR G 223 -28.43 22.74 10.71
N VAL G 224 -27.11 22.87 10.56
CA VAL G 224 -26.52 24.11 10.01
C VAL G 224 -26.80 24.30 8.52
N GLU G 225 -26.78 23.20 7.75
CA GLU G 225 -27.19 23.20 6.34
C GLU G 225 -28.62 23.74 6.18
N THR G 226 -29.52 23.21 7.01
CA THR G 226 -30.93 23.63 7.01
C THR G 226 -31.13 25.04 7.57
N LEU G 227 -30.32 25.44 8.54
CA LEU G 227 -30.40 26.78 9.14
C LEU G 227 -30.01 27.86 8.13
N ASP G 228 -28.86 27.67 7.48
CA ASP G 228 -28.35 28.62 6.46
C ASP G 228 -29.28 28.73 5.26
N ASP G 229 -29.90 27.62 4.86
CA ASP G 229 -30.86 27.58 3.75
C ASP G 229 -32.13 28.38 4.04
N ILE G 230 -32.67 28.23 5.24
CA ILE G 230 -33.91 28.91 5.65
C ILE G 230 -33.67 30.41 5.92
N PHE G 231 -32.50 30.75 6.49
CA PHE G 231 -32.11 32.15 6.71
C PHE G 231 -31.89 32.92 5.38
N GLU G 232 -31.39 32.23 4.36
CA GLU G 232 -31.32 32.80 3.00
C GLU G 232 -32.73 33.06 2.45
N GLN G 233 -33.59 32.05 2.52
CA GLN G 233 -34.91 32.08 1.91
C GLN G 233 -35.94 32.95 2.65
N TRP G 234 -35.91 32.94 3.99
CA TRP G 234 -37.00 33.52 4.80
C TRP G 234 -36.64 34.60 5.83
N ALA G 235 -35.36 34.86 6.09
CA ALA G 235 -34.95 35.77 7.18
C ALA G 235 -35.35 37.24 7.00
N HIS G 236 -35.56 37.67 5.76
CA HIS G 236 -35.99 39.04 5.45
C HIS G 236 -37.43 39.36 5.93
N SER G 237 -38.32 38.37 5.83
CA SER G 237 -39.75 38.55 6.15
C SER G 237 -40.22 37.90 7.45
N GLU G 238 -39.42 36.98 8.03
CA GLU G 238 -39.82 36.24 9.24
C GLU G 238 -38.82 36.39 10.39
N ASP G 239 -39.33 36.29 11.62
CA ASP G 239 -38.54 36.48 12.85
C ASP G 239 -37.73 35.22 13.21
N LEU G 240 -36.96 35.29 14.30
CA LEU G 240 -36.06 34.21 14.72
C LEU G 240 -36.75 32.87 14.98
N GLN G 241 -37.74 32.87 15.88
CA GLN G 241 -38.43 31.63 16.26
C GLN G 241 -39.29 31.02 15.13
N SER G 242 -39.74 31.87 14.19
CA SER G 242 -40.45 31.39 12.99
C SER G 242 -39.51 30.69 11.99
N LEU G 243 -38.28 31.18 11.88
CA LEU G 243 -37.24 30.53 11.07
C LEU G 243 -36.88 29.16 11.64
N LEU G 244 -36.59 29.13 12.95
CA LEU G 244 -36.19 27.90 13.64
C LEU G 244 -37.30 26.85 13.77
N LEU G 245 -38.56 27.28 13.60
CA LEU G 245 -39.67 26.33 13.43
C LEU G 245 -39.52 25.56 12.11
N ARG G 246 -39.26 26.28 11.02
CA ARG G 246 -39.03 25.67 9.69
C ARG G 246 -37.81 24.74 9.71
N VAL G 247 -36.74 25.18 10.37
CA VAL G 247 -35.52 24.37 10.53
C VAL G 247 -35.82 23.07 11.26
N ALA G 248 -36.57 23.18 12.35
CA ALA G 248 -37.02 22.01 13.13
C ALA G 248 -37.87 21.05 12.28
N ASN G 249 -38.81 21.61 11.52
CA ASN G 249 -39.66 20.83 10.63
C ASN G 249 -38.89 20.23 9.45
N ALA G 250 -37.85 20.94 8.98
CA ALA G 250 -37.00 20.48 7.88
C ALA G 250 -36.07 19.36 8.30
N VAL G 251 -35.41 19.52 9.44
CA VAL G 251 -34.45 18.53 9.96
C VAL G 251 -35.16 17.25 10.45
N SER G 252 -36.41 17.37 10.91
CA SER G 252 -37.17 16.21 11.39
C SER G 252 -37.41 15.15 10.31
N VAL G 253 -37.71 15.60 9.09
CA VAL G 253 -38.02 14.69 7.97
C VAL G 253 -36.78 14.01 7.35
N LYS G 254 -35.57 14.44 7.72
CA LYS G 254 -34.34 13.91 7.11
C LYS G 254 -34.01 12.48 7.55
N GLY G 255 -33.63 11.64 6.58
CA GLY G 255 -32.92 10.39 6.81
C GLY G 255 -33.68 9.25 7.47
N ILE G 256 -32.97 8.14 7.66
CA ILE G 256 -33.48 6.97 8.40
C ILE G 256 -33.36 7.28 9.90
N TYR G 257 -32.16 7.62 10.33
CA TYR G 257 -31.93 8.13 11.69
C TYR G 257 -32.37 9.59 11.75
N LYS G 258 -33.03 9.97 12.84
CA LYS G 258 -33.76 11.24 12.93
C LYS G 258 -33.28 12.09 14.11
N GLN G 259 -33.47 13.40 13.99
CA GLN G 259 -33.22 14.34 15.09
C GLN G 259 -34.25 15.47 15.09
N MET G 260 -34.52 16.01 16.28
CA MET G 260 -35.53 17.06 16.50
C MET G 260 -34.86 18.28 17.11
N PRO G 261 -34.55 19.31 16.28
CA PRO G 261 -34.03 20.57 16.83
C PRO G 261 -35.10 21.37 17.57
N GLY G 262 -34.66 22.16 18.54
CA GLY G 262 -35.57 23.00 19.32
C GLY G 262 -34.85 24.14 19.99
N CYS G 263 -35.64 25.03 20.60
CA CYS G 263 -35.12 26.26 21.21
C CYS G 263 -35.65 26.42 22.62
N PHE G 264 -34.77 26.84 23.53
CA PHE G 264 -35.14 27.12 24.92
C PHE G 264 -35.26 28.64 25.05
N ASN G 265 -36.48 29.13 24.87
CA ASN G 265 -36.74 30.57 24.68
C ASN G 265 -36.95 31.31 26.00
N PHE G 266 -36.22 32.42 26.16
CA PHE G 266 -36.45 33.37 27.25
C PHE G 266 -36.35 34.81 26.74
N LEU G 267 -37.09 35.08 25.68
CA LEU G 267 -37.14 36.41 25.05
C LEU G 267 -38.48 37.06 25.34
N ARG G 268 -38.48 38.38 25.48
CA ARG G 268 -39.69 39.17 25.75
C ARG G 268 -40.35 39.65 24.46
N LYS G 269 -39.55 39.94 23.44
CA LYS G 269 -40.04 40.44 22.15
C LYS G 269 -39.61 39.52 21.00
N LYS G 270 -40.18 39.74 19.82
CA LYS G 270 -39.76 39.07 18.59
C LYS G 270 -38.43 39.63 18.08
N LEU G 271 -37.69 38.83 17.30
CA LEU G 271 -36.36 39.23 16.80
C LEU G 271 -36.27 39.10 15.28
N PHE G 272 -36.64 40.17 14.57
CA PHE G 272 -36.48 40.26 13.12
C PHE G 272 -35.07 40.75 12.80
N PHE G 273 -34.31 39.95 12.04
CA PHE G 273 -32.95 40.32 11.64
C PHE G 273 -32.97 41.42 10.56
N LYS G 274 -31.94 42.26 10.58
CA LYS G 274 -31.76 43.30 9.56
C LYS G 274 -31.07 42.71 8.32
N THR G 275 -31.78 42.68 7.20
CA THR G 275 -31.24 42.23 5.91
C THR G 275 -31.14 43.40 4.93
N SER G 276 -30.16 43.31 4.02
CA SER G 276 -29.89 44.35 3.00
C SER G 276 -29.63 45.73 3.60
N THR H 1 -13.69 -11.18 6.74
CA THR H 1 -13.49 -12.33 7.68
C THR H 1 -12.15 -12.28 8.43
N PRO H 2 -11.04 -11.90 7.74
CA PRO H 2 -9.77 -11.69 8.47
C PRO H 2 -9.75 -10.40 9.30
N GLU H 3 -10.35 -9.34 8.78
CA GLU H 3 -10.42 -8.03 9.45
C GLU H 3 -11.16 -8.04 10.80
N SER H 4 -12.25 -8.80 10.87
CA SER H 4 -13.19 -8.75 12.01
C SER H 4 -13.90 -10.10 12.23
N VAL H 5 -14.54 -10.22 13.38
CA VAL H 5 -15.20 -11.45 13.80
C VAL H 5 -16.69 -11.21 14.08
N SER H 6 -17.54 -12.16 13.69
CA SER H 6 -18.99 -12.07 13.91
C SER H 6 -19.40 -12.75 15.23
N GLU H 7 -18.83 -13.92 15.51
CA GLU H 7 -19.07 -14.68 16.74
C GLU H 7 -17.75 -14.97 17.45
N LEU H 8 -17.74 -14.86 18.78
CA LEU H 8 -16.51 -14.99 19.56
C LEU H 8 -16.01 -16.44 19.66
N ASN H 9 -14.72 -16.64 19.38
CA ASN H 9 -14.06 -17.95 19.45
C ASN H 9 -13.51 -18.24 20.85
N HIS H 10 -12.89 -19.41 21.02
CA HIS H 10 -12.18 -19.76 22.26
C HIS H 10 -10.97 -18.87 22.57
N ASN H 11 -10.35 -18.31 21.52
CA ASN H 11 -9.24 -17.36 21.65
C ASN H 11 -9.64 -16.02 22.27
N HIS H 12 -10.93 -15.68 22.16
CA HIS H 12 -11.45 -14.38 22.62
C HIS H 12 -11.71 -14.31 24.13
N PHE H 13 -11.65 -15.45 24.83
CA PHE H 13 -11.82 -15.47 26.30
C PHE H 13 -10.60 -14.90 27.01
N LEU H 14 -10.79 -14.57 28.28
CA LEU H 14 -9.73 -13.97 29.09
C LEU H 14 -8.67 -15.01 29.46
N SER H 15 -7.40 -14.64 29.26
CA SER H 15 -6.26 -15.46 29.70
C SER H 15 -6.10 -15.39 31.23
N PRO H 16 -5.38 -16.36 31.83
CA PRO H 16 -5.12 -16.29 33.28
C PRO H 16 -4.35 -15.04 33.75
N GLU H 17 -3.58 -14.41 32.85
CA GLU H 17 -2.94 -13.13 33.12
C GLU H 17 -3.96 -12.01 33.27
N LEU H 18 -4.87 -11.90 32.30
CA LEU H 18 -5.92 -10.87 32.31
C LEU H 18 -7.05 -11.15 33.32
N GLN H 19 -7.33 -12.43 33.58
CA GLN H 19 -8.33 -12.83 34.57
C GLN H 19 -7.92 -12.43 36.00
N ASP H 20 -6.64 -12.62 36.33
CA ASP H 20 -6.09 -12.25 37.63
C ASP H 20 -6.04 -10.73 37.83
N LYS H 21 -5.73 -9.99 36.76
CA LYS H 21 -5.76 -8.52 36.77
C LYS H 21 -7.18 -7.97 36.94
N LEU H 22 -8.18 -8.69 36.43
CA LEU H 22 -9.59 -8.30 36.55
C LEU H 22 -10.08 -8.45 37.98
N ASP H 23 -9.78 -9.59 38.60
CA ASP H 23 -10.23 -9.88 39.97
C ASP H 23 -9.62 -8.96 41.04
N VAL H 24 -8.41 -8.47 40.80
CA VAL H 24 -7.74 -7.52 41.69
C VAL H 24 -8.46 -6.16 41.67
N MET H 25 -8.77 -5.67 40.47
CA MET H 25 -9.49 -4.38 40.33
C MET H 25 -10.94 -4.43 40.83
N VAL H 26 -11.61 -5.56 40.66
CA VAL H 26 -13.00 -5.73 41.11
C VAL H 26 -13.12 -5.70 42.64
N SER H 27 -12.21 -6.40 43.33
CA SER H 27 -12.19 -6.42 44.79
C SER H 27 -11.77 -5.08 45.40
N ILE H 28 -10.77 -4.44 44.80
CA ILE H 28 -10.29 -3.13 45.25
C ILE H 28 -11.33 -2.02 45.06
N TYR H 29 -12.05 -2.04 43.94
CA TYR H 29 -13.10 -1.06 43.65
C TYR H 29 -14.28 -1.17 44.62
N SER H 30 -14.73 -2.40 44.88
CA SER H 30 -15.88 -2.65 45.75
C SER H 30 -15.56 -2.36 47.22
N CYS H 31 -14.39 -2.80 47.68
CA CYS H 31 -13.95 -2.57 49.07
C CYS H 31 -13.54 -1.12 49.38
N ALA H 32 -13.21 -0.34 48.35
CA ALA H 32 -12.78 1.06 48.54
C ALA H 32 -13.95 1.98 48.92
N ARG H 33 -13.61 3.11 49.55
CA ARG H 33 -14.58 4.09 50.04
C ARG H 33 -14.40 5.44 49.36
N ASN H 34 -13.23 6.05 49.56
CA ASN H 34 -12.93 7.41 49.10
C ASN H 34 -12.25 7.45 47.73
N ASN H 35 -12.24 8.63 47.12
CA ASN H 35 -11.62 8.85 45.81
C ASN H 35 -10.09 8.69 45.82
N ASN H 36 -9.46 9.03 46.95
CA ASN H 36 -8.00 8.89 47.11
C ASN H 36 -7.52 7.43 47.09
N GLU H 37 -8.37 6.50 47.57
CA GLU H 37 -8.08 5.06 47.53
C GLU H 37 -8.08 4.50 46.10
N LEU H 38 -8.96 5.02 45.24
CA LEU H 38 -9.12 4.54 43.86
C LEU H 38 -8.13 5.14 42.84
N GLU H 39 -7.22 6.03 43.28
CA GLU H 39 -6.25 6.68 42.38
C GLU H 39 -5.24 5.69 41.76
N GLU H 40 -4.90 4.64 42.50
CA GLU H 40 -4.02 3.57 41.98
C GLU H 40 -4.70 2.75 40.87
N ILE H 41 -6.01 2.53 41.02
CA ILE H 41 -6.82 1.82 40.01
C ILE H 41 -7.07 2.69 38.77
N PHE H 42 -7.22 3.99 38.98
CA PHE H 42 -7.39 4.95 37.87
C PHE H 42 -6.19 4.98 36.92
N GLN H 43 -4.98 4.94 37.48
CA GLN H 43 -3.75 4.95 36.68
C GLN H 43 -3.53 3.67 35.85
N GLU H 44 -4.11 2.55 36.29
CA GLU H 44 -4.06 1.29 35.53
C GLU H 44 -4.90 1.38 34.25
N LEU H 45 -6.16 1.75 34.39
CA LEU H 45 -7.09 1.83 33.25
C LEU H 45 -6.69 2.90 32.23
N SER H 46 -6.32 4.09 32.70
CA SER H 46 -5.86 5.18 31.81
C SER H 46 -4.55 4.84 31.08
N ALA H 47 -3.72 3.99 31.69
CA ALA H 47 -2.54 3.42 31.02
C ALA H 47 -2.91 2.26 30.10
N PHE H 48 -3.87 1.43 30.54
CA PHE H 48 -4.34 0.27 29.76
C PHE H 48 -5.15 0.67 28.53
N VAL H 49 -6.06 1.63 28.70
CA VAL H 49 -6.91 2.12 27.61
C VAL H 49 -6.11 2.89 26.55
N SER H 50 -5.16 3.71 26.98
CA SER H 50 -4.26 4.42 26.07
C SER H 50 -3.33 3.46 25.31
N GLY H 51 -2.91 2.39 26.00
CA GLY H 51 -2.16 1.29 25.36
C GLY H 51 -3.02 0.47 24.41
N LEU H 52 -4.27 0.22 24.82
CA LEU H 52 -5.28 -0.45 23.96
C LEU H 52 -5.61 0.40 22.73
N MET H 53 -5.60 1.72 22.88
CA MET H 53 -5.82 2.66 21.77
C MET H 53 -4.66 2.63 20.77
N ASP H 54 -3.43 2.60 21.27
CA ASP H 54 -2.24 2.45 20.41
C ASP H 54 -2.20 1.08 19.72
N LYS H 55 -2.65 0.05 20.44
CA LYS H 55 -2.69 -1.32 19.90
C LYS H 55 -3.65 -1.48 18.72
N ARG H 56 -4.73 -0.71 18.69
CA ARG H 56 -5.65 -0.69 17.56
C ARG H 56 -5.02 -0.05 16.32
N ASN H 57 -4.30 1.05 16.52
CA ASN H 57 -3.69 1.79 15.40
C ASN H 57 -2.51 1.08 14.73
N SER H 58 -1.89 0.11 15.41
CA SER H 58 -0.83 -0.73 14.83
C SER H 58 -1.38 -2.00 14.17
N VAL H 59 -2.43 -2.57 14.74
CA VAL H 59 -3.05 -3.81 14.22
C VAL H 59 -3.97 -3.56 13.01
N PHE H 60 -4.80 -2.51 13.08
CA PHE H 60 -5.87 -2.28 12.10
C PHE H 60 -5.68 -1.02 11.26
N GLU H 61 -6.23 -1.07 10.04
CA GLU H 61 -6.32 0.07 9.12
C GLU H 61 -7.78 0.36 8.80
N VAL H 62 -8.07 1.59 8.38
CA VAL H 62 -9.39 1.97 7.89
C VAL H 62 -9.23 2.64 6.52
N ARG H 63 -9.51 1.88 5.46
CA ARG H 63 -9.43 2.36 4.09
C ARG H 63 -10.72 3.09 3.71
N ASN H 64 -10.56 4.19 2.97
CA ASN H 64 -11.68 4.94 2.39
C ASN H 64 -12.61 5.57 3.45
N GLU H 65 -12.03 6.37 4.35
CA GLU H 65 -12.82 7.10 5.36
C GLU H 65 -13.72 8.14 4.72
N ASN H 66 -14.76 8.56 5.45
CA ASN H 66 -15.67 9.63 5.04
C ASN H 66 -16.38 9.38 3.69
N THR H 67 -16.66 8.11 3.40
CA THR H 67 -17.35 7.68 2.16
C THR H 67 -18.29 6.51 2.41
N ASP H 68 -19.21 6.27 1.48
CA ASP H 68 -20.15 5.13 1.58
C ASP H 68 -19.45 3.77 1.54
N GLU H 69 -18.31 3.69 0.85
CA GLU H 69 -17.54 2.45 0.69
C GLU H 69 -16.37 2.35 1.69
N VAL H 70 -16.65 2.60 2.98
CA VAL H 70 -15.63 2.44 4.03
C VAL H 70 -15.47 0.95 4.31
N VAL H 71 -14.22 0.50 4.36
CA VAL H 71 -13.89 -0.89 4.68
C VAL H 71 -12.74 -0.93 5.68
N GLY H 72 -12.90 -1.74 6.73
CA GLY H 72 -11.83 -2.01 7.68
C GLY H 72 -10.89 -3.06 7.11
N ALA H 73 -9.67 -3.11 7.66
CA ALA H 73 -8.68 -4.10 7.23
C ALA H 73 -7.51 -4.18 8.20
N LEU H 74 -6.81 -5.32 8.16
CA LEU H 74 -5.57 -5.50 8.93
C LEU H 74 -4.43 -4.77 8.23
N ARG H 75 -3.50 -4.24 9.03
CA ARG H 75 -2.31 -3.56 8.51
C ARG H 75 -1.33 -4.59 7.96
N ALA H 76 -0.46 -4.14 7.05
CA ALA H 76 0.52 -5.01 6.38
C ALA H 76 1.44 -5.73 7.37
N GLY H 77 1.52 -7.05 7.25
CA GLY H 77 2.36 -7.87 8.11
C GLY H 77 1.78 -8.04 9.51
N MET H 78 0.49 -8.41 9.57
CA MET H 78 -0.23 -8.55 10.84
C MET H 78 -1.21 -9.73 10.77
N THR H 79 -1.10 -10.65 11.72
CA THR H 79 -1.81 -11.93 11.68
C THR H 79 -3.20 -11.87 12.34
N ILE H 80 -3.93 -12.99 12.27
CA ILE H 80 -5.19 -13.18 12.99
C ILE H 80 -4.98 -13.24 14.51
N GLU H 81 -3.79 -13.69 14.93
CA GLU H 81 -3.42 -13.70 16.36
C GLU H 81 -3.31 -12.28 16.96
N ASP H 82 -2.88 -11.32 16.14
CA ASP H 82 -2.82 -9.90 16.53
C ASP H 82 -4.22 -9.28 16.69
N ARG H 83 -5.17 -9.73 15.85
CA ARG H 83 -6.58 -9.31 15.96
C ARG H 83 -7.19 -9.83 17.26
N ASP H 84 -7.03 -11.13 17.51
CA ASP H 84 -7.62 -11.77 18.70
C ASP H 84 -7.01 -11.26 20.02
N SER H 85 -5.74 -10.85 19.99
CA SER H 85 -5.10 -10.27 21.17
C SER H 85 -5.71 -8.91 21.56
N TYR H 86 -6.14 -8.14 20.56
CA TYR H 86 -6.88 -6.89 20.80
C TYR H 86 -8.27 -7.17 21.37
N ILE H 87 -8.95 -8.17 20.81
CA ILE H 87 -10.32 -8.50 21.23
C ILE H 87 -10.36 -9.06 22.65
N ARG H 88 -9.29 -9.76 23.05
CA ARG H 88 -9.09 -10.18 24.45
C ARG H 88 -9.03 -8.97 25.38
N ASP H 89 -8.23 -7.98 25.00
CA ASP H 89 -8.14 -6.71 25.74
C ASP H 89 -9.47 -5.94 25.71
N LEU H 90 -10.20 -6.07 24.60
CA LEU H 90 -11.54 -5.48 24.48
C LEU H 90 -12.55 -6.20 25.38
N PHE H 91 -12.41 -7.51 25.52
CA PHE H 91 -13.24 -8.31 26.44
C PHE H 91 -13.01 -7.92 27.89
N PHE H 92 -11.76 -7.62 28.25
CA PHE H 92 -11.41 -7.17 29.60
C PHE H 92 -12.16 -5.90 30.00
N LEU H 93 -12.18 -4.91 29.11
CA LEU H 93 -12.89 -3.65 29.36
C LEU H 93 -14.41 -3.85 29.51
N HIS H 94 -14.98 -4.76 28.72
CA HIS H 94 -16.42 -5.06 28.81
C HIS H 94 -16.78 -5.74 30.13
N SER H 95 -16.08 -6.83 30.43
CA SER H 95 -16.35 -7.62 31.65
C SER H 95 -16.04 -6.86 32.95
N LEU H 96 -15.04 -5.97 32.91
CA LEU H 96 -14.77 -5.08 34.05
C LEU H 96 -15.90 -4.07 34.25
N LYS H 97 -16.45 -3.56 33.14
CA LYS H 97 -17.57 -2.62 33.18
C LYS H 97 -18.86 -3.25 33.71
N VAL H 98 -19.09 -4.53 33.38
CA VAL H 98 -20.26 -5.26 33.88
C VAL H 98 -20.22 -5.43 35.39
N LYS H 99 -19.05 -5.78 35.93
CA LYS H 99 -18.87 -5.96 37.38
C LYS H 99 -18.95 -4.65 38.18
N ILE H 100 -18.49 -3.55 37.59
CA ILE H 100 -18.63 -2.22 38.20
C ILE H 100 -20.10 -1.76 38.22
N GLU H 101 -20.83 -2.04 37.15
CA GLU H 101 -22.29 -1.78 37.09
C GLU H 101 -23.08 -2.61 38.11
N GLU H 102 -22.60 -3.80 38.44
CA GLU H 102 -23.19 -4.63 39.50
C GLU H 102 -22.96 -4.03 40.90
N SER H 103 -21.81 -3.40 41.11
CA SER H 103 -21.51 -2.73 42.38
C SER H 103 -22.32 -1.45 42.56
N ARG H 104 -22.25 -0.58 41.56
CA ARG H 104 -23.01 0.68 41.55
C ARG H 104 -24.50 0.42 41.28
N GLN H 105 -25.31 0.46 42.34
CA GLN H 105 -26.76 0.28 42.25
C GLN H 105 -27.53 1.30 43.09
N GLY H 106 -27.16 1.43 44.37
CA GLY H 106 -27.78 2.39 45.28
C GLY H 106 -27.49 3.84 44.90
N LYS H 107 -26.21 4.18 44.79
CA LYS H 107 -25.76 5.51 44.37
C LYS H 107 -25.35 5.51 42.90
N GLU H 108 -26.36 5.61 42.02
CA GLU H 108 -26.14 5.63 40.56
C GLU H 108 -25.51 6.95 40.07
N ASP H 109 -25.86 8.06 40.70
CA ASP H 109 -25.31 9.40 40.36
C ASP H 109 -24.05 9.73 41.19
N SER H 110 -23.09 8.81 41.19
CA SER H 110 -21.86 8.96 41.97
C SER H 110 -20.82 9.88 41.31
N LYS H 111 -20.76 9.86 39.97
CA LYS H 111 -19.76 10.60 39.17
C LYS H 111 -18.34 10.09 39.47
N CYS H 112 -18.13 8.81 39.15
CA CYS H 112 -16.85 8.13 39.37
C CYS H 112 -15.88 8.38 38.22
N LYS H 113 -14.60 8.54 38.56
CA LYS H 113 -13.53 8.75 37.57
C LYS H 113 -13.15 7.47 36.82
N VAL H 114 -13.20 6.33 37.52
CA VAL H 114 -12.86 5.02 36.93
C VAL H 114 -13.92 4.54 35.93
N TYR H 115 -15.19 4.71 36.26
CA TYR H 115 -16.31 4.31 35.38
C TYR H 115 -16.38 5.14 34.10
N ASN H 116 -16.03 6.43 34.19
CA ASN H 116 -16.02 7.33 33.02
C ASN H 116 -14.97 7.01 31.96
N LEU H 117 -13.94 6.24 32.33
CA LEU H 117 -12.98 5.69 31.36
C LEU H 117 -13.63 4.58 30.52
N LEU H 118 -14.43 3.73 31.18
CA LEU H 118 -15.19 2.66 30.49
C LEU H 118 -16.45 3.15 29.77
N CYS H 119 -16.81 4.43 29.96
CA CYS H 119 -17.87 5.09 29.21
C CYS H 119 -17.28 6.17 28.30
N PRO H 120 -16.69 5.77 27.15
CA PRO H 120 -16.11 6.76 26.24
C PRO H 120 -17.18 7.52 25.45
N HIS H 121 -16.74 8.53 24.70
CA HIS H 121 -17.66 9.38 23.93
C HIS H 121 -18.27 8.60 22.75
N HIS H 122 -19.54 8.90 22.46
CA HIS H 122 -20.32 8.16 21.45
C HIS H 122 -19.79 8.23 20.01
N SER H 123 -18.97 9.24 19.71
CA SER H 123 -18.28 9.35 18.41
C SER H 123 -16.96 8.56 18.34
N SER H 124 -16.46 8.09 19.48
CA SER H 124 -15.12 7.51 19.57
C SER H 124 -14.98 6.13 18.95
N GLU H 125 -13.73 5.71 18.78
CA GLU H 125 -13.39 4.40 18.23
C GLU H 125 -13.72 3.28 19.23
N LEU H 126 -13.37 3.51 20.49
CA LEU H 126 -13.61 2.54 21.58
C LEU H 126 -15.10 2.28 21.83
N TYR H 127 -15.92 3.32 21.68
CA TYR H 127 -17.38 3.21 21.86
C TYR H 127 -18.01 2.26 20.84
N GLY H 128 -17.59 2.38 19.59
CA GLY H 128 -18.07 1.51 18.51
C GLY H 128 -17.75 0.04 18.73
N ASP H 129 -16.56 -0.22 19.29
CA ASP H 129 -16.13 -1.59 19.61
C ASP H 129 -16.85 -2.16 20.84
N LEU H 130 -16.92 -1.37 21.92
CA LEU H 130 -17.54 -1.81 23.17
C LEU H 130 -19.05 -2.06 23.02
N ARG H 131 -19.73 -1.21 22.26
CA ARG H 131 -21.14 -1.43 21.92
C ARG H 131 -21.32 -2.67 21.04
N ALA H 132 -20.37 -2.91 20.15
CA ALA H 132 -20.33 -4.14 19.34
C ALA H 132 -20.06 -5.37 20.20
N MET H 133 -19.14 -5.24 21.15
CA MET H 133 -18.84 -6.32 22.12
C MET H 133 -20.05 -6.69 22.98
N LYS H 134 -20.80 -5.69 23.43
CA LYS H 134 -22.04 -5.91 24.19
C LYS H 134 -23.08 -6.70 23.37
N CYS H 135 -23.18 -6.39 22.08
CA CYS H 135 -24.13 -7.07 21.19
C CYS H 135 -23.79 -8.54 20.94
N LEU H 136 -22.50 -8.89 20.91
CA LEU H 136 -22.07 -10.28 20.72
C LEU H 136 -22.16 -11.11 22.01
N VAL H 137 -21.83 -10.51 23.16
CA VAL H 137 -21.87 -11.22 24.44
C VAL H 137 -23.32 -11.38 24.94
N GLU H 138 -24.00 -10.25 25.13
CA GLU H 138 -25.36 -10.24 25.67
C GLU H 138 -26.47 -10.47 24.64
N GLY H 139 -26.10 -10.67 23.37
CA GLY H 139 -27.05 -11.09 22.33
C GLY H 139 -27.90 -9.95 21.79
N CYS H 140 -27.40 -9.28 20.76
CA CYS H 140 -28.11 -8.23 19.99
C CYS H 140 -28.44 -6.95 20.78
N SER H 141 -29.29 -7.07 21.81
CA SER H 141 -29.73 -5.96 22.67
C SER H 141 -30.73 -4.97 22.03
N ASP H 142 -31.21 -5.28 20.81
CA ASP H 142 -32.22 -4.48 20.09
C ASP H 142 -31.82 -3.00 19.87
N ASP H 143 -30.62 -2.78 19.32
CA ASP H 143 -30.14 -1.43 18.98
C ASP H 143 -30.84 -0.93 17.71
N PHE H 144 -30.77 -1.75 16.65
CA PHE H 144 -31.49 -1.48 15.39
C PHE H 144 -31.91 -2.79 14.68
N ASN H 145 -30.93 -3.68 14.45
CA ASN H 145 -31.17 -5.06 13.99
C ASN H 145 -32.05 -5.27 12.72
N PRO H 146 -31.52 -4.93 11.53
CA PRO H 146 -32.01 -5.47 10.26
C PRO H 146 -31.23 -6.76 9.89
N PHE H 147 -30.93 -6.97 8.60
CA PHE H 147 -29.95 -7.99 8.16
C PHE H 147 -28.46 -7.64 8.43
N ASP H 148 -28.19 -6.51 9.09
CA ASP H 148 -26.82 -6.02 9.29
C ASP H 148 -25.97 -6.95 10.18
N ILE H 149 -24.72 -7.17 9.75
CA ILE H 149 -23.77 -8.01 10.50
C ILE H 149 -23.06 -7.15 11.55
N ILE H 150 -22.80 -7.73 12.72
CA ILE H 150 -22.09 -7.05 13.81
C ILE H 150 -20.63 -7.49 13.82
N ARG H 151 -19.72 -6.51 13.82
CA ARG H 151 -18.27 -6.74 13.74
C ARG H 151 -17.68 -6.51 15.13
N VAL H 152 -16.89 -7.46 15.64
CA VAL H 152 -16.39 -7.39 17.04
C VAL H 152 -15.29 -6.34 17.28
N PRO H 153 -14.55 -5.93 16.22
CA PRO H 153 -13.82 -4.67 16.25
C PRO H 153 -14.37 -3.77 15.15
N ASP H 154 -15.37 -2.95 15.48
CA ASP H 154 -16.11 -2.19 14.48
C ASP H 154 -15.24 -1.05 13.94
N LEU H 155 -14.50 -1.35 12.87
CA LEU H 155 -13.56 -0.40 12.27
C LEU H 155 -14.26 0.69 11.45
N THR H 156 -15.42 0.36 10.88
CA THR H 156 -16.19 1.30 10.06
C THR H 156 -17.08 2.28 10.85
N TYR H 157 -17.20 2.10 12.16
CA TYR H 157 -18.13 2.89 12.99
C TYR H 157 -17.83 4.38 12.96
N ASN H 158 -18.87 5.18 12.70
CA ASN H 158 -18.79 6.64 12.67
C ASN H 158 -17.82 7.21 11.61
N LYS H 159 -17.62 6.44 10.54
CA LYS H 159 -16.71 6.81 9.46
C LYS H 159 -17.40 6.58 8.13
N GLY H 160 -17.89 7.65 7.51
CA GLY H 160 -18.53 7.60 6.20
C GLY H 160 -20.02 7.87 6.22
N SER H 161 -20.51 8.49 5.14
CA SER H 161 -21.93 8.82 4.94
C SER H 161 -22.51 9.78 6.00
N LEU H 162 -22.78 9.26 7.20
CA LEU H 162 -23.36 10.01 8.31
C LEU H 162 -22.53 9.76 9.56
N GLN H 163 -22.22 10.83 10.30
CA GLN H 163 -21.40 10.75 11.50
C GLN H 163 -22.01 11.55 12.65
N CYS H 164 -21.63 11.18 13.88
CA CYS H 164 -22.07 11.85 15.10
C CYS H 164 -21.17 13.06 15.38
N GLY H 165 -21.75 14.25 15.43
CA GLY H 165 -21.01 15.48 15.71
C GLY H 165 -21.68 16.70 15.13
N ALA I 1 -23.40 -63.45 37.64
CA ALA I 1 -23.52 -61.98 37.41
C ALA I 1 -22.84 -61.57 36.11
N LEU I 2 -21.56 -61.93 35.98
CA LEU I 2 -20.77 -61.61 34.79
C LEU I 2 -21.14 -62.49 33.59
N GLU I 3 -21.19 -63.81 33.82
CA GLU I 3 -21.52 -64.79 32.78
C GLU I 3 -23.00 -64.74 32.37
N SER I 4 -23.88 -64.24 33.25
CA SER I 4 -25.31 -64.10 32.97
C SER I 4 -25.62 -63.05 31.88
N LEU I 5 -24.82 -61.98 31.84
CA LEU I 5 -24.94 -60.93 30.82
C LEU I 5 -24.52 -61.39 29.41
N ARG I 6 -23.64 -62.39 29.33
CA ARG I 6 -23.16 -62.94 28.04
C ARG I 6 -24.24 -63.72 27.29
N GLY I 7 -24.89 -64.66 27.98
CA GLY I 7 -25.91 -65.53 27.39
C GLY I 7 -27.35 -65.06 27.58
N ASN I 8 -27.57 -63.76 27.42
CA ASN I 8 -28.90 -63.13 27.55
C ASN I 8 -29.42 -62.74 26.16
N ALA I 9 -30.69 -62.99 25.91
CA ALA I 9 -31.33 -62.66 24.63
C ALA I 9 -31.53 -61.15 24.45
N ASP I 10 -31.89 -60.47 25.54
CA ASP I 10 -32.13 -59.02 25.54
C ASP I 10 -30.83 -58.21 25.45
N LEU I 11 -29.85 -58.56 26.29
CA LEU I 11 -28.65 -57.74 26.51
C LEU I 11 -27.48 -58.02 25.58
N ALA I 12 -27.41 -59.21 24.98
CA ALA I 12 -26.28 -59.61 24.13
C ALA I 12 -26.73 -60.31 22.84
N TYR I 13 -25.91 -60.19 21.79
CA TYR I 13 -26.15 -60.87 20.52
C TYR I 13 -25.80 -62.36 20.65
N ILE I 14 -26.66 -63.21 20.08
CA ILE I 14 -26.44 -64.67 20.09
C ILE I 14 -25.52 -65.05 18.93
N LEU I 15 -24.32 -65.55 19.26
CA LEU I 15 -23.38 -66.09 18.27
C LEU I 15 -23.16 -67.57 18.56
N SER I 16 -24.11 -68.38 18.12
CA SER I 16 -24.15 -69.82 18.39
C SER I 16 -23.47 -70.66 17.30
N MET I 17 -23.78 -70.35 16.03
CA MET I 17 -23.36 -71.17 14.90
C MET I 17 -21.88 -70.94 14.57
N GLU I 18 -21.20 -72.00 14.11
CA GLU I 18 -19.80 -71.96 13.67
C GLU I 18 -19.73 -72.26 12.16
N PRO I 19 -19.20 -71.33 11.34
CA PRO I 19 -18.64 -70.01 11.67
C PRO I 19 -19.71 -68.96 11.99
N CYS I 20 -19.28 -67.82 12.53
CA CYS I 20 -20.16 -66.68 12.78
C CYS I 20 -20.60 -66.03 11.47
N GLY I 21 -19.64 -65.72 10.62
CA GLY I 21 -19.94 -65.15 9.30
C GLY I 21 -18.73 -64.82 8.45
N HIS I 22 -18.98 -64.19 7.31
CA HIS I 22 -17.92 -63.78 6.38
C HIS I 22 -17.18 -62.56 6.92
N CYS I 23 -15.88 -62.47 6.61
CA CYS I 23 -15.04 -61.35 7.01
C CYS I 23 -14.17 -60.87 5.84
N LEU I 24 -14.69 -59.91 5.09
CA LEU I 24 -13.94 -59.30 3.98
C LEU I 24 -12.89 -58.33 4.55
N ILE I 25 -11.67 -58.40 3.99
CA ILE I 25 -10.59 -57.50 4.37
C ILE I 25 -9.95 -56.89 3.13
N ILE I 26 -10.34 -55.65 2.81
CA ILE I 26 -9.75 -54.90 1.70
C ILE I 26 -8.44 -54.30 2.22
N ASN I 27 -7.35 -54.47 1.46
CA ASN I 27 -6.02 -54.01 1.87
C ASN I 27 -5.28 -53.32 0.71
N ASN I 28 -5.49 -52.01 0.59
CA ASN I 28 -4.86 -51.20 -0.45
C ASN I 28 -3.50 -50.69 0.01
N VAL I 29 -2.44 -51.34 -0.46
CA VAL I 29 -1.07 -50.99 -0.12
C VAL I 29 -0.41 -50.19 -1.24
N ASN I 30 -0.42 -50.76 -2.44
CA ASN I 30 0.21 -50.16 -3.63
C ASN I 30 -0.78 -49.36 -4.48
N PHE I 31 -0.48 -48.07 -4.67
CA PHE I 31 -1.34 -47.14 -5.41
C PHE I 31 -0.63 -46.65 -6.67
N CYS I 32 -1.42 -46.08 -7.59
CA CYS I 32 -0.90 -45.62 -8.88
C CYS I 32 -0.11 -44.32 -8.76
N ARG I 33 0.62 -43.99 -9.83
CA ARG I 33 1.50 -42.81 -9.85
C ARG I 33 0.74 -41.49 -10.04
N GLU I 34 -0.32 -41.52 -10.86
CA GLU I 34 -1.09 -40.31 -11.19
C GLU I 34 -1.76 -39.68 -9.97
N SER I 35 -2.29 -40.51 -9.08
CA SER I 35 -2.86 -40.05 -7.80
C SER I 35 -1.79 -39.54 -6.85
N GLY I 36 -0.61 -40.17 -6.89
CA GLY I 36 0.52 -39.78 -6.04
C GLY I 36 0.41 -40.19 -4.59
N LEU I 37 -0.47 -41.15 -4.29
CA LEU I 37 -0.62 -41.68 -2.93
C LEU I 37 0.57 -42.58 -2.63
N ARG I 38 1.27 -42.33 -1.52
CA ARG I 38 2.45 -43.13 -1.15
C ARG I 38 2.07 -44.57 -0.80
N THR I 39 3.02 -45.47 -1.01
CA THR I 39 2.81 -46.90 -0.76
C THR I 39 2.71 -47.14 0.75
N ARG I 40 1.61 -47.77 1.17
CA ARG I 40 1.35 -48.02 2.58
C ARG I 40 2.06 -49.29 3.04
N THR I 41 3.37 -49.17 3.27
CA THR I 41 4.18 -50.28 3.76
C THR I 41 3.87 -50.55 5.23
N GLY I 42 3.93 -51.83 5.61
CA GLY I 42 3.52 -52.27 6.94
C GLY I 42 2.04 -52.62 7.08
N SER I 43 1.24 -52.27 6.07
CA SER I 43 -0.19 -52.60 6.06
C SER I 43 -0.43 -54.09 5.83
N ASN I 44 0.49 -54.74 5.10
CA ASN I 44 0.45 -56.20 4.93
C ASN I 44 0.64 -56.95 6.26
N ILE I 45 1.44 -56.38 7.16
CA ILE I 45 1.59 -56.91 8.52
C ILE I 45 0.30 -56.71 9.34
N ASP I 46 -0.35 -55.56 9.16
CA ASP I 46 -1.68 -55.30 9.76
C ASP I 46 -2.74 -56.26 9.22
N CYS I 47 -2.67 -56.53 7.92
CA CYS I 47 -3.63 -57.40 7.23
C CYS I 47 -3.60 -58.84 7.77
N GLU I 48 -2.40 -59.42 7.83
CA GLU I 48 -2.22 -60.80 8.29
C GLU I 48 -2.36 -60.98 9.81
N LYS I 49 -2.25 -59.88 10.56
CA LYS I 49 -2.62 -59.87 11.99
C LYS I 49 -4.12 -60.05 12.15
N LEU I 50 -4.89 -59.25 11.41
CA LEU I 50 -6.36 -59.32 11.42
C LEU I 50 -6.91 -60.58 10.74
N ARG I 51 -6.18 -61.11 9.74
CA ARG I 51 -6.59 -62.35 9.04
C ARG I 51 -6.64 -63.52 10.00
N ARG I 52 -5.56 -63.73 10.75
CA ARG I 52 -5.50 -64.76 11.77
C ARG I 52 -6.40 -64.49 12.98
N ARG I 53 -6.65 -63.20 13.26
CA ARG I 53 -7.46 -62.80 14.42
C ARG I 53 -8.94 -63.13 14.24
N PHE I 54 -9.50 -62.72 13.10
CA PHE I 54 -10.91 -63.00 12.80
C PHE I 54 -11.14 -64.48 12.49
N SER I 55 -10.15 -65.14 11.89
CA SER I 55 -10.17 -66.60 11.74
C SER I 55 -10.18 -67.31 13.10
N SER I 56 -9.42 -66.76 14.05
CA SER I 56 -9.44 -67.24 15.45
C SER I 56 -10.80 -67.03 16.13
N LEU I 57 -11.54 -66.00 15.71
CA LEU I 57 -12.90 -65.72 16.21
C LEU I 57 -14.04 -66.43 15.43
N HIS I 58 -13.69 -67.40 14.59
CA HIS I 58 -14.65 -68.20 13.79
C HIS I 58 -15.39 -67.37 12.74
N PHE I 59 -14.60 -66.81 11.81
CA PHE I 59 -15.13 -66.11 10.64
C PHE I 59 -14.50 -66.66 9.36
N MET I 60 -15.28 -66.74 8.30
CA MET I 60 -14.78 -67.12 6.97
C MET I 60 -14.05 -65.91 6.36
N VAL I 61 -12.78 -65.76 6.72
CA VAL I 61 -11.98 -64.59 6.33
C VAL I 61 -11.57 -64.68 4.85
N GLU I 62 -11.52 -63.53 4.19
CA GLU I 62 -11.13 -63.45 2.78
C GLU I 62 -10.47 -62.11 2.47
N VAL I 63 -9.16 -62.13 2.19
CA VAL I 63 -8.39 -60.92 1.89
C VAL I 63 -8.43 -60.60 0.39
N LYS I 64 -8.64 -59.32 0.06
CA LYS I 64 -8.60 -58.84 -1.32
C LYS I 64 -7.69 -57.59 -1.39
N GLY I 65 -6.46 -57.79 -1.86
CA GLY I 65 -5.44 -56.73 -1.87
C GLY I 65 -5.48 -55.86 -3.11
N ASP I 66 -5.14 -54.58 -2.94
CA ASP I 66 -4.99 -53.59 -4.02
C ASP I 66 -6.21 -53.50 -4.95
N LEU I 67 -7.39 -53.36 -4.34
CA LEU I 67 -8.63 -53.21 -5.11
C LEU I 67 -8.79 -51.76 -5.56
N THR I 68 -9.21 -51.59 -6.81
CA THR I 68 -9.61 -50.26 -7.32
C THR I 68 -10.98 -49.87 -6.74
N ALA I 69 -11.31 -48.59 -6.85
CA ALA I 69 -12.56 -48.02 -6.30
C ALA I 69 -13.82 -48.75 -6.77
N LYS I 70 -13.82 -49.22 -8.02
CA LYS I 70 -14.90 -50.02 -8.58
C LYS I 70 -14.95 -51.43 -7.98
N LYS I 71 -13.78 -52.03 -7.79
CA LYS I 71 -13.66 -53.39 -7.22
C LYS I 71 -13.99 -53.45 -5.72
N MET I 72 -13.75 -52.35 -5.01
CA MET I 72 -14.15 -52.23 -3.59
C MET I 72 -15.68 -52.33 -3.46
N VAL I 73 -16.40 -51.64 -4.35
CA VAL I 73 -17.87 -51.67 -4.37
C VAL I 73 -18.37 -53.05 -4.80
N LEU I 74 -17.79 -53.59 -5.88
CA LEU I 74 -18.15 -54.93 -6.39
C LEU I 74 -17.88 -56.05 -5.37
N ALA I 75 -16.78 -55.94 -4.63
CA ALA I 75 -16.45 -56.87 -3.55
C ALA I 75 -17.45 -56.80 -2.42
N LEU I 76 -17.75 -55.57 -1.98
CA LEU I 76 -18.68 -55.33 -0.87
C LEU I 76 -20.13 -55.68 -1.24
N LEU I 77 -20.52 -55.39 -2.47
CA LEU I 77 -21.85 -55.75 -2.98
C LEU I 77 -22.05 -57.27 -3.01
N GLU I 78 -21.05 -58.00 -3.51
CA GLU I 78 -21.10 -59.46 -3.60
C GLU I 78 -21.14 -60.15 -2.22
N LEU I 79 -20.47 -59.54 -1.23
CA LEU I 79 -20.55 -60.01 0.16
C LEU I 79 -21.96 -59.82 0.73
N ALA I 80 -22.55 -58.65 0.49
CA ALA I 80 -23.93 -58.36 0.90
C ALA I 80 -24.96 -59.24 0.19
N ARG I 81 -24.63 -59.70 -1.01
CA ARG I 81 -25.50 -60.59 -1.80
C ARG I 81 -25.58 -62.03 -1.25
N GLN I 82 -24.59 -62.44 -0.45
CA GLN I 82 -24.56 -63.79 0.13
C GLN I 82 -25.71 -64.03 1.10
N ASP I 83 -26.02 -65.32 1.32
CA ASP I 83 -27.03 -65.73 2.30
C ASP I 83 -26.39 -65.84 3.69
N HIS I 84 -26.66 -64.86 4.54
CA HIS I 84 -26.25 -64.87 5.96
C HIS I 84 -27.36 -65.41 6.87
N GLY I 85 -28.05 -66.46 6.44
CA GLY I 85 -29.18 -67.03 7.19
C GLY I 85 -28.69 -67.82 8.40
N ALA I 86 -27.82 -68.80 8.13
CA ALA I 86 -27.13 -69.57 9.18
C ALA I 86 -26.11 -68.71 9.93
N LEU I 87 -25.54 -67.73 9.24
CA LEU I 87 -24.51 -66.85 9.80
C LEU I 87 -25.12 -65.87 10.81
N ASP I 88 -24.36 -65.58 11.88
CA ASP I 88 -24.81 -64.71 12.98
C ASP I 88 -24.22 -63.30 12.97
N CYS I 89 -23.20 -63.06 12.14
CA CYS I 89 -22.45 -61.79 12.15
C CYS I 89 -21.82 -61.47 10.80
N CYS I 90 -21.22 -60.28 10.71
CA CYS I 90 -20.50 -59.85 9.50
C CYS I 90 -19.51 -58.74 9.84
N VAL I 91 -18.26 -58.91 9.39
CA VAL I 91 -17.17 -57.96 9.61
C VAL I 91 -16.63 -57.48 8.26
N VAL I 92 -16.25 -56.20 8.19
CA VAL I 92 -15.68 -55.60 6.98
C VAL I 92 -14.53 -54.68 7.36
N VAL I 93 -13.31 -55.20 7.33
CA VAL I 93 -12.11 -54.41 7.62
C VAL I 93 -11.64 -53.72 6.33
N ILE I 94 -11.16 -52.48 6.45
CA ILE I 94 -10.54 -51.75 5.34
C ILE I 94 -9.24 -51.10 5.82
N LEU I 95 -8.16 -51.31 5.06
CA LEU I 95 -6.86 -50.69 5.31
C LEU I 95 -6.43 -49.93 4.05
N SER I 96 -6.48 -48.60 4.11
CA SER I 96 -6.15 -47.76 2.95
C SER I 96 -5.92 -46.30 3.36
N HIS I 97 -5.59 -45.47 2.38
CA HIS I 97 -5.61 -44.01 2.57
C HIS I 97 -7.06 -43.52 2.65
N GLY I 98 -7.22 -42.36 3.29
CA GLY I 98 -8.54 -41.71 3.40
C GLY I 98 -8.46 -40.21 3.30
N CYS I 99 -9.64 -39.57 3.25
CA CYS I 99 -9.74 -38.11 3.16
C CYS I 99 -11.04 -37.61 3.77
N GLN I 100 -11.04 -36.33 4.16
CA GLN I 100 -12.25 -35.67 4.64
C GLN I 100 -13.13 -35.32 3.45
N ALA I 101 -14.43 -35.54 3.59
CA ALA I 101 -15.39 -35.35 2.50
C ALA I 101 -16.74 -34.86 3.02
N SER I 102 -17.51 -34.25 2.12
CA SER I 102 -18.88 -33.81 2.41
C SER I 102 -19.77 -35.04 2.64
N HIS I 103 -20.10 -35.29 3.91
CA HIS I 103 -20.92 -36.43 4.30
C HIS I 103 -22.33 -36.00 4.71
N LEU I 104 -23.25 -36.97 4.72
CA LEU I 104 -24.61 -36.78 5.23
C LEU I 104 -24.85 -37.61 6.49
N GLN I 105 -24.57 -38.92 6.39
CA GLN I 105 -24.80 -39.86 7.50
C GLN I 105 -23.52 -40.17 8.29
N PHE I 106 -22.52 -40.76 7.62
CA PHE I 106 -21.26 -41.17 8.24
C PHE I 106 -20.09 -40.40 7.64
N PRO I 107 -19.17 -39.91 8.49
CA PRO I 107 -18.00 -39.18 7.99
C PRO I 107 -16.92 -40.10 7.45
N GLY I 108 -16.05 -39.54 6.60
CA GLY I 108 -14.86 -40.24 6.11
C GLY I 108 -15.04 -40.99 4.81
N ALA I 109 -13.95 -41.10 4.05
CA ALA I 109 -13.90 -41.89 2.81
C ALA I 109 -12.59 -42.67 2.75
N VAL I 110 -12.56 -43.70 1.90
CA VAL I 110 -11.38 -44.56 1.73
C VAL I 110 -11.02 -44.71 0.25
N TYR I 111 -9.73 -44.59 -0.06
CA TYR I 111 -9.26 -44.59 -1.45
C TYR I 111 -9.08 -46.00 -2.01
N GLY I 112 -9.31 -46.13 -3.32
CA GLY I 112 -8.94 -47.31 -4.08
C GLY I 112 -7.54 -47.14 -4.67
N THR I 113 -7.05 -48.19 -5.32
CA THR I 113 -5.72 -48.19 -5.95
C THR I 113 -5.57 -47.14 -7.06
N ASP I 114 -6.61 -46.97 -7.87
CA ASP I 114 -6.65 -45.94 -8.92
C ASP I 114 -6.61 -44.50 -8.38
N GLY I 115 -7.03 -44.32 -7.13
CA GLY I 115 -6.88 -43.04 -6.42
C GLY I 115 -8.08 -42.13 -6.51
N CYS I 116 -9.27 -42.72 -6.46
CA CYS I 116 -10.52 -41.97 -6.28
C CYS I 116 -11.34 -42.62 -5.15
N PRO I 117 -12.05 -41.80 -4.35
CA PRO I 117 -12.53 -42.30 -3.06
C PRO I 117 -13.83 -43.12 -3.15
N VAL I 118 -14.08 -43.86 -2.08
CA VAL I 118 -15.37 -44.51 -1.82
C VAL I 118 -15.76 -44.17 -0.39
N SER I 119 -16.87 -43.44 -0.22
CA SER I 119 -17.27 -42.93 1.10
C SER I 119 -17.71 -44.04 2.04
N VAL I 120 -17.46 -43.84 3.34
CA VAL I 120 -17.88 -44.78 4.38
C VAL I 120 -19.41 -44.91 4.44
N GLU I 121 -20.08 -43.78 4.21
CA GLU I 121 -21.54 -43.70 4.07
C GLU I 121 -22.08 -44.73 3.07
N LYS I 122 -21.46 -44.79 1.89
CA LYS I 122 -21.86 -45.73 0.83
C LYS I 122 -21.59 -47.20 1.22
N ILE I 123 -20.44 -47.44 1.85
CA ILE I 123 -20.03 -48.80 2.22
C ILE I 123 -21.00 -49.45 3.21
N VAL I 124 -21.40 -48.69 4.24
CA VAL I 124 -22.32 -49.17 5.27
C VAL I 124 -23.74 -49.39 4.73
N ASN I 125 -24.21 -48.49 3.85
CA ASN I 125 -25.56 -48.58 3.27
C ASN I 125 -25.76 -49.70 2.22
N ILE I 126 -24.68 -50.38 1.83
CA ILE I 126 -24.79 -51.65 1.10
C ILE I 126 -25.40 -52.76 1.97
N PHE I 127 -25.07 -52.75 3.26
CA PHE I 127 -25.45 -53.83 4.18
C PHE I 127 -26.70 -53.55 5.05
N ASN I 128 -27.44 -52.49 4.75
CA ASN I 128 -28.67 -52.18 5.49
C ASN I 128 -29.80 -53.17 5.18
N GLY I 129 -30.85 -53.13 6.01
CA GLY I 129 -31.98 -54.09 5.93
C GLY I 129 -32.68 -54.21 4.59
N THR I 130 -32.74 -53.12 3.83
CA THR I 130 -33.35 -53.12 2.49
C THR I 130 -32.46 -53.84 1.48
N SER I 131 -31.21 -53.39 1.38
CA SER I 131 -30.25 -53.92 0.39
C SER I 131 -29.73 -55.32 0.72
N CYS I 132 -29.53 -55.59 2.01
CA CYS I 132 -29.11 -56.91 2.50
C CYS I 132 -30.09 -57.41 3.59
N PRO I 133 -31.20 -58.05 3.18
CA PRO I 133 -32.18 -58.53 4.15
C PRO I 133 -31.72 -59.74 4.98
N SER I 134 -30.70 -60.45 4.51
CA SER I 134 -30.17 -61.63 5.21
C SER I 134 -29.52 -61.31 6.56
N LEU I 135 -28.97 -60.10 6.70
CA LEU I 135 -28.36 -59.65 7.95
C LEU I 135 -29.35 -58.92 8.89
N GLY I 136 -30.64 -59.26 8.78
CA GLY I 136 -31.69 -58.61 9.58
C GLY I 136 -31.64 -59.02 11.05
N GLY I 137 -31.41 -58.03 11.92
CA GLY I 137 -31.26 -58.27 13.35
C GLY I 137 -29.93 -58.90 13.71
N LYS I 138 -28.89 -58.61 12.92
CA LYS I 138 -27.55 -59.18 13.10
C LYS I 138 -26.50 -58.07 13.02
N PRO I 139 -25.46 -58.10 13.89
CA PRO I 139 -24.46 -57.04 13.91
C PRO I 139 -23.60 -56.97 12.64
N LYS I 140 -23.46 -55.76 12.10
CA LYS I 140 -22.69 -55.49 10.89
C LYS I 140 -21.54 -54.57 11.24
N LEU I 141 -20.36 -55.15 11.47
CA LEU I 141 -19.19 -54.42 11.94
C LEU I 141 -18.35 -53.90 10.78
N PHE I 142 -17.76 -52.72 10.96
CA PHE I 142 -16.91 -52.07 9.96
C PHE I 142 -15.68 -51.45 10.64
N PHE I 143 -14.50 -51.97 10.30
CA PHE I 143 -13.23 -51.50 10.87
C PHE I 143 -12.50 -50.72 9.78
N ILE I 144 -12.37 -49.41 9.97
CA ILE I 144 -11.83 -48.51 8.94
C ILE I 144 -10.50 -47.90 9.38
N GLN I 145 -9.40 -48.52 8.96
CA GLN I 145 -8.05 -47.98 9.13
C GLN I 145 -7.73 -47.05 7.96
N ALA I 146 -7.99 -45.76 8.16
CA ALA I 146 -7.69 -44.73 7.16
C ALA I 146 -7.74 -43.35 7.78
N CYS I 147 -7.10 -42.39 7.11
CA CYS I 147 -7.06 -41.02 7.59
C CYS I 147 -8.43 -40.35 7.49
N GLY I 148 -8.79 -39.58 8.51
CA GLY I 148 -10.04 -38.83 8.55
C GLY I 148 -9.92 -37.53 7.77
N GLY I 149 -8.76 -36.88 7.88
CA GLY I 149 -8.45 -35.68 7.10
C GLY I 149 -6.96 -35.38 7.09
N GLU I 150 -6.60 -34.19 6.60
CA GLU I 150 -5.19 -33.80 6.47
C GLU I 150 -4.55 -33.25 7.75
N GLN I 151 -5.36 -32.96 8.77
CA GLN I 151 -4.90 -32.26 9.96
C GLN I 151 -4.10 -33.18 10.88
N LYS I 152 -2.97 -32.67 11.39
CA LYS I 152 -2.08 -33.41 12.28
C LYS I 152 -2.17 -32.83 13.69
N ASP I 153 -2.51 -33.68 14.66
CA ASP I 153 -2.85 -33.24 16.01
C ASP I 153 -1.64 -33.27 16.94
N HIS I 154 -1.29 -32.11 17.50
CA HIS I 154 -0.29 -32.02 18.58
C HIS I 154 -0.90 -32.31 19.96
N GLY I 155 -2.19 -32.02 20.11
CA GLY I 155 -2.90 -32.31 21.35
C GLY I 155 -2.66 -31.28 22.42
N PHE I 156 -2.83 -31.68 23.69
CA PHE I 156 -2.61 -30.81 24.84
C PHE I 156 -1.90 -31.54 25.98
N GLU I 157 -1.22 -30.76 26.82
CA GLU I 157 -0.42 -31.30 27.93
C GLU I 157 -1.33 -31.66 29.11
N VAL I 158 -1.10 -32.83 29.71
CA VAL I 158 -1.77 -33.27 30.93
C VAL I 158 -0.73 -33.84 31.89
N ALA I 159 -0.94 -33.63 33.20
CA ALA I 159 0.00 -34.10 34.23
C ALA I 159 0.04 -35.62 34.33
N SER I 160 1.22 -36.17 34.64
CA SER I 160 1.43 -37.62 34.68
C SER I 160 0.83 -38.23 35.94
N SER I 193 -42.07 -58.47 13.73
CA SER I 193 -41.92 -57.45 14.78
C SER I 193 -41.12 -56.24 14.30
N SER I 194 -41.16 -55.18 15.11
CA SER I 194 -40.51 -53.90 14.79
C SER I 194 -38.98 -53.97 14.89
N LEU I 195 -38.30 -53.70 13.77
CA LEU I 195 -36.85 -53.51 13.75
C LEU I 195 -36.48 -52.59 12.57
N PRO I 196 -35.85 -51.44 12.84
CA PRO I 196 -35.63 -50.44 11.78
C PRO I 196 -34.49 -50.80 10.82
N THR I 197 -34.53 -50.22 9.62
CA THR I 197 -33.63 -50.60 8.52
C THR I 197 -32.13 -50.38 8.77
N PRO I 198 -31.74 -49.28 9.45
CA PRO I 198 -30.32 -49.07 9.70
C PRO I 198 -29.87 -49.59 11.08
N SER I 199 -30.49 -50.69 11.54
CA SER I 199 -30.21 -51.25 12.86
C SER I 199 -28.92 -52.06 12.86
N ASP I 200 -28.26 -52.11 14.02
CA ASP I 200 -27.10 -52.98 14.26
C ASP I 200 -25.89 -52.67 13.36
N ILE I 201 -25.68 -51.38 13.08
CA ILE I 201 -24.48 -50.92 12.39
C ILE I 201 -23.43 -50.60 13.45
N PHE I 202 -22.16 -50.78 13.09
CA PHE I 202 -21.03 -50.44 13.98
C PHE I 202 -19.79 -50.10 13.16
N VAL I 203 -19.46 -48.81 13.08
CA VAL I 203 -18.33 -48.33 12.29
C VAL I 203 -17.23 -47.81 13.22
N SER I 204 -16.27 -48.68 13.53
CA SER I 204 -15.08 -48.29 14.30
C SER I 204 -14.12 -47.51 13.40
N TYR I 205 -13.84 -46.26 13.76
CA TYR I 205 -12.85 -45.43 13.08
C TYR I 205 -11.50 -45.49 13.80
N SER I 206 -10.42 -45.52 13.02
CA SER I 206 -9.05 -45.53 13.58
C SER I 206 -8.64 -44.17 14.14
N THR I 207 -9.10 -43.09 13.49
CA THR I 207 -8.78 -41.71 13.90
C THR I 207 -10.04 -40.84 13.89
N PHE I 208 -9.99 -39.74 14.64
CA PHE I 208 -11.12 -38.79 14.73
C PHE I 208 -11.35 -38.10 13.37
N PRO I 209 -12.63 -37.93 12.97
CA PRO I 209 -12.95 -37.27 11.70
C PRO I 209 -12.25 -35.93 11.48
N GLY I 210 -11.51 -35.84 10.37
CA GLY I 210 -10.70 -34.67 10.04
C GLY I 210 -9.22 -34.78 10.39
N PHE I 211 -8.84 -35.79 11.17
CA PHE I 211 -7.44 -35.97 11.61
C PHE I 211 -6.76 -37.18 10.98
N VAL I 212 -5.43 -37.15 10.98
CA VAL I 212 -4.62 -38.16 10.29
C VAL I 212 -4.51 -39.44 11.13
N SER I 213 -4.53 -40.58 10.44
CA SER I 213 -4.24 -41.88 11.03
C SER I 213 -2.77 -42.20 10.80
N TRP I 214 -2.04 -42.53 11.87
CA TRP I 214 -0.59 -42.76 11.81
C TRP I 214 -0.24 -44.24 11.63
N ARG I 215 0.99 -44.46 11.16
CA ARG I 215 1.47 -45.80 10.79
C ARG I 215 3.01 -45.86 10.79
N ASP I 216 3.55 -46.98 11.29
CA ASP I 216 4.98 -47.28 11.22
C ASP I 216 5.23 -48.24 10.04
N PRO I 217 6.14 -47.89 9.12
CA PRO I 217 6.41 -48.74 7.96
C PRO I 217 6.72 -50.22 8.22
N LYS I 218 7.34 -50.53 9.37
CA LYS I 218 7.62 -51.92 9.76
C LYS I 218 6.59 -52.50 10.73
N SER I 219 6.35 -51.80 11.84
CA SER I 219 5.42 -52.27 12.87
C SER I 219 3.96 -52.29 12.39
N GLY I 220 3.58 -51.26 11.63
CA GLY I 220 2.23 -51.11 11.09
C GLY I 220 1.47 -49.98 11.76
N SER I 221 0.17 -49.89 11.47
CA SER I 221 -0.70 -48.87 12.05
C SER I 221 -0.79 -49.00 13.57
N TRP I 222 -0.83 -47.85 14.25
CA TRP I 222 -1.09 -47.78 15.69
C TRP I 222 -2.43 -48.42 16.05
N TYR I 223 -3.44 -48.17 15.22
CA TYR I 223 -4.79 -48.71 15.42
C TYR I 223 -4.81 -50.25 15.37
N VAL I 224 -4.28 -50.82 14.29
CA VAL I 224 -4.34 -52.27 14.08
C VAL I 224 -3.42 -53.03 15.05
N GLU I 225 -2.21 -52.50 15.26
CA GLU I 225 -1.26 -53.06 16.26
C GLU I 225 -1.90 -53.13 17.65
N THR I 226 -2.53 -52.04 18.06
CA THR I 226 -3.23 -51.97 19.35
C THR I 226 -4.49 -52.84 19.37
N LEU I 227 -5.22 -52.89 18.26
CA LEU I 227 -6.47 -53.67 18.17
C LEU I 227 -6.18 -55.16 18.31
N ASP I 228 -5.20 -55.66 17.55
CA ASP I 228 -4.81 -57.08 17.60
C ASP I 228 -4.29 -57.49 18.98
N ASP I 229 -3.54 -56.60 19.63
CA ASP I 229 -2.98 -56.85 20.97
C ASP I 229 -4.05 -56.91 22.05
N ILE I 230 -5.01 -55.98 22.00
CA ILE I 230 -6.10 -55.93 22.99
C ILE I 230 -7.11 -57.06 22.77
N PHE I 231 -7.36 -57.42 21.51
CA PHE I 231 -8.18 -58.61 21.18
C PHE I 231 -7.55 -59.92 21.67
N GLU I 232 -6.22 -60.00 21.70
CA GLU I 232 -5.51 -61.18 22.23
C GLU I 232 -5.75 -61.32 23.73
N GLN I 233 -5.60 -60.21 24.46
CA GLN I 233 -5.67 -60.21 25.92
C GLN I 233 -7.10 -60.28 26.49
N TRP I 234 -8.06 -59.63 25.84
CA TRP I 234 -9.38 -59.36 26.46
C TRP I 234 -10.64 -59.81 25.68
N ALA I 235 -10.46 -60.48 24.53
CA ALA I 235 -11.61 -60.89 23.69
C ALA I 235 -12.50 -61.96 24.34
N HIS I 236 -11.89 -62.86 25.10
CA HIS I 236 -12.62 -63.91 25.82
C HIS I 236 -13.57 -63.38 26.90
N SER I 237 -13.16 -62.30 27.57
CA SER I 237 -13.88 -61.77 28.75
C SER I 237 -14.80 -60.59 28.43
N GLU I 238 -14.32 -59.64 27.62
CA GLU I 238 -14.98 -58.35 27.41
C GLU I 238 -15.66 -58.24 26.02
N ASP I 239 -16.60 -57.31 25.92
CA ASP I 239 -17.39 -57.08 24.68
C ASP I 239 -16.69 -56.13 23.71
N LEU I 240 -17.25 -56.01 22.50
CA LEU I 240 -16.67 -55.19 21.42
C LEU I 240 -16.46 -53.73 21.80
N GLN I 241 -17.44 -53.12 22.48
CA GLN I 241 -17.32 -51.74 22.97
C GLN I 241 -16.25 -51.61 24.06
N SER I 242 -16.19 -52.57 24.98
CA SER I 242 -15.15 -52.59 26.02
C SER I 242 -13.74 -52.76 25.44
N LEU I 243 -13.63 -53.51 24.34
CA LEU I 243 -12.35 -53.74 23.65
C LEU I 243 -11.83 -52.47 22.98
N LEU I 244 -12.70 -51.78 22.24
CA LEU I 244 -12.31 -50.54 21.56
C LEU I 244 -12.07 -49.35 22.51
N LEU I 245 -12.64 -49.39 23.71
CA LEU I 245 -12.33 -48.42 24.76
C LEU I 245 -10.85 -48.48 25.14
N ARG I 246 -10.34 -49.71 25.29
CA ARG I 246 -8.90 -49.93 25.54
C ARG I 246 -8.03 -49.54 24.34
N VAL I 247 -8.50 -49.87 23.14
CA VAL I 247 -7.81 -49.50 21.89
C VAL I 247 -7.73 -47.99 21.74
N ALA I 248 -8.83 -47.29 22.07
CA ALA I 248 -8.86 -45.83 22.08
C ALA I 248 -7.92 -45.24 23.14
N ASN I 249 -7.86 -45.88 24.31
CA ASN I 249 -7.02 -45.42 25.41
C ASN I 249 -5.53 -45.63 25.16
N ALA I 250 -5.20 -46.77 24.55
CA ALA I 250 -3.80 -47.10 24.23
C ALA I 250 -3.24 -46.22 23.12
N VAL I 251 -4.03 -46.01 22.07
CA VAL I 251 -3.63 -45.16 20.94
C VAL I 251 -3.56 -43.68 21.33
N SER I 252 -4.39 -43.25 22.29
CA SER I 252 -4.40 -41.83 22.73
C SER I 252 -3.09 -41.35 23.36
N VAL I 253 -2.36 -42.25 24.01
CA VAL I 253 -1.09 -41.90 24.67
C VAL I 253 0.14 -41.87 23.75
N LYS I 254 0.03 -42.45 22.55
CA LYS I 254 1.20 -42.69 21.69
C LYS I 254 1.74 -41.44 21.01
N GLY I 255 3.07 -41.37 20.90
CA GLY I 255 3.78 -40.46 20.00
C GLY I 255 3.76 -38.97 20.35
N ILE I 256 4.43 -38.19 19.49
CA ILE I 256 4.40 -36.73 19.57
C ILE I 256 3.08 -36.25 18.96
N TYR I 257 2.83 -36.67 17.73
CA TYR I 257 1.53 -36.43 17.08
C TYR I 257 0.49 -37.41 17.63
N LYS I 258 -0.72 -36.90 17.87
CA LYS I 258 -1.77 -37.66 18.58
C LYS I 258 -2.81 -38.24 17.62
N GLN I 259 -3.49 -39.28 18.08
CA GLN I 259 -4.53 -39.98 17.32
C GLN I 259 -5.61 -40.46 18.28
N MET I 260 -6.88 -40.22 17.94
CA MET I 260 -8.02 -40.60 18.79
C MET I 260 -8.97 -41.53 18.03
N PRO I 261 -8.87 -42.85 18.27
CA PRO I 261 -9.86 -43.77 17.69
C PRO I 261 -11.20 -43.74 18.42
N GLY I 262 -12.25 -44.10 17.71
CA GLY I 262 -13.59 -44.23 18.28
C GLY I 262 -14.49 -45.12 17.44
N CYS I 263 -15.80 -44.91 17.55
CA CYS I 263 -16.78 -45.74 16.83
C CYS I 263 -18.18 -45.14 16.82
N PHE I 264 -18.88 -45.31 15.69
CA PHE I 264 -20.26 -44.84 15.52
C PHE I 264 -21.18 -46.02 15.85
N ASN I 265 -21.48 -46.18 17.14
CA ASN I 265 -22.20 -47.34 17.66
C ASN I 265 -23.73 -47.23 17.52
N PHE I 266 -24.29 -47.99 16.58
CA PHE I 266 -25.75 -48.10 16.39
C PHE I 266 -26.28 -49.50 16.76
N LEU I 267 -25.61 -50.17 17.69
CA LEU I 267 -25.99 -51.52 18.10
C LEU I 267 -27.08 -51.48 19.17
N ARG I 268 -27.86 -52.55 19.25
CA ARG I 268 -28.89 -52.73 20.27
C ARG I 268 -28.32 -53.45 21.50
N LYS I 269 -27.44 -54.41 21.27
CA LYS I 269 -26.94 -55.31 22.32
C LYS I 269 -25.40 -55.33 22.38
N LYS I 270 -24.86 -55.92 23.45
CA LYS I 270 -23.42 -56.06 23.63
C LYS I 270 -22.90 -57.22 22.79
N LEU I 271 -21.93 -56.96 21.91
CA LEU I 271 -21.34 -58.00 21.05
C LEU I 271 -20.19 -58.71 21.76
N PHE I 272 -20.40 -59.98 22.10
CA PHE I 272 -19.37 -60.85 22.68
C PHE I 272 -18.90 -61.86 21.63
N PHE I 273 -17.62 -61.82 21.29
CA PHE I 273 -17.03 -62.73 20.29
C PHE I 273 -16.86 -64.13 20.86
N LYS I 274 -17.00 -65.14 19.98
CA LYS I 274 -16.81 -66.54 20.34
C LYS I 274 -15.35 -66.93 20.11
N THR I 275 -14.61 -67.16 21.20
CA THR I 275 -13.20 -67.54 21.16
C THR I 275 -13.02 -68.99 21.62
N SER I 276 -12.68 -69.88 20.69
CA SER I 276 -12.47 -71.30 20.99
C SER I 276 -11.72 -72.02 19.87
N THR J 1 21.96 -27.31 3.07
CA THR J 1 22.03 -26.03 2.31
C THR J 1 21.97 -26.24 0.78
N PRO J 2 22.71 -27.24 0.24
CA PRO J 2 22.58 -27.53 -1.19
C PRO J 2 21.26 -28.21 -1.56
N GLU J 3 20.78 -29.12 -0.72
CA GLU J 3 19.51 -29.85 -0.95
C GLU J 3 18.25 -28.98 -0.93
N SER J 4 18.22 -27.97 -0.06
CA SER J 4 17.01 -27.19 0.21
C SER J 4 17.32 -25.80 0.76
N VAL J 5 16.30 -24.95 0.77
CA VAL J 5 16.42 -23.55 1.19
C VAL J 5 15.44 -23.20 2.32
N SER J 6 15.85 -22.31 3.21
CA SER J 6 15.03 -21.84 4.33
C SER J 6 14.27 -20.56 4.00
N GLU J 7 14.92 -19.64 3.28
CA GLU J 7 14.32 -18.37 2.85
C GLU J 7 14.41 -18.21 1.33
N LEU J 8 13.33 -17.70 0.71
CA LEU J 8 13.26 -17.55 -0.75
C LEU J 8 14.12 -16.38 -1.26
N ASN J 9 14.90 -16.65 -2.31
CA ASN J 9 15.84 -15.68 -2.89
C ASN J 9 15.26 -14.99 -4.14
N HIS J 10 16.04 -14.10 -4.74
CA HIS J 10 15.68 -13.48 -6.03
C HIS J 10 15.60 -14.47 -7.19
N ASN J 11 16.39 -15.55 -7.11
CA ASN J 11 16.34 -16.66 -8.08
C ASN J 11 15.04 -17.48 -8.02
N HIS J 12 14.32 -17.42 -6.90
CA HIS J 12 13.11 -18.22 -6.68
C HIS J 12 11.82 -17.57 -7.20
N PHE J 13 11.87 -16.27 -7.53
CA PHE J 13 10.71 -15.58 -8.12
C PHE J 13 10.47 -16.05 -9.55
N LEU J 14 9.25 -15.86 -10.03
CA LEU J 14 8.82 -16.35 -11.35
C LEU J 14 9.56 -15.66 -12.50
N SER J 15 9.94 -16.46 -13.51
CA SER J 15 10.53 -15.93 -14.74
C SER J 15 9.44 -15.34 -15.64
N PRO J 16 9.81 -14.45 -16.58
CA PRO J 16 8.81 -13.85 -17.50
C PRO J 16 7.97 -14.87 -18.31
N GLU J 17 8.57 -16.02 -18.62
CA GLU J 17 7.86 -17.11 -19.33
C GLU J 17 6.82 -17.81 -18.44
N LEU J 18 7.12 -17.95 -17.14
CA LEU J 18 6.18 -18.50 -16.16
C LEU J 18 5.13 -17.47 -15.73
N GLN J 19 5.54 -16.21 -15.58
CA GLN J 19 4.62 -15.10 -15.25
C GLN J 19 3.57 -14.89 -16.35
N ASP J 20 4.00 -14.99 -17.61
CA ASP J 20 3.10 -14.89 -18.76
C ASP J 20 2.12 -16.06 -18.85
N LYS J 21 2.60 -17.27 -18.52
CA LYS J 21 1.78 -18.48 -18.47
C LYS J 21 0.74 -18.43 -17.35
N LEU J 22 1.12 -17.85 -16.21
CA LEU J 22 0.22 -17.73 -15.05
C LEU J 22 -0.91 -16.75 -15.31
N ASP J 23 -0.57 -15.58 -15.87
CA ASP J 23 -1.55 -14.52 -16.17
C ASP J 23 -2.59 -14.92 -17.22
N VAL J 24 -2.20 -15.78 -18.16
CA VAL J 24 -3.12 -16.33 -19.16
C VAL J 24 -4.12 -17.31 -18.53
N MET J 25 -3.63 -18.19 -17.65
CA MET J 25 -4.48 -19.18 -16.97
C MET J 25 -5.50 -18.54 -16.01
N VAL J 26 -5.06 -17.54 -15.25
CA VAL J 26 -5.92 -16.84 -14.28
C VAL J 26 -7.06 -16.09 -14.96
N SER J 27 -6.77 -15.45 -16.09
CA SER J 27 -7.76 -14.71 -16.87
C SER J 27 -8.79 -15.63 -17.55
N ILE J 28 -8.32 -16.74 -18.11
CA ILE J 28 -9.18 -17.73 -18.76
C ILE J 28 -10.07 -18.49 -17.75
N TYR J 29 -9.53 -18.75 -16.55
CA TYR J 29 -10.25 -19.47 -15.50
C TYR J 29 -11.47 -18.70 -14.97
N SER J 30 -11.26 -17.43 -14.65
CA SER J 30 -12.31 -16.59 -14.05
C SER J 30 -13.42 -16.24 -15.04
N CYS J 31 -13.04 -15.88 -16.27
CA CYS J 31 -14.00 -15.51 -17.32
C CYS J 31 -14.84 -16.69 -17.83
N ALA J 32 -14.28 -17.90 -17.80
CA ALA J 32 -14.99 -19.11 -18.21
C ALA J 32 -16.08 -19.49 -17.21
N ARG J 33 -17.18 -20.06 -17.71
CA ARG J 33 -18.34 -20.44 -16.88
C ARG J 33 -18.52 -21.95 -16.82
N ASN J 34 -18.71 -22.59 -17.98
CA ASN J 34 -18.97 -24.02 -18.07
C ASN J 34 -17.71 -24.88 -17.86
N ASN J 35 -17.92 -26.16 -17.55
CA ASN J 35 -16.84 -27.12 -17.36
C ASN J 35 -16.11 -27.51 -18.65
N ASN J 36 -16.84 -27.49 -19.77
CA ASN J 36 -16.26 -27.76 -21.10
C ASN J 36 -15.21 -26.72 -21.54
N GLU J 37 -15.37 -25.48 -21.09
CA GLU J 37 -14.43 -24.38 -21.38
C GLU J 37 -13.08 -24.53 -20.68
N LEU J 38 -13.08 -25.13 -19.48
CA LEU J 38 -11.87 -25.30 -18.65
C LEU J 38 -11.02 -26.54 -19.00
N GLU J 39 -11.40 -27.31 -20.02
CA GLU J 39 -10.65 -28.51 -20.43
C GLU J 39 -9.24 -28.19 -20.98
N GLU J 40 -9.08 -27.03 -21.62
CA GLU J 40 -7.76 -26.55 -22.05
C GLU J 40 -6.86 -26.19 -20.86
N ILE J 41 -7.44 -25.55 -19.84
CA ILE J 41 -6.71 -25.16 -18.63
C ILE J 41 -6.36 -26.38 -17.76
N PHE J 42 -7.28 -27.36 -17.69
CA PHE J 42 -7.06 -28.59 -16.93
C PHE J 42 -5.88 -29.41 -17.47
N GLN J 43 -5.84 -29.58 -18.79
CA GLN J 43 -4.76 -30.35 -19.44
C GLN J 43 -3.39 -29.65 -19.40
N GLU J 44 -3.38 -28.33 -19.22
CA GLU J 44 -2.12 -27.60 -18.96
C GLU J 44 -1.54 -27.96 -17.60
N LEU J 45 -2.37 -27.86 -16.55
CA LEU J 45 -1.94 -28.11 -15.17
C LEU J 45 -1.59 -29.58 -14.91
N SER J 46 -2.43 -30.51 -15.38
CA SER J 46 -2.16 -31.95 -15.22
C SER J 46 -0.90 -32.40 -15.96
N ALA J 47 -0.63 -31.78 -17.11
CA ALA J 47 0.64 -31.98 -17.83
C ALA J 47 1.81 -31.31 -17.10
N PHE J 48 1.56 -30.13 -16.52
CA PHE J 48 2.56 -29.42 -15.73
C PHE J 48 2.91 -30.15 -14.43
N VAL J 49 1.88 -30.67 -13.75
CA VAL J 49 2.05 -31.37 -12.47
C VAL J 49 2.81 -32.69 -12.60
N SER J 50 2.46 -33.49 -13.62
CA SER J 50 3.15 -34.77 -13.89
C SER J 50 4.60 -34.55 -14.34
N GLY J 51 4.83 -33.47 -15.09
CA GLY J 51 6.18 -33.05 -15.47
C GLY J 51 6.97 -32.48 -14.29
N LEU J 52 6.28 -31.80 -13.37
CA LEU J 52 6.87 -31.31 -12.13
C LEU J 52 7.26 -32.46 -11.20
N MET J 53 6.44 -33.52 -11.17
CA MET J 53 6.75 -34.75 -10.44
C MET J 53 7.95 -35.48 -11.04
N ASP J 54 8.07 -35.46 -12.37
CA ASP J 54 9.25 -35.99 -13.07
C ASP J 54 10.51 -35.16 -12.78
N LYS J 55 10.35 -33.84 -12.74
CA LYS J 55 11.46 -32.92 -12.45
C LYS J 55 12.03 -33.09 -11.04
N ARG J 56 11.17 -33.44 -10.08
CA ARG J 56 11.60 -33.77 -8.71
C ARG J 56 12.47 -35.03 -8.67
N ASN J 57 12.00 -36.09 -9.32
CA ASN J 57 12.69 -37.40 -9.29
C ASN J 57 14.04 -37.44 -10.01
N SER J 58 14.29 -36.48 -10.90
CA SER J 58 15.59 -36.31 -11.56
C SER J 58 16.54 -35.43 -10.73
N VAL J 59 16.00 -34.36 -10.14
CA VAL J 59 16.80 -33.41 -9.36
C VAL J 59 17.17 -33.94 -7.98
N PHE J 60 16.18 -34.46 -7.24
CA PHE J 60 16.35 -34.80 -5.82
C PHE J 60 16.38 -36.30 -5.53
N GLU J 61 16.96 -36.64 -4.37
CA GLU J 61 17.09 -38.03 -3.89
C GLU J 61 16.76 -38.11 -2.40
N VAL J 62 16.14 -39.22 -1.99
CA VAL J 62 15.78 -39.47 -0.58
C VAL J 62 16.49 -40.73 -0.09
N ARG J 63 17.58 -40.54 0.65
CA ARG J 63 18.35 -41.65 1.24
C ARG J 63 17.74 -42.05 2.59
N ASN J 64 17.79 -43.35 2.89
CA ASN J 64 17.37 -43.90 4.19
C ASN J 64 15.90 -43.64 4.52
N GLU J 65 15.02 -44.14 3.66
CA GLU J 65 13.57 -44.01 3.88
C GLU J 65 13.08 -44.92 5.01
N ASN J 66 11.90 -44.58 5.54
CA ASN J 66 11.23 -45.38 6.59
C ASN J 66 12.02 -45.54 7.90
N THR J 67 12.79 -44.50 8.26
CA THR J 67 13.58 -44.47 9.50
C THR J 67 13.58 -43.07 10.12
N ASP J 68 14.21 -42.93 11.28
CA ASP J 68 14.44 -41.62 11.89
C ASP J 68 15.56 -40.84 11.18
N GLU J 69 16.46 -41.54 10.49
CA GLU J 69 17.66 -40.94 9.89
C GLU J 69 17.47 -40.71 8.37
N VAL J 70 16.36 -40.05 8.01
CA VAL J 70 16.03 -39.75 6.61
C VAL J 70 16.64 -38.42 6.24
N VAL J 71 17.40 -38.39 5.15
CA VAL J 71 18.05 -37.17 4.67
C VAL J 71 17.79 -37.00 3.17
N GLY J 72 17.45 -35.77 2.77
CA GLY J 72 17.33 -35.40 1.37
C GLY J 72 18.67 -35.03 0.78
N ALA J 73 18.75 -35.03 -0.55
CA ALA J 73 19.98 -34.66 -1.26
C ALA J 73 19.73 -34.42 -2.75
N LEU J 74 20.64 -33.68 -3.37
CA LEU J 74 20.64 -33.50 -4.83
C LEU J 74 21.28 -34.72 -5.48
N ARG J 75 20.72 -35.14 -6.62
CA ARG J 75 21.21 -36.34 -7.33
C ARG J 75 22.60 -36.06 -7.94
N ALA J 76 23.34 -37.14 -8.21
CA ALA J 76 24.69 -37.05 -8.78
C ALA J 76 24.71 -36.27 -10.11
N GLY J 77 25.51 -35.20 -10.14
CA GLY J 77 25.60 -34.33 -11.32
C GLY J 77 24.38 -33.44 -11.45
N MET J 78 24.12 -32.65 -10.41
CA MET J 78 22.96 -31.75 -10.38
C MET J 78 23.28 -30.52 -9.51
N THR J 79 23.24 -29.34 -10.11
CA THR J 79 23.68 -28.09 -9.47
C THR J 79 22.56 -27.44 -8.62
N ILE J 80 22.92 -26.34 -7.95
CA ILE J 80 21.96 -25.50 -7.22
C ILE J 80 20.95 -24.83 -8.17
N GLU J 81 21.35 -24.57 -9.41
CA GLU J 81 20.45 -24.01 -10.44
C GLU J 81 19.26 -24.92 -10.75
N ASP J 82 19.50 -26.23 -10.76
CA ASP J 82 18.44 -27.24 -10.99
C ASP J 82 17.39 -27.28 -9.88
N ARG J 83 17.82 -27.00 -8.64
CA ARG J 83 16.92 -26.90 -7.48
C ARG J 83 16.02 -25.68 -7.61
N ASP J 84 16.62 -24.53 -7.86
CA ASP J 84 15.87 -23.27 -7.97
C ASP J 84 14.92 -23.20 -9.16
N SER J 85 15.23 -23.94 -10.23
CA SER J 85 14.31 -24.09 -11.36
C SER J 85 13.05 -24.90 -11.00
N TYR J 86 13.21 -25.90 -10.14
CA TYR J 86 12.07 -26.66 -9.59
C TYR J 86 11.22 -25.80 -8.65
N ILE J 87 11.89 -25.03 -7.79
CA ILE J 87 11.21 -24.15 -6.82
C ILE J 87 10.43 -23.04 -7.52
N ARG J 88 10.95 -22.57 -8.67
CA ARG J 88 10.20 -21.68 -9.57
C ARG J 88 8.92 -22.35 -10.08
N ASP J 89 9.03 -23.61 -10.51
CA ASP J 89 7.86 -24.39 -10.94
C ASP J 89 6.90 -24.68 -9.78
N LEU J 90 7.45 -24.80 -8.57
CA LEU J 90 6.64 -24.98 -7.36
C LEU J 90 5.93 -23.67 -6.95
N PHE J 91 6.63 -22.54 -7.09
CA PHE J 91 6.05 -21.22 -6.83
C PHE J 91 4.86 -20.92 -7.74
N PHE J 92 4.98 -21.31 -9.01
CA PHE J 92 3.90 -21.18 -9.99
C PHE J 92 2.62 -21.83 -9.50
N LEU J 93 2.72 -23.06 -9.00
CA LEU J 93 1.58 -23.80 -8.47
C LEU J 93 0.94 -23.11 -7.26
N HIS J 94 1.77 -22.54 -6.39
CA HIS J 94 1.29 -21.85 -5.18
C HIS J 94 0.55 -20.56 -5.53
N SER J 95 1.20 -19.69 -6.30
CA SER J 95 0.62 -18.40 -6.70
C SER J 95 -0.60 -18.54 -7.61
N LEU J 96 -0.65 -19.61 -8.41
CA LEU J 96 -1.84 -19.94 -9.21
C LEU J 96 -2.99 -20.41 -8.32
N LYS J 97 -2.67 -21.17 -7.27
CA LYS J 97 -3.66 -21.62 -6.29
C LYS J 97 -4.25 -20.45 -5.49
N VAL J 98 -3.43 -19.44 -5.20
CA VAL J 98 -3.87 -18.24 -4.48
C VAL J 98 -4.90 -17.45 -5.29
N LYS J 99 -4.62 -17.25 -6.59
CA LYS J 99 -5.52 -16.51 -7.48
C LYS J 99 -6.84 -17.26 -7.79
N ILE J 100 -6.80 -18.59 -7.81
CA ILE J 100 -8.01 -19.41 -7.96
C ILE J 100 -8.88 -19.34 -6.69
N GLU J 101 -8.24 -19.35 -5.52
CA GLU J 101 -8.93 -19.14 -4.23
C GLU J 101 -9.54 -17.72 -4.15
N GLU J 102 -8.85 -16.73 -4.72
CA GLU J 102 -9.41 -15.38 -4.87
C GLU J 102 -10.56 -15.33 -5.89
N SER J 103 -10.44 -16.11 -6.97
CA SER J 103 -11.52 -16.25 -7.95
C SER J 103 -12.75 -17.00 -7.40
N ARG J 104 -12.52 -17.85 -6.39
CA ARG J 104 -13.60 -18.61 -5.74
C ARG J 104 -13.93 -18.06 -4.34
N GLN J 105 -13.97 -16.73 -4.22
CA GLN J 105 -14.38 -16.08 -2.96
C GLN J 105 -15.90 -16.22 -2.69
N GLY J 106 -16.68 -16.38 -3.76
CA GLY J 106 -18.13 -16.57 -3.65
C GLY J 106 -18.50 -17.96 -3.18
N LYS J 107 -18.86 -18.83 -4.12
CA LYS J 107 -19.29 -20.20 -3.81
C LYS J 107 -18.10 -21.09 -3.41
N GLU J 108 -18.30 -21.88 -2.35
CA GLU J 108 -17.26 -22.79 -1.82
C GLU J 108 -17.72 -24.26 -1.83
N ASP J 109 -18.46 -24.64 -2.87
CA ASP J 109 -18.91 -26.03 -3.07
C ASP J 109 -19.08 -26.35 -4.57
N SER J 110 -18.13 -25.85 -5.37
CA SER J 110 -18.19 -25.99 -6.83
C SER J 110 -17.72 -27.36 -7.32
N LYS J 111 -16.72 -27.93 -6.65
CA LYS J 111 -16.08 -29.20 -7.05
C LYS J 111 -15.37 -29.06 -8.40
N CYS J 112 -14.45 -28.11 -8.46
CA CYS J 112 -13.69 -27.79 -9.68
C CYS J 112 -12.58 -28.82 -9.91
N LYS J 113 -12.48 -29.32 -11.14
CA LYS J 113 -11.46 -30.29 -11.52
C LYS J 113 -10.05 -29.68 -11.55
N VAL J 114 -9.95 -28.43 -12.02
CA VAL J 114 -8.67 -27.72 -12.10
C VAL J 114 -8.07 -27.42 -10.71
N TYR J 115 -8.94 -27.04 -9.77
CA TYR J 115 -8.53 -26.74 -8.39
C TYR J 115 -8.02 -27.98 -7.64
N ASN J 116 -8.65 -29.12 -7.87
CA ASN J 116 -8.26 -30.38 -7.22
C ASN J 116 -6.88 -30.92 -7.61
N LEU J 117 -6.34 -30.45 -8.74
CA LEU J 117 -4.92 -30.67 -9.07
C LEU J 117 -4.01 -29.95 -8.06
N LEU J 118 -4.40 -28.74 -7.67
CA LEU J 118 -3.66 -27.94 -6.68
C LEU J 118 -3.95 -28.30 -5.22
N CYS J 119 -4.87 -29.24 -4.98
CA CYS J 119 -5.14 -29.79 -3.65
C CYS J 119 -4.83 -31.29 -3.63
N PRO J 120 -3.54 -31.66 -3.57
CA PRO J 120 -3.17 -33.07 -3.53
C PRO J 120 -3.39 -33.71 -2.16
N HIS J 121 -3.26 -35.04 -2.12
CA HIS J 121 -3.49 -35.80 -0.89
C HIS J 121 -2.37 -35.56 0.12
N HIS J 122 -2.71 -35.62 1.41
CA HIS J 122 -1.78 -35.26 2.49
C HIS J 122 -0.61 -36.22 2.72
N SER J 123 -0.64 -37.39 2.08
CA SER J 123 0.51 -38.31 2.07
C SER J 123 1.51 -38.06 0.94
N SER J 124 1.10 -37.26 -0.06
CA SER J 124 1.86 -37.14 -1.32
C SER J 124 3.15 -36.33 -1.19
N GLU J 125 3.97 -36.40 -2.24
CA GLU J 125 5.21 -35.64 -2.34
C GLU J 125 4.92 -34.14 -2.54
N LEU J 126 4.01 -33.83 -3.45
CA LEU J 126 3.65 -32.44 -3.80
C LEU J 126 3.05 -31.67 -2.61
N TYR J 127 2.17 -32.33 -1.85
CA TYR J 127 1.54 -31.74 -0.67
C TYR J 127 2.56 -31.22 0.34
N GLY J 128 3.60 -32.01 0.59
CA GLY J 128 4.68 -31.62 1.49
C GLY J 128 5.38 -30.35 1.05
N ASP J 129 5.62 -30.23 -0.25
CA ASP J 129 6.33 -29.08 -0.82
C ASP J 129 5.46 -27.82 -0.88
N LEU J 130 4.19 -27.96 -1.28
CA LEU J 130 3.25 -26.83 -1.32
C LEU J 130 2.94 -26.29 0.08
N ARG J 131 2.80 -27.19 1.06
CA ARG J 131 2.64 -26.82 2.47
C ARG J 131 3.89 -26.12 3.00
N ALA J 132 5.06 -26.54 2.53
CA ALA J 132 6.33 -25.88 2.85
C ALA J 132 6.41 -24.50 2.19
N MET J 133 6.04 -24.44 0.91
CA MET J 133 5.98 -23.16 0.16
C MET J 133 5.03 -22.15 0.80
N LYS J 134 3.85 -22.61 1.21
CA LYS J 134 2.83 -21.78 1.84
C LYS J 134 3.34 -21.11 3.12
N CYS J 135 4.15 -21.82 3.90
CA CYS J 135 4.72 -21.30 5.15
C CYS J 135 5.76 -20.21 4.92
N LEU J 136 6.61 -20.37 3.91
CA LEU J 136 7.64 -19.37 3.60
C LEU J 136 7.06 -18.10 2.97
N VAL J 137 6.09 -18.28 2.07
CA VAL J 137 5.45 -17.15 1.37
C VAL J 137 4.52 -16.37 2.32
N GLU J 138 3.58 -17.09 2.95
CA GLU J 138 2.56 -16.47 3.81
C GLU J 138 2.95 -16.35 5.30
N GLY J 139 4.24 -16.51 5.62
CA GLY J 139 4.76 -16.22 6.95
C GLY J 139 4.40 -17.24 8.02
N CYS J 140 5.30 -18.21 8.24
CA CYS J 140 5.21 -19.21 9.33
C CYS J 140 4.04 -20.20 9.24
N SER J 141 2.81 -19.69 9.34
CA SER J 141 1.53 -20.45 9.38
C SER J 141 0.98 -20.55 10.81
N ASP J 142 1.86 -20.86 11.77
CA ASP J 142 1.52 -20.98 13.19
C ASP J 142 0.46 -22.05 13.48
N ASP J 143 0.57 -23.19 12.80
CA ASP J 143 -0.30 -24.35 13.03
C ASP J 143 0.14 -25.09 14.29
N PHE J 144 1.45 -25.30 14.41
CA PHE J 144 2.08 -25.85 15.64
C PHE J 144 3.31 -25.03 16.08
N ASN J 145 4.19 -24.70 15.12
CA ASN J 145 5.31 -23.75 15.33
C ASN J 145 6.38 -24.25 16.32
N PRO J 146 7.28 -25.16 15.86
CA PRO J 146 8.40 -25.64 16.66
C PRO J 146 9.69 -24.86 16.37
N PHE J 147 10.82 -25.35 16.87
CA PHE J 147 12.15 -24.80 16.53
C PHE J 147 12.75 -25.37 15.22
N ASP J 148 12.05 -26.29 14.56
CA ASP J 148 12.51 -26.89 13.30
C ASP J 148 12.37 -25.92 12.12
N ILE J 149 13.45 -25.77 11.35
CA ILE J 149 13.48 -24.88 10.18
C ILE J 149 12.77 -25.55 9.00
N ILE J 150 12.01 -24.76 8.24
CA ILE J 150 11.18 -25.29 7.14
C ILE J 150 11.98 -25.37 5.84
N ARG J 151 11.83 -26.50 5.15
CA ARG J 151 12.59 -26.81 3.91
C ARG J 151 11.70 -26.49 2.71
N VAL J 152 12.17 -25.67 1.77
CA VAL J 152 11.32 -25.21 0.65
C VAL J 152 10.93 -26.29 -0.36
N PRO J 153 11.77 -27.35 -0.51
CA PRO J 153 11.31 -28.61 -1.08
C PRO J 153 11.42 -29.71 -0.02
N ASP J 154 10.31 -29.99 0.66
CA ASP J 154 10.33 -30.90 1.81
C ASP J 154 10.49 -32.35 1.36
N LEU J 155 11.75 -32.78 1.24
CA LEU J 155 12.10 -34.12 0.73
C LEU J 155 11.81 -35.23 1.75
N THR J 156 12.02 -34.94 3.03
CA THR J 156 11.81 -35.91 4.11
C THR J 156 10.33 -36.15 4.49
N TYR J 157 9.41 -35.32 4.01
CA TYR J 157 8.00 -35.37 4.38
C TYR J 157 7.37 -36.75 4.12
N ASN J 158 6.78 -37.32 5.17
CA ASN J 158 6.04 -38.59 5.09
C ASN J 158 6.88 -39.78 4.59
N LYS J 159 8.17 -39.78 4.96
CA LYS J 159 9.11 -40.82 4.52
C LYS J 159 10.04 -41.20 5.68
N GLY J 160 9.47 -41.59 6.81
CA GLY J 160 10.27 -41.99 7.97
C GLY J 160 9.51 -42.19 9.27
N SER J 161 9.67 -43.37 9.87
CA SER J 161 9.15 -43.69 11.23
C SER J 161 7.63 -43.67 11.36
N LEU J 162 7.03 -42.47 11.29
CA LEU J 162 5.57 -42.29 11.34
C LEU J 162 5.10 -41.74 10.00
N GLN J 163 4.06 -42.32 9.43
CA GLN J 163 3.54 -41.91 8.12
C GLN J 163 2.01 -41.87 8.07
N CYS J 164 1.49 -41.05 7.17
CA CYS J 164 0.05 -40.87 6.97
C CYS J 164 -0.51 -42.07 6.21
N GLY J 165 -1.60 -42.65 6.73
CA GLY J 165 -2.27 -43.79 6.09
C GLY J 165 -2.51 -44.94 7.05
N ASN K 8 -12.07 -47.27 38.75
CA ASN K 8 -11.45 -48.54 39.25
C ASN K 8 -10.51 -49.17 38.22
N ALA K 9 -9.23 -49.31 38.60
CA ALA K 9 -8.19 -49.95 37.76
C ALA K 9 -7.85 -49.20 36.45
N ASP K 10 -8.12 -47.89 36.41
CA ASP K 10 -7.88 -47.04 35.23
C ASP K 10 -8.69 -47.44 33.97
N LEU K 11 -9.83 -48.11 34.18
CA LEU K 11 -10.75 -48.51 33.10
C LEU K 11 -12.03 -47.67 33.08
N ALA K 12 -12.24 -46.85 34.12
CA ALA K 12 -13.38 -45.93 34.20
C ALA K 12 -12.94 -44.53 34.62
N TYR K 13 -13.73 -43.53 34.22
CA TYR K 13 -13.47 -42.13 34.59
C TYR K 13 -13.76 -41.92 36.08
N ILE K 14 -12.90 -41.14 36.74
CA ILE K 14 -13.02 -40.88 38.18
C ILE K 14 -13.94 -39.69 38.43
N LEU K 15 -15.18 -39.98 38.83
CA LEU K 15 -16.18 -38.95 39.18
C LEU K 15 -16.32 -38.87 40.71
N SER K 16 -15.26 -38.38 41.34
CA SER K 16 -15.16 -38.35 42.81
C SER K 16 -15.90 -37.17 43.43
N MET K 17 -15.62 -35.96 42.94
CA MET K 17 -16.03 -34.72 43.60
C MET K 17 -17.53 -34.39 43.49
N GLU K 18 -17.98 -33.54 44.41
CA GLU K 18 -19.39 -33.15 44.55
C GLU K 18 -19.43 -31.61 44.60
N PRO K 19 -20.07 -30.96 43.60
CA PRO K 19 -20.80 -31.49 42.45
C PRO K 19 -19.90 -32.12 41.38
N CYS K 20 -20.51 -32.90 40.49
CA CYS K 20 -19.80 -33.61 39.43
C CYS K 20 -19.43 -32.69 38.26
N GLY K 21 -20.38 -31.85 37.86
CA GLY K 21 -20.14 -30.88 36.79
C GLY K 21 -21.35 -30.08 36.38
N HIS K 22 -21.16 -29.17 35.42
CA HIS K 22 -22.26 -28.40 34.85
C HIS K 22 -23.10 -29.26 33.89
N CYS K 23 -24.34 -28.84 33.68
CA CYS K 23 -25.26 -29.55 32.79
C CYS K 23 -26.25 -28.56 32.13
N LEU K 24 -25.88 -28.06 30.97
CA LEU K 24 -26.74 -27.15 30.19
C LEU K 24 -27.81 -27.95 29.46
N ILE K 25 -29.05 -27.45 29.47
CA ILE K 25 -30.19 -28.11 28.81
C ILE K 25 -30.98 -27.08 27.99
N ILE K 26 -30.64 -26.97 26.70
CA ILE K 26 -31.34 -26.06 25.79
C ILE K 26 -32.62 -26.75 25.28
N ASN K 27 -33.77 -26.23 25.69
CA ASN K 27 -35.07 -26.80 25.36
C ASN K 27 -35.88 -25.84 24.48
N ASN K 28 -35.74 -26.00 23.16
CA ASN K 28 -36.50 -25.20 22.20
C ASN K 28 -37.85 -25.86 21.90
N VAL K 29 -38.92 -25.28 22.44
CA VAL K 29 -40.29 -25.77 22.24
C VAL K 29 -41.08 -24.84 21.32
N ASN K 30 -41.09 -23.54 21.65
CA ASN K 30 -41.82 -22.54 20.87
C ASN K 30 -40.94 -21.88 19.81
N PHE K 31 -41.27 -22.14 18.53
CA PHE K 31 -40.55 -21.59 17.38
C PHE K 31 -41.37 -20.49 16.71
N CYS K 32 -40.69 -19.61 15.97
CA CYS K 32 -41.35 -18.48 15.30
C CYS K 32 -42.23 -18.92 14.13
N ARG K 33 -43.08 -18.01 13.67
CA ARG K 33 -44.05 -18.31 12.60
C ARG K 33 -43.37 -18.39 11.23
N GLU K 34 -42.45 -17.48 10.95
CA GLU K 34 -41.73 -17.43 9.66
C GLU K 34 -40.94 -18.70 9.35
N SER K 35 -40.37 -19.33 10.38
CA SER K 35 -39.69 -20.62 10.24
C SER K 35 -40.63 -21.75 9.84
N GLY K 36 -41.86 -21.70 10.32
CA GLY K 36 -42.87 -22.71 10.06
C GLY K 36 -42.71 -24.00 10.85
N LEU K 37 -41.78 -24.02 11.81
CA LEU K 37 -41.53 -25.21 12.61
C LEU K 37 -42.65 -25.40 13.62
N ARG K 38 -43.10 -26.65 13.78
CA ARG K 38 -44.21 -26.95 14.69
C ARG K 38 -43.75 -26.88 16.16
N THR K 39 -44.62 -26.32 17.00
CA THR K 39 -44.38 -26.25 18.46
C THR K 39 -44.25 -27.66 19.04
N ARG K 40 -43.07 -27.95 19.59
CA ARG K 40 -42.73 -29.30 20.07
C ARG K 40 -43.36 -29.59 21.43
N THR K 41 -44.67 -29.82 21.44
CA THR K 41 -45.41 -30.07 22.69
C THR K 41 -45.06 -31.46 23.25
N GLY K 42 -44.91 -31.54 24.57
CA GLY K 42 -44.40 -32.73 25.24
C GLY K 42 -42.90 -32.71 25.50
N SER K 43 -42.18 -31.75 24.92
CA SER K 43 -40.75 -31.56 25.18
C SER K 43 -40.49 -31.03 26.59
N ASN K 44 -41.46 -30.30 27.16
CA ASN K 44 -41.39 -29.85 28.55
C ASN K 44 -41.41 -31.00 29.56
N ILE K 45 -42.07 -32.11 29.20
CA ILE K 45 -42.03 -33.33 30.02
C ILE K 45 -40.62 -33.90 30.05
N ASP K 46 -39.95 -33.88 28.89
CA ASP K 46 -38.57 -34.36 28.75
C ASP K 46 -37.59 -33.49 29.53
N CYS K 47 -37.77 -32.18 29.42
CA CYS K 47 -36.91 -31.21 30.10
C CYS K 47 -36.94 -31.41 31.62
N GLU K 48 -38.14 -31.48 32.19
CA GLU K 48 -38.31 -31.67 33.63
C GLU K 48 -38.03 -33.10 34.12
N LYS K 49 -38.05 -34.06 33.20
CA LYS K 49 -37.55 -35.42 33.49
C LYS K 49 -36.03 -35.42 33.65
N LEU K 50 -35.34 -34.82 32.69
CA LEU K 50 -33.88 -34.76 32.69
C LEU K 50 -33.32 -33.80 33.74
N ARG K 51 -34.03 -32.70 34.00
CA ARG K 51 -33.62 -31.71 35.01
C ARG K 51 -33.45 -32.35 36.39
N ARG K 52 -34.44 -33.15 36.78
CA ARG K 52 -34.37 -33.94 38.02
C ARG K 52 -33.31 -35.04 37.93
N ARG K 53 -33.20 -35.67 36.77
CA ARG K 53 -32.33 -36.84 36.59
C ARG K 53 -30.84 -36.52 36.74
N PHE K 54 -30.37 -35.50 36.01
CA PHE K 54 -28.97 -35.08 36.10
C PHE K 54 -28.64 -34.44 37.44
N SER K 55 -29.60 -33.73 38.03
CA SER K 55 -29.47 -33.22 39.40
C SER K 55 -29.40 -34.36 40.42
N SER K 56 -30.11 -35.46 40.15
CA SER K 56 -29.99 -36.70 40.94
C SER K 56 -28.60 -37.35 40.77
N LEU K 57 -27.99 -37.19 39.59
CA LEU K 57 -26.61 -37.60 39.33
C LEU K 57 -25.53 -36.56 39.76
N HIS K 58 -25.93 -35.57 40.57
CA HIS K 58 -25.04 -34.59 41.19
C HIS K 58 -24.42 -33.59 40.20
N PHE K 59 -25.20 -33.17 39.20
CA PHE K 59 -24.78 -32.13 38.25
C PHE K 59 -25.46 -30.80 38.60
N MET K 60 -24.74 -29.71 38.38
CA MET K 60 -25.31 -28.36 38.52
C MET K 60 -26.14 -28.03 37.26
N VAL K 61 -27.40 -28.43 37.29
CA VAL K 61 -28.30 -28.34 36.12
C VAL K 61 -28.80 -26.91 35.93
N GLU K 62 -28.89 -26.49 34.66
CA GLU K 62 -29.40 -25.17 34.29
C GLU K 62 -30.12 -25.22 32.94
N VAL K 63 -31.46 -25.17 32.99
CA VAL K 63 -32.30 -25.18 31.78
C VAL K 63 -32.36 -23.78 31.18
N LYS K 64 -32.31 -23.71 29.85
CA LYS K 64 -32.54 -22.47 29.10
C LYS K 64 -33.54 -22.73 27.98
N GLY K 65 -34.71 -22.08 28.07
CA GLY K 65 -35.84 -22.36 27.18
C GLY K 65 -35.92 -21.44 25.98
N ASP K 66 -36.30 -22.01 24.83
CA ASP K 66 -36.64 -21.27 23.62
C ASP K 66 -35.53 -20.28 23.20
N LEU K 67 -34.29 -20.78 23.16
CA LEU K 67 -33.13 -19.98 22.76
C LEU K 67 -33.06 -19.85 21.24
N THR K 68 -32.72 -18.64 20.77
CA THR K 68 -32.45 -18.40 19.36
C THR K 68 -31.11 -19.04 18.95
N ALA K 69 -30.91 -19.20 17.64
CA ALA K 69 -29.70 -19.84 17.09
C ALA K 69 -28.40 -19.21 17.59
N LYS K 70 -28.38 -17.88 17.66
CA LYS K 70 -27.22 -17.12 18.18
C LYS K 70 -27.00 -17.39 19.68
N LYS K 71 -28.07 -17.30 20.47
CA LYS K 71 -28.00 -17.49 21.93
C LYS K 71 -27.72 -18.94 22.34
N MET K 72 -28.00 -19.90 21.45
CA MET K 72 -27.57 -21.30 21.65
C MET K 72 -26.05 -21.42 21.65
N VAL K 73 -25.39 -20.68 20.75
CA VAL K 73 -23.92 -20.65 20.67
C VAL K 73 -23.32 -19.89 21.86
N LEU K 74 -23.94 -18.77 22.24
CA LEU K 74 -23.49 -17.97 23.39
C LEU K 74 -23.65 -18.70 24.73
N ALA K 75 -24.74 -19.45 24.86
CA ALA K 75 -24.99 -20.26 26.06
C ALA K 75 -23.98 -21.40 26.21
N LEU K 76 -23.57 -21.99 25.08
CA LEU K 76 -22.54 -23.04 25.05
C LEU K 76 -21.14 -22.47 25.29
N LEU K 77 -20.86 -21.31 24.70
CA LEU K 77 -19.61 -20.58 24.96
C LEU K 77 -19.53 -20.11 26.42
N GLU K 78 -20.66 -19.71 26.99
CA GLU K 78 -20.76 -19.36 28.41
C GLU K 78 -20.39 -20.56 29.29
N LEU K 79 -20.88 -21.75 28.92
CA LEU K 79 -20.51 -22.98 29.62
C LEU K 79 -19.03 -23.32 29.43
N ALA K 80 -18.53 -23.12 28.21
CA ALA K 80 -17.12 -23.37 27.89
C ALA K 80 -16.16 -22.37 28.56
N ARG K 81 -16.65 -21.16 28.83
CA ARG K 81 -15.84 -20.11 29.48
C ARG K 81 -15.55 -20.42 30.97
N GLN K 82 -16.45 -21.16 31.62
CA GLN K 82 -16.33 -21.47 33.05
C GLN K 82 -15.11 -22.33 33.38
N ASP K 83 -14.69 -22.29 34.65
CA ASP K 83 -13.55 -23.06 35.15
C ASP K 83 -14.02 -24.44 35.61
N HIS K 84 -13.70 -25.47 34.82
CA HIS K 84 -14.00 -26.87 35.15
C HIS K 84 -12.80 -27.57 35.84
N GLY K 85 -12.21 -26.91 36.83
CA GLY K 85 -11.05 -27.44 37.54
C GLY K 85 -11.46 -28.48 38.58
N ALA K 86 -12.35 -28.08 39.48
CA ALA K 86 -12.90 -28.97 40.51
C ALA K 86 -13.87 -30.01 39.95
N LEU K 87 -14.50 -29.71 38.81
CA LEU K 87 -15.48 -30.60 38.20
C LEU K 87 -14.82 -31.76 37.47
N ASP K 88 -15.48 -32.92 37.49
CA ASP K 88 -14.99 -34.15 36.85
C ASP K 88 -15.61 -34.42 35.47
N CYS K 89 -16.82 -33.89 35.22
CA CYS K 89 -17.56 -34.17 33.99
C CYS K 89 -18.25 -32.92 33.43
N CYS K 90 -18.93 -33.09 32.29
CA CYS K 90 -19.75 -32.03 31.69
C CYS K 90 -20.77 -32.63 30.71
N VAL K 91 -22.03 -32.21 30.84
CA VAL K 91 -23.14 -32.72 30.00
C VAL K 91 -23.83 -31.57 29.28
N VAL K 92 -24.30 -31.83 28.06
CA VAL K 92 -25.09 -30.87 27.29
C VAL K 92 -26.26 -31.60 26.62
N VAL K 93 -27.48 -31.19 26.95
CA VAL K 93 -28.69 -31.76 26.36
C VAL K 93 -29.37 -30.71 25.48
N ILE K 94 -29.75 -31.11 24.27
CA ILE K 94 -30.42 -30.22 23.31
C ILE K 94 -31.72 -30.86 22.82
N LEU K 95 -32.84 -30.28 23.23
CA LEU K 95 -34.17 -30.72 22.80
C LEU K 95 -34.71 -29.69 21.80
N SER K 96 -34.73 -30.05 20.51
CA SER K 96 -35.21 -29.17 19.45
C SER K 96 -35.48 -29.94 18.15
N HIS K 97 -35.96 -29.24 17.13
CA HIS K 97 -36.04 -29.80 15.77
C HIS K 97 -34.64 -29.94 15.20
N GLY K 98 -34.49 -30.83 14.22
CA GLY K 98 -33.22 -31.03 13.52
C GLY K 98 -33.39 -31.20 12.02
N CYS K 99 -32.26 -31.25 11.31
CA CYS K 99 -32.26 -31.46 9.86
C CYS K 99 -30.95 -32.06 9.35
N GLN K 100 -31.02 -32.71 8.19
CA GLN K 100 -29.85 -33.30 7.54
C GLN K 100 -29.13 -32.23 6.73
N ALA K 101 -27.92 -31.88 7.15
CA ALA K 101 -27.07 -30.92 6.45
C ALA K 101 -25.78 -31.59 5.99
N SER K 102 -25.13 -30.98 4.99
CA SER K 102 -23.80 -31.39 4.56
C SER K 102 -22.81 -31.04 5.67
N HIS K 103 -21.98 -32.01 6.06
CA HIS K 103 -21.03 -31.83 7.17
C HIS K 103 -19.69 -32.51 6.90
N LEU K 104 -18.71 -32.21 7.75
CA LEU K 104 -17.35 -32.76 7.64
C LEU K 104 -17.06 -33.78 8.74
N GLN K 105 -17.18 -33.36 10.01
CA GLN K 105 -16.81 -34.18 11.17
C GLN K 105 -17.99 -35.02 11.68
N PHE K 106 -19.02 -34.34 12.22
CA PHE K 106 -20.20 -34.99 12.80
C PHE K 106 -21.43 -34.72 11.94
N PRO K 107 -22.35 -35.69 11.87
CA PRO K 107 -23.62 -35.47 11.18
C PRO K 107 -24.62 -34.70 12.06
N GLY K 108 -25.68 -34.21 11.43
CA GLY K 108 -26.80 -33.60 12.14
C GLY K 108 -26.63 -32.13 12.50
N ALA K 109 -27.77 -31.47 12.70
CA ALA K 109 -27.83 -30.08 13.14
C ALA K 109 -29.14 -29.83 13.91
N VAL K 110 -29.12 -28.88 14.84
CA VAL K 110 -30.28 -28.53 15.67
C VAL K 110 -30.73 -27.08 15.43
N TYR K 111 -32.04 -26.86 15.41
CA TYR K 111 -32.61 -25.54 15.11
C TYR K 111 -32.73 -24.67 16.36
N GLY K 112 -32.60 -23.35 16.16
CA GLY K 112 -32.97 -22.35 17.17
C GLY K 112 -34.41 -21.93 16.95
N THR K 113 -34.93 -21.09 17.84
CA THR K 113 -36.30 -20.58 17.72
C THR K 113 -36.50 -19.65 16.51
N ASP K 114 -35.44 -18.93 16.13
CA ASP K 114 -35.48 -18.03 14.97
C ASP K 114 -35.59 -18.74 13.62
N GLY K 115 -35.03 -19.95 13.52
CA GLY K 115 -35.07 -20.75 12.28
C GLY K 115 -33.72 -21.08 11.67
N CYS K 116 -32.66 -20.39 12.09
CA CYS K 116 -31.28 -20.71 11.67
C CYS K 116 -30.79 -21.94 12.44
N PRO K 117 -30.15 -22.91 11.74
CA PRO K 117 -29.67 -24.13 12.40
C PRO K 117 -28.26 -23.99 12.97
N VAL K 118 -28.00 -24.73 14.05
CA VAL K 118 -26.67 -24.86 14.65
C VAL K 118 -26.25 -26.31 14.51
N SER K 119 -25.10 -26.55 13.90
CA SER K 119 -24.60 -27.91 13.65
C SER K 119 -24.07 -28.56 14.94
N VAL K 120 -24.23 -29.88 15.05
CA VAL K 120 -23.67 -30.65 16.18
C VAL K 120 -22.15 -30.56 16.16
N GLU K 121 -21.59 -30.67 14.94
CA GLU K 121 -20.18 -30.38 14.64
C GLU K 121 -19.65 -29.15 15.37
N LYS K 122 -20.35 -28.01 15.21
CA LYS K 122 -19.95 -26.75 15.84
C LYS K 122 -20.07 -26.77 17.36
N ILE K 123 -21.16 -27.37 17.86
CA ILE K 123 -21.46 -27.42 19.30
C ILE K 123 -20.41 -28.23 20.08
N VAL K 124 -19.98 -29.36 19.50
CA VAL K 124 -19.00 -30.25 20.13
C VAL K 124 -17.58 -29.65 20.15
N ASN K 125 -17.17 -29.04 19.04
CA ASN K 125 -15.84 -28.41 18.92
C ASN K 125 -15.61 -27.17 19.80
N ILE K 126 -16.68 -26.62 20.38
CA ILE K 126 -16.57 -25.59 21.43
C ILE K 126 -15.88 -26.14 22.69
N PHE K 127 -16.10 -27.42 22.99
CA PHE K 127 -15.61 -28.05 24.22
C PHE K 127 -14.35 -28.92 24.07
N ASN K 128 -13.74 -28.94 22.88
CA ASN K 128 -12.52 -29.73 22.67
C ASN K 128 -11.29 -29.19 23.42
N GLY K 129 -10.27 -30.02 23.55
CA GLY K 129 -9.08 -29.72 24.36
C GLY K 129 -8.39 -28.39 24.12
N THR K 130 -8.41 -27.93 22.88
CA THR K 130 -7.86 -26.63 22.52
C THR K 130 -8.75 -25.49 23.05
N SER K 131 -10.05 -25.60 22.83
CA SER K 131 -11.01 -24.53 23.16
C SER K 131 -11.33 -24.42 24.65
N CYS K 132 -11.73 -25.55 25.24
CA CYS K 132 -11.99 -25.63 26.68
C CYS K 132 -10.92 -26.52 27.33
N PRO K 133 -9.78 -25.93 27.72
CA PRO K 133 -8.69 -26.72 28.33
C PRO K 133 -9.00 -27.24 29.75
N SER K 134 -9.96 -26.63 30.43
CA SER K 134 -10.36 -27.05 31.78
C SER K 134 -11.01 -28.44 31.82
N LEU K 135 -11.70 -28.80 30.74
CA LEU K 135 -12.24 -30.16 30.55
C LEU K 135 -11.27 -31.07 29.77
N GLY K 136 -9.96 -30.83 29.90
CA GLY K 136 -8.95 -31.64 29.25
C GLY K 136 -8.82 -32.98 29.94
N GLY K 137 -9.01 -34.06 29.20
CA GLY K 137 -8.99 -35.42 29.77
C GLY K 137 -10.19 -35.74 30.63
N LYS K 138 -11.32 -35.08 30.37
CA LYS K 138 -12.57 -35.30 31.12
C LYS K 138 -13.71 -35.58 30.14
N PRO K 139 -14.67 -36.46 30.51
CA PRO K 139 -15.77 -36.82 29.61
C PRO K 139 -16.72 -35.65 29.33
N LYS K 140 -17.04 -35.45 28.04
CA LYS K 140 -17.89 -34.37 27.58
C LYS K 140 -19.08 -34.96 26.82
N LEU K 141 -20.20 -35.12 27.52
CA LEU K 141 -21.38 -35.81 27.00
C LEU K 141 -22.31 -34.87 26.25
N PHE K 142 -22.96 -35.38 25.20
CA PHE K 142 -23.92 -34.62 24.40
C PHE K 142 -25.14 -35.47 24.05
N PHE K 143 -26.30 -35.10 24.59
CA PHE K 143 -27.56 -35.79 24.31
C PHE K 143 -28.41 -34.94 23.39
N ILE K 144 -28.55 -35.37 22.13
CA ILE K 144 -29.23 -34.58 21.09
C ILE K 144 -30.58 -35.21 20.72
N GLN K 145 -31.66 -34.66 21.25
CA GLN K 145 -33.02 -35.02 20.84
C GLN K 145 -33.43 -34.11 19.67
N ALA K 146 -33.24 -34.62 18.46
CA ALA K 146 -33.63 -33.92 17.23
C ALA K 146 -33.63 -34.87 16.04
N CYS K 147 -34.40 -34.52 15.02
CA CYS K 147 -34.54 -35.35 13.82
C CYS K 147 -33.24 -35.36 13.02
N GLY K 148 -32.96 -36.49 12.37
CA GLY K 148 -31.79 -36.62 11.52
C GLY K 148 -32.07 -36.01 10.16
N GLY K 149 -33.19 -36.40 9.56
CA GLY K 149 -33.68 -35.84 8.30
C GLY K 149 -35.19 -35.95 8.18
N GLU K 150 -35.68 -36.04 6.94
CA GLU K 150 -37.12 -36.08 6.66
C GLU K 150 -37.71 -37.50 6.49
N GLN K 151 -36.85 -38.52 6.45
CA GLN K 151 -37.28 -39.88 6.09
C GLN K 151 -38.00 -40.58 7.24
N LYS K 152 -39.10 -41.26 6.92
CA LYS K 152 -39.87 -42.05 7.89
C LYS K 152 -39.69 -43.53 7.56
N ASP K 153 -39.10 -44.28 8.50
CA ASP K 153 -38.69 -45.67 8.26
C ASP K 153 -39.77 -46.67 8.69
N HIS K 154 -40.14 -47.55 7.76
CA HIS K 154 -41.04 -48.68 8.06
C HIS K 154 -40.30 -49.94 8.52
N GLY K 155 -38.98 -49.99 8.29
CA GLY K 155 -38.13 -51.07 8.81
C GLY K 155 -38.30 -52.38 8.04
N PHE K 156 -38.08 -53.49 8.73
CA PHE K 156 -38.33 -54.83 8.18
C PHE K 156 -38.88 -55.79 9.23
N GLU K 157 -39.53 -56.85 8.76
CA GLU K 157 -40.17 -57.84 9.62
C GLU K 157 -39.15 -58.80 10.22
N VAL K 158 -39.40 -59.20 11.47
CA VAL K 158 -38.59 -60.23 12.17
C VAL K 158 -39.52 -61.21 12.88
N ALA K 159 -39.12 -62.48 12.92
CA ALA K 159 -39.95 -63.55 13.50
C ALA K 159 -40.00 -63.47 15.03
N SER K 160 -41.02 -62.77 15.54
CA SER K 160 -41.24 -62.61 16.99
C SER K 160 -42.67 -62.18 17.30
N SER K 193 3.19 -36.11 29.09
CA SER K 193 2.04 -36.91 28.68
C SER K 193 1.03 -36.08 27.88
N SER K 194 0.98 -36.33 26.57
CA SER K 194 0.07 -35.63 25.66
C SER K 194 -1.19 -36.45 25.40
N LEU K 195 -2.31 -35.75 25.21
CA LEU K 195 -3.62 -36.38 24.96
C LEU K 195 -4.23 -35.72 23.71
N PRO K 196 -4.99 -36.49 22.88
CA PRO K 196 -5.50 -35.90 21.63
C PRO K 196 -6.57 -34.82 21.83
N THR K 197 -6.62 -33.86 20.91
CA THR K 197 -7.50 -32.69 21.01
C THR K 197 -8.99 -33.04 21.13
N PRO K 198 -9.52 -33.91 20.24
CA PRO K 198 -10.92 -34.27 20.33
C PRO K 198 -11.16 -35.55 21.16
N SER K 199 -10.45 -35.67 22.29
CA SER K 199 -10.58 -36.84 23.16
C SER K 199 -11.74 -36.66 24.13
N ASP K 200 -12.26 -37.79 24.59
CA ASP K 200 -13.33 -37.83 25.61
C ASP K 200 -14.62 -37.14 25.16
N ILE K 201 -14.93 -37.24 23.87
CA ILE K 201 -16.15 -36.70 23.29
C ILE K 201 -17.15 -37.83 23.14
N PHE K 202 -18.41 -37.57 23.52
CA PHE K 202 -19.48 -38.57 23.43
C PHE K 202 -20.78 -37.89 23.02
N VAL K 203 -21.23 -38.17 21.79
CA VAL K 203 -22.47 -37.60 21.26
C VAL K 203 -23.50 -38.71 21.06
N SER K 204 -24.57 -38.66 21.85
CA SER K 204 -25.69 -39.61 21.73
C SER K 204 -26.83 -39.02 20.89
N TYR K 205 -27.10 -39.65 19.75
CA TYR K 205 -28.17 -39.23 18.84
C TYR K 205 -29.48 -39.94 19.17
N SER K 206 -30.59 -39.21 19.05
CA SER K 206 -31.93 -39.76 19.28
C SER K 206 -32.37 -40.67 18.16
N THR K 207 -32.13 -40.23 16.92
CA THR K 207 -32.51 -40.96 15.72
C THR K 207 -31.29 -41.13 14.80
N PHE K 208 -31.41 -42.10 13.88
CA PHE K 208 -30.36 -42.38 12.89
C PHE K 208 -30.25 -41.20 11.91
N PRO K 209 -29.03 -40.85 11.45
CA PRO K 209 -28.86 -39.75 10.51
C PRO K 209 -29.72 -39.86 9.24
N GLY K 210 -30.45 -38.78 8.93
CA GLY K 210 -31.40 -38.75 7.83
C GLY K 210 -32.79 -39.31 8.10
N PHE K 211 -33.09 -39.66 9.36
CA PHE K 211 -34.39 -40.21 9.77
C PHE K 211 -35.04 -39.38 10.88
N VAL K 212 -36.37 -39.43 10.94
CA VAL K 212 -37.16 -38.59 11.84
C VAL K 212 -37.16 -39.15 13.27
N SER K 213 -37.11 -38.26 14.26
CA SER K 213 -37.22 -38.63 15.68
C SER K 213 -38.65 -38.35 16.17
N TRP K 214 -39.27 -39.35 16.79
CA TRP K 214 -40.70 -39.31 17.13
C TRP K 214 -40.96 -38.74 18.53
N ARG K 215 -42.18 -38.22 18.71
CA ARG K 215 -42.57 -37.50 19.93
C ARG K 215 -44.09 -37.58 20.16
N ASP K 216 -44.48 -38.21 21.28
CA ASP K 216 -45.87 -38.22 21.72
C ASP K 216 -46.09 -37.01 22.64
N PRO K 217 -47.09 -36.16 22.35
CA PRO K 217 -47.31 -34.98 23.21
C PRO K 217 -47.84 -35.27 24.63
N LYS K 218 -48.36 -36.48 24.87
CA LYS K 218 -48.82 -36.90 26.21
C LYS K 218 -47.68 -37.41 27.10
N SER K 219 -46.77 -38.20 26.53
CA SER K 219 -45.64 -38.78 27.27
C SER K 219 -44.34 -37.99 27.08
N GLY K 220 -44.06 -37.60 25.84
CA GLY K 220 -42.84 -36.87 25.47
C GLY K 220 -42.13 -37.56 24.30
N SER K 221 -40.82 -37.32 24.20
CA SER K 221 -39.98 -37.97 23.19
C SER K 221 -39.76 -39.43 23.53
N TRP K 222 -39.78 -40.29 22.51
CA TRP K 222 -39.45 -41.73 22.62
C TRP K 222 -38.07 -41.95 23.23
N TYR K 223 -37.10 -41.17 22.75
CA TYR K 223 -35.71 -41.23 23.20
C TYR K 223 -35.55 -40.85 24.68
N VAL K 224 -36.11 -39.70 25.05
CA VAL K 224 -35.96 -39.15 26.41
C VAL K 224 -36.72 -39.97 27.47
N GLU K 225 -37.96 -40.34 27.13
CA GLU K 225 -38.79 -41.23 27.98
C GLU K 225 -38.04 -42.52 28.31
N THR K 226 -37.51 -43.16 27.27
CA THR K 226 -36.72 -44.40 27.40
C THR K 226 -35.38 -44.16 28.11
N LEU K 227 -34.79 -42.98 27.94
CA LEU K 227 -33.52 -42.63 28.59
C LEU K 227 -33.71 -42.47 30.11
N ASP K 228 -34.73 -41.70 30.50
CA ASP K 228 -35.02 -41.44 31.93
C ASP K 228 -35.45 -42.71 32.69
N ASP K 229 -36.18 -43.60 32.01
CA ASP K 229 -36.62 -44.87 32.59
C ASP K 229 -35.44 -45.82 32.86
N ILE K 230 -34.52 -45.92 31.90
CA ILE K 230 -33.35 -46.79 32.01
C ILE K 230 -32.32 -46.22 32.99
N PHE K 231 -32.16 -44.89 33.01
CA PHE K 231 -31.29 -44.21 33.99
C PHE K 231 -31.82 -44.34 35.43
N GLU K 232 -33.14 -44.39 35.59
CA GLU K 232 -33.75 -44.66 36.90
C GLU K 232 -33.42 -46.07 37.37
N GLN K 233 -33.65 -47.05 36.49
CA GLN K 233 -33.54 -48.46 36.85
C GLN K 233 -32.09 -48.99 36.93
N TRP K 234 -31.23 -48.55 36.00
CA TRP K 234 -29.91 -49.17 35.80
C TRP K 234 -28.67 -48.29 35.99
N ALA K 235 -28.84 -46.97 36.19
CA ALA K 235 -27.69 -46.05 36.22
C ALA K 235 -26.74 -46.22 37.41
N HIS K 236 -27.23 -46.81 38.50
CA HIS K 236 -26.38 -47.09 39.68
C HIS K 236 -25.35 -48.20 39.45
N SER K 237 -25.71 -49.21 38.65
CA SER K 237 -24.86 -50.40 38.42
C SER K 237 -24.10 -50.37 37.09
N GLU K 238 -24.76 -49.93 36.02
CA GLU K 238 -24.21 -49.96 34.64
C GLU K 238 -23.63 -48.63 34.18
N ASP K 239 -22.78 -48.70 33.15
CA ASP K 239 -22.07 -47.52 32.59
C ASP K 239 -22.87 -46.84 31.48
N LEU K 240 -22.36 -45.70 30.99
CA LEU K 240 -23.06 -44.83 30.01
C LEU K 240 -23.45 -45.56 28.73
N GLN K 241 -22.47 -46.13 28.04
CA GLN K 241 -22.73 -46.83 26.77
C GLN K 241 -23.52 -48.15 26.95
N SER K 242 -23.51 -48.71 28.16
CA SER K 242 -24.39 -49.85 28.49
C SER K 242 -25.85 -49.41 28.68
N LEU K 243 -26.07 -48.25 29.29
CA LEU K 243 -27.41 -47.66 29.43
C LEU K 243 -28.02 -47.30 28.09
N LEU K 244 -27.23 -46.65 27.23
CA LEU K 244 -27.68 -46.24 25.89
C LEU K 244 -27.87 -47.40 24.90
N LEU K 245 -27.29 -48.56 25.20
CA LEU K 245 -27.60 -49.79 24.46
C LEU K 245 -29.03 -50.25 24.73
N ARG K 246 -29.42 -50.28 26.01
CA ARG K 246 -30.81 -50.58 26.41
C ARG K 246 -31.81 -49.56 25.85
N VAL K 247 -31.38 -48.29 25.77
CA VAL K 247 -32.19 -47.22 25.17
C VAL K 247 -32.36 -47.46 23.66
N ALA K 248 -31.26 -47.79 22.99
CA ALA K 248 -31.28 -48.15 21.57
C ALA K 248 -32.10 -49.42 21.32
N ASN K 249 -32.01 -50.38 22.23
CA ASN K 249 -32.79 -51.62 22.15
C ASN K 249 -34.28 -51.40 22.38
N ALA K 250 -34.61 -50.58 23.39
CA ALA K 250 -36.01 -50.29 23.76
C ALA K 250 -36.74 -49.43 22.72
N VAL K 251 -36.05 -48.40 22.20
CA VAL K 251 -36.64 -47.49 21.22
C VAL K 251 -36.89 -48.15 19.86
N SER K 252 -36.08 -49.14 19.50
CA SER K 252 -36.21 -49.85 18.21
C SER K 252 -37.53 -50.59 18.05
N VAL K 253 -38.00 -51.22 19.14
CA VAL K 253 -39.25 -52.01 19.12
C VAL K 253 -40.55 -51.16 19.08
N LYS K 254 -40.45 -49.86 19.37
CA LYS K 254 -41.63 -48.99 19.46
C LYS K 254 -42.32 -48.71 18.12
N GLY K 255 -43.64 -48.85 18.11
CA GLY K 255 -44.52 -48.27 17.08
C GLY K 255 -44.48 -48.88 15.70
N ILE K 256 -45.34 -48.36 14.82
CA ILE K 256 -45.36 -48.73 13.40
C ILE K 256 -44.15 -48.08 12.71
N TYR K 257 -44.04 -46.77 12.86
CA TYR K 257 -42.83 -46.03 12.44
C TYR K 257 -41.73 -46.27 13.46
N LYS K 258 -40.48 -46.29 12.99
CA LYS K 258 -39.34 -46.75 13.78
C LYS K 258 -38.15 -45.79 13.73
N GLN K 259 -37.36 -45.79 14.81
CA GLN K 259 -36.11 -45.02 14.87
C GLN K 259 -35.04 -45.80 15.65
N MET K 260 -33.78 -45.57 15.28
CA MET K 260 -32.63 -46.29 15.83
C MET K 260 -31.66 -45.31 16.49
N PRO K 261 -31.71 -45.20 17.83
CA PRO K 261 -30.72 -44.37 18.53
C PRO K 261 -29.30 -44.94 18.47
N GLY K 262 -28.30 -44.06 18.53
CA GLY K 262 -26.90 -44.47 18.54
C GLY K 262 -25.97 -43.37 19.02
N CYS K 263 -24.72 -43.76 19.29
CA CYS K 263 -23.73 -42.89 19.91
C CYS K 263 -22.44 -42.82 19.11
N PHE K 264 -21.89 -41.62 18.96
CA PHE K 264 -20.56 -41.42 18.39
C PHE K 264 -19.60 -41.35 19.58
N ASN K 265 -18.94 -42.47 19.87
CA ASN K 265 -18.11 -42.63 21.06
C ASN K 265 -16.63 -42.34 20.77
N PHE K 266 -16.06 -41.35 21.47
CA PHE K 266 -14.61 -41.12 21.49
C PHE K 266 -14.10 -41.02 22.93
N LEU K 267 -14.54 -41.97 23.77
CA LEU K 267 -14.12 -42.02 25.17
C LEU K 267 -13.01 -43.04 25.33
N ARG K 268 -12.08 -42.77 26.24
CA ARG K 268 -10.96 -43.66 26.55
C ARG K 268 -11.31 -44.67 27.65
N LYS K 269 -12.23 -44.28 28.55
CA LYS K 269 -12.62 -45.10 29.69
C LYS K 269 -14.15 -45.22 29.77
N LYS K 270 -14.63 -46.11 30.65
CA LYS K 270 -16.07 -46.25 30.92
C LYS K 270 -16.56 -45.14 31.84
N LEU K 271 -17.86 -44.81 31.76
CA LEU K 271 -18.44 -43.72 32.55
C LEU K 271 -19.58 -44.21 33.44
N PHE K 272 -19.25 -44.41 34.73
CA PHE K 272 -20.25 -44.77 35.75
C PHE K 272 -20.65 -43.51 36.51
N PHE K 273 -21.93 -43.14 36.43
CA PHE K 273 -22.44 -41.93 37.09
C PHE K 273 -22.47 -42.08 38.61
N LYS K 274 -22.20 -40.97 39.31
CA LYS K 274 -22.25 -40.94 40.76
C LYS K 274 -23.70 -40.81 41.22
N THR K 275 -24.15 -41.78 42.03
CA THR K 275 -25.48 -41.75 42.68
C THR K 275 -25.33 -41.97 44.19
N SER K 276 -26.27 -41.39 44.95
CA SER K 276 -26.25 -41.42 46.43
C SER K 276 -25.03 -40.72 47.01
N THR L 1 -65.90 -33.37 3.66
CA THR L 1 -66.06 -32.91 2.25
C THR L 1 -65.88 -31.38 2.07
N PRO L 2 -66.44 -30.56 3.01
CA PRO L 2 -66.19 -29.11 2.92
C PRO L 2 -64.78 -28.67 3.32
N GLU L 3 -64.20 -29.32 4.35
CA GLU L 3 -62.88 -28.96 4.88
C GLU L 3 -61.71 -29.17 3.90
N SER L 4 -61.76 -30.27 3.14
CA SER L 4 -60.64 -30.70 2.29
C SER L 4 -61.11 -31.32 0.98
N VAL L 5 -60.15 -31.54 0.07
CA VAL L 5 -60.42 -32.08 -1.27
C VAL L 5 -59.54 -33.30 -1.54
N SER L 6 -60.14 -34.34 -2.13
CA SER L 6 -59.46 -35.61 -2.43
C SER L 6 -58.79 -35.62 -3.81
N GLU L 7 -59.47 -35.05 -4.80
CA GLU L 7 -58.93 -34.88 -6.16
C GLU L 7 -59.30 -33.50 -6.70
N LEU L 8 -58.44 -32.95 -7.55
CA LEU L 8 -58.51 -31.53 -7.94
C LEU L 8 -59.61 -31.21 -8.96
N ASN L 9 -60.42 -30.20 -8.64
CA ASN L 9 -61.48 -29.70 -9.54
C ASN L 9 -60.93 -28.76 -10.62
N HIS L 10 -61.81 -28.27 -11.49
CA HIS L 10 -61.47 -27.23 -12.48
C HIS L 10 -61.08 -25.89 -11.83
N ASN L 11 -61.66 -25.60 -10.65
CA ASN L 11 -61.32 -24.41 -9.86
C ASN L 11 -59.87 -24.39 -9.35
N HIS L 12 -59.30 -25.57 -9.13
CA HIS L 12 -57.97 -25.73 -8.53
C HIS L 12 -56.80 -25.40 -9.46
N PHE L 13 -57.05 -25.33 -10.77
CA PHE L 13 -55.99 -25.04 -11.76
C PHE L 13 -55.54 -23.57 -11.69
N LEU L 14 -54.40 -23.31 -12.32
CA LEU L 14 -53.78 -21.98 -12.29
C LEU L 14 -54.54 -20.98 -13.15
N SER L 15 -54.86 -19.82 -12.56
CA SER L 15 -55.50 -18.71 -13.29
C SER L 15 -54.47 -18.00 -14.19
N PRO L 16 -54.94 -17.19 -15.16
CA PRO L 16 -54.01 -16.42 -16.01
C PRO L 16 -53.09 -15.43 -15.26
N GLU L 17 -53.52 -14.94 -14.10
CA GLU L 17 -52.69 -14.10 -13.24
C GLU L 17 -51.54 -14.90 -12.60
N LEU L 18 -51.87 -16.06 -12.03
CA LEU L 18 -50.88 -16.97 -11.42
C LEU L 18 -50.00 -17.68 -12.46
N GLN L 19 -50.56 -18.01 -13.61
CA GLN L 19 -49.82 -18.63 -14.72
C GLN L 19 -48.76 -17.68 -15.29
N ASP L 20 -49.12 -16.42 -15.48
CA ASP L 20 -48.20 -15.38 -15.95
C ASP L 20 -47.07 -15.12 -14.95
N LYS L 21 -47.40 -15.12 -13.66
CA LYS L 21 -46.41 -14.98 -12.58
C LYS L 21 -45.44 -16.17 -12.50
N LEU L 22 -45.92 -17.36 -12.87
CA LEU L 22 -45.09 -18.58 -12.87
C LEU L 22 -44.05 -18.54 -14.00
N ASP L 23 -44.51 -18.20 -15.21
CA ASP L 23 -43.65 -18.18 -16.40
C ASP L 23 -42.54 -17.11 -16.37
N VAL L 24 -42.77 -16.03 -15.61
CA VAL L 24 -41.76 -15.00 -15.40
C VAL L 24 -40.60 -15.50 -14.52
N MET L 25 -40.93 -16.13 -13.40
CA MET L 25 -39.93 -16.67 -12.48
C MET L 25 -39.16 -17.89 -13.03
N VAL L 26 -39.83 -18.72 -13.82
CA VAL L 26 -39.19 -19.89 -14.47
C VAL L 26 -38.12 -19.45 -15.47
N SER L 27 -38.44 -18.43 -16.28
CA SER L 27 -37.51 -17.88 -17.27
C SER L 27 -36.34 -17.13 -16.62
N ILE L 28 -36.63 -16.34 -15.60
CA ILE L 28 -35.60 -15.58 -14.86
C ILE L 28 -34.62 -16.50 -14.12
N TYR L 29 -35.13 -17.59 -13.54
CA TYR L 29 -34.30 -18.55 -12.80
C TYR L 29 -33.31 -19.30 -13.69
N SER L 30 -33.79 -19.79 -14.84
CA SER L 30 -32.96 -20.56 -15.79
C SER L 30 -31.91 -19.70 -16.50
N CYS L 31 -32.28 -18.48 -16.89
CA CYS L 31 -31.37 -17.56 -17.59
C CYS L 31 -30.29 -16.96 -16.69
N ALA L 32 -30.64 -16.65 -15.44
CA ALA L 32 -29.70 -16.05 -14.48
C ALA L 32 -28.63 -17.05 -14.03
N ARG L 33 -27.49 -16.51 -13.59
CA ARG L 33 -26.32 -17.30 -13.19
C ARG L 33 -25.91 -17.02 -11.73
N ASN L 34 -25.58 -15.77 -11.45
CA ASN L 34 -25.11 -15.36 -10.11
C ASN L 34 -26.23 -15.26 -9.07
N ASN L 35 -25.85 -15.25 -7.80
CA ASN L 35 -26.78 -15.14 -6.68
C ASN L 35 -27.42 -13.74 -6.54
N ASN L 36 -26.65 -12.70 -6.89
CA ASN L 36 -27.14 -11.31 -6.85
C ASN L 36 -28.28 -11.01 -7.83
N GLU L 37 -28.31 -11.71 -8.96
CA GLU L 37 -29.40 -11.61 -9.94
C GLU L 37 -30.72 -12.17 -9.40
N LEU L 38 -30.64 -13.27 -8.66
CA LEU L 38 -31.83 -13.97 -8.13
C LEU L 38 -32.48 -13.34 -6.89
N GLU L 39 -31.87 -12.29 -6.32
CA GLU L 39 -32.39 -11.62 -5.11
C GLU L 39 -33.79 -11.01 -5.27
N GLU L 40 -34.11 -10.56 -6.48
CA GLU L 40 -35.46 -10.06 -6.81
C GLU L 40 -36.51 -11.19 -6.83
N ILE L 41 -36.10 -12.38 -7.27
CA ILE L 41 -36.98 -13.57 -7.30
C ILE L 41 -37.20 -14.13 -5.87
N PHE L 42 -36.16 -14.08 -5.05
CA PHE L 42 -36.23 -14.53 -3.64
C PHE L 42 -37.27 -13.77 -2.82
N GLN L 43 -37.30 -12.44 -2.99
CA GLN L 43 -38.25 -11.58 -2.26
C GLN L 43 -39.72 -11.81 -2.62
N GLU L 44 -39.99 -12.37 -3.81
CA GLU L 44 -41.35 -12.74 -4.22
C GLU L 44 -41.85 -13.96 -3.46
N LEU L 45 -41.03 -15.02 -3.43
CA LEU L 45 -41.40 -16.27 -2.75
C LEU L 45 -41.58 -16.09 -1.24
N SER L 46 -40.62 -15.42 -0.60
CA SER L 46 -40.69 -15.16 0.85
C SER L 46 -41.87 -14.27 1.26
N ALA L 47 -42.31 -13.40 0.34
CA ALA L 47 -43.54 -12.62 0.51
C ALA L 47 -44.78 -13.47 0.25
N PHE L 48 -44.74 -14.25 -0.83
CA PHE L 48 -45.87 -15.11 -1.24
C PHE L 48 -46.12 -16.25 -0.23
N VAL L 49 -45.06 -16.91 0.21
CA VAL L 49 -45.15 -18.01 1.18
C VAL L 49 -45.61 -17.53 2.57
N SER L 50 -45.13 -16.36 2.99
CA SER L 50 -45.57 -15.72 4.25
C SER L 50 -47.05 -15.32 4.18
N GLY L 51 -47.48 -14.83 3.03
CA GLY L 51 -48.88 -14.55 2.76
C GLY L 51 -49.74 -15.82 2.65
N LEU L 52 -49.20 -16.83 1.97
CA LEU L 52 -49.84 -18.15 1.85
C LEU L 52 -50.04 -18.82 3.22
N MET L 53 -49.06 -18.64 4.11
CA MET L 53 -49.15 -19.13 5.48
C MET L 53 -50.22 -18.38 6.29
N ASP L 54 -50.29 -17.06 6.11
CA ASP L 54 -51.37 -16.24 6.69
C ASP L 54 -52.74 -16.59 6.13
N LYS L 55 -52.79 -16.96 4.85
CA LYS L 55 -54.02 -17.35 4.16
C LYS L 55 -54.64 -18.63 4.73
N ARG L 56 -53.78 -19.58 5.11
CA ARG L 56 -54.23 -20.83 5.73
C ARG L 56 -54.86 -20.60 7.11
N ASN L 57 -54.21 -19.79 7.94
CA ASN L 57 -54.69 -19.51 9.30
C ASN L 57 -56.03 -18.77 9.35
N SER L 58 -56.28 -17.92 8.35
CA SER L 58 -57.57 -17.23 8.21
C SER L 58 -58.67 -18.16 7.70
N VAL L 59 -58.37 -18.94 6.68
CA VAL L 59 -59.36 -19.83 6.04
C VAL L 59 -59.72 -21.04 6.92
N PHE L 60 -58.70 -21.77 7.39
CA PHE L 60 -58.88 -23.07 8.05
C PHE L 60 -58.74 -23.02 9.58
N GLU L 61 -59.25 -24.06 10.24
CA GLU L 61 -59.08 -24.29 11.68
C GLU L 61 -58.64 -25.73 11.93
N VAL L 62 -58.01 -25.95 13.08
CA VAL L 62 -57.60 -27.29 13.52
C VAL L 62 -58.12 -27.53 14.95
N ARG L 63 -59.24 -28.25 15.05
CA ARG L 63 -59.87 -28.53 16.34
C ARG L 63 -59.27 -29.75 17.03
N ASN L 64 -59.11 -29.65 18.36
CA ASN L 64 -58.64 -30.74 19.23
C ASN L 64 -57.22 -31.26 18.89
N GLU L 65 -56.24 -30.36 18.93
CA GLU L 65 -54.83 -30.70 18.63
C GLU L 65 -54.22 -31.62 19.70
N ASN L 66 -53.15 -32.32 19.31
CA ASN L 66 -52.38 -33.21 20.20
C ASN L 66 -53.19 -34.37 20.81
N THR L 67 -54.15 -34.89 20.03
CA THR L 67 -54.98 -36.04 20.42
C THR L 67 -55.21 -36.95 19.21
N ASP L 68 -55.65 -38.18 19.47
CA ASP L 68 -56.00 -39.12 18.39
C ASP L 68 -57.16 -38.62 17.52
N GLU L 69 -58.09 -37.87 18.12
CA GLU L 69 -59.26 -37.32 17.42
C GLU L 69 -59.05 -35.86 17.03
N VAL L 70 -58.02 -35.60 16.23
CA VAL L 70 -57.81 -34.27 15.62
C VAL L 70 -58.66 -34.16 14.37
N VAL L 71 -59.37 -33.03 14.24
CA VAL L 71 -60.26 -32.77 13.11
C VAL L 71 -60.02 -31.38 12.55
N GLY L 72 -59.63 -31.31 11.28
CA GLY L 72 -59.52 -30.04 10.56
C GLY L 72 -60.89 -29.53 10.14
N ALA L 73 -60.97 -28.23 9.88
CA ALA L 73 -62.25 -27.60 9.46
C ALA L 73 -62.05 -26.21 8.87
N LEU L 74 -63.12 -25.71 8.24
CA LEU L 74 -63.18 -24.31 7.79
C LEU L 74 -63.55 -23.42 8.97
N ARG L 75 -62.99 -22.21 9.00
CA ARG L 75 -63.28 -21.24 10.06
C ARG L 75 -64.67 -20.63 9.86
N ALA L 76 -65.25 -20.11 10.94
CA ALA L 76 -66.60 -19.53 10.92
C ALA L 76 -66.73 -18.35 9.94
N GLY L 77 -67.69 -18.46 9.02
CA GLY L 77 -67.91 -17.45 7.98
C GLY L 77 -66.89 -17.55 6.87
N MET L 78 -66.71 -18.75 6.33
CA MET L 78 -65.72 -19.02 5.27
C MET L 78 -66.26 -20.07 4.29
N THR L 79 -66.27 -19.73 3.00
CA THR L 79 -66.91 -20.56 1.96
C THR L 79 -65.94 -21.58 1.32
N ILE L 80 -66.49 -22.42 0.43
CA ILE L 80 -65.69 -23.35 -0.40
C ILE L 80 -64.77 -22.61 -1.38
N GLU L 81 -65.17 -21.41 -1.80
CA GLU L 81 -64.34 -20.56 -2.67
C GLU L 81 -63.05 -20.07 -1.99
N ASP L 82 -63.08 -19.92 -0.67
CA ASP L 82 -61.89 -19.58 0.12
C ASP L 82 -60.89 -20.75 0.21
N ARG L 83 -61.41 -21.97 0.33
CA ARG L 83 -60.60 -23.19 0.32
C ARG L 83 -59.87 -23.38 -1.02
N ASP L 84 -60.61 -23.20 -2.11
CA ASP L 84 -60.07 -23.39 -3.46
C ASP L 84 -59.03 -22.33 -3.86
N SER L 85 -59.19 -21.11 -3.33
CA SER L 85 -58.22 -20.02 -3.56
C SER L 85 -56.87 -20.30 -2.90
N TYR L 86 -56.88 -20.98 -1.75
CA TYR L 86 -55.65 -21.44 -1.09
C TYR L 86 -54.94 -22.54 -1.90
N ILE L 87 -55.73 -23.50 -2.38
CA ILE L 87 -55.19 -24.66 -3.11
C ILE L 87 -54.64 -24.26 -4.48
N ARG L 88 -55.21 -23.20 -5.07
CA ARG L 88 -54.62 -22.54 -6.25
C ARG L 88 -53.21 -22.01 -5.97
N ASP L 89 -53.08 -21.28 -4.87
CA ASP L 89 -51.78 -20.78 -4.40
C ASP L 89 -50.83 -21.91 -3.97
N LEU L 90 -51.40 -23.01 -3.47
CA LEU L 90 -50.63 -24.22 -3.16
C LEU L 90 -50.15 -24.92 -4.44
N PHE L 91 -51.03 -24.97 -5.45
CA PHE L 91 -50.69 -25.55 -6.78
C PHE L 91 -49.55 -24.80 -7.45
N PHE L 92 -49.52 -23.47 -7.28
CA PHE L 92 -48.45 -22.61 -7.79
C PHE L 92 -47.08 -23.06 -7.27
N LEU L 93 -46.97 -23.21 -5.95
CA LEU L 93 -45.73 -23.64 -5.30
C LEU L 93 -45.26 -25.04 -5.74
N HIS L 94 -46.21 -25.94 -5.96
CA HIS L 94 -45.90 -27.30 -6.42
C HIS L 94 -45.36 -27.31 -7.86
N SER L 95 -46.07 -26.65 -8.75
CA SER L 95 -45.69 -26.56 -10.17
C SER L 95 -44.39 -25.76 -10.38
N LEU L 96 -44.18 -24.72 -9.56
CA LEU L 96 -42.94 -23.93 -9.58
C LEU L 96 -41.74 -24.76 -9.14
N LYS L 97 -41.92 -25.56 -8.10
CA LYS L 97 -40.88 -26.47 -7.59
C LYS L 97 -40.50 -27.54 -8.63
N VAL L 98 -41.48 -28.04 -9.39
CA VAL L 98 -41.24 -29.05 -10.42
C VAL L 98 -40.35 -28.52 -11.55
N LYS L 99 -40.61 -27.28 -11.98
CA LYS L 99 -39.83 -26.65 -13.04
C LYS L 99 -38.38 -26.33 -12.64
N ILE L 100 -38.17 -25.98 -11.37
CA ILE L 100 -36.83 -25.75 -10.81
C ILE L 100 -36.02 -27.05 -10.73
N GLU L 101 -36.68 -28.15 -10.38
CA GLU L 101 -36.06 -29.48 -10.37
C GLU L 101 -35.64 -29.94 -11.77
N GLU L 102 -36.41 -29.55 -12.79
CA GLU L 102 -36.07 -29.83 -14.20
C GLU L 102 -34.82 -29.06 -14.67
N SER L 103 -34.61 -27.84 -14.16
CA SER L 103 -33.46 -27.01 -14.52
C SER L 103 -32.15 -27.59 -14.00
N ARG L 104 -32.07 -27.76 -12.68
CA ARG L 104 -30.91 -28.37 -12.03
C ARG L 104 -30.92 -29.89 -12.21
N GLN L 105 -30.11 -30.39 -13.15
CA GLN L 105 -30.01 -31.82 -13.46
C GLN L 105 -28.54 -32.30 -13.48
N GLY L 106 -27.71 -31.62 -14.26
CA GLY L 106 -26.29 -31.97 -14.40
C GLY L 106 -25.49 -31.83 -13.12
N LYS L 107 -25.51 -30.63 -12.55
CA LYS L 107 -24.88 -30.37 -11.24
C LYS L 107 -25.79 -30.87 -10.12
N GLU L 108 -25.29 -31.82 -9.33
CA GLU L 108 -26.06 -32.44 -8.23
C GLU L 108 -26.29 -31.47 -7.07
N ASP L 109 -25.24 -30.74 -6.67
CA ASP L 109 -25.30 -29.78 -5.56
C ASP L 109 -25.32 -28.33 -6.04
N SER L 110 -25.67 -27.43 -5.13
CA SER L 110 -25.83 -25.99 -5.43
C SER L 110 -26.02 -25.13 -4.17
N LYS L 111 -26.97 -25.53 -3.31
CA LYS L 111 -27.34 -24.81 -2.09
C LYS L 111 -28.01 -23.47 -2.42
N CYS L 112 -29.06 -23.57 -3.25
CA CYS L 112 -29.82 -22.39 -3.71
C CYS L 112 -30.77 -21.90 -2.62
N LYS L 113 -30.92 -20.57 -2.53
CA LYS L 113 -31.81 -19.94 -1.55
C LYS L 113 -33.29 -20.03 -1.97
N VAL L 114 -33.54 -19.95 -3.28
CA VAL L 114 -34.91 -20.00 -3.82
C VAL L 114 -35.54 -21.41 -3.71
N TYR L 115 -34.74 -22.44 -3.95
CA TYR L 115 -35.19 -23.84 -3.85
C TYR L 115 -35.56 -24.26 -2.41
N ASN L 116 -34.76 -23.79 -1.43
CA ASN L 116 -35.00 -24.09 -0.01
C ASN L 116 -36.27 -23.46 0.58
N LEU L 117 -36.81 -22.43 -0.08
CA LEU L 117 -38.14 -21.91 0.25
C LEU L 117 -39.24 -22.90 -0.13
N LEU L 118 -39.05 -23.58 -1.26
CA LEU L 118 -39.96 -24.64 -1.72
C LEU L 118 -39.74 -26.00 -1.04
N CYS L 119 -38.65 -26.13 -0.27
CA CYS L 119 -38.35 -27.32 0.52
C CYS L 119 -38.45 -27.01 2.02
N PRO L 120 -39.68 -26.96 2.58
CA PRO L 120 -39.83 -26.61 3.99
C PRO L 120 -39.45 -27.74 4.93
N HIS L 121 -39.48 -27.47 6.23
CA HIS L 121 -39.12 -28.45 7.25
C HIS L 121 -40.19 -29.53 7.38
N HIS L 122 -39.76 -30.77 7.63
CA HIS L 122 -40.65 -31.94 7.66
C HIS L 122 -41.74 -31.92 8.74
N SER L 123 -41.54 -31.13 9.79
CA SER L 123 -42.56 -30.90 10.83
C SER L 123 -43.61 -29.85 10.46
N SER L 124 -43.33 -29.05 9.44
CA SER L 124 -44.15 -27.85 9.14
C SER L 124 -45.53 -28.16 8.57
N GLU L 125 -46.36 -27.12 8.52
CA GLU L 125 -47.69 -27.18 7.91
C GLU L 125 -47.59 -27.36 6.40
N LEU L 126 -46.78 -26.51 5.77
CA LEU L 126 -46.59 -26.48 4.32
C LEU L 126 -46.07 -27.79 3.74
N TYR L 127 -45.18 -28.47 4.47
CA TYR L 127 -44.62 -29.77 4.07
C TYR L 127 -45.71 -30.83 3.90
N GLY L 128 -46.68 -30.84 4.82
CA GLY L 128 -47.81 -31.76 4.75
C GLY L 128 -48.71 -31.53 3.54
N ASP L 129 -48.91 -30.26 3.19
CA ASP L 129 -49.71 -29.87 2.03
C ASP L 129 -48.99 -30.15 0.71
N LEU L 130 -47.73 -29.78 0.62
CA LEU L 130 -46.92 -29.99 -0.60
C LEU L 130 -46.69 -31.46 -0.92
N ARG L 131 -46.47 -32.28 0.11
CA ARG L 131 -46.34 -33.74 -0.04
C ARG L 131 -47.69 -34.37 -0.45
N ALA L 132 -48.78 -33.86 0.13
CA ALA L 132 -50.13 -34.27 -0.25
C ALA L 132 -50.49 -33.85 -1.68
N MET L 133 -50.11 -32.62 -2.05
CA MET L 133 -50.24 -32.13 -3.44
C MET L 133 -49.48 -32.99 -4.45
N LYS L 134 -48.29 -33.44 -4.07
CA LYS L 134 -47.48 -34.34 -4.90
C LYS L 134 -48.18 -35.70 -5.11
N CYS L 135 -48.86 -36.19 -4.08
CA CYS L 135 -49.61 -37.44 -4.18
C CYS L 135 -50.79 -37.37 -5.16
N LEU L 136 -51.49 -36.24 -5.17
CA LEU L 136 -52.64 -36.05 -6.07
C LEU L 136 -52.23 -35.79 -7.53
N VAL L 137 -51.19 -34.98 -7.73
CA VAL L 137 -50.73 -34.64 -9.08
C VAL L 137 -50.02 -35.81 -9.73
N GLU L 138 -48.93 -36.26 -9.11
CA GLU L 138 -48.11 -37.36 -9.66
C GLU L 138 -48.68 -38.77 -9.40
N GLY L 139 -49.74 -38.87 -8.60
CA GLY L 139 -50.44 -40.14 -8.37
C GLY L 139 -49.80 -40.97 -7.28
N CYS L 140 -50.40 -40.95 -6.09
CA CYS L 140 -49.97 -41.74 -4.92
C CYS L 140 -48.53 -41.46 -4.51
N ASN L 145 -48.92 -49.03 3.06
CA ASN L 145 -49.82 -48.27 2.22
C ASN L 145 -51.30 -48.67 2.48
N PRO L 146 -51.93 -48.09 3.53
CA PRO L 146 -53.31 -48.44 3.89
C PRO L 146 -54.41 -47.91 2.94
N PHE L 147 -55.67 -47.96 3.42
CA PHE L 147 -56.83 -47.37 2.72
C PHE L 147 -57.04 -45.87 3.03
N ASP L 148 -56.01 -45.17 3.48
CA ASP L 148 -56.15 -43.79 3.97
C ASP L 148 -56.43 -42.78 2.85
N ILE L 149 -57.27 -41.79 3.17
CA ILE L 149 -57.68 -40.76 2.22
C ILE L 149 -56.64 -39.65 2.21
N ILE L 150 -56.22 -39.23 1.01
CA ILE L 150 -55.23 -38.16 0.84
C ILE L 150 -55.95 -36.81 0.72
N ARG L 151 -55.67 -35.91 1.66
CA ARG L 151 -56.30 -34.58 1.73
C ARG L 151 -55.35 -33.54 1.14
N VAL L 152 -55.85 -32.73 0.20
CA VAL L 152 -55.00 -31.76 -0.52
C VAL L 152 -54.58 -30.55 0.34
N PRO L 153 -55.36 -30.19 1.38
CA PRO L 153 -54.85 -29.36 2.45
C PRO L 153 -54.84 -30.17 3.75
N ASP L 154 -53.75 -30.91 3.98
CA ASP L 154 -53.66 -31.84 5.11
C ASP L 154 -53.56 -31.07 6.43
N LEU L 155 -54.72 -30.81 7.04
CA LEU L 155 -54.82 -30.02 8.26
C LEU L 155 -54.35 -30.79 9.51
N THR L 156 -54.55 -32.10 9.50
CA THR L 156 -54.19 -32.96 10.64
C THR L 156 -52.74 -33.47 10.65
N TYR L 157 -51.92 -33.06 9.68
CA TYR L 157 -50.54 -33.55 9.57
C TYR L 157 -49.67 -33.08 10.76
N ASN L 158 -48.91 -34.01 11.32
CA ASN L 158 -48.01 -33.76 12.45
C ASN L 158 -48.71 -33.17 13.70
N LYS L 159 -49.99 -33.54 13.88
CA LYS L 159 -50.84 -32.98 14.93
C LYS L 159 -51.71 -34.08 15.52
N GLY L 160 -51.26 -34.65 16.64
CA GLY L 160 -52.02 -35.67 17.37
C GLY L 160 -51.31 -36.99 17.47
N SER L 161 -51.26 -37.55 18.68
CA SER L 161 -50.71 -38.89 18.97
C SER L 161 -49.20 -39.02 18.80
N LEU L 162 -48.70 -38.92 17.57
CA LEU L 162 -47.26 -39.00 17.26
C LEU L 162 -46.84 -37.86 16.34
N GLN L 163 -45.71 -37.21 16.65
CA GLN L 163 -45.22 -36.05 15.89
C GLN L 163 -43.70 -36.08 15.69
N CYS L 164 -43.23 -35.23 14.78
CA CYS L 164 -41.80 -35.07 14.50
C CYS L 164 -41.14 -34.14 15.52
N GLY L 165 -39.83 -34.32 15.71
CA GLY L 165 -39.04 -33.48 16.61
C GLY L 165 -38.99 -34.02 18.02
N ALA M 1 69.75 -2.27 -45.31
CA ALA M 1 70.03 -2.15 -43.86
C ALA M 1 68.74 -1.89 -43.07
N LEU M 2 68.01 -0.84 -43.46
CA LEU M 2 66.77 -0.45 -42.80
C LEU M 2 65.59 -1.36 -43.13
N GLU M 3 65.49 -1.78 -44.39
CA GLU M 3 64.42 -2.66 -44.87
C GLU M 3 64.52 -4.10 -44.30
N SER M 4 65.75 -4.56 -44.06
CA SER M 4 65.99 -5.88 -43.46
C SER M 4 65.57 -5.95 -41.98
N LEU M 5 65.77 -4.84 -41.25
CA LEU M 5 65.35 -4.74 -39.85
C LEU M 5 63.82 -4.69 -39.66
N ARG M 6 63.11 -4.14 -40.66
CA ARG M 6 61.65 -4.14 -40.67
C ARG M 6 61.09 -5.56 -40.81
N GLY M 7 61.52 -6.25 -41.86
CA GLY M 7 61.13 -7.64 -42.11
C GLY M 7 61.94 -8.61 -41.28
N ASN M 8 61.66 -8.64 -39.97
CA ASN M 8 62.39 -9.47 -39.01
C ASN M 8 61.61 -9.63 -37.70
N ALA M 9 61.23 -10.87 -37.39
CA ALA M 9 60.46 -11.18 -36.16
C ALA M 9 61.28 -11.06 -34.88
N ASP M 10 62.62 -11.12 -34.99
CA ASP M 10 63.51 -11.05 -33.82
C ASP M 10 63.59 -9.64 -33.24
N LEU M 11 63.80 -8.66 -34.12
CA LEU M 11 64.05 -7.26 -33.71
C LEU M 11 62.84 -6.33 -33.81
N ALA M 12 61.81 -6.72 -34.58
CA ALA M 12 60.61 -5.89 -34.79
C ALA M 12 59.32 -6.69 -34.67
N TYR M 13 58.24 -6.03 -34.24
CA TYR M 13 56.92 -6.64 -34.16
C TYR M 13 56.31 -6.80 -35.56
N ILE M 14 55.61 -7.91 -35.76
CA ILE M 14 54.93 -8.21 -37.03
C ILE M 14 53.54 -7.57 -37.01
N LEU M 15 53.26 -6.70 -37.98
CA LEU M 15 51.95 -6.07 -38.15
C LEU M 15 51.43 -6.33 -39.57
N SER M 16 51.13 -7.60 -39.83
CA SER M 16 50.72 -8.06 -41.16
C SER M 16 49.23 -7.87 -41.42
N MET M 17 48.39 -8.21 -40.43
CA MET M 17 46.94 -8.24 -40.61
C MET M 17 46.32 -6.84 -40.63
N GLU M 18 45.31 -6.66 -41.48
CA GLU M 18 44.55 -5.41 -41.60
C GLU M 18 43.11 -5.64 -41.12
N PRO M 19 42.64 -4.88 -40.11
CA PRO M 19 43.33 -3.83 -39.34
C PRO M 19 44.33 -4.39 -38.32
N CYS M 20 45.23 -3.53 -37.86
CA CYS M 20 46.20 -3.90 -36.80
C CYS M 20 45.47 -4.25 -35.51
N GLY M 21 44.56 -3.38 -35.09
CA GLY M 21 43.76 -3.62 -33.88
C GLY M 21 42.88 -2.44 -33.51
N HIS M 22 42.27 -2.51 -32.33
CA HIS M 22 41.40 -1.45 -31.84
C HIS M 22 42.21 -0.26 -31.34
N CYS M 23 41.56 0.91 -31.28
CA CYS M 23 42.19 2.15 -30.83
C CYS M 23 41.17 3.05 -30.11
N LEU M 24 41.08 2.88 -28.78
CA LEU M 24 40.17 3.66 -27.95
C LEU M 24 40.75 5.04 -27.66
N ILE M 25 39.94 6.08 -27.85
CA ILE M 25 40.34 7.46 -27.58
C ILE M 25 39.33 8.11 -26.62
N ILE M 26 39.69 8.14 -25.33
CA ILE M 26 38.91 8.87 -24.32
C ILE M 26 39.31 10.34 -24.38
N ASN M 27 38.30 11.22 -24.49
CA ASN M 27 38.52 12.66 -24.66
C ASN M 27 37.61 13.45 -23.72
N ASN M 28 38.09 13.69 -22.50
CA ASN M 28 37.35 14.44 -21.50
C ASN M 28 37.59 15.94 -21.66
N VAL M 29 36.57 16.64 -22.16
CA VAL M 29 36.64 18.08 -22.44
C VAL M 29 35.82 18.88 -21.43
N ASN M 30 34.53 18.55 -21.32
CA ASN M 30 33.60 19.25 -20.44
C ASN M 30 33.46 18.55 -19.09
N PHE M 31 34.01 19.17 -18.03
CA PHE M 31 33.98 18.64 -16.67
C PHE M 31 32.87 19.31 -15.85
N CYS M 32 32.53 18.70 -14.71
CA CYS M 32 31.42 19.19 -13.88
C CYS M 32 31.76 20.46 -13.13
N ARG M 33 30.73 21.14 -12.63
CA ARG M 33 30.88 22.41 -11.91
C ARG M 33 31.53 22.23 -10.53
N GLU M 34 31.13 21.17 -9.83
CA GLU M 34 31.61 20.90 -8.47
C GLU M 34 33.10 20.60 -8.40
N SER M 35 33.63 19.91 -9.42
CA SER M 35 35.07 19.60 -9.51
C SER M 35 35.93 20.85 -9.69
N GLY M 36 35.45 21.78 -10.52
CA GLY M 36 36.15 23.03 -10.80
C GLY M 36 37.23 22.95 -11.87
N LEU M 37 37.30 21.81 -12.56
CA LEU M 37 38.28 21.61 -13.63
C LEU M 37 37.85 22.42 -14.86
N ARG M 38 38.75 23.22 -15.40
CA ARG M 38 38.43 24.09 -16.55
C ARG M 38 38.23 23.28 -17.83
N THR M 39 37.35 23.80 -18.70
CA THR M 39 36.98 23.13 -19.94
C THR M 39 38.20 23.05 -20.85
N ARG M 40 38.57 21.83 -21.24
CA ARG M 40 39.75 21.60 -22.06
C ARG M 40 39.46 21.86 -23.54
N THR M 41 39.34 23.15 -23.88
CA THR M 41 39.05 23.58 -25.24
C THR M 41 40.26 23.36 -26.14
N GLY M 42 40.01 22.93 -27.38
CA GLY M 42 41.06 22.55 -28.32
C GLY M 42 41.43 21.06 -28.30
N SER M 43 40.93 20.31 -27.32
CA SER M 43 41.13 18.87 -27.27
C SER M 43 40.29 18.11 -28.30
N ASN M 44 39.18 18.72 -28.75
CA ASN M 44 38.39 18.21 -29.87
C ASN M 44 39.17 18.22 -31.19
N ILE M 45 40.07 19.19 -31.33
CA ILE M 45 41.00 19.25 -32.47
C ILE M 45 42.07 18.15 -32.34
N ASP M 46 42.61 17.99 -31.13
CA ASP M 46 43.56 16.91 -30.82
C ASP M 46 42.97 15.52 -31.04
N CYS M 47 41.71 15.35 -30.64
CA CYS M 47 41.01 14.08 -30.78
C CYS M 47 40.82 13.70 -32.24
N GLU M 48 40.30 14.64 -33.04
CA GLU M 48 40.09 14.42 -34.48
C GLU M 48 41.40 14.31 -35.28
N LYS M 49 42.46 14.94 -34.80
CA LYS M 49 43.80 14.75 -35.37
C LYS M 49 44.25 13.31 -35.20
N LEU M 50 44.16 12.80 -33.97
CA LEU M 50 44.54 11.41 -33.65
C LEU M 50 43.57 10.37 -34.24
N ARG M 51 42.28 10.70 -34.34
CA ARG M 51 41.30 9.78 -34.94
C ARG M 51 41.60 9.53 -36.42
N ARG M 52 41.88 10.60 -37.17
CA ARG M 52 42.30 10.47 -38.57
C ARG M 52 43.70 9.86 -38.72
N ARG M 53 44.55 10.04 -37.70
CA ARG M 53 45.92 9.50 -37.73
C ARG M 53 45.96 7.99 -37.56
N PHE M 54 45.34 7.48 -36.49
CA PHE M 54 45.33 6.03 -36.23
C PHE M 54 44.46 5.25 -37.22
N SER M 55 43.45 5.92 -37.80
CA SER M 55 42.72 5.36 -38.94
C SER M 55 43.62 5.15 -40.16
N SER M 56 44.54 6.10 -40.38
CA SER M 56 45.54 6.00 -41.45
C SER M 56 46.59 4.91 -41.21
N LEU M 57 46.81 4.55 -39.95
CA LEU M 57 47.71 3.44 -39.55
C LEU M 57 46.98 2.08 -39.40
N HIS M 58 45.76 1.97 -39.96
CA HIS M 58 44.97 0.73 -39.99
C HIS M 58 44.53 0.24 -38.61
N PHE M 59 43.92 1.14 -37.83
CA PHE M 59 43.31 0.79 -36.54
C PHE M 59 41.82 1.06 -36.57
N MET M 60 41.06 0.20 -35.89
CA MET M 60 39.62 0.38 -35.72
C MET M 60 39.40 1.41 -34.60
N VAL M 61 39.47 2.69 -34.97
CA VAL M 61 39.42 3.79 -34.00
C VAL M 61 38.00 4.03 -33.51
N GLU M 62 37.85 4.25 -32.20
CA GLU M 62 36.56 4.55 -31.57
C GLU M 62 36.74 5.64 -30.51
N VAL M 63 36.15 6.81 -30.75
CA VAL M 63 36.22 7.93 -29.82
C VAL M 63 35.08 7.85 -28.81
N LYS M 64 35.39 8.14 -27.55
CA LYS M 64 34.40 8.21 -26.47
C LYS M 64 34.60 9.49 -25.65
N GLY M 65 33.82 10.52 -25.95
CA GLY M 65 33.96 11.83 -25.31
C GLY M 65 33.26 11.94 -23.98
N ASP M 66 33.84 12.73 -23.07
CA ASP M 66 33.25 13.06 -21.77
C ASP M 66 32.78 11.83 -20.98
N LEU M 67 33.73 10.97 -20.61
CA LEU M 67 33.45 9.80 -19.78
C LEU M 67 33.68 10.14 -18.31
N THR M 68 32.80 9.66 -17.43
CA THR M 68 33.06 9.69 -15.99
C THR M 68 34.08 8.61 -15.63
N ALA M 69 34.66 8.73 -14.43
CA ALA M 69 35.74 7.82 -13.97
C ALA M 69 35.33 6.34 -14.00
N LYS M 70 34.09 6.05 -13.64
CA LYS M 70 33.57 4.68 -13.66
C LYS M 70 33.31 4.20 -15.10
N LYS M 71 32.83 5.10 -15.95
CA LYS M 71 32.63 4.82 -17.39
C LYS M 71 33.96 4.65 -18.15
N MET M 72 35.01 5.33 -17.69
CA MET M 72 36.36 5.14 -18.25
C MET M 72 36.88 3.72 -18.02
N VAL M 73 36.67 3.20 -16.82
CA VAL M 73 37.09 1.83 -16.47
C VAL M 73 36.27 0.79 -17.24
N LEU M 74 34.96 1.00 -17.31
CA LEU M 74 34.06 0.11 -18.06
C LEU M 74 34.40 0.07 -19.55
N ALA M 75 34.70 1.25 -20.12
CA ALA M 75 35.09 1.36 -21.53
C ALA M 75 36.41 0.66 -21.83
N LEU M 76 37.38 0.81 -20.94
CA LEU M 76 38.68 0.13 -21.04
C LEU M 76 38.56 -1.39 -20.84
N LEU M 77 37.76 -1.78 -19.84
CA LEU M 77 37.53 -3.21 -19.55
C LEU M 77 36.89 -3.95 -20.73
N GLU M 78 35.96 -3.29 -21.44
CA GLU M 78 35.33 -3.88 -22.62
C GLU M 78 36.28 -4.05 -23.79
N LEU M 79 37.23 -3.12 -23.94
CA LEU M 79 38.28 -3.22 -24.96
C LEU M 79 39.21 -4.41 -24.69
N ALA M 80 39.56 -4.60 -23.41
CA ALA M 80 40.35 -5.75 -22.98
C ALA M 80 39.61 -7.09 -23.13
N ARG M 81 38.28 -7.04 -23.06
CA ARG M 81 37.43 -8.23 -23.18
C ARG M 81 37.31 -8.77 -24.61
N GLN M 82 37.64 -7.95 -25.62
CA GLN M 82 37.53 -8.35 -27.02
C GLN M 82 38.55 -9.42 -27.41
N ASP M 83 38.30 -10.09 -28.53
CA ASP M 83 39.18 -11.12 -29.05
C ASP M 83 40.23 -10.48 -29.98
N HIS M 84 41.42 -10.24 -29.46
CA HIS M 84 42.57 -9.76 -30.23
C HIS M 84 43.40 -10.92 -30.80
N GLY M 85 42.73 -11.89 -31.42
CA GLY M 85 43.40 -13.06 -32.01
C GLY M 85 43.99 -12.70 -33.36
N ALA M 86 43.13 -12.22 -34.26
CA ALA M 86 43.54 -11.71 -35.58
C ALA M 86 44.33 -10.40 -35.50
N LEU M 87 44.09 -9.62 -34.44
CA LEU M 87 44.73 -8.33 -34.25
C LEU M 87 46.18 -8.48 -33.79
N ASP M 88 47.05 -7.57 -34.26
CA ASP M 88 48.48 -7.59 -33.96
C ASP M 88 48.91 -6.58 -32.88
N CYS M 89 48.14 -5.51 -32.70
CA CYS M 89 48.49 -4.42 -31.78
C CYS M 89 47.26 -3.87 -31.03
N CYS M 90 47.51 -2.92 -30.13
CA CYS M 90 46.44 -2.23 -29.40
C CYS M 90 46.91 -0.87 -28.89
N VAL M 91 46.07 0.16 -29.05
CA VAL M 91 46.38 1.54 -28.65
C VAL M 91 45.28 2.11 -27.76
N VAL M 92 45.67 2.88 -26.75
CA VAL M 92 44.72 3.56 -25.86
C VAL M 92 45.18 4.99 -25.60
N VAL M 93 44.56 5.95 -26.28
CA VAL M 93 44.85 7.38 -26.10
C VAL M 93 43.91 7.98 -25.05
N ILE M 94 44.43 8.83 -24.17
CA ILE M 94 43.64 9.53 -23.16
C ILE M 94 43.99 11.02 -23.16
N LEU M 95 42.98 11.85 -23.44
CA LEU M 95 43.11 13.31 -23.39
C LEU M 95 42.22 13.83 -22.26
N SER M 96 42.85 14.27 -21.17
CA SER M 96 42.13 14.77 -19.99
C SER M 96 43.05 15.54 -19.06
N HIS M 97 42.48 16.14 -18.01
CA HIS M 97 43.27 16.68 -16.91
C HIS M 97 43.90 15.54 -16.13
N GLY M 98 45.01 15.84 -15.45
CA GLY M 98 45.71 14.86 -14.61
C GLY M 98 46.18 15.45 -13.31
N CYS M 99 46.77 14.60 -12.47
CA CYS M 99 47.32 15.02 -11.19
C CYS M 99 48.36 14.04 -10.67
N GLN M 100 49.27 14.55 -9.83
CA GLN M 100 50.27 13.73 -9.18
C GLN M 100 49.59 12.91 -8.06
N ALA M 101 50.00 11.66 -7.92
CA ALA M 101 49.45 10.77 -6.90
C ALA M 101 50.44 9.67 -6.52
N SER M 102 50.25 9.12 -5.32
CA SER M 102 51.05 8.00 -4.84
C SER M 102 50.84 6.79 -5.75
N HIS M 103 51.93 6.11 -6.10
CA HIS M 103 51.88 4.97 -7.00
C HIS M 103 52.86 3.86 -6.61
N LEU M 104 52.68 2.70 -7.22
CA LEU M 104 53.55 1.53 -7.03
C LEU M 104 54.28 1.13 -8.32
N GLN M 105 53.55 1.10 -9.44
CA GLN M 105 54.12 0.71 -10.74
C GLN M 105 54.36 1.90 -11.67
N PHE M 106 53.27 2.57 -12.07
CA PHE M 106 53.32 3.67 -13.03
C PHE M 106 52.90 4.99 -12.37
N PRO M 107 53.61 6.11 -12.65
CA PRO M 107 53.19 7.39 -12.11
C PRO M 107 52.00 8.00 -12.85
N GLY M 108 51.43 9.06 -12.28
CA GLY M 108 50.38 9.83 -12.92
C GLY M 108 48.98 9.22 -12.88
N ALA M 109 47.98 10.10 -12.99
CA ALA M 109 46.57 9.71 -13.08
C ALA M 109 45.81 10.64 -14.01
N VAL M 110 44.63 10.21 -14.45
CA VAL M 110 43.77 10.99 -15.36
C VAL M 110 42.36 11.13 -14.77
N TYR M 111 41.76 12.31 -14.94
CA TYR M 111 40.44 12.61 -14.38
C TYR M 111 39.30 12.22 -15.31
N GLY M 112 38.16 11.90 -14.71
CA GLY M 112 36.89 11.72 -15.41
C GLY M 112 36.08 13.00 -15.36
N THR M 113 34.95 13.01 -16.08
CA THR M 113 34.02 14.14 -16.12
C THR M 113 33.47 14.51 -14.73
N ASP M 114 33.19 13.50 -13.91
CA ASP M 114 32.75 13.71 -12.53
C ASP M 114 33.80 14.39 -11.64
N GLY M 115 35.08 14.20 -11.97
CA GLY M 115 36.19 14.90 -11.32
C GLY M 115 37.02 14.10 -10.34
N CYS M 116 36.78 12.79 -10.24
CA CYS M 116 37.61 11.89 -9.44
C CYS M 116 38.57 11.11 -10.37
N PRO M 117 39.77 10.76 -9.87
CA PRO M 117 40.84 10.31 -10.75
C PRO M 117 40.83 8.82 -11.05
N VAL M 118 41.53 8.45 -12.12
CA VAL M 118 41.82 7.06 -12.48
C VAL M 118 43.31 6.98 -12.78
N SER M 119 44.03 6.11 -12.06
CA SER M 119 45.49 6.02 -12.18
C SER M 119 45.92 5.30 -13.47
N VAL M 120 47.06 5.72 -14.02
CA VAL M 120 47.67 5.05 -15.19
C VAL M 120 48.11 3.63 -14.81
N GLU M 121 48.59 3.49 -13.57
CA GLU M 121 48.83 2.20 -12.91
C GLU M 121 47.69 1.20 -13.12
N LYS M 122 46.47 1.64 -12.85
CA LYS M 122 45.27 0.82 -13.01
C LYS M 122 44.93 0.55 -14.48
N ILE M 123 45.04 1.58 -15.33
CA ILE M 123 44.67 1.51 -16.75
C ILE M 123 45.51 0.48 -17.51
N VAL M 124 46.82 0.48 -17.27
CA VAL M 124 47.75 -0.44 -17.94
C VAL M 124 47.53 -1.90 -17.53
N ASN M 125 47.30 -2.13 -16.23
CA ASN M 125 47.12 -3.49 -15.69
C ASN M 125 45.79 -4.17 -16.06
N ILE M 126 44.87 -3.45 -16.70
CA ILE M 126 43.70 -4.05 -17.34
C ILE M 126 44.09 -4.90 -18.56
N PHE M 127 45.11 -4.46 -19.29
CA PHE M 127 45.53 -5.10 -20.54
C PHE M 127 46.70 -6.09 -20.41
N ASN M 128 47.09 -6.44 -19.17
CA ASN M 128 48.18 -7.40 -18.94
C ASN M 128 47.80 -8.85 -19.30
N GLY M 129 48.80 -9.72 -19.32
CA GLY M 129 48.63 -11.13 -19.73
C GLY M 129 47.65 -11.98 -18.94
N THR M 130 47.41 -11.61 -17.68
CA THR M 130 46.44 -12.31 -16.82
C THR M 130 45.01 -11.95 -17.20
N SER M 131 44.72 -10.65 -17.22
CA SER M 131 43.37 -10.14 -17.49
C SER M 131 42.97 -10.26 -18.97
N CYS M 132 43.87 -9.82 -19.84
CA CYS M 132 43.67 -9.87 -21.29
C CYS M 132 44.66 -10.84 -21.94
N PRO M 133 44.30 -12.15 -22.03
CA PRO M 133 45.20 -13.14 -22.61
C PRO M 133 45.35 -13.06 -24.13
N SER M 134 44.40 -12.42 -24.80
CA SER M 134 44.41 -12.28 -26.26
C SER M 134 45.54 -11.38 -26.78
N LEU M 135 45.99 -10.42 -25.95
CA LEU M 135 47.12 -9.54 -26.29
C LEU M 135 48.44 -10.06 -25.67
N GLY M 136 48.69 -11.36 -25.84
CA GLY M 136 49.92 -11.99 -25.38
C GLY M 136 51.00 -11.87 -26.45
N GLY M 137 52.12 -11.27 -26.07
CA GLY M 137 53.23 -11.05 -27.00
C GLY M 137 52.97 -9.98 -28.06
N LYS M 138 52.02 -9.08 -27.78
CA LYS M 138 51.60 -8.03 -28.72
C LYS M 138 51.74 -6.66 -28.04
N PRO M 139 52.19 -5.63 -28.79
CA PRO M 139 52.40 -4.30 -28.19
C PRO M 139 51.09 -3.62 -27.76
N LYS M 140 51.08 -3.14 -26.52
CA LYS M 140 49.92 -2.48 -25.92
C LYS M 140 50.30 -1.03 -25.60
N LEU M 141 49.97 -0.13 -26.52
CA LEU M 141 50.42 1.27 -26.46
C LEU M 141 49.45 2.15 -25.67
N PHE M 142 50.00 3.11 -24.93
CA PHE M 142 49.21 4.07 -24.14
C PHE M 142 49.75 5.49 -24.34
N PHE M 143 48.89 6.37 -24.86
CA PHE M 143 49.24 7.79 -25.04
C PHE M 143 48.44 8.66 -24.07
N ILE M 144 49.13 9.24 -23.10
CA ILE M 144 48.49 9.93 -21.97
C ILE M 144 48.80 11.44 -21.99
N GLN M 145 47.94 12.19 -22.69
CA GLN M 145 47.95 13.65 -22.64
C GLN M 145 47.23 14.10 -21.37
N ALA M 146 48.01 14.40 -20.34
CA ALA M 146 47.49 14.91 -19.08
C ALA M 146 48.60 15.47 -18.20
N CYS M 147 48.22 16.36 -17.28
CA CYS M 147 49.19 16.99 -16.36
C CYS M 147 49.76 15.96 -15.39
N GLY M 148 51.08 16.01 -15.20
CA GLY M 148 51.77 15.14 -14.25
C GLY M 148 51.57 15.62 -12.83
N GLY M 149 51.69 16.93 -12.64
CA GLY M 149 51.47 17.57 -11.35
C GLY M 149 51.32 19.08 -11.48
N GLU M 150 51.16 19.76 -10.35
CA GLU M 150 50.88 21.21 -10.33
C GLU M 150 52.08 22.11 -10.64
N GLN M 151 53.29 21.56 -10.58
CA GLN M 151 54.53 22.35 -10.71
C GLN M 151 54.73 22.83 -12.15
N LYS M 152 55.06 24.12 -12.30
CA LYS M 152 55.33 24.74 -13.60
C LYS M 152 56.83 24.97 -13.76
N ASP M 153 57.40 24.48 -14.87
CA ASP M 153 58.85 24.43 -15.05
C ASP M 153 59.36 25.61 -15.88
N HIS M 154 60.20 26.45 -15.27
CA HIS M 154 60.89 27.53 -16.00
C HIS M 154 62.10 27.03 -16.77
N GLY M 155 62.72 25.95 -16.30
CA GLY M 155 63.88 25.36 -16.96
C GLY M 155 65.15 26.14 -16.70
N PHE M 156 66.17 25.90 -17.53
CA PHE M 156 67.47 26.56 -17.40
C PHE M 156 67.99 27.07 -18.76
N GLU M 157 68.85 28.08 -18.71
CA GLU M 157 69.40 28.70 -19.91
C GLU M 157 70.51 27.83 -20.51
N VAL M 158 70.42 27.57 -21.81
CA VAL M 158 71.45 26.85 -22.57
C VAL M 158 71.87 27.69 -23.78
N ALA M 159 73.15 27.58 -24.17
CA ALA M 159 73.69 28.37 -25.28
C ALA M 159 73.10 27.95 -26.63
N SER M 160 72.94 28.93 -27.53
CA SER M 160 72.34 28.71 -28.85
C SER M 160 73.32 28.01 -29.80
N ILE M 192 58.70 -24.80 -23.57
CA ILE M 192 57.60 -23.86 -23.35
C ILE M 192 58.01 -22.43 -23.73
N SER M 193 57.06 -21.66 -24.25
CA SER M 193 57.29 -20.27 -24.64
C SER M 193 57.27 -19.34 -23.42
N SER M 194 58.45 -18.88 -23.01
CA SER M 194 58.61 -17.97 -21.88
C SER M 194 58.24 -16.54 -22.30
N LEU M 195 57.29 -15.94 -21.60
CA LEU M 195 56.94 -14.54 -21.80
C LEU M 195 56.24 -14.00 -20.54
N PRO M 196 56.81 -12.97 -19.88
CA PRO M 196 56.27 -12.49 -18.60
C PRO M 196 54.97 -11.68 -18.75
N THR M 197 54.21 -11.59 -17.66
CA THR M 197 52.85 -11.01 -17.68
C THR M 197 52.76 -9.52 -18.03
N PRO M 198 53.72 -8.68 -17.58
CA PRO M 198 53.66 -7.26 -17.93
C PRO M 198 54.52 -6.91 -19.16
N SER M 199 54.58 -7.82 -20.13
CA SER M 199 55.40 -7.65 -21.32
C SER M 199 54.72 -6.75 -22.34
N ASP M 200 55.54 -6.10 -23.17
CA ASP M 200 55.09 -5.31 -24.32
C ASP M 200 54.19 -4.11 -23.95
N ILE M 201 54.43 -3.54 -22.77
CA ILE M 201 53.73 -2.33 -22.33
C ILE M 201 54.53 -1.12 -22.80
N PHE M 202 53.82 -0.07 -23.21
CA PHE M 202 54.45 1.18 -23.65
C PHE M 202 53.55 2.37 -23.33
N VAL M 203 53.97 3.19 -22.36
CA VAL M 203 53.19 4.32 -21.88
C VAL M 203 53.91 5.65 -22.17
N SER M 204 53.42 6.37 -23.19
CA SER M 204 54.00 7.65 -23.60
C SER M 204 53.37 8.84 -22.86
N TYR M 205 54.10 9.37 -21.88
CA TYR M 205 53.66 10.51 -21.09
C TYR M 205 53.88 11.81 -21.86
N SER M 206 52.89 12.70 -21.81
CA SER M 206 52.97 14.01 -22.46
C SER M 206 53.96 14.94 -21.76
N THR M 207 53.96 14.88 -20.44
CA THR M 207 54.86 15.70 -19.63
C THR M 207 55.55 14.84 -18.57
N PHE M 208 56.63 15.38 -18.01
CA PHE M 208 57.40 14.70 -16.96
C PHE M 208 56.57 14.61 -15.68
N PRO M 209 56.58 13.45 -14.99
CA PRO M 209 55.83 13.29 -13.74
C PRO M 209 56.07 14.39 -12.72
N GLY M 210 54.97 14.96 -12.20
CA GLY M 210 55.03 16.13 -11.30
C GLY M 210 54.85 17.49 -11.97
N PHE M 211 55.00 17.56 -13.29
CA PHE M 211 54.92 18.83 -14.03
C PHE M 211 53.67 18.96 -14.90
N VAL M 212 53.36 20.20 -15.27
CA VAL M 212 52.13 20.55 -15.97
C VAL M 212 52.26 20.29 -17.48
N SER M 213 51.19 19.79 -18.08
CA SER M 213 51.09 19.64 -19.54
C SER M 213 50.38 20.87 -20.11
N TRP M 214 51.00 21.49 -21.11
CA TRP M 214 50.50 22.76 -21.69
C TRP M 214 49.64 22.57 -22.94
N ARG M 215 48.79 23.56 -23.20
CA ARG M 215 47.76 23.47 -24.24
C ARG M 215 47.29 24.87 -24.69
N ASP M 216 47.14 25.04 -26.00
CA ASP M 216 46.58 26.25 -26.60
C ASP M 216 45.08 26.00 -26.85
N PRO M 217 44.19 26.91 -26.39
CA PRO M 217 42.75 26.78 -26.66
C PRO M 217 42.34 26.72 -28.14
N LYS M 218 43.09 27.41 -28.99
CA LYS M 218 42.82 27.44 -30.43
C LYS M 218 43.46 26.27 -31.16
N SER M 219 44.77 26.09 -30.97
CA SER M 219 45.55 25.06 -31.69
C SER M 219 45.33 23.65 -31.13
N GLY M 220 45.47 23.52 -29.81
CA GLY M 220 45.42 22.23 -29.11
C GLY M 220 46.65 22.05 -28.21
N SER M 221 46.83 20.83 -27.72
CA SER M 221 47.97 20.48 -26.86
C SER M 221 49.29 20.50 -27.63
N TRP M 222 50.34 21.00 -26.97
CA TRP M 222 51.72 20.96 -27.49
C TRP M 222 52.15 19.54 -27.85
N TYR M 223 51.80 18.59 -27.00
CA TYR M 223 52.14 17.18 -27.19
C TYR M 223 51.47 16.61 -28.43
N VAL M 224 50.15 16.69 -28.48
CA VAL M 224 49.36 16.09 -29.58
C VAL M 224 49.61 16.79 -30.93
N GLU M 225 49.79 18.11 -30.90
CA GLU M 225 50.16 18.89 -32.10
C GLU M 225 51.47 18.40 -32.70
N THR M 226 52.49 18.29 -31.84
CA THR M 226 53.82 17.81 -32.24
C THR M 226 53.80 16.33 -32.66
N LEU M 227 52.98 15.53 -31.97
CA LEU M 227 52.89 14.09 -32.25
C LEU M 227 52.34 13.82 -33.65
N ASP M 228 51.19 14.42 -33.96
CA ASP M 228 50.52 14.27 -35.26
C ASP M 228 51.41 14.75 -36.42
N ASP M 229 52.13 15.85 -36.21
CA ASP M 229 53.04 16.41 -37.22
C ASP M 229 54.23 15.48 -37.50
N ILE M 230 54.83 14.96 -36.44
CA ILE M 230 55.99 14.05 -36.56
C ILE M 230 55.57 12.69 -37.12
N PHE M 231 54.39 12.20 -36.74
CA PHE M 231 53.81 10.98 -37.33
C PHE M 231 53.50 11.12 -38.83
N GLU M 232 53.13 12.31 -39.27
CA GLU M 232 52.92 12.58 -40.71
C GLU M 232 54.24 12.45 -41.48
N GLN M 233 55.28 13.10 -40.97
CA GLN M 233 56.56 13.19 -41.66
C GLN M 233 57.39 11.91 -41.63
N TRP M 234 57.39 11.20 -40.48
CA TRP M 234 58.39 10.14 -40.21
C TRP M 234 57.86 8.73 -39.86
N ALA M 235 56.55 8.52 -39.87
CA ALA M 235 55.97 7.21 -39.49
C ALA M 235 56.27 6.09 -40.48
N HIS M 236 56.39 6.44 -41.76
CA HIS M 236 56.70 5.47 -42.83
C HIS M 236 58.11 4.85 -42.72
N SER M 237 59.06 5.65 -42.24
CA SER M 237 60.48 5.26 -42.18
C SER M 237 60.94 4.81 -40.79
N GLU M 238 60.50 5.50 -39.75
CA GLU M 238 61.02 5.32 -38.38
C GLU M 238 60.04 4.61 -37.43
N ASP M 239 60.59 3.98 -36.40
CA ASP M 239 59.81 3.24 -35.39
C ASP M 239 59.22 4.15 -34.33
N LEU M 240 58.35 3.59 -33.48
CA LEU M 240 57.61 4.34 -32.45
C LEU M 240 58.52 5.11 -31.49
N GLN M 241 59.58 4.46 -31.02
CA GLN M 241 60.54 5.10 -30.10
C GLN M 241 61.29 6.27 -30.76
N SER M 242 61.70 6.10 -32.01
CA SER M 242 62.35 7.18 -32.79
C SER M 242 61.42 8.38 -33.03
N LEU M 243 60.13 8.09 -33.25
CA LEU M 243 59.12 9.14 -33.44
C LEU M 243 58.93 9.98 -32.18
N LEU M 244 58.81 9.33 -31.02
CA LEU M 244 58.63 10.02 -29.75
C LEU M 244 59.89 10.74 -29.24
N LEU M 245 61.07 10.39 -29.78
CA LEU M 245 62.29 11.16 -29.53
C LEU M 245 62.19 12.55 -30.16
N ARG M 246 61.74 12.60 -31.41
CA ARG M 246 61.49 13.88 -32.10
C ARG M 246 60.41 14.70 -31.40
N VAL M 247 59.36 14.03 -30.94
CA VAL M 247 58.27 14.69 -30.19
C VAL M 247 58.79 15.22 -28.84
N ALA M 248 59.65 14.44 -28.19
CA ALA M 248 60.32 14.86 -26.96
C ALA M 248 61.23 16.07 -27.20
N ASN M 249 61.96 16.04 -28.32
CA ASN M 249 62.84 17.16 -28.69
C ASN M 249 62.08 18.41 -29.13
N ALA M 250 61.02 18.21 -29.92
CA ALA M 250 60.22 19.33 -30.45
C ALA M 250 59.45 20.07 -29.36
N VAL M 251 58.89 19.33 -28.41
CA VAL M 251 58.14 19.91 -27.28
C VAL M 251 59.09 20.60 -26.28
N SER M 252 60.29 20.04 -26.09
CA SER M 252 61.27 20.59 -25.14
C SER M 252 61.74 22.02 -25.44
N VAL M 253 61.74 22.40 -26.72
CA VAL M 253 62.15 23.75 -27.12
C VAL M 253 61.06 24.83 -26.93
N LYS M 254 59.80 24.41 -26.80
CA LYS M 254 58.65 25.33 -26.87
C LYS M 254 58.47 26.20 -25.63
N GLY M 255 58.11 27.47 -25.87
CA GLY M 255 57.54 28.36 -24.85
C GLY M 255 58.46 28.86 -23.75
N ILE M 256 57.90 29.71 -22.88
CA ILE M 256 58.59 30.18 -21.69
C ILE M 256 58.57 29.06 -20.66
N TYR M 257 57.37 28.59 -20.32
CA TYR M 257 57.19 27.42 -19.46
C TYR M 257 57.49 26.15 -20.26
N LYS M 258 58.23 25.23 -19.64
CA LYS M 258 58.81 24.08 -20.34
C LYS M 258 58.05 22.78 -20.07
N GLN M 259 58.16 21.84 -21.02
CA GLN M 259 57.49 20.55 -20.96
C GLN M 259 58.41 19.50 -21.59
N MET M 260 58.60 18.37 -20.91
CA MET M 260 59.49 17.30 -21.37
C MET M 260 58.71 15.98 -21.51
N PRO M 261 58.26 15.65 -22.74
CA PRO M 261 57.60 14.36 -22.95
C PRO M 261 58.58 13.20 -22.93
N GLY M 262 58.08 12.02 -22.58
CA GLY M 262 58.86 10.78 -22.59
C GLY M 262 57.97 9.56 -22.66
N CYS M 263 58.50 8.44 -22.17
CA CYS M 263 57.76 7.17 -22.22
C CYS M 263 58.38 6.11 -21.30
N PHE M 264 57.51 5.33 -20.65
CA PHE M 264 57.94 4.20 -19.84
C PHE M 264 57.92 2.98 -20.79
N ASN M 265 59.08 2.66 -21.36
CA ASN M 265 59.20 1.57 -22.35
C ASN M 265 59.43 0.21 -21.68
N PHE M 266 58.51 -0.73 -21.94
CA PHE M 266 58.68 -2.15 -21.58
C PHE M 266 58.45 -3.05 -22.81
N LEU M 267 58.91 -2.61 -23.97
CA LEU M 267 58.79 -3.38 -25.21
C LEU M 267 60.04 -4.23 -25.45
N ARG M 268 59.85 -5.37 -26.08
CA ARG M 268 60.94 -6.29 -26.45
C ARG M 268 61.52 -5.95 -27.83
N LYS M 269 60.66 -5.49 -28.74
CA LYS M 269 61.03 -5.22 -30.13
C LYS M 269 60.68 -3.79 -30.54
N LYS M 270 61.09 -3.40 -31.74
CA LYS M 270 60.73 -2.09 -32.32
C LYS M 270 59.36 -2.16 -32.99
N LEU M 271 58.61 -1.06 -32.95
CA LEU M 271 57.26 -1.00 -33.52
C LEU M 271 57.22 -0.03 -34.70
N PHE M 272 57.10 -0.59 -35.90
CA PHE M 272 56.91 0.17 -37.14
C PHE M 272 55.44 0.10 -37.54
N PHE M 273 54.77 1.26 -37.56
CA PHE M 273 53.37 1.33 -38.00
C PHE M 273 53.28 1.18 -39.53
N LYS M 274 52.23 0.49 -39.99
CA LYS M 274 52.00 0.29 -41.42
C LYS M 274 51.22 1.48 -41.98
N THR M 275 51.92 2.39 -42.66
CA THR M 275 51.33 3.62 -43.19
C THR M 275 50.54 3.39 -44.48
N SER M 276 49.78 4.40 -44.89
CA SER M 276 49.00 4.36 -46.13
C SER M 276 48.69 5.76 -46.65
N THR N 1 43.10 48.22 -10.12
CA THR N 1 43.02 48.57 -8.68
C THR N 1 41.66 48.25 -8.04
N PRO N 2 40.53 48.53 -8.75
CA PRO N 2 39.22 48.12 -8.24
C PRO N 2 38.95 46.61 -8.29
N GLU N 3 39.47 45.94 -9.32
CA GLU N 3 39.28 44.49 -9.51
C GLU N 3 40.02 43.62 -8.49
N SER N 4 41.22 44.04 -8.08
CA SER N 4 42.12 43.23 -7.26
C SER N 4 43.07 44.06 -6.41
N VAL N 5 43.75 43.40 -5.46
CA VAL N 5 44.69 44.06 -4.54
C VAL N 5 46.06 43.38 -4.56
N SER N 6 47.11 44.20 -4.40
CA SER N 6 48.50 43.70 -4.36
C SER N 6 48.95 43.35 -2.94
N GLU N 7 48.63 44.23 -1.98
CA GLU N 7 48.99 44.05 -0.56
C GLU N 7 47.73 44.07 0.31
N LEU N 8 47.66 43.16 1.29
CA LEU N 8 46.47 42.99 2.14
C LEU N 8 46.28 44.16 3.12
N ASN N 9 45.02 44.60 3.26
CA ASN N 9 44.64 45.72 4.12
C ASN N 9 43.99 45.26 5.43
N HIS N 10 43.58 46.22 6.26
CA HIS N 10 42.83 45.92 7.49
C HIS N 10 41.45 45.30 7.26
N ASN N 11 40.83 45.62 6.12
CA ASN N 11 39.55 45.01 5.70
C ASN N 11 39.66 43.53 5.35
N HIS N 12 40.85 43.08 4.96
CA HIS N 12 41.10 41.72 4.48
C HIS N 12 41.26 40.68 5.59
N PHE N 13 41.54 41.14 6.82
CA PHE N 13 41.63 40.24 7.98
C PHE N 13 40.26 39.67 8.35
N LEU N 14 40.26 38.55 9.06
CA LEU N 14 39.02 37.84 9.41
C LEU N 14 38.16 38.65 10.37
N SER N 15 36.84 38.49 10.24
CA SER N 15 35.88 39.07 11.17
C SER N 15 35.81 38.21 12.44
N PRO N 16 35.21 38.73 13.53
CA PRO N 16 34.93 37.89 14.71
C PRO N 16 34.01 36.69 14.43
N GLU N 17 33.09 36.83 13.47
CA GLU N 17 32.21 35.72 13.05
C GLU N 17 32.98 34.62 12.32
N LEU N 18 33.89 35.01 11.44
CA LEU N 18 34.75 34.06 10.70
C LEU N 18 35.83 33.44 11.58
N GLN N 19 36.41 34.24 12.48
CA GLN N 19 37.44 33.76 13.42
C GLN N 19 36.89 32.70 14.39
N ASP N 20 35.68 32.92 14.88
CA ASP N 20 34.97 31.95 15.73
C ASP N 20 34.68 30.64 14.99
N LYS N 21 34.29 30.74 13.72
CA LYS N 21 34.07 29.56 12.87
C LYS N 21 35.36 28.77 12.62
N LEU N 22 36.48 29.49 12.50
CA LEU N 22 37.82 28.87 12.31
C LEU N 22 38.27 28.12 13.57
N ASP N 23 38.15 28.77 14.73
CA ASP N 23 38.57 28.18 16.01
C ASP N 23 37.74 26.95 16.41
N VAL N 24 36.48 26.92 15.99
CA VAL N 24 35.62 25.74 16.17
C VAL N 24 36.10 24.56 15.33
N MET N 25 36.37 24.80 14.04
CA MET N 25 36.81 23.74 13.11
C MET N 25 38.20 23.17 13.41
N VAL N 26 39.13 24.04 13.83
CA VAL N 26 40.51 23.61 14.15
C VAL N 26 40.56 22.67 15.37
N SER N 27 39.80 23.02 16.41
CA SER N 27 39.71 22.21 17.63
C SER N 27 39.03 20.84 17.38
N ILE N 28 37.95 20.86 16.61
CA ILE N 28 37.19 19.64 16.26
C ILE N 28 37.99 18.71 15.33
N TYR N 29 38.78 19.29 14.42
CA TYR N 29 39.61 18.52 13.48
C TYR N 29 40.75 17.77 14.18
N SER N 30 41.46 18.47 15.07
CA SER N 30 42.61 17.90 15.79
C SER N 30 42.21 16.83 16.81
N CYS N 31 41.14 17.10 17.56
CA CYS N 31 40.64 16.18 18.60
C CYS N 31 39.93 14.93 18.05
N ALA N 32 39.34 15.02 16.86
CA ALA N 32 38.68 13.87 16.22
C ALA N 32 39.69 12.84 15.73
N ARG N 33 39.25 11.58 15.67
CA ARG N 33 40.10 10.44 15.30
C ARG N 33 39.59 9.73 14.05
N ASN N 34 38.37 9.21 14.12
CA ASN N 34 37.76 8.45 13.03
C ASN N 34 37.25 9.34 11.88
N ASN N 35 36.99 8.71 10.74
CA ASN N 35 36.44 9.41 9.56
C ASN N 35 34.96 9.80 9.71
N ASN N 36 34.20 8.99 10.46
CA ASN N 36 32.78 9.27 10.73
C ASN N 36 32.54 10.55 11.56
N GLU N 37 33.49 10.88 12.42
CA GLU N 37 33.43 12.11 13.24
C GLU N 37 33.57 13.41 12.43
N LEU N 38 34.38 13.37 11.37
CA LEU N 38 34.66 14.55 10.53
C LEU N 38 33.59 14.88 9.47
N GLU N 39 32.50 14.10 9.41
CA GLU N 39 31.39 14.38 8.49
C GLU N 39 30.64 15.69 8.76
N GLU N 40 30.67 16.16 10.01
CA GLU N 40 30.11 17.48 10.37
C GLU N 40 30.98 18.63 9.84
N ILE N 41 32.30 18.46 9.92
CA ILE N 41 33.26 19.45 9.42
C ILE N 41 33.34 19.45 7.89
N PHE N 42 33.31 18.26 7.29
CA PHE N 42 33.38 18.09 5.82
C PHE N 42 32.20 18.76 5.11
N GLN N 43 30.99 18.56 5.63
CA GLN N 43 29.77 19.17 5.07
C GLN N 43 29.75 20.70 5.17
N GLU N 44 30.40 21.25 6.20
CA GLU N 44 30.55 22.71 6.35
C GLU N 44 31.49 23.31 5.31
N LEU N 45 32.67 22.69 5.14
CA LEU N 45 33.67 23.16 4.19
C LEU N 45 33.21 23.03 2.73
N SER N 46 32.61 21.89 2.39
CA SER N 46 32.04 21.69 1.04
C SER N 46 30.82 22.59 0.76
N ALA N 47 30.08 22.95 1.81
CA ALA N 47 29.03 23.97 1.73
C ALA N 47 29.62 25.38 1.59
N PHE N 48 30.71 25.64 2.32
CA PHE N 48 31.40 26.93 2.28
C PHE N 48 32.11 27.18 0.94
N VAL N 49 32.81 26.17 0.43
CA VAL N 49 33.58 26.29 -0.83
C VAL N 49 32.66 26.43 -2.06
N SER N 50 31.55 25.72 -2.08
CA SER N 50 30.55 25.86 -3.15
C SER N 50 29.86 27.22 -3.11
N GLY N 51 29.62 27.73 -1.89
CA GLY N 51 29.15 29.11 -1.69
C GLY N 51 30.19 30.17 -2.03
N LEU N 52 31.46 29.86 -1.77
CA LEU N 52 32.59 30.73 -2.12
C LEU N 52 32.77 30.82 -3.64
N MET N 53 32.53 29.72 -4.36
CA MET N 53 32.54 29.70 -5.83
C MET N 53 31.38 30.51 -6.43
N ASP N 54 30.21 30.43 -5.81
CA ASP N 54 29.06 31.27 -6.18
C ASP N 54 29.32 32.75 -5.93
N LYS N 55 29.97 33.05 -4.81
CA LYS N 55 30.35 34.43 -4.45
C LYS N 55 31.36 35.04 -5.43
N ARG N 56 32.23 34.21 -6.00
CA ARG N 56 33.15 34.64 -7.06
C ARG N 56 32.40 34.97 -8.35
N ASN N 57 31.54 34.05 -8.79
CA ASN N 57 30.83 34.18 -10.06
C ASN N 57 29.79 35.31 -10.07
N SER N 58 29.33 35.75 -8.90
CA SER N 58 28.45 36.91 -8.77
C SER N 58 29.23 38.22 -8.71
N VAL N 59 30.33 38.24 -7.95
CA VAL N 59 31.15 39.44 -7.78
C VAL N 59 31.98 39.78 -9.02
N PHE N 60 32.81 38.83 -9.45
CA PHE N 60 33.84 39.08 -10.47
C PHE N 60 33.41 38.67 -11.89
N GLU N 61 34.14 39.22 -12.87
CA GLU N 61 33.95 38.95 -14.29
C GLU N 61 35.31 38.75 -14.96
N VAL N 62 35.32 37.93 -16.01
CA VAL N 62 36.53 37.67 -16.80
C VAL N 62 36.27 38.01 -18.27
N ARG N 63 36.70 39.21 -18.67
CA ARG N 63 36.58 39.67 -20.06
C ARG N 63 37.77 39.17 -20.88
N ASN N 64 37.49 38.79 -22.13
CA ASN N 64 38.50 38.33 -23.09
C ASN N 64 39.22 37.03 -22.67
N GLU N 65 38.45 35.97 -22.46
CA GLU N 65 39.01 34.66 -22.11
C GLU N 65 39.76 34.05 -23.29
N ASN N 66 40.73 33.18 -22.99
CA ASN N 66 41.49 32.43 -23.99
C ASN N 66 42.28 33.30 -24.99
N THR N 67 42.78 34.45 -24.51
CA THR N 67 43.60 35.36 -25.31
C THR N 67 44.81 35.87 -24.50
N ASP N 68 45.68 36.63 -25.15
CA ASP N 68 46.78 37.32 -24.46
C ASP N 68 46.27 38.50 -23.63
N GLU N 69 45.29 39.23 -24.17
CA GLU N 69 44.75 40.43 -23.52
C GLU N 69 43.58 40.10 -22.57
N VAL N 70 43.86 39.28 -21.56
CA VAL N 70 42.84 38.89 -20.56
C VAL N 70 42.93 39.82 -19.36
N VAL N 71 41.78 40.36 -18.95
CA VAL N 71 41.70 41.27 -17.82
C VAL N 71 40.50 40.93 -16.94
N GLY N 72 40.71 40.94 -15.62
CA GLY N 72 39.64 40.74 -14.65
C GLY N 72 38.91 42.04 -14.35
N ALA N 73 37.72 41.92 -13.77
CA ALA N 73 36.91 43.08 -13.41
C ALA N 73 35.78 42.71 -12.44
N LEU N 74 35.23 43.74 -11.77
CA LEU N 74 34.03 43.58 -10.96
C LEU N 74 32.79 43.65 -11.85
N ARG N 75 31.73 42.93 -11.44
CA ARG N 75 30.48 42.91 -12.20
C ARG N 75 29.72 44.24 -12.06
N ALA N 76 28.82 44.51 -13.00
CA ALA N 76 28.01 45.74 -13.00
C ALA N 76 27.20 45.90 -11.72
N GLY N 77 27.46 46.99 -10.99
CA GLY N 77 26.78 47.28 -9.72
C GLY N 77 27.32 46.46 -8.57
N MET N 78 28.64 46.47 -8.41
CA MET N 78 29.33 45.69 -7.37
C MET N 78 30.50 46.51 -6.80
N THR N 79 30.43 46.81 -5.51
CA THR N 79 31.39 47.71 -4.86
C THR N 79 32.73 47.03 -4.52
N ILE N 80 33.69 47.83 -4.04
CA ILE N 80 34.97 47.32 -3.52
C ILE N 80 34.77 46.51 -2.22
N GLU N 81 33.71 46.81 -1.49
CA GLU N 81 33.33 46.05 -0.28
C GLU N 81 32.96 44.59 -0.58
N ASP N 82 32.36 44.34 -1.75
CA ASP N 82 32.05 42.98 -2.21
C ASP N 82 33.31 42.17 -2.51
N ARG N 83 34.33 42.83 -3.06
CA ARG N 83 35.63 42.21 -3.34
C ARG N 83 36.31 41.76 -2.05
N ASP N 84 36.36 42.65 -1.07
CA ASP N 84 37.06 42.38 0.20
C ASP N 84 36.36 41.30 1.04
N SER N 85 35.02 41.22 0.94
CA SER N 85 34.25 40.17 1.61
C SER N 85 34.56 38.77 1.07
N TYR N 86 34.81 38.68 -0.24
CA TYR N 86 35.30 37.44 -0.85
C TYR N 86 36.72 37.09 -0.38
N ILE N 87 37.59 38.11 -0.32
CA ILE N 87 38.99 37.92 0.09
C ILE N 87 39.09 37.49 1.56
N ARG N 88 38.16 37.97 2.40
CA ARG N 88 38.00 37.48 3.78
C ARG N 88 37.68 35.98 3.82
N ASP N 89 36.70 35.57 3.02
CA ASP N 89 36.34 34.15 2.88
C ASP N 89 37.49 33.31 2.29
N LEU N 90 38.27 33.93 1.41
CA LEU N 90 39.48 33.29 0.85
C LEU N 90 40.58 33.18 1.92
N PHE N 91 40.72 34.20 2.76
CA PHE N 91 41.68 34.19 3.87
C PHE N 91 41.37 33.09 4.87
N PHE N 92 40.07 32.91 5.16
CA PHE N 92 39.60 31.82 6.02
C PHE N 92 40.10 30.46 5.53
N LEU N 93 39.97 30.21 4.23
CA LEU N 93 40.42 28.96 3.62
C LEU N 93 41.93 28.75 3.73
N HIS N 94 42.71 29.83 3.55
CA HIS N 94 44.16 29.75 3.66
C HIS N 94 44.62 29.50 5.09
N SER N 95 44.06 30.25 6.04
CA SER N 95 44.39 30.13 7.46
C SER N 95 43.92 28.80 8.07
N LEU N 96 42.76 28.29 7.63
CA LEU N 96 42.26 26.98 8.05
C LEU N 96 43.11 25.84 7.47
N LYS N 97 43.62 26.01 6.25
CA LYS N 97 44.57 25.07 5.63
C LYS N 97 45.91 25.03 6.38
N VAL N 98 46.38 26.18 6.84
CA VAL N 98 47.65 26.27 7.58
C VAL N 98 47.60 25.50 8.91
N LYS N 99 46.51 25.69 9.66
CA LYS N 99 46.31 24.99 10.94
C LYS N 99 46.07 23.49 10.77
N ILE N 100 45.43 23.08 9.67
CA ILE N 100 45.27 21.66 9.33
C ILE N 100 46.62 21.01 8.95
N GLU N 101 47.47 21.76 8.24
CA GLU N 101 48.85 21.32 7.96
C GLU N 101 49.69 21.20 9.23
N GLU N 102 49.47 22.10 10.20
CA GLU N 102 50.09 22.01 11.52
C GLU N 102 49.60 20.80 12.34
N SER N 103 48.32 20.45 12.17
CA SER N 103 47.75 19.26 12.83
C SER N 103 48.28 17.95 12.24
N ARG N 104 48.36 17.88 10.91
CA ARG N 104 48.96 16.74 10.21
C ARG N 104 50.48 16.96 10.03
N GLN N 105 51.21 16.83 11.14
CA GLN N 105 52.67 16.96 11.16
C GLN N 105 53.35 15.58 11.13
N GLY N 106 52.86 14.65 11.95
CA GLY N 106 53.40 13.29 12.02
C GLY N 106 53.14 12.48 10.77
N LYS N 107 51.95 11.87 10.69
CA LYS N 107 51.55 11.08 9.52
C LYS N 107 51.14 11.99 8.36
N GLU N 108 51.83 11.85 7.22
CA GLU N 108 51.60 12.68 6.03
C GLU N 108 50.69 11.99 5.01
N ASP N 109 50.93 10.70 4.75
CA ASP N 109 50.14 9.91 3.79
C ASP N 109 48.84 9.40 4.43
N SER N 110 47.95 10.33 4.75
CA SER N 110 46.70 10.04 5.50
C SER N 110 45.46 9.92 4.59
N LYS N 111 45.41 10.74 3.54
CA LYS N 111 44.31 10.76 2.57
C LYS N 111 42.97 11.21 3.20
N CYS N 112 43.00 12.39 3.80
CA CYS N 112 41.84 13.00 4.44
C CYS N 112 40.92 13.65 3.39
N LYS N 113 39.62 13.43 3.52
CA LYS N 113 38.61 14.01 2.61
C LYS N 113 38.45 15.53 2.82
N VAL N 114 38.60 15.97 4.06
CA VAL N 114 38.47 17.40 4.42
C VAL N 114 39.64 18.24 3.88
N TYR N 115 40.85 17.70 3.98
CA TYR N 115 42.06 18.38 3.45
C TYR N 115 42.06 18.53 1.92
N ASN N 116 41.45 17.57 1.23
CA ASN N 116 41.34 17.62 -0.25
C ASN N 116 40.43 18.73 -0.79
N LEU N 117 39.55 19.26 0.04
CA LEU N 117 38.77 20.46 -0.30
C LEU N 117 39.68 21.69 -0.40
N LEU N 118 40.64 21.80 0.53
CA LEU N 118 41.62 22.90 0.54
C LEU N 118 42.84 22.66 -0.38
N CYS N 119 42.83 21.59 -1.17
CA CYS N 119 43.84 21.32 -2.19
C CYS N 119 43.18 21.02 -3.53
N PRO N 120 42.60 22.06 -4.18
CA PRO N 120 41.92 21.86 -5.46
C PRO N 120 42.89 21.66 -6.62
N HIS N 121 42.34 21.30 -7.78
CA HIS N 121 43.15 20.99 -8.95
C HIS N 121 43.80 22.24 -9.52
N HIS N 122 44.99 22.08 -10.10
CA HIS N 122 45.82 23.22 -10.55
C HIS N 122 45.30 23.99 -11.78
N SER N 123 44.25 23.49 -12.43
CA SER N 123 43.54 24.25 -13.46
C SER N 123 42.40 25.11 -12.88
N SER N 124 42.01 24.85 -11.62
CA SER N 124 40.80 25.45 -11.05
C SER N 124 40.95 26.94 -10.72
N GLU N 125 39.79 27.58 -10.53
CA GLU N 125 39.73 28.99 -10.15
C GLU N 125 40.28 29.19 -8.73
N LEU N 126 39.80 28.36 -7.80
CA LEU N 126 40.18 28.46 -6.38
C LEU N 126 41.68 28.24 -6.13
N TYR N 127 42.31 27.37 -6.93
CA TYR N 127 43.76 27.13 -6.84
C TYR N 127 44.55 28.40 -7.14
N GLY N 128 44.16 29.11 -8.21
CA GLY N 128 44.80 30.37 -8.57
C GLY N 128 44.74 31.43 -7.51
N ASP N 129 43.62 31.48 -6.78
CA ASP N 129 43.41 32.44 -5.68
C ASP N 129 44.18 32.04 -4.43
N LEU N 130 44.12 30.76 -4.06
CA LEU N 130 44.84 30.24 -2.89
C LEU N 130 46.36 30.32 -3.07
N ARG N 131 46.85 30.03 -4.28
CA ARG N 131 48.26 30.21 -4.63
C ARG N 131 48.66 31.69 -4.64
N ALA N 132 47.72 32.55 -5.02
CA ALA N 132 47.91 34.00 -4.94
C ALA N 132 47.94 34.48 -3.49
N MET N 133 46.99 34.01 -2.69
CA MET N 133 46.92 34.32 -1.25
C MET N 133 48.17 33.91 -0.48
N LYS N 134 48.67 32.70 -0.76
CA LYS N 134 49.86 32.15 -0.12
C LYS N 134 51.12 33.02 -0.36
N CYS N 135 51.21 33.62 -1.55
CA CYS N 135 52.32 34.51 -1.89
C CYS N 135 52.31 35.82 -1.08
N LEU N 136 51.13 36.39 -0.89
CA LEU N 136 50.99 37.65 -0.16
C LEU N 136 51.09 37.46 1.37
N VAL N 137 50.51 36.38 1.88
CA VAL N 137 50.53 36.08 3.31
C VAL N 137 51.92 35.63 3.77
N GLU N 138 52.42 34.56 3.15
CA GLU N 138 53.70 33.93 3.56
C GLU N 138 54.96 34.53 2.90
N GLY N 139 54.84 35.71 2.29
CA GLY N 139 55.99 36.46 1.80
C GLY N 139 56.58 35.93 0.52
N CYS N 140 56.09 36.44 -0.62
CA CYS N 140 56.63 36.17 -1.95
C CYS N 140 56.51 34.73 -2.46
N SER N 141 57.21 33.79 -1.80
CA SER N 141 57.31 32.35 -2.15
C SER N 141 58.47 32.04 -3.10
N ASP N 142 58.67 32.92 -4.10
CA ASP N 142 59.77 32.82 -5.08
C ASP N 142 59.69 31.54 -5.94
N ASP N 143 58.55 31.38 -6.61
CA ASP N 143 58.34 30.28 -7.56
C ASP N 143 59.14 30.53 -8.83
N PHE N 144 59.00 31.75 -9.35
CA PHE N 144 59.76 32.24 -10.52
C PHE N 144 60.27 33.68 -10.30
N ASN N 145 59.37 34.56 -9.85
CA ASN N 145 59.71 35.90 -9.34
C ASN N 145 60.29 36.87 -10.41
N PRO N 146 59.41 37.48 -11.22
CA PRO N 146 59.74 38.63 -12.06
C PRO N 146 59.29 39.94 -11.38
N PHE N 147 59.24 41.04 -12.14
CA PHE N 147 58.69 42.32 -11.63
C PHE N 147 57.15 42.36 -11.55
N ASP N 148 56.46 41.32 -12.04
CA ASP N 148 55.00 41.29 -12.11
C ASP N 148 54.34 41.21 -10.73
N ILE N 149 53.28 42.01 -10.55
CA ILE N 149 52.57 42.11 -9.27
C ILE N 149 51.54 40.97 -9.16
N ILE N 150 51.41 40.40 -7.97
CA ILE N 150 50.48 39.29 -7.72
C ILE N 150 49.11 39.82 -7.27
N ARG N 151 48.05 39.21 -7.80
CA ARG N 151 46.66 39.67 -7.60
C ARG N 151 46.01 38.77 -6.54
N VAL N 152 45.45 39.36 -5.49
CA VAL N 152 44.93 38.58 -4.34
C VAL N 152 43.64 37.79 -4.64
N PRO N 153 42.86 38.20 -5.66
CA PRO N 153 41.96 37.28 -6.36
C PRO N 153 42.44 37.15 -7.80
N ASP N 154 43.17 36.08 -8.10
CA ASP N 154 43.82 35.92 -9.40
C ASP N 154 42.79 35.53 -10.48
N LEU N 155 42.17 36.55 -11.07
CA LEU N 155 41.07 36.36 -12.03
C LEU N 155 41.52 35.84 -13.39
N THR N 156 42.74 36.21 -13.80
CA THR N 156 43.30 35.79 -15.09
C THR N 156 44.13 34.49 -15.05
N TYR N 157 44.03 33.72 -13.97
CA TYR N 157 44.79 32.47 -13.83
C TYR N 157 44.20 31.36 -14.71
N ASN N 158 45.05 30.77 -15.54
CA ASN N 158 44.69 29.67 -16.44
C ASN N 158 43.55 30.00 -17.42
N LYS N 159 43.51 31.26 -17.85
CA LYS N 159 42.46 31.77 -18.74
C LYS N 159 43.09 32.70 -19.77
N GLY N 160 43.86 32.13 -20.69
CA GLY N 160 44.49 32.91 -21.76
C GLY N 160 45.75 32.29 -22.35
N SER N 161 45.83 32.25 -23.68
CA SER N 161 47.03 31.86 -24.44
C SER N 161 47.44 30.38 -24.25
N LEU N 162 47.98 30.07 -23.07
CA LEU N 162 48.38 28.71 -22.70
C LEU N 162 47.65 28.30 -21.42
N GLN N 163 47.16 27.06 -21.38
CA GLN N 163 46.39 26.55 -20.25
C GLN N 163 46.86 25.14 -19.82
N CYS N 164 46.59 24.82 -18.56
CA CYS N 164 46.88 23.49 -18.01
C CYS N 164 45.86 22.49 -18.54
N GLY N 165 46.34 21.33 -18.99
CA GLY N 165 45.47 20.26 -19.49
C GLY N 165 45.96 19.66 -20.79
N ASN O 8 74.76 12.30 -35.76
CA ASN O 8 74.55 12.78 -37.16
C ASN O 8 73.16 13.42 -37.36
N ALA O 9 73.15 14.57 -38.04
CA ALA O 9 71.92 15.35 -38.32
C ALA O 9 71.20 15.92 -37.08
N ASP O 10 71.93 16.02 -35.95
CA ASP O 10 71.37 16.43 -34.64
C ASP O 10 70.18 15.57 -34.13
N LEU O 11 70.16 14.30 -34.54
CA LEU O 11 69.19 13.32 -34.04
C LEU O 11 69.80 12.44 -32.95
N ALA O 12 71.11 12.59 -32.70
CA ALA O 12 71.81 11.88 -31.64
C ALA O 12 72.64 12.84 -30.78
N TYR O 13 72.98 12.43 -29.56
CA TYR O 13 73.81 13.23 -28.65
C TYR O 13 75.26 13.23 -29.14
N ILE O 14 75.89 14.41 -29.11
CA ILE O 14 77.27 14.58 -29.57
C ILE O 14 78.26 14.11 -28.49
N LEU O 15 78.74 12.88 -28.64
CA LEU O 15 79.80 12.33 -27.79
C LEU O 15 81.13 12.36 -28.55
N SER O 16 81.81 13.51 -28.44
CA SER O 16 83.08 13.75 -29.14
C SER O 16 84.28 13.66 -28.21
N MET O 17 84.24 14.44 -27.11
CA MET O 17 85.40 14.63 -26.24
C MET O 17 85.83 13.38 -25.47
N GLU O 18 87.13 13.31 -25.17
CA GLU O 18 87.78 12.15 -24.54
C GLU O 18 88.45 12.60 -23.24
N PRO O 19 88.03 12.06 -22.07
CA PRO O 19 87.00 11.05 -21.83
C PRO O 19 85.56 11.57 -22.04
N CYS O 20 84.62 10.64 -22.09
CA CYS O 20 83.20 10.96 -22.31
C CYS O 20 82.55 11.55 -21.06
N GLY O 21 82.77 10.90 -19.92
CA GLY O 21 82.24 11.38 -18.64
C GLY O 21 82.57 10.49 -17.46
N HIS O 22 81.98 10.79 -16.31
CA HIS O 22 82.13 9.97 -15.09
C HIS O 22 81.22 8.74 -15.16
N CYS O 23 81.53 7.75 -14.32
CA CYS O 23 80.71 6.54 -14.19
C CYS O 23 80.82 5.93 -12.79
N LEU O 24 79.87 6.30 -11.93
CA LEU O 24 79.77 5.73 -10.57
C LEU O 24 79.11 4.35 -10.64
N ILE O 25 79.59 3.42 -9.81
CA ILE O 25 79.04 2.07 -9.72
C ILE O 25 78.96 1.65 -8.24
N ILE O 26 77.76 1.76 -7.66
CA ILE O 26 77.52 1.34 -6.27
C ILE O 26 77.19 -0.15 -6.27
N ASN O 27 78.09 -0.96 -5.73
CA ASN O 27 77.94 -2.43 -5.68
C ASN O 27 77.74 -2.92 -4.23
N ASN O 28 76.50 -2.87 -3.77
CA ASN O 28 76.14 -3.38 -2.44
C ASN O 28 75.96 -4.89 -2.49
N VAL O 29 76.95 -5.62 -1.97
CA VAL O 29 76.95 -7.09 -1.96
C VAL O 29 76.68 -7.62 -0.55
N ASN O 30 77.49 -7.18 0.41
CA ASN O 30 77.42 -7.64 1.82
C ASN O 30 76.57 -6.71 2.71
N PHE O 31 75.38 -7.19 3.07
CA PHE O 31 74.41 -6.45 3.90
C PHE O 31 74.46 -6.92 5.35
N CYS O 32 74.05 -6.05 6.27
CA CYS O 32 74.19 -6.33 7.71
C CYS O 32 73.21 -7.38 8.23
N ARG O 33 73.47 -7.84 9.45
CA ARG O 33 72.68 -8.89 10.11
C ARG O 33 71.28 -8.41 10.51
N GLU O 34 71.21 -7.17 10.99
CA GLU O 34 69.95 -6.55 11.45
C GLU O 34 68.87 -6.53 10.37
N SER O 35 69.27 -6.19 9.14
CA SER O 35 68.35 -6.09 8.00
C SER O 35 67.82 -7.45 7.55
N GLY O 36 68.70 -8.44 7.51
CA GLY O 36 68.36 -9.77 7.01
C GLY O 36 68.31 -9.88 5.49
N LEU O 37 68.88 -8.90 4.79
CA LEU O 37 69.00 -8.94 3.35
C LEU O 37 70.11 -9.92 2.99
N ARG O 38 69.83 -10.89 2.12
CA ARG O 38 70.80 -11.93 1.77
C ARG O 38 71.99 -11.32 1.01
N THR O 39 73.19 -11.84 1.28
CA THR O 39 74.40 -11.45 0.58
C THR O 39 74.29 -11.78 -0.91
N ARG O 40 74.35 -10.74 -1.73
CA ARG O 40 74.15 -10.88 -3.18
C ARG O 40 75.40 -11.47 -3.84
N THR O 41 75.50 -12.81 -3.77
CA THR O 41 76.65 -13.53 -4.32
C THR O 41 76.67 -13.47 -5.84
N GLY O 42 77.86 -13.35 -6.42
CA GLY O 42 78.03 -13.19 -7.87
C GLY O 42 77.79 -11.78 -8.39
N SER O 43 77.58 -10.81 -7.51
CA SER O 43 77.42 -9.41 -7.90
C SER O 43 78.75 -8.77 -8.29
N ASN O 44 79.85 -9.28 -7.71
CA ASN O 44 81.20 -8.85 -8.08
C ASN O 44 81.58 -9.17 -9.54
N ILE O 45 80.96 -10.20 -10.11
CA ILE O 45 81.08 -10.49 -11.55
C ILE O 45 80.47 -9.35 -12.37
N ASP O 46 79.26 -8.94 -11.98
CA ASP O 46 78.51 -7.89 -12.68
C ASP O 46 79.17 -6.52 -12.62
N CYS O 47 79.81 -6.22 -11.48
CA CYS O 47 80.52 -4.96 -11.30
C CYS O 47 81.73 -4.87 -12.24
N GLU O 48 82.56 -5.92 -12.22
CA GLU O 48 83.78 -5.96 -13.05
C GLU O 48 83.51 -6.15 -14.54
N LYS O 49 82.36 -6.74 -14.89
CA LYS O 49 81.89 -6.76 -16.29
C LYS O 49 81.63 -5.35 -16.78
N LEU O 50 80.85 -4.59 -16.00
CA LEU O 50 80.46 -3.22 -16.35
C LEU O 50 81.60 -2.20 -16.20
N ARG O 51 82.44 -2.35 -15.17
CA ARG O 51 83.57 -1.45 -14.94
C ARG O 51 84.53 -1.42 -16.13
N ARG O 52 84.81 -2.61 -16.69
CA ARG O 52 85.57 -2.74 -17.93
C ARG O 52 84.79 -2.17 -19.11
N ARG O 53 83.50 -2.45 -19.17
CA ARG O 53 82.64 -2.08 -20.30
C ARG O 53 82.53 -0.56 -20.49
N PHE O 54 82.21 0.15 -19.41
CA PHE O 54 82.13 1.62 -19.47
C PHE O 54 83.50 2.28 -19.66
N SER O 55 84.54 1.67 -19.09
CA SER O 55 85.93 2.07 -19.38
C SER O 55 86.29 1.84 -20.86
N SER O 56 85.75 0.77 -21.45
CA SER O 56 85.87 0.52 -22.90
C SER O 56 85.07 1.54 -23.73
N LEU O 57 83.94 2.01 -23.18
CA LEU O 57 83.16 3.12 -23.77
C LEU O 57 83.65 4.53 -23.35
N HIS O 58 84.89 4.62 -22.85
CA HIS O 58 85.57 5.89 -22.56
C HIS O 58 84.93 6.71 -21.43
N PHE O 59 84.56 6.02 -20.35
CA PHE O 59 84.06 6.67 -19.12
C PHE O 59 85.09 6.53 -17.98
N MET O 60 85.23 7.59 -17.19
CA MET O 60 86.10 7.59 -16.01
C MET O 60 85.43 6.81 -14.87
N VAL O 61 85.59 5.49 -14.91
CA VAL O 61 84.83 4.58 -14.05
C VAL O 61 85.43 4.51 -12.63
N GLU O 62 84.55 4.45 -11.62
CA GLU O 62 84.95 4.33 -10.22
C GLU O 62 83.92 3.52 -9.43
N VAL O 63 84.34 2.34 -8.95
CA VAL O 63 83.49 1.46 -8.15
C VAL O 63 83.52 1.88 -6.67
N LYS O 64 82.37 1.78 -6.00
CA LYS O 64 82.27 1.96 -4.54
C LYS O 64 81.40 0.85 -3.94
N GLY O 65 82.04 -0.12 -3.30
CA GLY O 65 81.37 -1.32 -2.80
C GLY O 65 80.80 -1.19 -1.39
N ASP O 66 79.65 -1.83 -1.16
CA ASP O 66 79.03 -1.94 0.16
C ASP O 66 78.79 -0.60 0.86
N LEU O 67 78.21 0.36 0.13
CA LEU O 67 77.88 1.67 0.68
C LEU O 67 76.62 1.60 1.53
N THR O 68 76.63 2.35 2.64
CA THR O 68 75.42 2.54 3.46
C THR O 68 74.48 3.55 2.80
N ALA O 69 73.25 3.61 3.30
CA ALA O 69 72.20 4.50 2.76
C ALA O 69 72.63 5.97 2.73
N LYS O 70 73.19 6.44 3.84
CA LYS O 70 73.67 7.82 3.95
C LYS O 70 74.89 8.13 3.07
N LYS O 71 75.71 7.10 2.80
CA LYS O 71 76.90 7.24 1.94
C LYS O 71 76.58 7.16 0.45
N MET O 72 75.57 6.36 0.08
CA MET O 72 75.07 6.30 -1.31
C MET O 72 74.60 7.67 -1.80
N VAL O 73 73.89 8.40 -0.93
CA VAL O 73 73.43 9.75 -1.22
C VAL O 73 74.61 10.72 -1.36
N LEU O 74 75.55 10.65 -0.41
CA LEU O 74 76.77 11.47 -0.44
C LEU O 74 77.65 11.18 -1.66
N ALA O 75 77.76 9.91 -2.03
CA ALA O 75 78.53 9.48 -3.20
C ALA O 75 77.93 10.02 -4.51
N LEU O 76 76.61 10.02 -4.60
CA LEU O 76 75.90 10.57 -5.76
C LEU O 76 75.95 12.11 -5.80
N LEU O 77 75.82 12.75 -4.64
CA LEU O 77 75.98 14.20 -4.52
C LEU O 77 77.40 14.66 -4.89
N GLU O 78 78.40 13.86 -4.52
CA GLU O 78 79.81 14.09 -4.90
C GLU O 78 80.01 14.07 -6.42
N LEU O 79 79.32 13.17 -7.10
CA LEU O 79 79.37 13.08 -8.56
C LEU O 79 78.70 14.29 -9.23
N ALA O 80 77.57 14.72 -8.67
CA ALA O 80 76.84 15.89 -9.18
C ALA O 80 77.58 17.21 -8.91
N ARG O 81 78.33 17.27 -7.80
CA ARG O 81 79.12 18.46 -7.46
C ARG O 81 80.28 18.72 -8.43
N GLN O 82 80.79 17.67 -9.09
CA GLN O 82 81.89 17.80 -10.06
C GLN O 82 81.51 18.65 -11.27
N ASP O 83 82.52 19.23 -11.91
CA ASP O 83 82.34 20.07 -13.10
C ASP O 83 82.33 19.18 -14.36
N HIS O 84 81.14 18.98 -14.93
CA HIS O 84 80.97 18.24 -16.18
C HIS O 84 80.97 19.18 -17.41
N GLY O 85 81.87 20.17 -17.42
CA GLY O 85 81.95 21.15 -18.51
C GLY O 85 82.54 20.54 -19.77
N ALA O 86 83.71 19.91 -19.61
CA ALA O 86 84.38 19.19 -20.70
C ALA O 86 83.70 17.86 -21.06
N LEU O 87 82.96 17.28 -20.11
CA LEU O 87 82.31 15.98 -20.30
C LEU O 87 80.99 16.11 -21.07
N ASP O 88 80.67 15.07 -21.86
CA ASP O 88 79.44 15.03 -22.68
C ASP O 88 78.31 14.20 -22.06
N CYS O 89 78.62 13.28 -21.16
CA CYS O 89 77.65 12.33 -20.61
C CYS O 89 77.90 12.03 -19.13
N CYS O 90 77.02 11.22 -18.53
CA CYS O 90 77.16 10.78 -17.15
C CYS O 90 76.37 9.50 -16.90
N VAL O 91 77.01 8.51 -16.27
CA VAL O 91 76.41 7.20 -16.03
C VAL O 91 76.42 6.88 -14.53
N VAL O 92 75.36 6.24 -14.04
CA VAL O 92 75.28 5.80 -12.64
C VAL O 92 74.66 4.41 -12.59
N VAL O 93 75.48 3.40 -12.33
CA VAL O 93 75.00 2.03 -12.13
C VAL O 93 74.80 1.79 -10.63
N ILE O 94 73.81 0.98 -10.28
CA ILE O 94 73.59 0.54 -8.90
C ILE O 94 73.25 -0.95 -8.89
N LEU O 95 74.06 -1.73 -8.17
CA LEU O 95 73.83 -3.16 -7.96
C LEU O 95 73.51 -3.39 -6.48
N SER O 96 72.25 -3.69 -6.18
CA SER O 96 71.80 -3.92 -4.80
C SER O 96 70.46 -4.65 -4.77
N HIS O 97 69.91 -4.84 -3.58
CA HIS O 97 68.51 -5.24 -3.41
C HIS O 97 67.60 -4.03 -3.63
N GLY O 98 66.30 -4.31 -3.76
CA GLY O 98 65.30 -3.26 -3.89
C GLY O 98 63.97 -3.63 -3.25
N CYS O 99 62.99 -2.74 -3.37
CA CYS O 99 61.66 -2.96 -2.82
C CYS O 99 60.59 -2.07 -3.45
N GLN O 100 59.35 -2.55 -3.44
CA GLN O 100 58.20 -1.76 -3.89
C GLN O 100 57.86 -0.73 -2.81
N ALA O 101 57.48 0.47 -3.24
CA ALA O 101 57.19 1.56 -2.31
C ALA O 101 56.28 2.64 -2.89
N SER O 102 55.82 3.53 -2.02
CA SER O 102 55.00 4.68 -2.40
C SER O 102 55.89 5.79 -2.97
N HIS O 103 55.71 6.09 -4.25
CA HIS O 103 56.48 7.14 -4.95
C HIS O 103 55.58 8.06 -5.75
N LEU O 104 56.11 9.22 -6.12
CA LEU O 104 55.38 10.23 -6.88
C LEU O 104 55.83 10.33 -8.34
N GLN O 105 57.15 10.25 -8.58
CA GLN O 105 57.73 10.38 -9.92
C GLN O 105 58.14 9.04 -10.55
N PHE O 106 59.04 8.33 -9.87
CA PHE O 106 59.60 7.07 -10.40
C PHE O 106 59.40 5.92 -9.43
N PRO O 107 59.09 4.71 -9.95
CA PRO O 107 58.91 3.54 -9.10
C PRO O 107 60.24 2.97 -8.59
N GLY O 108 60.16 2.17 -7.53
CA GLY O 108 61.32 1.43 -7.02
C GLY O 108 62.28 2.23 -6.15
N ALA O 109 62.89 1.54 -5.18
CA ALA O 109 63.95 2.08 -4.32
C ALA O 109 65.03 1.03 -4.17
N VAL O 110 66.25 1.47 -3.85
CA VAL O 110 67.42 0.57 -3.70
C VAL O 110 68.03 0.69 -2.30
N TYR O 111 68.39 -0.46 -1.72
CA TYR O 111 68.89 -0.53 -0.34
C TYR O 111 70.38 -0.24 -0.22
N GLY O 112 70.75 0.40 0.89
CA GLY O 112 72.14 0.45 1.35
C GLY O 112 72.43 -0.80 2.18
N THR O 113 73.69 -0.93 2.62
CA THR O 113 74.09 -2.08 3.44
C THR O 113 73.44 -2.10 4.84
N ASP O 114 73.13 -0.91 5.36
CA ASP O 114 72.47 -0.77 6.67
C ASP O 114 71.01 -1.24 6.71
N GLY O 115 70.31 -1.11 5.58
CA GLY O 115 68.90 -1.53 5.46
C GLY O 115 67.90 -0.42 5.20
N CYS O 116 68.35 0.84 5.25
CA CYS O 116 67.50 2.00 4.90
C CYS O 116 67.49 2.17 3.38
N PRO O 117 66.29 2.18 2.76
CA PRO O 117 66.20 2.28 1.31
C PRO O 117 66.40 3.70 0.77
N VAL O 118 66.91 3.79 -0.45
CA VAL O 118 67.11 5.06 -1.16
C VAL O 118 66.30 5.00 -2.45
N SER O 119 65.34 5.92 -2.60
CA SER O 119 64.42 5.92 -3.74
C SER O 119 65.11 6.31 -5.05
N VAL O 120 64.70 5.67 -6.14
CA VAL O 120 65.20 5.99 -7.49
C VAL O 120 64.84 7.43 -7.87
N GLU O 121 63.64 7.84 -7.46
CA GLU O 121 63.17 9.23 -7.54
C GLU O 121 64.20 10.22 -6.99
N LYS O 122 64.70 9.94 -5.78
CA LYS O 122 65.69 10.81 -5.13
C LYS O 122 67.05 10.81 -5.86
N ILE O 123 67.47 9.63 -6.32
CA ILE O 123 68.77 9.47 -7.00
C ILE O 123 68.85 10.27 -8.31
N VAL O 124 67.77 10.23 -9.09
CA VAL O 124 67.70 10.94 -10.38
C VAL O 124 67.66 12.47 -10.19
N ASN O 125 66.83 12.94 -9.27
CA ASN O 125 66.66 14.39 -9.03
C ASN O 125 67.88 15.13 -8.46
N ILE O 126 68.90 14.40 -8.03
CA ILE O 126 70.22 14.97 -7.72
C ILE O 126 70.89 15.52 -8.99
N PHE O 127 70.71 14.82 -10.12
CA PHE O 127 71.38 15.16 -11.38
C PHE O 127 70.57 16.04 -12.34
N ASN O 128 69.40 16.55 -11.91
CA ASN O 128 68.56 17.40 -12.77
C ASN O 128 69.18 18.78 -13.03
N GLY O 129 68.64 19.50 -14.01
CA GLY O 129 69.16 20.79 -14.44
C GLY O 129 69.32 21.88 -13.38
N THR O 130 68.45 21.87 -12.38
CA THR O 130 68.50 22.83 -11.27
C THR O 130 69.66 22.52 -10.32
N SER O 131 69.77 21.25 -9.91
CA SER O 131 70.79 20.83 -8.94
C SER O 131 72.18 20.71 -9.56
N CYS O 132 72.26 20.01 -10.69
CA CYS O 132 73.52 19.81 -11.43
C CYS O 132 73.48 20.57 -12.77
N PRO O 133 73.85 21.88 -12.77
CA PRO O 133 73.78 22.68 -14.00
C PRO O 133 74.83 22.33 -15.06
N SER O 134 75.93 21.69 -14.65
CA SER O 134 77.01 21.29 -15.56
C SER O 134 76.59 20.19 -16.56
N LEU O 135 75.64 19.35 -16.17
CA LEU O 135 75.07 18.30 -17.04
C LEU O 135 73.81 18.76 -17.82
N GLY O 136 73.65 20.07 -17.99
CA GLY O 136 72.50 20.63 -18.69
C GLY O 136 72.56 20.31 -20.17
N GLY O 137 71.48 19.73 -20.70
CA GLY O 137 71.44 19.30 -22.10
C GLY O 137 72.34 18.13 -22.43
N LYS O 138 72.63 17.30 -21.42
CA LYS O 138 73.53 16.13 -21.57
C LYS O 138 72.84 14.88 -21.01
N PRO O 139 73.01 13.72 -21.69
CA PRO O 139 72.34 12.49 -21.24
C PRO O 139 72.83 11.98 -19.88
N LYS O 140 71.89 11.58 -19.03
CA LYS O 140 72.18 11.11 -17.68
C LYS O 140 71.58 9.72 -17.49
N LEU O 141 72.41 8.70 -17.69
CA LEU O 141 71.96 7.30 -17.70
C LEU O 141 71.98 6.70 -16.29
N PHE O 142 70.95 5.89 -15.99
CA PHE O 142 70.83 5.19 -14.70
C PHE O 142 70.50 3.72 -14.95
N PHE O 143 71.41 2.83 -14.54
CA PHE O 143 71.21 1.39 -14.66
C PHE O 143 70.98 0.78 -13.27
N ILE O 144 69.76 0.32 -13.01
CA ILE O 144 69.33 -0.12 -11.68
C ILE O 144 69.09 -1.63 -11.66
N GLN O 145 70.11 -2.38 -11.26
CA GLN O 145 69.97 -3.81 -10.96
C GLN O 145 69.44 -3.95 -9.54
N ALA O 146 68.12 -4.10 -9.43
CA ALA O 146 67.46 -4.27 -8.15
C ALA O 146 66.02 -4.77 -8.35
N CYS O 147 65.49 -5.45 -7.34
CA CYS O 147 64.13 -5.98 -7.40
C CYS O 147 63.08 -4.86 -7.31
N GLY O 148 62.00 -5.01 -8.07
CA GLY O 148 60.88 -4.07 -8.08
C GLY O 148 59.95 -4.33 -6.90
N GLY O 149 59.66 -5.60 -6.64
CA GLY O 149 58.85 -6.02 -5.51
C GLY O 149 59.10 -7.48 -5.14
N GLU O 150 58.18 -8.06 -4.37
CA GLU O 150 58.30 -9.45 -3.89
C GLU O 150 57.70 -10.51 -4.84
N GLN O 151 56.94 -10.08 -5.85
CA GLN O 151 56.14 -11.00 -6.67
C GLN O 151 57.00 -11.72 -7.72
N LYS O 152 56.80 -13.04 -7.81
CA LYS O 152 57.50 -13.88 -8.80
C LYS O 152 56.53 -14.24 -9.91
N ASP O 153 56.94 -14.02 -11.16
CA ASP O 153 56.05 -14.10 -12.33
C ASP O 153 56.25 -15.39 -13.12
N HIS O 154 55.18 -16.19 -13.23
CA HIS O 154 55.18 -17.38 -14.09
C HIS O 154 54.85 -17.07 -15.55
N GLY O 155 54.31 -15.88 -15.83
CA GLY O 155 54.07 -15.42 -17.20
C GLY O 155 52.92 -16.13 -17.86
N PHE O 156 53.02 -16.32 -19.18
CA PHE O 156 52.03 -17.06 -19.96
C PHE O 156 52.65 -17.77 -21.16
N GLU O 157 51.94 -18.80 -21.65
CA GLU O 157 52.40 -19.58 -22.79
C GLU O 157 52.03 -18.90 -24.11
N VAL O 158 53.04 -18.49 -24.87
CA VAL O 158 52.86 -17.97 -26.23
C VAL O 158 53.02 -19.10 -27.26
N ALA O 159 52.99 -18.76 -28.55
CA ALA O 159 53.20 -19.74 -29.63
C ALA O 159 54.64 -20.27 -29.64
N SER O 160 54.79 -21.59 -29.78
CA SER O 160 56.10 -22.25 -29.75
C SER O 160 56.81 -22.14 -31.10
N SER O 193 66.43 30.06 -26.02
CA SER O 193 67.08 28.75 -25.89
C SER O 193 66.94 28.19 -24.47
N SER O 194 65.71 27.79 -24.14
CA SER O 194 65.37 27.18 -22.84
C SER O 194 65.22 25.67 -22.98
N LEU O 195 65.57 24.96 -21.92
CA LEU O 195 65.50 23.50 -21.88
C LEU O 195 64.85 23.06 -20.55
N PRO O 196 63.98 22.03 -20.56
CA PRO O 196 63.30 21.65 -19.32
C PRO O 196 64.24 21.11 -18.24
N THR O 197 63.91 21.37 -16.98
CA THR O 197 64.73 20.99 -15.82
C THR O 197 65.04 19.48 -15.73
N PRO O 198 64.02 18.60 -15.87
CA PRO O 198 64.27 17.16 -15.80
C PRO O 198 64.51 16.52 -17.18
N SER O 199 65.21 17.23 -18.07
CA SER O 199 65.47 16.75 -19.43
C SER O 199 66.66 15.80 -19.45
N ASP O 200 66.69 14.94 -20.48
CA ASP O 200 67.82 14.04 -20.75
C ASP O 200 68.10 13.01 -19.65
N ILE O 201 67.02 12.58 -18.96
CA ILE O 201 67.08 11.54 -17.94
C ILE O 201 66.77 10.19 -18.60
N PHE O 202 67.39 9.13 -18.09
CA PHE O 202 67.18 7.77 -18.60
C PHE O 202 67.43 6.73 -17.50
N VAL O 203 66.36 6.03 -17.10
CA VAL O 203 66.42 5.06 -16.01
C VAL O 203 66.08 3.66 -16.52
N SER O 204 67.11 2.84 -16.73
CA SER O 204 66.93 1.45 -17.17
C SER O 204 66.74 0.51 -15.98
N TYR O 205 65.50 0.04 -15.80
CA TYR O 205 65.16 -0.93 -14.76
C TYR O 205 65.51 -2.34 -15.20
N SER O 206 66.03 -3.14 -14.28
CA SER O 206 66.35 -4.55 -14.53
C SER O 206 65.10 -5.42 -14.62
N THR O 207 64.10 -5.12 -13.78
CA THR O 207 62.83 -5.85 -13.75
C THR O 207 61.64 -4.89 -13.74
N PHE O 208 60.47 -5.43 -14.03
CA PHE O 208 59.22 -4.65 -14.05
C PHE O 208 58.83 -4.26 -12.62
N PRO O 209 58.35 -3.02 -12.40
CA PRO O 209 57.92 -2.56 -11.07
C PRO O 209 56.96 -3.51 -10.34
N GLY O 210 57.30 -3.84 -9.09
CA GLY O 210 56.56 -4.81 -8.29
C GLY O 210 56.89 -6.28 -8.56
N PHE O 211 57.97 -6.55 -9.29
CA PHE O 211 58.44 -7.92 -9.58
C PHE O 211 59.91 -8.12 -9.25
N VAL O 212 60.30 -9.39 -9.10
CA VAL O 212 61.62 -9.77 -8.63
C VAL O 212 62.64 -9.81 -9.78
N SER O 213 63.86 -9.36 -9.49
CA SER O 213 65.01 -9.49 -10.40
C SER O 213 65.80 -10.74 -10.01
N TRP O 214 66.23 -11.51 -11.01
CA TRP O 214 66.93 -12.79 -10.79
C TRP O 214 68.45 -12.68 -10.94
N ARG O 215 69.13 -13.60 -10.25
CA ARG O 215 70.60 -13.60 -10.16
C ARG O 215 71.13 -15.00 -9.91
N ASP O 216 71.89 -15.52 -10.87
CA ASP O 216 72.67 -16.75 -10.71
C ASP O 216 73.96 -16.38 -9.98
N PRO O 217 74.34 -17.14 -8.94
CA PRO O 217 75.49 -16.72 -8.12
C PRO O 217 76.88 -16.89 -8.76
N LYS O 218 76.98 -17.52 -9.93
CA LYS O 218 78.26 -17.68 -10.63
C LYS O 218 78.32 -17.23 -12.10
N SER O 219 77.17 -16.94 -12.71
CA SER O 219 77.14 -16.19 -13.98
C SER O 219 76.76 -14.71 -13.75
N GLY O 220 76.34 -14.38 -12.53
CA GLY O 220 75.87 -13.03 -12.18
C GLY O 220 74.41 -12.82 -12.51
N SER O 221 73.97 -11.56 -12.38
CA SER O 221 72.60 -11.14 -12.71
C SER O 221 72.25 -11.37 -14.18
N TRP O 222 71.01 -11.83 -14.41
CA TRP O 222 70.44 -11.99 -15.77
C TRP O 222 70.52 -10.70 -16.57
N TYR O 223 70.13 -9.60 -15.93
CA TYR O 223 70.11 -8.28 -16.55
C TYR O 223 71.52 -7.83 -16.97
N VAL O 224 72.46 -7.84 -16.03
CA VAL O 224 73.83 -7.35 -16.29
C VAL O 224 74.59 -8.27 -17.25
N GLU O 225 74.41 -9.58 -17.10
CA GLU O 225 74.98 -10.58 -18.02
C GLU O 225 74.50 -10.32 -19.46
N THR O 226 73.19 -10.09 -19.62
CA THR O 226 72.60 -9.79 -20.93
C THR O 226 72.95 -8.38 -21.43
N LEU O 227 73.13 -7.43 -20.51
CA LEU O 227 73.51 -6.05 -20.87
C LEU O 227 74.93 -6.00 -21.45
N ASP O 228 75.88 -6.58 -20.72
CA ASP O 228 77.30 -6.61 -21.13
C ASP O 228 77.53 -7.40 -22.42
N ASP O 229 76.78 -8.49 -22.60
CA ASP O 229 76.88 -9.32 -23.81
C ASP O 229 76.43 -8.58 -25.07
N ILE O 230 75.33 -7.84 -24.97
CA ILE O 230 74.78 -7.07 -26.10
C ILE O 230 75.62 -5.82 -26.39
N PHE O 231 76.12 -5.17 -25.33
CA PHE O 231 77.03 -4.03 -25.48
C PHE O 231 78.38 -4.41 -26.13
N GLU O 232 78.82 -5.65 -25.94
CA GLU O 232 79.99 -6.18 -26.65
C GLU O 232 79.70 -6.39 -28.14
N GLN O 233 78.54 -6.99 -28.41
CA GLN O 233 78.17 -7.41 -29.77
C GLN O 233 77.63 -6.29 -30.66
N TRP O 234 76.88 -5.35 -30.09
CA TRP O 234 76.08 -4.37 -30.87
C TRP O 234 76.28 -2.88 -30.59
N ALA O 235 77.03 -2.52 -29.54
CA ALA O 235 77.12 -1.11 -29.09
C ALA O 235 77.76 -0.13 -30.08
N HIS O 236 78.66 -0.64 -30.92
CA HIS O 236 79.35 0.19 -31.94
C HIS O 236 78.42 0.70 -33.04
N SER O 237 77.48 -0.15 -33.48
CA SER O 237 76.58 0.16 -34.59
C SER O 237 75.21 0.71 -34.15
N GLU O 238 74.70 0.22 -33.00
CA GLU O 238 73.37 0.58 -32.51
C GLU O 238 73.39 1.50 -31.28
N ASP O 239 72.26 2.14 -31.02
CA ASP O 239 72.11 3.15 -29.96
C ASP O 239 71.59 2.55 -28.64
N LEU O 240 71.56 3.38 -27.60
CA LEU O 240 71.20 2.98 -26.23
C LEU O 240 69.89 2.19 -26.12
N GLN O 241 68.79 2.80 -26.56
CA GLN O 241 67.46 2.15 -26.46
C GLN O 241 67.26 0.97 -27.43
N SER O 242 68.04 0.92 -28.51
CA SER O 242 68.06 -0.25 -29.40
C SER O 242 68.78 -1.43 -28.75
N LEU O 243 69.85 -1.15 -28.01
CA LEU O 243 70.57 -2.17 -27.23
C LEU O 243 69.68 -2.73 -26.11
N LEU O 244 69.05 -1.83 -25.35
CA LEU O 244 68.18 -2.23 -24.23
C LEU O 244 66.84 -2.84 -24.65
N LEU O 245 66.50 -2.74 -25.94
CA LEU O 245 65.41 -3.56 -26.52
C LEU O 245 65.85 -5.03 -26.64
N ARG O 246 67.07 -5.27 -27.13
CA ARG O 246 67.65 -6.62 -27.20
C ARG O 246 67.84 -7.25 -25.81
N VAL O 247 68.18 -6.41 -24.83
CA VAL O 247 68.34 -6.85 -23.43
C VAL O 247 66.98 -7.27 -22.85
N ALA O 248 65.94 -6.50 -23.13
CA ALA O 248 64.58 -6.83 -22.70
C ALA O 248 64.06 -8.12 -23.36
N ASN O 249 64.30 -8.26 -24.67
CA ASN O 249 63.88 -9.45 -25.42
C ASN O 249 64.65 -10.71 -25.00
N ALA O 250 65.94 -10.57 -24.72
CA ALA O 250 66.79 -11.68 -24.29
C ALA O 250 66.46 -12.16 -22.87
N VAL O 251 66.26 -11.22 -21.96
CA VAL O 251 65.94 -11.54 -20.55
C VAL O 251 64.52 -12.11 -20.40
N SER O 252 63.60 -11.73 -21.28
CA SER O 252 62.20 -12.22 -21.23
C SER O 252 62.06 -13.72 -21.49
N VAL O 253 62.90 -14.27 -22.37
CA VAL O 253 62.87 -15.71 -22.69
C VAL O 253 63.53 -16.62 -21.64
N LYS O 254 64.26 -16.04 -20.69
CA LYS O 254 65.02 -16.82 -19.69
C LYS O 254 64.13 -17.50 -18.64
N GLY O 255 64.44 -18.77 -18.35
CA GLY O 255 64.02 -19.46 -17.14
C GLY O 255 62.55 -19.84 -17.02
N ILE O 256 62.25 -20.57 -15.94
CA ILE O 256 60.87 -20.91 -15.56
C ILE O 256 60.23 -19.67 -14.95
N TYR O 257 60.90 -19.10 -13.93
CA TYR O 257 60.59 -17.77 -13.43
C TYR O 257 61.07 -16.73 -14.44
N LYS O 258 60.34 -15.61 -14.53
CA LYS O 258 60.54 -14.63 -15.62
C LYS O 258 60.61 -13.19 -15.10
N GLN O 259 61.30 -12.33 -15.85
CA GLN O 259 61.37 -10.89 -15.57
C GLN O 259 61.39 -10.07 -16.87
N MET O 260 60.85 -8.86 -16.81
CA MET O 260 60.74 -7.96 -17.96
C MET O 260 61.50 -6.65 -17.67
N PRO O 261 62.74 -6.52 -18.20
CA PRO O 261 63.45 -5.24 -18.07
C PRO O 261 62.85 -4.15 -18.97
N GLY O 262 62.98 -2.90 -18.53
CA GLY O 262 62.51 -1.75 -19.30
C GLY O 262 63.09 -0.43 -18.85
N CYS O 263 62.84 0.61 -19.64
CA CYS O 263 63.46 1.92 -19.43
C CYS O 263 62.43 3.03 -19.34
N PHE O 264 62.70 4.01 -18.48
CA PHE O 264 61.90 5.24 -18.39
C PHE O 264 62.67 6.30 -19.20
N ASN O 265 62.32 6.43 -20.47
CA ASN O 265 63.04 7.30 -21.40
C ASN O 265 62.55 8.75 -21.31
N PHE O 266 63.47 9.66 -21.00
CA PHE O 266 63.24 11.11 -21.11
C PHE O 266 64.41 11.77 -21.83
N LEU O 267 64.77 11.20 -22.98
CA LEU O 267 65.86 11.72 -23.82
C LEU O 267 65.28 12.36 -25.08
N ARG O 268 65.93 13.44 -25.52
CA ARG O 268 65.50 14.19 -26.70
C ARG O 268 66.10 13.62 -27.99
N LYS O 269 67.33 13.14 -27.91
CA LYS O 269 68.06 12.58 -29.05
C LYS O 269 68.48 11.13 -28.76
N LYS O 270 68.94 10.42 -29.79
CA LYS O 270 69.50 9.07 -29.64
C LYS O 270 70.88 9.13 -28.96
N LEU O 271 71.34 7.99 -28.45
CA LEU O 271 72.62 7.92 -27.75
C LEU O 271 73.51 6.79 -28.31
N PHE O 272 74.50 7.18 -29.12
CA PHE O 272 75.52 6.27 -29.63
C PHE O 272 76.80 6.42 -28.81
N PHE O 273 77.25 5.33 -28.18
CA PHE O 273 78.48 5.34 -27.39
C PHE O 273 79.72 5.37 -28.29
N LYS O 274 80.76 6.07 -27.84
CA LYS O 274 82.07 6.05 -28.51
C LYS O 274 82.82 4.80 -28.05
N THR O 275 83.14 3.92 -28.99
CA THR O 275 83.81 2.64 -28.71
C THR O 275 85.24 2.63 -29.26
N SER O 276 86.15 1.98 -28.51
CA SER O 276 87.56 1.82 -28.88
C SER O 276 88.31 3.14 -29.11
N THR P 1 63.82 -35.96 6.54
CA THR P 1 62.72 -36.03 7.54
C THR P 1 63.06 -35.30 8.86
N PRO P 2 64.28 -35.46 9.39
CA PRO P 2 64.66 -34.74 10.62
C PRO P 2 64.83 -33.22 10.44
N GLU P 3 65.33 -32.80 9.27
CA GLU P 3 65.60 -31.38 8.97
C GLU P 3 64.37 -30.46 8.99
N SER P 4 63.26 -30.96 8.47
CA SER P 4 62.06 -30.14 8.23
C SER P 4 60.76 -30.95 8.33
N VAL P 5 59.63 -30.24 8.36
CA VAL P 5 58.30 -30.84 8.49
C VAL P 5 57.39 -30.44 7.33
N SER P 6 56.50 -31.35 6.93
CA SER P 6 55.54 -31.13 5.84
C SER P 6 54.14 -30.78 6.38
N GLU P 7 53.68 -31.52 7.38
CA GLU P 7 52.39 -31.28 8.06
C GLU P 7 52.61 -31.00 9.54
N LEU P 8 51.88 -30.02 10.08
CA LEU P 8 52.10 -29.55 11.46
C LEU P 8 51.55 -30.52 12.51
N ASN P 9 52.43 -30.94 13.43
CA ASN P 9 52.06 -31.83 14.55
C ASN P 9 51.39 -31.07 15.70
N HIS P 10 50.98 -31.81 16.73
CA HIS P 10 50.46 -31.20 17.97
C HIS P 10 51.51 -30.38 18.74
N ASN P 11 52.79 -30.71 18.56
CA ASN P 11 53.90 -29.93 19.12
C ASN P 11 54.06 -28.53 18.52
N HIS P 12 53.60 -28.36 17.28
CA HIS P 12 53.77 -27.11 16.55
C HIS P 12 52.84 -25.97 16.99
N PHE P 13 51.77 -26.29 17.71
CA PHE P 13 50.81 -25.28 18.19
C PHE P 13 51.40 -24.44 19.33
N LEU P 14 50.81 -23.28 19.58
CA LEU P 14 51.30 -22.34 20.59
C LEU P 14 51.08 -22.87 22.00
N SER P 15 52.07 -22.66 22.87
CA SER P 15 51.96 -23.00 24.29
C SER P 15 51.10 -21.97 25.02
N PRO P 16 50.66 -22.28 26.27
CA PRO P 16 49.99 -21.25 27.09
C PRO P 16 50.85 -20.02 27.43
N GLU P 17 52.18 -20.17 27.40
CA GLU P 17 53.12 -19.04 27.55
C GLU P 17 53.07 -18.10 26.33
N LEU P 18 53.16 -18.70 25.14
CA LEU P 18 53.13 -17.95 23.87
C LEU P 18 51.74 -17.39 23.55
N GLN P 19 50.69 -18.17 23.85
CA GLN P 19 49.29 -17.76 23.62
C GLN P 19 48.90 -16.52 24.43
N ASP P 20 49.38 -16.45 25.68
CA ASP P 20 49.15 -15.29 26.56
C ASP P 20 49.86 -14.03 26.04
N LYS P 21 51.11 -14.20 25.58
CA LYS P 21 51.89 -13.11 24.98
C LYS P 21 51.29 -12.61 23.65
N LEU P 22 50.64 -13.50 22.90
CA LEU P 22 49.96 -13.15 21.65
C LEU P 22 48.74 -12.26 21.91
N ASP P 23 47.89 -12.68 22.85
CA ASP P 23 46.65 -11.96 23.17
C ASP P 23 46.89 -10.58 23.81
N VAL P 24 48.03 -10.39 24.46
CA VAL P 24 48.43 -9.09 25.01
C VAL P 24 48.70 -8.08 23.90
N MET P 25 49.51 -8.46 22.92
CA MET P 25 49.87 -7.59 21.80
C MET P 25 48.70 -7.30 20.84
N VAL P 26 47.78 -8.26 20.69
CA VAL P 26 46.60 -8.10 19.84
C VAL P 26 45.64 -7.03 20.39
N SER P 27 45.40 -7.06 21.71
CA SER P 27 44.53 -6.08 22.38
C SER P 27 45.17 -4.68 22.46
N ILE P 28 46.47 -4.63 22.72
CA ILE P 28 47.21 -3.36 22.80
C ILE P 28 47.33 -2.67 21.43
N TYR P 29 47.48 -3.45 20.36
CA TYR P 29 47.58 -2.92 18.99
C TYR P 29 46.26 -2.30 18.50
N SER P 30 45.15 -3.01 18.72
CA SER P 30 43.83 -2.55 18.29
C SER P 30 43.32 -1.35 19.10
N CYS P 31 43.55 -1.36 20.42
CA CYS P 31 43.14 -0.26 21.31
C CYS P 31 43.95 1.03 21.12
N ALA P 32 45.24 0.89 20.77
CA ALA P 32 46.12 2.04 20.56
C ALA P 32 45.80 2.79 19.26
N ARG P 33 46.22 4.05 19.19
CA ARG P 33 45.99 4.93 18.04
C ARG P 33 47.28 5.61 17.55
N ASN P 34 47.91 6.38 18.43
CA ASN P 34 49.14 7.12 18.10
C ASN P 34 50.37 6.21 18.02
N ASN P 35 51.42 6.72 17.39
CA ASN P 35 52.69 6.00 17.24
C ASN P 35 53.48 5.86 18.54
N ASN P 36 53.33 6.83 19.45
CA ASN P 36 54.01 6.81 20.76
C ASN P 36 53.54 5.69 21.70
N GLU P 37 52.27 5.30 21.59
CA GLU P 37 51.69 4.19 22.36
C GLU P 37 52.24 2.82 21.94
N LEU P 38 52.49 2.64 20.64
CA LEU P 38 52.95 1.36 20.08
C LEU P 38 54.47 1.11 20.20
N GLU P 39 55.22 2.02 20.80
CA GLU P 39 56.68 1.88 20.98
C GLU P 39 57.10 0.73 21.91
N GLU P 40 56.27 0.43 22.91
CA GLU P 40 56.50 -0.71 23.81
C GLU P 40 56.30 -2.06 23.12
N ILE P 41 55.31 -2.13 22.23
CA ILE P 41 55.03 -3.35 21.44
C ILE P 41 56.11 -3.59 20.38
N PHE P 42 56.63 -2.51 19.79
CA PHE P 42 57.69 -2.57 18.79
C PHE P 42 59.00 -3.18 19.33
N GLN P 43 59.38 -2.80 20.54
CA GLN P 43 60.59 -3.31 21.20
C GLN P 43 60.52 -4.82 21.53
N GLU P 44 59.32 -5.35 21.69
CA GLU P 44 59.11 -6.80 21.89
C GLU P 44 59.36 -7.59 20.62
N LEU P 45 58.78 -7.15 19.50
CA LEU P 45 58.92 -7.84 18.20
C LEU P 45 60.35 -7.79 17.65
N SER P 46 60.97 -6.62 17.70
CA SER P 46 62.36 -6.45 17.25
C SER P 46 63.35 -7.29 18.07
N ALA P 47 63.07 -7.43 19.38
CA ALA P 47 63.84 -8.32 20.26
C ALA P 47 63.53 -9.81 19.99
N PHE P 48 62.25 -10.13 19.80
CA PHE P 48 61.80 -11.51 19.56
C PHE P 48 62.23 -12.03 18.18
N VAL P 49 62.11 -11.20 17.15
CA VAL P 49 62.52 -11.56 15.78
C VAL P 49 64.04 -11.74 15.68
N SER P 50 64.80 -10.84 16.30
CA SER P 50 66.26 -10.95 16.37
C SER P 50 66.72 -12.17 17.17
N GLY P 51 65.98 -12.50 18.23
CA GLY P 51 66.19 -13.75 18.98
C GLY P 51 65.79 -14.99 18.19
N LEU P 52 64.69 -14.89 17.45
CA LEU P 52 64.25 -15.94 16.52
C LEU P 52 65.23 -16.14 15.36
N MET P 53 65.91 -15.07 14.96
CA MET P 53 66.97 -15.11 13.94
C MET P 53 68.20 -15.88 14.45
N ASP P 54 68.62 -15.58 15.68
CA ASP P 54 69.71 -16.31 16.35
C ASP P 54 69.37 -17.77 16.65
N LYS P 55 68.08 -18.04 16.92
CA LYS P 55 67.61 -19.40 17.20
C LYS P 55 67.71 -20.32 15.98
N ARG P 56 67.43 -19.79 14.79
CA ARG P 56 67.55 -20.54 13.54
C ARG P 56 68.99 -20.96 13.26
N ASN P 57 69.92 -20.02 13.37
CA ASN P 57 71.35 -20.27 13.09
C ASN P 57 71.97 -21.32 14.00
N SER P 58 71.58 -21.30 15.28
CA SER P 58 72.05 -22.28 16.26
C SER P 58 71.48 -23.68 16.03
N VAL P 59 70.20 -23.76 15.67
CA VAL P 59 69.52 -25.04 15.44
C VAL P 59 69.86 -25.66 14.07
N PHE P 60 69.77 -24.85 13.02
CA PHE P 60 69.86 -25.35 11.63
C PHE P 60 71.18 -25.01 10.92
N GLU P 61 71.52 -25.84 9.93
CA GLU P 61 72.66 -25.62 9.02
C GLU P 61 72.15 -25.56 7.59
N VAL P 62 72.97 -24.98 6.71
CA VAL P 62 72.71 -24.98 5.26
C VAL P 62 73.97 -25.45 4.51
N ARG P 63 74.02 -26.74 4.19
CA ARG P 63 75.16 -27.33 3.49
C ARG P 63 75.10 -27.03 2.00
N ASN P 64 76.25 -26.67 1.42
CA ASN P 64 76.41 -26.47 -0.02
C ASN P 64 75.58 -25.30 -0.57
N GLU P 65 75.84 -24.10 -0.06
CA GLU P 65 75.17 -22.89 -0.55
C GLU P 65 75.60 -22.54 -1.97
N ASN P 66 74.75 -21.79 -2.68
CA ASN P 66 75.04 -21.28 -4.02
C ASN P 66 75.29 -22.37 -5.09
N THR P 67 74.66 -23.54 -4.91
CA THR P 67 74.79 -24.68 -5.84
C THR P 67 73.44 -25.37 -6.05
N ASP P 68 73.34 -26.16 -7.12
CA ASP P 68 72.12 -26.91 -7.43
C ASP P 68 71.74 -27.89 -6.32
N GLU P 69 72.74 -28.51 -5.71
CA GLU P 69 72.55 -29.50 -4.65
C GLU P 69 72.67 -28.87 -3.26
N VAL P 70 71.77 -27.95 -2.94
CA VAL P 70 71.65 -27.39 -1.59
C VAL P 70 70.81 -28.34 -0.75
N VAL P 71 71.26 -28.61 0.47
CA VAL P 71 70.54 -29.45 1.43
C VAL P 71 70.51 -28.80 2.80
N GLY P 72 69.34 -28.75 3.41
CA GLY P 72 69.19 -28.31 4.80
C GLY P 72 69.41 -29.47 5.75
N ALA P 73 69.86 -29.15 6.97
CA ALA P 73 70.11 -30.17 8.00
C ALA P 73 70.23 -29.54 9.39
N LEU P 74 69.96 -30.35 10.42
CA LEU P 74 70.13 -29.92 11.81
C LEU P 74 71.61 -29.90 12.19
N ARG P 75 71.98 -28.96 13.06
CA ARG P 75 73.37 -28.84 13.54
C ARG P 75 73.71 -30.00 14.49
N ALA P 76 75.00 -30.24 14.68
CA ALA P 76 75.50 -31.33 15.54
C ALA P 76 75.01 -31.21 16.99
N GLY P 77 74.38 -32.29 17.49
CA GLY P 77 73.86 -32.34 18.85
C GLY P 77 72.58 -31.54 19.04
N MET P 78 71.66 -31.67 18.08
CA MET P 78 70.40 -30.91 18.07
C MET P 78 69.24 -31.84 17.71
N THR P 79 68.26 -31.92 18.60
CA THR P 79 67.15 -32.88 18.50
C THR P 79 65.96 -32.33 17.71
N ILE P 80 64.94 -33.17 17.52
CA ILE P 80 63.66 -32.78 16.90
C ILE P 80 62.88 -31.78 17.79
N GLU P 81 63.08 -31.84 19.10
CA GLU P 81 62.48 -30.87 20.04
C GLU P 81 62.99 -29.44 19.83
N ASP P 82 64.26 -29.30 19.45
CA ASP P 82 64.85 -27.99 19.10
C ASP P 82 64.29 -27.43 17.78
N ARG P 83 63.99 -28.32 16.83
CA ARG P 83 63.31 -27.96 15.58
C ARG P 83 61.89 -27.45 15.85
N ASP P 84 61.15 -28.18 16.68
CA ASP P 84 59.75 -27.85 16.97
C ASP P 84 59.59 -26.57 17.80
N SER P 85 60.58 -26.26 18.64
CA SER P 85 60.59 -25.02 19.43
C SER P 85 60.71 -23.76 18.56
N TYR P 86 61.47 -23.87 17.47
CA TYR P 86 61.57 -22.79 16.48
C TYR P 86 60.25 -22.60 15.71
N ILE P 87 59.64 -23.71 15.31
CA ILE P 87 58.40 -23.69 14.52
C ILE P 87 57.21 -23.13 15.33
N ARG P 88 57.22 -23.37 16.65
CA ARG P 88 56.28 -22.73 17.58
C ARG P 88 56.41 -21.21 17.57
N ASP P 89 57.66 -20.73 17.62
CA ASP P 89 57.96 -19.29 17.52
C ASP P 89 57.67 -18.74 16.11
N LEU P 90 57.81 -19.59 15.09
CA LEU P 90 57.41 -19.26 13.72
C LEU P 90 55.89 -19.16 13.57
N PHE P 91 55.17 -20.06 14.25
CA PHE P 91 53.69 -20.03 14.29
C PHE P 91 53.15 -18.79 15.00
N PHE P 92 53.85 -18.33 16.03
CA PHE P 92 53.52 -17.09 16.74
C PHE P 92 53.50 -15.88 15.81
N LEU P 93 54.56 -15.75 15.00
CA LEU P 93 54.67 -14.63 14.05
C LEU P 93 53.62 -14.68 12.94
N HIS P 94 53.28 -15.87 12.46
CA HIS P 94 52.25 -16.04 11.43
C HIS P 94 50.87 -15.65 11.94
N SER P 95 50.50 -16.17 13.12
CA SER P 95 49.20 -15.87 13.73
C SER P 95 49.06 -14.40 14.15
N LEU P 96 50.13 -13.83 14.68
CA LEU P 96 50.17 -12.40 15.06
C LEU P 96 50.01 -11.49 13.83
N LYS P 97 50.60 -11.89 12.70
CA LYS P 97 50.46 -11.17 11.43
C LYS P 97 49.01 -11.21 10.91
N VAL P 98 48.36 -12.36 11.02
CA VAL P 98 46.99 -12.54 10.54
C VAL P 98 45.98 -11.66 11.33
N LYS P 99 46.16 -11.59 12.64
CA LYS P 99 45.30 -10.76 13.51
C LYS P 99 45.47 -9.25 13.25
N ILE P 100 46.69 -8.82 12.96
CA ILE P 100 46.96 -7.43 12.56
C ILE P 100 46.32 -7.09 11.20
N GLU P 101 46.37 -8.06 10.27
CA GLU P 101 45.70 -7.93 8.97
C GLU P 101 44.16 -7.88 9.08
N GLU P 102 43.61 -8.57 10.09
CA GLU P 102 42.17 -8.49 10.40
C GLU P 102 41.74 -7.12 10.98
N SER P 103 42.66 -6.41 11.63
CA SER P 103 42.39 -5.09 12.20
C SER P 103 42.30 -4.01 11.13
N ARG P 104 43.32 -3.92 10.28
CA ARG P 104 43.42 -2.89 9.24
C ARG P 104 42.81 -3.37 7.91
N GLN P 105 41.49 -3.56 7.91
CA GLN P 105 40.75 -4.02 6.72
C GLN P 105 40.21 -2.83 5.89
N GLY P 106 39.69 -1.81 6.57
CA GLY P 106 39.16 -0.62 5.92
C GLY P 106 40.26 0.23 5.28
N LYS P 107 41.27 0.56 6.07
CA LYS P 107 42.46 1.29 5.59
C LYS P 107 43.60 0.31 5.28
N GLU P 108 44.40 0.64 4.26
CA GLU P 108 45.56 -0.17 3.86
C GLU P 108 46.72 0.71 3.31
N ASP P 109 46.95 1.84 3.97
CA ASP P 109 48.04 2.76 3.62
C ASP P 109 48.56 3.51 4.86
N SER P 110 48.70 2.78 5.96
CA SER P 110 49.04 3.34 7.27
C SER P 110 50.55 3.53 7.48
N LYS P 111 51.35 2.62 6.93
CA LYS P 111 52.81 2.62 7.10
C LYS P 111 53.22 2.40 8.56
N CYS P 112 52.67 1.35 9.16
CA CYS P 112 52.95 0.99 10.55
C CYS P 112 54.33 0.33 10.66
N LYS P 113 55.07 0.68 11.73
CA LYS P 113 56.39 0.11 12.00
C LYS P 113 56.33 -1.36 12.45
N VAL P 114 55.28 -1.70 13.20
CA VAL P 114 55.10 -3.05 13.76
C VAL P 114 54.76 -4.10 12.68
N TYR P 115 53.92 -3.73 11.73
CA TYR P 115 53.55 -4.63 10.61
C TYR P 115 54.72 -4.89 9.66
N ASN P 116 55.58 -3.90 9.47
CA ASN P 116 56.77 -4.03 8.62
C ASN P 116 57.85 -4.99 9.15
N LEU P 117 57.84 -5.26 10.46
CA LEU P 117 58.67 -6.33 11.04
C LEU P 117 58.18 -7.71 10.62
N LEU P 118 56.85 -7.89 10.63
CA LEU P 118 56.22 -9.14 10.16
C LEU P 118 56.20 -9.29 8.62
N CYS P 119 56.52 -8.21 7.90
CA CYS P 119 56.72 -8.25 6.45
C CYS P 119 58.22 -8.06 6.13
N PRO P 120 59.03 -9.14 6.23
CA PRO P 120 60.45 -9.02 5.93
C PRO P 120 60.73 -8.94 4.43
N HIS P 121 61.98 -8.65 4.07
CA HIS P 121 62.39 -8.55 2.68
C HIS P 121 62.32 -9.91 1.98
N HIS P 122 61.95 -9.91 0.70
CA HIS P 122 61.70 -11.14 -0.07
C HIS P 122 62.92 -12.07 -0.24
N SER P 123 64.13 -11.52 -0.16
CA SER P 123 65.36 -12.30 -0.21
C SER P 123 65.71 -13.00 1.12
N SER P 124 65.11 -12.55 2.22
CA SER P 124 65.52 -12.96 3.57
C SER P 124 65.24 -14.42 3.92
N GLU P 125 65.79 -14.86 5.05
CA GLU P 125 65.54 -16.19 5.59
C GLU P 125 64.12 -16.30 6.14
N LEU P 126 63.72 -15.32 6.94
CA LEU P 126 62.39 -15.28 7.57
C LEU P 126 61.24 -15.34 6.57
N TYR P 127 61.37 -14.61 5.46
CA TYR P 127 60.35 -14.56 4.40
C TYR P 127 60.04 -15.95 3.84
N GLY P 128 61.08 -16.73 3.58
CA GLY P 128 60.94 -18.10 3.08
C GLY P 128 60.18 -19.02 4.03
N ASP P 129 60.42 -18.85 5.33
CA ASP P 129 59.74 -19.64 6.36
C ASP P 129 58.28 -19.21 6.55
N LEU P 130 58.03 -17.90 6.58
CA LEU P 130 56.66 -17.37 6.75
C LEU P 130 55.75 -17.65 5.56
N ARG P 131 56.29 -17.56 4.35
CA ARG P 131 55.55 -17.94 3.13
C ARG P 131 55.27 -19.44 3.09
N ALA P 132 56.20 -20.23 3.61
CA ALA P 132 56.01 -21.68 3.77
C ALA P 132 54.96 -21.99 4.85
N MET P 133 55.04 -21.29 5.99
CA MET P 133 54.06 -21.43 7.08
C MET P 133 52.62 -21.10 6.65
N LYS P 134 52.47 -20.06 5.83
CA LYS P 134 51.18 -19.68 5.26
C LYS P 134 50.59 -20.80 4.40
N CYS P 135 51.44 -21.47 3.62
CA CYS P 135 51.00 -22.55 2.72
C CYS P 135 50.52 -23.81 3.44
N LEU P 136 51.08 -24.12 4.62
CA LEU P 136 50.63 -25.27 5.41
C LEU P 136 49.37 -24.96 6.23
N VAL P 137 49.29 -23.74 6.77
CA VAL P 137 48.11 -23.30 7.54
C VAL P 137 46.92 -23.04 6.62
N GLU P 138 47.07 -22.09 5.70
CA GLU P 138 45.98 -21.67 4.80
C GLU P 138 45.82 -22.57 3.55
N GLY P 139 46.68 -23.58 3.40
CA GLY P 139 46.49 -24.63 2.40
C GLY P 139 46.90 -24.24 0.98
N CYS P 140 48.18 -24.46 0.69
CA CYS P 140 48.77 -24.31 -0.66
C CYS P 140 48.77 -22.88 -1.24
N SER P 141 47.57 -22.37 -1.58
CA SER P 141 47.35 -21.08 -2.29
C SER P 141 47.37 -21.18 -3.82
N ASP P 142 48.01 -22.22 -4.37
CA ASP P 142 48.12 -22.46 -5.82
C ASP P 142 48.84 -21.32 -6.56
N ASP P 143 49.99 -20.93 -6.04
CA ASP P 143 50.86 -19.92 -6.68
C ASP P 143 51.57 -20.53 -7.88
N PHE P 144 52.04 -21.77 -7.72
CA PHE P 144 52.64 -22.57 -8.81
C PHE P 144 52.19 -24.04 -8.77
N ASN P 145 52.27 -24.67 -7.60
CA ASN P 145 51.65 -25.97 -7.31
C ASN P 145 52.18 -27.13 -8.19
N PRO P 146 53.38 -27.67 -7.84
CA PRO P 146 53.93 -28.84 -8.50
C PRO P 146 53.76 -30.10 -7.64
N PHE P 147 54.42 -31.19 -8.02
CA PHE P 147 54.51 -32.40 -7.19
C PHE P 147 55.49 -32.27 -6.00
N ASP P 148 56.33 -31.24 -6.00
CA ASP P 148 57.33 -31.02 -4.95
C ASP P 148 56.72 -30.63 -3.59
N ILE P 149 57.53 -30.76 -2.54
CA ILE P 149 57.09 -30.67 -1.15
C ILE P 149 57.31 -29.27 -0.57
N ILE P 150 56.45 -28.87 0.37
CA ILE P 150 56.58 -27.60 1.10
C ILE P 150 57.22 -27.88 2.47
N ARG P 151 58.30 -27.17 2.78
CA ARG P 151 59.09 -27.39 4.00
C ARG P 151 58.77 -26.26 4.99
N VAL P 152 58.42 -26.61 6.23
CA VAL P 152 57.92 -25.62 7.21
C VAL P 152 59.01 -24.68 7.80
N PRO P 153 60.29 -25.11 7.80
CA PRO P 153 61.41 -24.17 7.94
C PRO P 153 62.28 -24.26 6.69
N ASP P 154 61.96 -23.46 5.67
CA ASP P 154 62.60 -23.59 4.36
C ASP P 154 64.06 -23.10 4.41
N LEU P 155 64.98 -24.05 4.53
CA LEU P 155 66.42 -23.77 4.63
C LEU P 155 67.06 -23.51 3.26
N THR P 156 66.51 -24.15 2.22
CA THR P 156 67.03 -24.01 0.85
C THR P 156 66.51 -22.80 0.07
N TYR P 157 65.66 -21.98 0.70
CA TYR P 157 65.07 -20.81 0.04
C TYR P 157 66.11 -19.73 -0.28
N ASN P 158 66.10 -19.25 -1.52
CA ASN P 158 67.00 -18.18 -2.00
C ASN P 158 68.49 -18.53 -1.90
N LYS P 159 68.81 -19.82 -2.02
CA LYS P 159 70.18 -20.32 -1.86
C LYS P 159 70.43 -21.44 -2.86
N GLY P 160 71.15 -21.10 -3.95
CA GLY P 160 71.52 -22.08 -4.99
C GLY P 160 70.83 -21.85 -6.31
N SER P 161 71.58 -22.02 -7.40
CA SER P 161 71.09 -21.88 -8.79
C SER P 161 70.55 -20.48 -9.11
N LEU P 162 69.34 -20.16 -8.62
CA LEU P 162 68.69 -18.86 -8.84
C LEU P 162 68.38 -18.21 -7.50
N GLN P 163 68.84 -16.97 -7.31
CA GLN P 163 68.59 -16.20 -6.09
C GLN P 163 68.01 -14.82 -6.44
N CYS P 164 67.14 -14.32 -5.58
CA CYS P 164 66.48 -13.03 -5.77
C CYS P 164 67.43 -11.90 -5.34
N GLY P 165 67.87 -11.10 -6.31
CA GLY P 165 68.75 -9.96 -6.04
C GLY P 165 69.45 -9.41 -7.27
#